data_7Y5C
#
_entry.id   7Y5C
#
_cell.length_a   1.00
_cell.length_b   1.00
_cell.length_c   1.00
_cell.angle_alpha   90.00
_cell.angle_beta   90.00
_cell.angle_gamma   90.00
#
_symmetry.space_group_name_H-M   'P 1'
#
loop_
_entity.id
_entity.type
_entity.pdbx_description
1 polymer 'ATP synthase subunit alpha'
2 polymer 'ATP synthase subunit beta'
3 polymer 'ATP synthase gamma chain'
4 polymer 'ATP synthase epsilon chain'
5 polymer 'ATP synthase subunit a'
6 polymer 'ATP synthase subunit b'
7 polymer 'ATP synthase subunit b-delta'
8 polymer 'ATP synthase subunit c'
9 non-polymer 'MAGNESIUM ION'
10 non-polymer "ADENOSINE-5'-TRIPHOSPHATE"
11 non-polymer "ADENOSINE-5'-DIPHOSPHATE"
#
loop_
_entity_poly.entity_id
_entity_poly.type
_entity_poly.pdbx_seq_one_letter_code
_entity_poly.pdbx_strand_id
1 'polypeptide(L)'
;MAELTISAADIEGAIEDYVSSFSADTEREEIGTVIDAGDGIAHVEGLPSVMTQELLEFPGGVLGVALNLDEHSVGAVILG
EFEKIEEGQQVKRTGEVLSVPVGDAFLGRVVNPLGQPIDGQGDIAAETRRALELQAPSVVQRQSVSEPLQTGIKAIDAMT
PIGRGQRQLIIGDRKTGKTAVCVDTILNQREAWLTGDPKQQVRCVYVAIGQKGTTIASVKRALEEGGAMEYTTIVAAPAS
DAAGFKWLAPYTGSAIGQHWMYNGKHVLIVFDDLSKQADAYRAISLLLRRPPGREAFPGDVFYLHSRLLERCAKLSDELG
GGSMTGLPIIETKANDISAFIPTNVISITDGQCFLESDLFNQGVRPAINVGVSVSRVGGAAQIKAMKEVAGSLRLDLSQY
RELEAFAAFASDLDAASKAQLDRGARLVELLKQPQYSPLAVEEQVVAIFLGTQGHLDSVPVEDVQRFESELLEHVKASHS
DIFDGIRETKKLSEEAEEKLVSVINEFKKGFQASDGSSVVVSENAEALDPEDLEKESVKVRKPAPKKA
;
A,B,C
2 'polypeptide(L)'
;MHHHHHHTATAEKTAGRVVRITGPVVDVEFPRGSVPELFNALHAEITFGALAKTLTLEVAQHLGDSLVRCISMQPTDGLV
RGVEVTDTGASISVPVGDGVKGHVFNALGDCLDDPGYGKDFEHWSIHRKPPAFSDLEPRTEMLETGLKVVDLLTPYVRGG
KIALFGGAGVGKTVLIQEMINRIARNFGGTSVFAGVGERTREGNDLWVELADANVLKDTALVFGQMDEPPGTRMRVALSA
LTMAEFFRDEQGQDVLLFIDNIFRFTQAGSEVSTLLGRMPSAVGYQPTLADEMGELQERITSTRGRSITSMQAVYVPADD
YTDPAPATTFAHLDATTELSRAVFSKGIFPAVDPLASSSTILDPAIVGDEHYRVAQEVIRILQRYKDLQDIIAILGIDEL
SEEDKQLVNRARRIERFLSQNMMAAEQFTGQPGSTVPLKETIEAFDKLTKGEFDHLPEQAFFLIGGLDDLAKKAESLGAK
L
;
D,E,F
3 'polypeptide(L)'
;MAATLRELRGRIRSAGSIKKITKAQELIATSRIAKAQARVEAARPYAAEITNMLTELAGASALDHPLLVERKQPKRAGVL
VVSSDRGLCGAYNANVLRRAEELFSLLRDEGKDPVLYVVGRKALGYFSFRQRTVVESWTGFSERPTYENAREIADTLVNA
FMAGADDEGDDAGADGILGVDELHIVFTEFRSMLSQTAVARRAAPMEVEYVGEVETGPRTLYSFEPDPETLFDALLPRYI
ATRVYAALLEAAASESASRRRAMKSATDNADDLIKALTLAANRERQAQITQEISEIVGGANALAGSK
;
G
4 'polypeptide(L)'
;MADLNVEIVAVERELWSGPATFVFTRTTAGEIGILPRHIPLVAQLVDDAMVRVEREGEDDLRIAVDGGFLSVTEETVRIL
VENAQFESEIDADAAKEDAASDDERTAAWGRARLRALGQID
;
H
5 'polypeptide(L)'
;MLAAEEGGAAIHVGHHTLVFELFGMTFNGDTILATAVTAVIVIALAFYLRAKVTSTGVPSGVQLFWEALTIQMRQQIEGS
IGMKIAPFVLPLSVTIFVFILISNWLAVLPLQYGGADGAAAELYKAPASDINFVLALALFVFVCYHAAGIWRRGIVGHPI
KVVKGHVAFLAPINIVEELAKPISLALRLFGNIFAGGILVALIAMFPWYIQWFPNAVWKTFDLFVGLIQAFIFSLLTILY
FSQSMELDHEDH
;
a
6 'polypeptide(L)'
;MGEFSATILAASQAAEEGGGGSNFLIPNGTFFAVLIIFLIVLGVISKWVVPPISKVLAEREAMLAKTAADNRKSAEQVAA
AQADYEKEMAEARAQASALRDEARAAGRSVVDEKRAQASGEVAQTLTQADQQLSAQGDQVRSGLESSVDGLSAKLASRIL
GVDVNSGGTQ
;
b
7 'polypeptide(L)'
;MSIFIGQLIGFAVIAFIIVKWVVPPVRTLMRNQQEAVRAALAESAEAAKKLADADAMHAKALADAKAESEKVTEEAKQDS
ERIAAQLSEQAGSEAERIKAQGAQQIQLMRQQLIRQLRTGLGAEAVNKAAEIVRAHVADPQAQSATVDRFLSELEQMAPS
SVVIDTAATSRLRAASRQSLAALVEKFDSVAGGLDADGLTNLADELASVAKLLLSETALNKHLAEPTDDSAPKVRLLERL
LSDKVSATTLDLLRTAVSNRWSTESNLIDAVEHTARLALLKRAEIAGEVDEVEEQLFRFGRVLDAEPRLSALLSDYTTPA
EGRVALLDKALTGRPGVNQTAAALLSQTVGLLRGERADEAVIDLAELAVSRRGEVVAHVSAAAELSDAQRTRLTEVLSRI
YGRPVSVQLHVDPELLGGLSITVGDEVIDGSIASRLAAAQTGLPD
;
d
8 'polypeptide(L)'
;MDLDPNAIITAGALIGGGLIMGGGAIGAGIGDGIAGNALISGIARQPEAQGRLFTPFFITVGLVEAAYFINLAFMALFVF
ATPGLQ
;
7,8,9,1,2,3,4,5,6
#
loop_
_chem_comp.id
_chem_comp.type
_chem_comp.name
_chem_comp.formula
ADP non-polymer ADENOSINE-5'-DIPHOSPHATE 'C10 H15 N5 O10 P2'
ATP non-polymer ADENOSINE-5'-TRIPHOSPHATE 'C10 H16 N5 O13 P3'
MG non-polymer 'MAGNESIUM ION' 'Mg 2'
#
# COMPACT_ATOMS: atom_id res chain seq x y z
N THR A 5 -26.57 -39.09 67.52
CA THR A 5 -26.92 -40.45 67.87
C THR A 5 -25.69 -41.21 68.36
N ILE A 6 -25.59 -42.48 67.97
CA ILE A 6 -24.42 -43.27 68.33
C ILE A 6 -23.18 -42.79 67.60
N SER A 7 -23.33 -42.14 66.45
CA SER A 7 -22.18 -41.56 65.76
C SER A 7 -21.55 -40.45 66.58
N ALA A 8 -22.39 -39.56 67.14
CA ALA A 8 -21.87 -38.53 68.04
C ALA A 8 -21.27 -39.13 69.30
N ALA A 9 -21.87 -40.22 69.81
CA ALA A 9 -21.30 -40.91 70.96
C ALA A 9 -19.91 -41.45 70.63
N ASP A 10 -19.73 -42.02 69.44
CA ASP A 10 -18.43 -42.52 69.03
C ASP A 10 -17.44 -41.38 68.82
N ILE A 11 -17.89 -40.25 68.30
CA ILE A 11 -17.02 -39.09 68.16
C ILE A 11 -16.55 -38.60 69.52
N GLU A 12 -17.47 -38.55 70.50
CA GLU A 12 -17.08 -38.18 71.86
C GLU A 12 -16.14 -39.22 72.46
N GLY A 13 -16.36 -40.50 72.17
CA GLY A 13 -15.44 -41.52 72.65
C GLY A 13 -14.05 -41.37 72.07
N ALA A 14 -13.96 -41.01 70.79
CA ALA A 14 -12.65 -40.75 70.19
C ALA A 14 -12.01 -39.51 70.80
N ILE A 15 -12.82 -38.48 71.09
CA ILE A 15 -12.29 -37.29 71.76
C ILE A 15 -11.73 -37.66 73.12
N GLU A 16 -12.43 -38.51 73.87
CA GLU A 16 -11.94 -38.97 75.16
C GLU A 16 -10.69 -39.84 75.00
N ASP A 17 -10.64 -40.64 73.93
CA ASP A 17 -9.44 -41.42 73.65
C ASP A 17 -8.25 -40.52 73.43
N TYR A 18 -8.44 -39.42 72.71
CA TYR A 18 -7.41 -38.39 72.62
C TYR A 18 -7.08 -37.83 74.00
N VAL A 19 -8.11 -37.60 74.82
CA VAL A 19 -7.88 -37.13 76.19
C VAL A 19 -7.09 -38.16 76.99
N SER A 20 -7.47 -39.43 76.88
CA SER A 20 -6.77 -40.50 77.57
C SER A 20 -5.47 -40.90 76.87
N SER A 21 -5.04 -40.13 75.86
CA SER A 21 -3.79 -40.38 75.17
C SER A 21 -2.83 -39.21 75.19
N PHE A 22 -3.24 -38.03 75.65
CA PHE A 22 -2.34 -36.89 75.68
C PHE A 22 -1.28 -37.08 76.75
N SER A 23 -0.01 -36.94 76.35
CA SER A 23 1.11 -37.03 77.29
C SER A 23 2.22 -36.14 76.76
N ALA A 24 2.25 -34.89 77.21
CA ALA A 24 3.32 -33.98 76.83
C ALA A 24 4.61 -34.34 77.57
N ASP A 25 5.72 -34.26 76.86
CA ASP A 25 7.01 -34.65 77.41
C ASP A 25 8.03 -33.55 77.16
N THR A 26 8.90 -33.33 78.14
CA THR A 26 9.97 -32.36 78.00
C THR A 26 11.06 -32.92 77.08
N GLU A 27 11.64 -32.04 76.26
CA GLU A 27 12.67 -32.43 75.32
C GLU A 27 13.72 -31.33 75.25
N ARG A 28 14.85 -31.65 74.59
CA ARG A 28 15.98 -30.74 74.49
C ARG A 28 15.97 -30.07 73.13
N GLU A 29 15.93 -28.74 73.11
CA GLU A 29 15.97 -27.97 71.88
C GLU A 29 16.42 -26.55 72.19
N GLU A 30 16.79 -25.83 71.14
CA GLU A 30 17.32 -24.49 71.24
C GLU A 30 16.26 -23.46 70.86
N ILE A 31 16.47 -22.22 71.31
CA ILE A 31 15.52 -21.15 71.06
C ILE A 31 16.21 -19.99 70.35
N GLY A 32 15.46 -18.92 70.12
CA GLY A 32 15.99 -17.72 69.49
C GLY A 32 15.09 -16.54 69.79
N THR A 33 15.51 -15.37 69.32
CA THR A 33 14.78 -14.13 69.55
C THR A 33 14.68 -13.35 68.26
N VAL A 34 13.53 -12.71 68.05
CA VAL A 34 13.29 -11.90 66.86
C VAL A 34 13.85 -10.51 67.11
N ILE A 35 14.96 -10.20 66.43
CA ILE A 35 15.57 -8.88 66.57
C ILE A 35 14.67 -7.81 65.98
N ASP A 36 14.20 -8.04 64.75
CA ASP A 36 13.33 -7.09 64.08
C ASP A 36 12.51 -7.84 63.02
N ALA A 37 11.50 -7.15 62.51
CA ALA A 37 10.62 -7.75 61.51
C ALA A 37 9.92 -6.62 60.76
N GLY A 38 9.09 -7.01 59.81
CA GLY A 38 8.32 -6.08 59.03
C GLY A 38 8.15 -6.57 57.60
N ASP A 39 7.05 -6.15 56.98
CA ASP A 39 6.76 -6.45 55.58
C ASP A 39 6.74 -7.95 55.30
N GLY A 40 6.42 -8.75 56.31
CA GLY A 40 6.37 -10.18 56.15
C GLY A 40 7.69 -10.90 56.31
N ILE A 41 8.76 -10.19 56.66
CA ILE A 41 10.06 -10.81 56.91
C ILE A 41 10.45 -10.55 58.36
N ALA A 42 11.45 -11.29 58.83
CA ALA A 42 11.90 -11.17 60.20
C ALA A 42 13.34 -11.66 60.29
N HIS A 43 14.00 -11.30 61.40
CA HIS A 43 15.37 -11.72 61.66
C HIS A 43 15.43 -12.43 63.01
N VAL A 44 16.29 -13.43 63.10
CA VAL A 44 16.45 -14.25 64.29
C VAL A 44 17.91 -14.25 64.69
N GLU A 45 18.16 -14.21 66.00
CA GLU A 45 19.51 -14.16 66.55
C GLU A 45 19.82 -15.46 67.27
N GLY A 46 21.05 -15.94 67.10
CA GLY A 46 21.48 -17.16 67.75
C GLY A 46 20.99 -18.41 67.04
N LEU A 47 20.65 -19.44 67.83
CA LEU A 47 20.10 -20.68 67.30
C LEU A 47 21.07 -21.28 66.29
N PRO A 48 22.21 -21.82 66.74
CA PRO A 48 23.31 -22.15 65.83
C PRO A 48 23.18 -23.48 65.13
N SER A 49 22.14 -24.28 65.40
CA SER A 49 22.00 -25.59 64.80
C SER A 49 21.00 -25.61 63.66
N VAL A 50 20.80 -24.48 62.98
CA VAL A 50 19.84 -24.39 61.89
C VAL A 50 20.37 -25.06 60.64
N MET A 51 19.49 -25.31 59.68
CA MET A 51 19.84 -25.91 58.42
C MET A 51 19.29 -25.05 57.28
N THR A 52 19.98 -25.07 56.15
CA THR A 52 19.52 -24.30 55.00
C THR A 52 18.15 -24.78 54.55
N GLN A 53 17.23 -23.83 54.36
CA GLN A 53 15.87 -24.12 53.92
C GLN A 53 15.18 -25.11 54.86
N GLU A 54 15.37 -24.93 56.16
CA GLU A 54 14.74 -25.76 57.17
C GLU A 54 13.55 -25.01 57.76
N LEU A 55 12.52 -25.75 58.16
CA LEU A 55 11.32 -25.14 58.68
C LEU A 55 11.49 -24.81 60.17
N LEU A 56 10.83 -23.74 60.60
CA LEU A 56 10.86 -23.34 62.00
C LEU A 56 9.47 -22.86 62.41
N GLU A 57 9.20 -22.91 63.70
CA GLU A 57 7.89 -22.58 64.24
C GLU A 57 7.90 -21.23 64.94
N PHE A 58 6.70 -20.73 65.20
CA PHE A 58 6.49 -19.44 65.84
C PHE A 58 5.44 -19.56 66.93
N PRO A 59 5.45 -18.65 67.92
CA PRO A 59 4.52 -18.81 69.06
C PRO A 59 3.05 -18.80 68.67
N GLY A 60 2.68 -18.04 67.64
CA GLY A 60 1.27 -17.92 67.29
C GLY A 60 0.70 -19.02 66.44
N GLY A 61 1.51 -20.01 66.05
CA GLY A 61 1.05 -21.09 65.21
C GLY A 61 1.41 -20.96 63.75
N VAL A 62 2.06 -19.86 63.35
CA VAL A 62 2.51 -19.68 61.98
C VAL A 62 3.87 -20.34 61.83
N LEU A 63 4.30 -20.54 60.57
CA LEU A 63 5.53 -21.25 60.27
C LEU A 63 6.43 -20.37 59.41
N GLY A 64 7.74 -20.55 59.55
CA GLY A 64 8.70 -19.78 58.80
C GLY A 64 9.75 -20.67 58.17
N VAL A 65 10.41 -20.13 57.15
CA VAL A 65 11.43 -20.82 56.39
C VAL A 65 12.68 -19.97 56.38
N ALA A 66 13.83 -20.58 56.67
CA ALA A 66 15.11 -19.88 56.67
C ALA A 66 15.67 -19.85 55.26
N LEU A 67 15.85 -18.65 54.72
CA LEU A 67 16.33 -18.48 53.34
C LEU A 67 17.84 -18.30 53.28
N ASN A 68 18.35 -17.27 53.95
CA ASN A 68 19.78 -16.99 53.94
C ASN A 68 20.31 -16.98 55.36
N LEU A 69 21.61 -17.22 55.49
CA LEU A 69 22.26 -17.35 56.80
C LEU A 69 23.47 -16.42 56.86
N ASP A 70 23.33 -15.33 57.61
CA ASP A 70 24.47 -14.48 57.94
C ASP A 70 25.19 -15.07 59.14
N GLU A 71 26.44 -14.65 59.33
CA GLU A 71 27.27 -15.24 60.37
C GLU A 71 26.73 -15.00 61.78
N HIS A 72 25.89 -13.97 61.96
CA HIS A 72 25.30 -13.74 63.27
C HIS A 72 23.83 -13.35 63.19
N SER A 73 23.14 -13.68 62.09
CA SER A 73 21.72 -13.40 61.96
C SER A 73 21.11 -14.39 60.97
N VAL A 74 19.81 -14.62 61.11
CA VAL A 74 19.07 -15.53 60.23
C VAL A 74 17.85 -14.78 59.70
N GLY A 75 17.80 -14.59 58.38
CA GLY A 75 16.63 -13.95 57.78
C GLY A 75 15.59 -14.97 57.37
N ALA A 76 14.34 -14.72 57.79
CA ALA A 76 13.26 -15.66 57.54
C ALA A 76 12.04 -14.91 57.04
N VAL A 77 11.17 -15.63 56.34
CA VAL A 77 9.96 -15.07 55.75
C VAL A 77 8.75 -15.75 56.38
N ILE A 78 7.75 -14.94 56.70
CA ILE A 78 6.52 -15.43 57.32
C ILE A 78 5.58 -15.94 56.24
N LEU A 79 5.03 -17.13 56.45
CA LEU A 79 4.18 -17.74 55.43
C LEU A 79 2.75 -17.20 55.51
N GLY A 80 2.10 -17.34 56.66
CA GLY A 80 0.71 -16.95 56.78
C GLY A 80 0.51 -15.56 57.36
N GLU A 81 -0.32 -15.48 58.40
CA GLU A 81 -0.58 -14.20 59.05
C GLU A 81 0.69 -13.67 59.70
N PHE A 82 0.95 -12.37 59.54
CA PHE A 82 2.18 -11.77 60.02
C PHE A 82 1.95 -10.51 60.86
N GLU A 83 0.71 -10.20 61.21
CA GLU A 83 0.42 -9.03 62.02
C GLU A 83 0.37 -9.35 63.51
N LYS A 84 0.72 -10.57 63.91
CA LYS A 84 0.76 -10.97 65.30
C LYS A 84 2.19 -11.24 65.76
N ILE A 85 3.16 -10.54 65.17
CA ILE A 85 4.57 -10.76 65.45
C ILE A 85 5.17 -9.47 66.00
N GLU A 86 5.86 -9.58 67.14
CA GLU A 86 6.54 -8.45 67.75
C GLU A 86 7.87 -8.93 68.32
N GLU A 87 8.78 -7.98 68.52
CA GLU A 87 10.11 -8.32 69.01
C GLU A 87 10.02 -8.95 70.40
N GLY A 88 10.84 -9.98 70.61
CA GLY A 88 10.87 -10.69 71.88
C GLY A 88 10.21 -12.05 71.89
N GLN A 89 9.81 -12.56 70.73
CA GLN A 89 9.13 -13.85 70.67
C GLN A 89 10.12 -14.99 70.90
N GLN A 90 9.61 -16.21 70.87
CA GLN A 90 10.41 -17.42 71.00
C GLN A 90 10.19 -18.28 69.77
N VAL A 91 11.29 -18.76 69.18
CA VAL A 91 11.24 -19.59 67.98
C VAL A 91 11.83 -20.96 68.31
N LYS A 92 11.35 -21.97 67.58
CA LYS A 92 11.81 -23.34 67.78
C LYS A 92 12.05 -24.00 66.44
N ARG A 93 13.23 -24.58 66.27
CA ARG A 93 13.52 -25.35 65.08
C ARG A 93 12.82 -26.70 65.13
N THR A 94 12.42 -27.19 63.96
CA THR A 94 11.78 -28.50 63.85
C THR A 94 12.77 -29.60 63.48
N GLY A 95 13.98 -29.24 63.07
CA GLY A 95 14.96 -30.24 62.69
C GLY A 95 14.53 -31.10 61.53
N GLU A 96 13.89 -30.51 60.53
CA GLU A 96 13.40 -31.26 59.39
C GLU A 96 13.20 -30.32 58.21
N VAL A 97 13.63 -30.77 57.03
CA VAL A 97 13.45 -30.00 55.81
C VAL A 97 11.98 -29.97 55.44
N LEU A 98 11.55 -28.89 54.78
CA LEU A 98 10.16 -28.72 54.44
C LEU A 98 9.66 -29.90 53.60
N SER A 99 8.46 -30.37 53.93
CA SER A 99 7.89 -31.55 53.31
C SER A 99 6.39 -31.36 53.16
N VAL A 100 5.81 -32.15 52.25
CA VAL A 100 4.37 -32.10 52.01
C VAL A 100 3.79 -33.50 52.14
N PRO A 101 2.66 -33.67 52.82
CA PRO A 101 1.99 -34.97 52.82
C PRO A 101 1.37 -35.27 51.46
N VAL A 102 1.18 -36.55 51.18
CA VAL A 102 0.59 -37.00 49.93
C VAL A 102 -0.25 -38.24 50.20
N GLY A 103 -1.35 -38.38 49.47
CA GLY A 103 -2.21 -39.54 49.60
C GLY A 103 -3.24 -39.55 48.49
N ASP A 104 -3.90 -40.70 48.34
CA ASP A 104 -4.91 -40.83 47.31
C ASP A 104 -6.23 -40.14 47.70
N ALA A 105 -6.43 -39.87 48.99
CA ALA A 105 -7.63 -39.18 49.43
C ALA A 105 -7.69 -37.73 48.99
N PHE A 106 -6.58 -37.18 48.49
CA PHE A 106 -6.56 -35.80 48.03
C PHE A 106 -7.43 -35.57 46.81
N LEU A 107 -7.88 -36.64 46.15
CA LEU A 107 -8.66 -36.49 44.93
C LEU A 107 -9.97 -35.78 45.20
N GLY A 108 -10.36 -34.90 44.28
CA GLY A 108 -11.64 -34.22 44.36
C GLY A 108 -11.76 -33.19 45.45
N ARG A 109 -10.65 -32.59 45.88
CA ARG A 109 -10.69 -31.61 46.95
C ARG A 109 -9.72 -30.48 46.64
N VAL A 110 -9.92 -29.35 47.33
CA VAL A 110 -9.14 -28.14 47.14
C VAL A 110 -8.38 -27.84 48.42
N VAL A 111 -7.07 -27.63 48.31
CA VAL A 111 -6.22 -27.43 49.48
C VAL A 111 -5.32 -26.23 49.27
N ASN A 112 -4.84 -25.68 50.39
CA ASN A 112 -3.82 -24.66 50.35
C ASN A 112 -2.47 -25.31 50.00
N PRO A 113 -1.48 -24.51 49.61
CA PRO A 113 -0.17 -25.09 49.25
C PRO A 113 0.45 -25.93 50.34
N LEU A 114 0.22 -25.59 51.62
CA LEU A 114 0.76 -26.40 52.70
C LEU A 114 0.14 -27.79 52.73
N GLY A 115 -1.16 -27.88 52.44
CA GLY A 115 -1.82 -29.17 52.37
C GLY A 115 -2.97 -29.34 53.36
N GLN A 116 -3.61 -28.24 53.73
CA GLN A 116 -4.78 -28.27 54.61
C GLN A 116 -5.99 -27.81 53.82
N PRO A 117 -7.02 -28.64 53.69
CA PRO A 117 -8.21 -28.23 52.92
C PRO A 117 -8.85 -26.99 53.51
N ILE A 118 -9.31 -26.10 52.63
CA ILE A 118 -9.94 -24.86 53.04
C ILE A 118 -11.43 -24.85 52.73
N ASP A 119 -11.84 -25.49 51.63
CA ASP A 119 -13.25 -25.54 51.25
C ASP A 119 -13.87 -26.91 51.46
N GLY A 120 -13.09 -27.97 51.42
CA GLY A 120 -13.63 -29.30 51.65
C GLY A 120 -14.01 -29.52 53.09
N GLN A 121 -14.55 -30.72 53.35
CA GLN A 121 -15.00 -31.11 54.68
C GLN A 121 -14.24 -32.33 55.15
N GLY A 122 -14.00 -32.39 56.45
CA GLY A 122 -13.27 -33.50 57.03
C GLY A 122 -11.78 -33.28 57.02
N ASP A 123 -11.01 -34.35 56.83
CA ASP A 123 -9.57 -34.27 56.77
C ASP A 123 -9.07 -35.25 55.72
N ILE A 124 -7.75 -35.35 55.59
CA ILE A 124 -7.11 -36.15 54.55
C ILE A 124 -6.29 -37.24 55.23
N ALA A 125 -6.46 -38.48 54.75
CA ALA A 125 -5.67 -39.61 55.23
C ALA A 125 -4.42 -39.69 54.37
N ALA A 126 -3.34 -39.10 54.87
CA ALA A 126 -2.07 -39.07 54.15
C ALA A 126 -1.17 -40.18 54.68
N GLU A 127 -0.79 -41.11 53.80
CA GLU A 127 0.03 -42.23 54.23
C GLU A 127 1.48 -41.81 54.45
N THR A 128 2.01 -40.92 53.60
CA THR A 128 3.40 -40.52 53.68
C THR A 128 3.53 -39.03 53.42
N ARG A 129 4.67 -38.48 53.82
CA ARG A 129 5.08 -37.12 53.51
C ARG A 129 6.44 -37.17 52.84
N ARG A 130 6.63 -36.37 51.81
CA ARG A 130 7.87 -36.37 51.06
C ARG A 130 8.44 -34.96 50.96
N ALA A 131 9.76 -34.88 50.83
CA ALA A 131 10.45 -33.61 50.74
C ALA A 131 10.11 -32.89 49.45
N LEU A 132 10.08 -31.56 49.51
CA LEU A 132 9.67 -30.77 48.37
C LEU A 132 10.74 -30.76 47.28
N GLU A 133 12.00 -30.60 47.68
CA GLU A 133 13.11 -30.55 46.73
C GLU A 133 13.73 -31.94 46.60
N LEU A 134 13.84 -32.42 45.37
CA LEU A 134 14.44 -33.73 45.09
C LEU A 134 15.27 -33.62 43.82
N GLN A 135 15.68 -34.75 43.29
CA GLN A 135 16.51 -34.81 42.10
C GLN A 135 15.73 -35.42 40.94
N ALA A 136 15.91 -34.84 39.76
CA ALA A 136 15.23 -35.30 38.56
C ALA A 136 15.83 -36.60 38.06
N PRO A 137 15.05 -37.41 37.34
CA PRO A 137 15.59 -38.67 36.80
C PRO A 137 16.69 -38.41 35.78
N SER A 138 17.63 -39.35 35.71
CA SER A 138 18.77 -39.24 34.81
C SER A 138 18.42 -39.78 33.43
N VAL A 139 19.35 -39.57 32.49
CA VAL A 139 19.11 -39.99 31.10
C VAL A 139 19.02 -41.51 31.01
N VAL A 140 19.79 -42.23 31.82
CA VAL A 140 19.76 -43.69 31.78
C VAL A 140 18.41 -44.24 32.21
N GLN A 141 17.61 -43.45 32.93
CA GLN A 141 16.32 -43.90 33.43
C GLN A 141 15.16 -43.50 32.53
N ARG A 142 15.42 -42.90 31.38
CA ARG A 142 14.37 -42.38 30.52
C ARG A 142 14.13 -43.31 29.33
N GLN A 143 13.13 -42.97 28.54
CA GLN A 143 12.75 -43.74 27.38
C GLN A 143 12.02 -42.82 26.40
N SER A 144 12.00 -43.24 25.14
CA SER A 144 11.38 -42.44 24.09
C SER A 144 9.87 -42.35 24.31
N VAL A 145 9.24 -41.42 23.58
CA VAL A 145 7.83 -41.12 23.73
C VAL A 145 7.12 -41.51 22.43
N SER A 146 6.05 -42.31 22.56
CA SER A 146 5.31 -42.76 21.39
C SER A 146 3.80 -42.72 21.53
N GLU A 147 3.23 -42.78 22.74
CA GLU A 147 1.79 -42.85 22.87
C GLU A 147 1.16 -41.49 22.56
N PRO A 148 -0.04 -41.48 21.99
CA PRO A 148 -0.73 -40.22 21.73
C PRO A 148 -1.56 -39.74 22.91
N LEU A 149 -1.80 -38.44 22.94
CA LEU A 149 -2.68 -37.80 23.91
C LEU A 149 -3.73 -37.01 23.14
N GLN A 150 -4.91 -37.60 23.00
CA GLN A 150 -5.96 -36.97 22.21
C GLN A 150 -6.47 -35.70 22.88
N THR A 151 -6.87 -34.74 22.05
CA THR A 151 -7.47 -33.50 22.51
C THR A 151 -8.75 -33.24 21.73
N GLY A 152 -9.71 -32.59 22.38
CA GLY A 152 -11.00 -32.37 21.75
C GLY A 152 -10.91 -31.47 20.54
N ILE A 153 -10.17 -30.36 20.65
CA ILE A 153 -10.03 -29.43 19.53
C ILE A 153 -9.25 -30.09 18.42
N LYS A 154 -9.77 -30.02 17.20
CA LYS A 154 -9.11 -30.66 16.06
C LYS A 154 -7.89 -29.87 15.60
N ALA A 155 -7.89 -28.55 15.80
CA ALA A 155 -6.79 -27.73 15.29
C ALA A 155 -5.47 -28.11 15.92
N ILE A 156 -5.45 -28.35 17.23
CA ILE A 156 -4.20 -28.64 17.91
C ILE A 156 -3.62 -29.98 17.46
N ASP A 157 -4.45 -31.02 17.44
CA ASP A 157 -3.95 -32.33 17.04
C ASP A 157 -3.56 -32.36 15.58
N ALA A 158 -4.33 -31.70 14.72
CA ALA A 158 -3.98 -31.67 13.30
C ALA A 158 -2.73 -30.83 13.05
N MET A 159 -2.47 -29.85 13.92
CA MET A 159 -1.34 -28.94 13.74
C MET A 159 -0.11 -29.40 14.51
N THR A 160 -0.21 -29.51 15.83
CA THR A 160 0.91 -29.88 16.70
C THR A 160 0.45 -30.97 17.65
N PRO A 161 0.73 -32.23 17.33
CA PRO A 161 0.31 -33.31 18.21
C PRO A 161 1.00 -33.25 19.57
N ILE A 162 0.29 -33.73 20.59
CA ILE A 162 0.81 -33.75 21.96
C ILE A 162 0.94 -35.21 22.37
N GLY A 163 2.16 -35.61 22.73
CA GLY A 163 2.44 -36.95 23.21
C GLY A 163 2.75 -36.92 24.68
N ARG A 164 2.45 -38.01 25.37
CA ARG A 164 2.68 -38.09 26.81
C ARG A 164 4.16 -37.96 27.12
N GLY A 165 4.48 -37.16 28.13
CA GLY A 165 5.87 -36.90 28.48
C GLY A 165 6.50 -35.73 27.76
N GLN A 166 5.71 -34.91 27.07
CA GLN A 166 6.22 -33.78 26.30
C GLN A 166 5.67 -32.49 26.89
N ARG A 167 6.50 -31.44 26.89
CA ARG A 167 6.11 -30.14 27.41
C ARG A 167 5.70 -29.22 26.28
N GLN A 168 4.61 -28.48 26.50
CA GLN A 168 4.09 -27.55 25.52
C GLN A 168 3.71 -26.24 26.20
N LEU A 169 3.92 -25.13 25.49
CA LEU A 169 3.72 -23.80 26.03
C LEU A 169 2.54 -23.11 25.34
N ILE A 170 1.76 -22.37 26.12
CA ILE A 170 0.67 -21.55 25.60
C ILE A 170 0.93 -20.11 26.01
N ILE A 171 0.98 -19.21 25.03
CA ILE A 171 1.23 -17.80 25.26
C ILE A 171 0.21 -16.98 24.46
N GLY A 172 -0.24 -15.89 25.07
CA GLY A 172 -1.20 -15.02 24.41
C GLY A 172 -1.55 -13.85 25.28
N ASP A 173 -2.28 -12.91 24.68
CA ASP A 173 -2.69 -11.69 25.37
C ASP A 173 -4.04 -11.92 26.06
N ARG A 174 -4.57 -10.85 26.65
CA ARG A 174 -5.83 -10.95 27.37
C ARG A 174 -7.00 -11.15 26.41
N LYS A 175 -8.10 -11.67 26.96
CA LYS A 175 -9.34 -11.88 26.21
C LYS A 175 -9.09 -12.72 24.97
N THR A 176 -8.29 -13.76 25.12
CA THR A 176 -7.96 -14.67 24.03
C THR A 176 -8.64 -16.02 24.15
N GLY A 177 -8.71 -16.57 25.35
CA GLY A 177 -9.45 -17.82 25.57
C GLY A 177 -8.56 -19.01 25.83
N LYS A 178 -7.37 -18.77 26.38
CA LYS A 178 -6.40 -19.85 26.56
C LYS A 178 -6.83 -20.81 27.66
N THR A 179 -7.62 -20.34 28.64
CA THR A 179 -8.14 -21.24 29.65
C THR A 179 -9.10 -22.26 29.05
N ALA A 180 -9.76 -21.90 27.95
CA ALA A 180 -10.76 -22.78 27.35
C ALA A 180 -10.13 -24.08 26.85
N VAL A 181 -8.91 -24.01 26.31
CA VAL A 181 -8.26 -25.22 25.81
C VAL A 181 -8.01 -26.20 26.94
N CYS A 182 -7.50 -25.70 28.07
CA CYS A 182 -7.26 -26.56 29.22
C CYS A 182 -8.56 -27.17 29.73
N VAL A 183 -9.61 -26.35 29.82
CA VAL A 183 -10.91 -26.87 30.26
C VAL A 183 -11.40 -27.96 29.32
N ASP A 184 -11.24 -27.75 28.01
CA ASP A 184 -11.68 -28.74 27.03
C ASP A 184 -10.93 -30.05 27.20
N THR A 185 -9.61 -29.99 27.39
CA THR A 185 -8.85 -31.21 27.59
C THR A 185 -9.29 -31.95 28.84
N ILE A 186 -9.46 -31.21 29.94
CA ILE A 186 -9.84 -31.85 31.20
C ILE A 186 -11.20 -32.53 31.08
N LEU A 187 -12.16 -31.86 30.46
CA LEU A 187 -13.46 -32.50 30.28
C LEU A 187 -13.39 -33.66 29.29
N ASN A 188 -12.49 -33.58 28.32
CA ASN A 188 -12.35 -34.66 27.34
C ASN A 188 -11.83 -35.93 27.99
N GLN A 189 -11.02 -35.80 29.04
CA GLN A 189 -10.42 -36.99 29.66
C GLN A 189 -11.45 -37.94 30.29
N ARG A 190 -12.70 -37.51 30.48
CA ARG A 190 -13.69 -38.34 31.15
C ARG A 190 -13.97 -39.63 30.39
N GLU A 191 -14.12 -39.53 29.06
CA GLU A 191 -14.41 -40.70 28.27
C GLU A 191 -13.28 -41.72 28.37
N ALA A 192 -12.03 -41.25 28.36
CA ALA A 192 -10.91 -42.16 28.55
C ALA A 192 -10.94 -42.81 29.93
N TRP A 193 -11.28 -42.03 30.96
CA TRP A 193 -11.32 -42.62 32.30
C TRP A 193 -12.53 -43.50 32.53
N LEU A 194 -13.49 -43.51 31.61
CA LEU A 194 -14.67 -44.36 31.78
C LEU A 194 -14.28 -45.83 31.89
N THR A 195 -13.39 -46.29 31.02
CA THR A 195 -12.89 -47.65 31.11
C THR A 195 -11.95 -47.78 32.31
N GLY A 196 -11.95 -48.97 32.92
CA GLY A 196 -11.23 -49.20 34.15
C GLY A 196 -9.78 -49.60 34.02
N ASP A 197 -9.23 -49.66 32.82
CA ASP A 197 -7.84 -50.11 32.66
C ASP A 197 -6.88 -49.02 33.11
N PRO A 198 -5.93 -49.34 33.98
CA PRO A 198 -4.94 -48.32 34.38
C PRO A 198 -4.09 -47.82 33.24
N LYS A 199 -3.93 -48.60 32.17
CA LYS A 199 -3.17 -48.17 31.01
C LYS A 199 -3.86 -47.08 30.20
N GLN A 200 -5.13 -46.77 30.50
CA GLN A 200 -5.84 -45.70 29.82
C GLN A 200 -6.47 -44.73 30.81
N GLN A 201 -6.01 -44.72 32.05
CA GLN A 201 -6.50 -43.81 33.08
C GLN A 201 -5.55 -42.62 33.18
N VAL A 202 -6.12 -41.42 33.15
CA VAL A 202 -5.34 -40.19 33.22
C VAL A 202 -5.85 -39.36 34.39
N ARG A 203 -4.96 -38.98 35.28
CA ARG A 203 -5.27 -38.13 36.41
C ARG A 203 -4.65 -36.76 36.19
N CYS A 204 -5.47 -35.71 36.28
CA CYS A 204 -5.04 -34.36 36.00
C CYS A 204 -5.10 -33.51 37.25
N VAL A 205 -4.15 -32.58 37.36
CA VAL A 205 -4.07 -31.66 38.49
C VAL A 205 -4.00 -30.25 37.94
N TYR A 206 -4.94 -29.40 38.36
CA TYR A 206 -5.00 -28.02 37.93
C TYR A 206 -4.52 -27.10 39.05
N VAL A 207 -3.68 -26.14 38.69
CA VAL A 207 -3.07 -25.22 39.64
C VAL A 207 -3.45 -23.80 39.25
N ALA A 208 -3.93 -23.02 40.21
CA ALA A 208 -4.32 -21.63 40.00
C ALA A 208 -3.54 -20.74 40.94
N ILE A 209 -3.01 -19.63 40.42
CA ILE A 209 -2.17 -18.72 41.17
C ILE A 209 -2.71 -17.30 41.02
N GLY A 210 -3.01 -16.66 42.15
CA GLY A 210 -3.33 -15.25 42.16
C GLY A 210 -4.54 -14.83 41.35
N GLN A 211 -5.65 -15.55 41.50
CA GLN A 211 -6.88 -15.23 40.79
C GLN A 211 -8.00 -14.97 41.79
N LYS A 212 -8.97 -14.17 41.35
CA LYS A 212 -10.13 -13.91 42.18
C LYS A 212 -10.86 -15.21 42.49
N GLY A 213 -11.26 -15.38 43.76
CA GLY A 213 -11.93 -16.60 44.15
C GLY A 213 -13.18 -16.89 43.34
N THR A 214 -13.83 -15.84 42.85
CA THR A 214 -15.00 -16.03 41.99
C THR A 214 -14.64 -16.75 40.69
N THR A 215 -13.46 -16.47 40.14
CA THR A 215 -13.05 -17.16 38.92
C THR A 215 -12.84 -18.65 39.17
N ILE A 216 -12.18 -18.99 40.27
CA ILE A 216 -12.00 -20.40 40.62
C ILE A 216 -13.36 -21.06 40.87
N ALA A 217 -14.27 -20.34 41.52
CA ALA A 217 -15.60 -20.89 41.75
C ALA A 217 -16.32 -21.16 40.43
N SER A 218 -16.24 -20.24 39.48
CA SER A 218 -16.88 -20.44 38.19
C SER A 218 -16.27 -21.61 37.44
N VAL A 219 -14.94 -21.73 37.47
CA VAL A 219 -14.29 -22.86 36.82
C VAL A 219 -14.71 -24.17 37.46
N LYS A 220 -14.77 -24.20 38.80
CA LYS A 220 -15.19 -25.40 39.50
C LYS A 220 -16.64 -25.74 39.17
N ARG A 221 -17.49 -24.72 39.03
CA ARG A 221 -18.89 -24.96 38.68
C ARG A 221 -19.00 -25.58 37.29
N ALA A 222 -18.29 -25.01 36.31
CA ALA A 222 -18.34 -25.56 34.97
C ALA A 222 -17.80 -26.98 34.94
N LEU A 223 -16.72 -27.24 35.68
CA LEU A 223 -16.15 -28.58 35.70
C LEU A 223 -17.07 -29.57 36.40
N GLU A 224 -17.74 -29.13 37.48
CA GLU A 224 -18.71 -30.00 38.15
C GLU A 224 -19.86 -30.34 37.22
N GLU A 225 -20.36 -29.34 36.48
CA GLU A 225 -21.35 -29.62 35.45
C GLU A 225 -20.81 -30.63 34.44
N GLY A 226 -19.51 -30.55 34.13
CA GLY A 226 -18.88 -31.59 33.34
C GLY A 226 -18.86 -32.93 34.04
N GLY A 227 -18.69 -32.93 35.36
CA GLY A 227 -18.73 -34.16 36.12
C GLY A 227 -17.44 -34.96 36.14
N ALA A 228 -16.28 -34.30 36.06
CA ALA A 228 -15.00 -34.98 36.10
C ALA A 228 -14.38 -35.02 37.50
N MET A 229 -15.04 -34.45 38.49
CA MET A 229 -14.49 -34.30 39.83
C MET A 229 -14.24 -35.62 40.53
N GLU A 230 -14.51 -36.74 39.88
CA GLU A 230 -14.12 -38.03 40.44
C GLU A 230 -12.65 -38.33 40.24
N TYR A 231 -11.95 -37.57 39.40
CA TYR A 231 -10.54 -37.89 39.14
C TYR A 231 -9.66 -36.65 39.00
N THR A 232 -9.98 -35.56 39.68
CA THR A 232 -9.19 -34.34 39.56
C THR A 232 -9.04 -33.67 40.91
N THR A 233 -8.25 -32.61 40.93
CA THR A 233 -8.04 -31.81 42.13
C THR A 233 -7.60 -30.41 41.74
N ILE A 234 -7.76 -29.47 42.67
CA ILE A 234 -7.42 -28.07 42.46
C ILE A 234 -6.54 -27.60 43.62
N VAL A 235 -5.51 -26.83 43.29
CA VAL A 235 -4.66 -26.18 44.30
C VAL A 235 -4.88 -24.68 44.17
N ALA A 236 -5.31 -24.05 45.26
CA ALA A 236 -5.75 -22.66 45.25
C ALA A 236 -4.79 -21.78 46.04
N ALA A 237 -4.30 -20.72 45.40
CA ALA A 237 -3.49 -19.70 46.03
C ALA A 237 -4.05 -18.34 45.62
N PRO A 238 -5.10 -17.88 46.29
CA PRO A 238 -5.71 -16.60 45.90
C PRO A 238 -4.75 -15.44 46.09
N ALA A 239 -4.93 -14.41 45.25
CA ALA A 239 -4.02 -13.27 45.25
C ALA A 239 -4.02 -12.50 46.56
N SER A 240 -5.07 -12.65 47.37
CA SER A 240 -5.13 -11.93 48.64
C SER A 240 -4.12 -12.45 49.65
N ASP A 241 -3.57 -13.64 49.43
CA ASP A 241 -2.66 -14.23 50.40
C ASP A 241 -1.27 -13.60 50.30
N ALA A 242 -0.37 -14.08 51.14
CA ALA A 242 0.98 -13.56 51.21
C ALA A 242 1.84 -14.12 50.07
N ALA A 243 3.10 -13.70 50.03
CA ALA A 243 3.98 -14.08 48.93
C ALA A 243 4.39 -15.54 49.02
N GLY A 244 4.40 -16.12 50.22
CA GLY A 244 4.93 -17.47 50.37
C GLY A 244 4.11 -18.51 49.61
N PHE A 245 2.79 -18.44 49.74
CA PHE A 245 1.93 -19.41 49.07
C PHE A 245 2.07 -19.28 47.55
N LYS A 246 2.07 -18.05 47.04
CA LYS A 246 2.24 -17.85 45.61
C LYS A 246 3.58 -18.36 45.12
N TRP A 247 4.62 -18.21 45.95
CA TRP A 247 5.95 -18.67 45.56
C TRP A 247 6.05 -20.19 45.62
N LEU A 248 5.24 -20.84 46.46
CA LEU A 248 5.46 -22.26 46.72
C LEU A 248 4.45 -23.19 46.04
N ALA A 249 3.29 -22.69 45.61
CA ALA A 249 2.24 -23.59 45.10
C ALA A 249 2.69 -24.51 43.98
N PRO A 250 3.37 -24.05 42.92
CA PRO A 250 3.74 -24.98 41.84
C PRO A 250 4.60 -26.14 42.32
N TYR A 251 5.46 -25.91 43.30
CA TYR A 251 6.28 -27.00 43.83
C TYR A 251 5.41 -28.05 44.51
N THR A 252 4.41 -27.63 45.27
CA THR A 252 3.50 -28.57 45.90
C THR A 252 2.76 -29.39 44.86
N GLY A 253 2.25 -28.72 43.82
CA GLY A 253 1.59 -29.46 42.76
C GLY A 253 2.50 -30.46 42.08
N SER A 254 3.76 -30.05 41.84
CA SER A 254 4.72 -30.94 41.21
C SER A 254 4.99 -32.17 42.06
N ALA A 255 5.14 -31.98 43.37
CA ALA A 255 5.39 -33.12 44.26
C ALA A 255 4.19 -34.06 44.27
N ILE A 256 2.99 -33.51 44.34
CA ILE A 256 1.78 -34.34 44.31
C ILE A 256 1.76 -35.15 43.03
N GLY A 257 2.12 -34.54 41.91
CA GLY A 257 2.20 -35.29 40.67
C GLY A 257 3.26 -36.38 40.68
N GLN A 258 4.43 -36.07 41.24
CA GLN A 258 5.54 -37.01 41.23
C GLN A 258 5.22 -38.26 42.02
N HIS A 259 4.43 -38.11 43.10
CA HIS A 259 4.10 -39.29 43.90
C HIS A 259 3.36 -40.33 43.08
N TRP A 260 2.39 -39.91 42.27
CA TRP A 260 1.71 -40.85 41.39
C TRP A 260 2.58 -41.22 40.19
N MET A 261 3.49 -40.32 39.80
CA MET A 261 4.42 -40.61 38.71
C MET A 261 5.25 -41.84 39.00
N TYR A 262 5.81 -41.92 40.21
CA TYR A 262 6.65 -43.06 40.55
C TYR A 262 5.85 -44.36 40.61
N ASN A 263 4.54 -44.27 40.78
CA ASN A 263 3.71 -45.46 40.89
C ASN A 263 3.30 -46.05 39.56
N GLY A 264 3.55 -45.34 38.45
CA GLY A 264 3.21 -45.84 37.14
C GLY A 264 1.89 -45.33 36.58
N LYS A 265 1.28 -44.33 37.19
CA LYS A 265 0.02 -43.76 36.72
C LYS A 265 0.30 -42.51 35.89
N HIS A 266 -0.41 -42.37 34.79
CA HIS A 266 -0.23 -41.22 33.92
C HIS A 266 -0.84 -39.97 34.56
N VAL A 267 -0.08 -38.88 34.55
CA VAL A 267 -0.47 -37.65 35.24
C VAL A 267 -0.36 -36.48 34.27
N LEU A 268 -1.31 -35.55 34.36
CA LEU A 268 -1.34 -34.34 33.56
C LEU A 268 -1.32 -33.12 34.47
N ILE A 269 -0.54 -32.12 34.11
CA ILE A 269 -0.32 -30.93 34.94
C ILE A 269 -0.57 -29.69 34.11
N VAL A 270 -1.29 -28.73 34.69
CA VAL A 270 -1.58 -27.45 34.04
C VAL A 270 -1.30 -26.33 35.02
N PHE A 271 -0.51 -25.34 34.59
CA PHE A 271 -0.22 -24.16 35.39
C PHE A 271 -1.03 -22.99 34.86
N ASP A 272 -1.78 -22.32 35.75
CA ASP A 272 -2.62 -21.21 35.32
C ASP A 272 -1.79 -20.04 34.82
N ASP A 273 -0.78 -19.66 35.59
CA ASP A 273 0.09 -18.55 35.22
C ASP A 273 1.47 -18.79 35.80
N LEU A 274 2.47 -18.12 35.22
CA LEU A 274 3.84 -18.25 35.68
C LEU A 274 4.50 -16.92 36.00
N SER A 275 4.03 -15.81 35.41
CA SER A 275 4.65 -14.52 35.70
C SER A 275 4.39 -14.07 37.13
N LYS A 276 3.27 -14.50 37.72
CA LYS A 276 2.98 -14.13 39.10
C LYS A 276 4.02 -14.69 40.06
N GLN A 277 4.47 -15.93 39.81
CA GLN A 277 5.52 -16.51 40.63
C GLN A 277 6.81 -15.71 40.53
N ALA A 278 7.17 -15.30 39.30
CA ALA A 278 8.38 -14.50 39.13
C ALA A 278 8.25 -13.16 39.85
N ASP A 279 7.07 -12.54 39.78
CA ASP A 279 6.86 -11.28 40.48
C ASP A 279 7.00 -11.45 41.99
N ALA A 280 6.41 -12.50 42.55
CA ALA A 280 6.51 -12.73 43.98
C ALA A 280 7.96 -12.97 44.39
N TYR A 281 8.69 -13.77 43.60
CA TYR A 281 10.09 -14.03 43.92
C TYR A 281 10.91 -12.76 43.86
N ARG A 282 10.66 -11.91 42.87
CA ARG A 282 11.37 -10.64 42.76
C ARG A 282 11.08 -9.76 43.96
N ALA A 283 9.83 -9.69 44.39
CA ALA A 283 9.49 -8.88 45.56
C ALA A 283 10.20 -9.41 46.80
N ILE A 284 10.23 -10.73 46.98
CA ILE A 284 10.91 -11.31 48.14
C ILE A 284 12.39 -10.97 48.12
N SER A 285 13.03 -11.15 46.96
CA SER A 285 14.46 -10.89 46.87
C SER A 285 14.78 -9.42 47.12
N LEU A 286 13.96 -8.52 46.59
CA LEU A 286 14.19 -7.10 46.83
C LEU A 286 13.98 -6.75 48.30
N LEU A 287 13.02 -7.40 48.95
CA LEU A 287 12.84 -7.18 50.38
C LEU A 287 14.05 -7.65 51.18
N LEU A 288 14.66 -8.77 50.78
CA LEU A 288 15.75 -9.35 51.55
C LEU A 288 17.11 -8.71 51.25
N ARG A 289 17.12 -7.50 50.68
CA ARG A 289 18.33 -6.72 50.46
C ARG A 289 19.32 -7.41 49.53
N ARG A 290 18.85 -8.31 48.67
CA ARG A 290 19.74 -8.89 47.68
C ARG A 290 19.96 -7.90 46.54
N PRO A 291 21.12 -7.94 45.91
CA PRO A 291 21.39 -7.04 44.78
C PRO A 291 20.46 -7.32 43.62
N PRO A 292 20.02 -6.29 42.91
CA PRO A 292 19.09 -6.52 41.78
C PRO A 292 19.82 -6.87 40.48
N GLY A 293 19.07 -6.96 39.38
CA GLY A 293 19.66 -7.31 38.10
C GLY A 293 19.05 -6.57 36.92
N ARG A 294 18.78 -7.30 35.84
CA ARG A 294 18.27 -6.69 34.61
C ARG A 294 16.79 -6.34 34.75
N GLU A 295 16.45 -5.04 34.58
CA GLU A 295 15.22 -4.44 35.13
C GLU A 295 14.78 -5.10 36.44
N ALA A 296 15.66 -5.07 37.43
CA ALA A 296 15.32 -5.40 38.81
C ALA A 296 14.88 -6.84 38.98
N PHE A 297 15.33 -7.72 38.13
CA PHE A 297 15.05 -9.11 38.46
C PHE A 297 16.31 -9.78 38.99
N PRO A 298 16.19 -10.69 39.96
CA PRO A 298 17.37 -11.45 40.39
C PRO A 298 17.90 -12.29 39.24
N GLY A 299 19.22 -12.48 39.23
CA GLY A 299 19.83 -13.18 38.11
C GLY A 299 19.39 -14.63 38.00
N ASP A 300 19.32 -15.33 39.12
CA ASP A 300 19.14 -16.78 39.12
C ASP A 300 17.74 -17.23 38.77
N VAL A 301 16.83 -16.31 38.44
CA VAL A 301 15.42 -16.68 38.26
C VAL A 301 15.28 -17.76 37.21
N PHE A 302 16.03 -17.65 36.11
CA PHE A 302 15.97 -18.65 35.05
C PHE A 302 16.20 -20.05 35.61
N TYR A 303 17.24 -20.20 36.44
CA TYR A 303 17.53 -21.50 37.03
C TYR A 303 16.29 -22.07 37.70
N LEU A 304 15.58 -21.25 38.46
CA LEU A 304 14.38 -21.71 39.14
C LEU A 304 13.43 -22.40 38.16
N HIS A 305 13.15 -21.74 37.04
CA HIS A 305 12.21 -22.31 36.09
C HIS A 305 12.68 -23.67 35.59
N SER A 306 13.98 -23.81 35.36
CA SER A 306 14.52 -25.11 34.95
C SER A 306 14.18 -26.16 35.99
N ARG A 307 14.44 -25.85 37.27
CA ARG A 307 14.19 -26.83 38.32
C ARG A 307 12.71 -27.17 38.43
N LEU A 308 11.84 -26.36 37.84
CA LEU A 308 10.42 -26.64 37.84
C LEU A 308 9.98 -27.44 36.63
N LEU A 309 10.69 -27.31 35.51
CA LEU A 309 10.22 -27.91 34.26
C LEU A 309 11.02 -29.13 33.84
N GLU A 310 12.13 -29.43 34.51
CA GLU A 310 12.92 -30.60 34.15
C GLU A 310 12.35 -31.89 34.72
N ARG A 311 11.41 -31.79 35.66
CA ARG A 311 10.88 -32.99 36.31
C ARG A 311 10.02 -33.80 35.35
N CYS A 312 9.26 -33.14 34.49
CA CYS A 312 8.37 -33.85 33.59
C CYS A 312 9.16 -34.65 32.57
N ALA A 313 8.88 -35.95 32.49
CA ALA A 313 9.56 -36.87 31.58
C ALA A 313 8.75 -38.16 31.54
N LYS A 314 9.27 -39.16 30.85
CA LYS A 314 8.66 -40.48 30.80
C LYS A 314 9.65 -41.50 31.35
N LEU A 315 9.21 -42.30 32.31
CA LEU A 315 10.07 -43.27 32.96
C LEU A 315 10.34 -44.46 32.03
N SER A 316 11.47 -45.13 32.28
CA SER A 316 11.80 -46.32 31.54
C SER A 316 10.94 -47.50 31.99
N ASP A 317 10.90 -48.53 31.17
CA ASP A 317 10.06 -49.69 31.45
C ASP A 317 10.49 -50.42 32.72
N GLU A 318 11.73 -50.21 33.18
CA GLU A 318 12.17 -50.84 34.41
C GLU A 318 11.39 -50.34 35.62
N LEU A 319 11.11 -49.04 35.68
CA LEU A 319 10.45 -48.45 36.82
C LEU A 319 8.95 -48.29 36.64
N GLY A 320 8.41 -48.70 35.51
CA GLY A 320 6.99 -48.58 35.24
C GLY A 320 6.71 -47.77 33.98
N GLY A 321 5.44 -47.73 33.62
CA GLY A 321 5.01 -47.05 32.41
C GLY A 321 4.45 -45.67 32.66
N GLY A 322 4.79 -45.05 33.79
CA GLY A 322 4.23 -43.76 34.12
C GLY A 322 4.66 -42.68 33.15
N SER A 323 3.84 -41.64 33.05
CA SER A 323 4.10 -40.51 32.16
C SER A 323 3.61 -39.24 32.84
N MET A 324 4.11 -38.10 32.36
CA MET A 324 3.77 -36.81 32.94
C MET A 324 3.95 -35.73 31.90
N THR A 325 2.95 -34.87 31.77
CA THR A 325 2.99 -33.77 30.82
C THR A 325 2.57 -32.48 31.51
N GLY A 326 3.07 -31.37 31.00
CA GLY A 326 2.76 -30.07 31.56
C GLY A 326 2.45 -29.07 30.47
N LEU A 327 1.55 -28.14 30.80
CA LEU A 327 1.12 -27.08 29.87
C LEU A 327 1.24 -25.73 30.57
N PRO A 328 2.45 -25.21 30.73
CA PRO A 328 2.60 -23.89 31.34
C PRO A 328 1.98 -22.81 30.47
N ILE A 329 1.52 -21.75 31.13
CA ILE A 329 0.84 -20.64 30.48
C ILE A 329 1.60 -19.36 30.79
N ILE A 330 1.87 -18.57 29.75
CA ILE A 330 2.62 -17.33 29.89
C ILE A 330 1.76 -16.19 29.36
N GLU A 331 1.72 -15.09 30.10
CA GLU A 331 1.02 -13.89 29.66
C GLU A 331 2.01 -12.86 29.14
N THR A 332 1.64 -12.19 28.05
CA THR A 332 2.49 -11.20 27.42
C THR A 332 1.68 -9.92 27.21
N LYS A 333 2.40 -8.83 26.98
CA LYS A 333 1.80 -7.51 26.81
C LYS A 333 2.11 -6.99 25.42
N ALA A 334 1.05 -6.59 24.70
CA ALA A 334 1.17 -6.03 23.35
C ALA A 334 1.93 -6.98 22.43
N ASN A 335 1.61 -8.27 22.54
CA ASN A 335 2.23 -9.36 21.79
C ASN A 335 3.74 -9.16 21.63
N ASP A 336 4.40 -8.74 22.70
CA ASP A 336 5.82 -8.44 22.69
C ASP A 336 6.60 -9.66 23.16
N ILE A 337 7.64 -10.01 22.42
CA ILE A 337 8.53 -11.11 22.77
C ILE A 337 9.90 -10.62 23.23
N SER A 338 10.21 -9.34 23.04
CA SER A 338 11.51 -8.81 23.40
C SER A 338 11.81 -8.91 24.90
N ALA A 339 10.79 -8.84 25.75
CA ALA A 339 11.01 -9.06 27.17
C ALA A 339 11.63 -10.44 27.38
N PHE A 340 12.63 -10.52 28.26
CA PHE A 340 13.44 -11.73 28.27
C PHE A 340 12.77 -12.90 28.97
N ILE A 341 11.70 -12.66 29.74
CA ILE A 341 11.02 -13.77 30.41
C ILE A 341 10.42 -14.76 29.41
N PRO A 342 9.65 -14.34 28.40
CA PRO A 342 9.22 -15.31 27.39
C PRO A 342 10.38 -15.95 26.66
N THR A 343 11.45 -15.21 26.40
CA THR A 343 12.60 -15.81 25.73
C THR A 343 13.21 -16.92 26.56
N ASN A 344 13.36 -16.69 27.86
CA ASN A 344 13.93 -17.70 28.75
C ASN A 344 13.01 -18.92 28.82
N VAL A 345 11.71 -18.70 28.91
CA VAL A 345 10.80 -19.84 29.02
C VAL A 345 10.75 -20.63 27.71
N ILE A 346 10.87 -19.94 26.57
CA ILE A 346 10.78 -20.62 25.28
C ILE A 346 11.93 -21.61 25.11
N SER A 347 13.14 -21.21 25.48
CA SER A 347 14.32 -22.02 25.20
C SER A 347 14.32 -23.34 25.95
N ILE A 348 13.46 -23.52 26.94
CA ILE A 348 13.45 -24.75 27.73
C ILE A 348 12.13 -25.49 27.54
N THR A 349 11.53 -25.35 26.36
CA THR A 349 10.29 -26.04 26.03
C THR A 349 10.41 -26.66 24.64
N ASP A 350 9.66 -27.73 24.42
CA ASP A 350 9.74 -28.50 23.19
C ASP A 350 8.82 -28.00 22.10
N GLY A 351 7.96 -27.02 22.40
CA GLY A 351 7.04 -26.51 21.41
C GLY A 351 6.04 -25.54 22.00
N GLN A 352 5.55 -24.60 21.21
CA GLN A 352 4.68 -23.55 21.72
C GLN A 352 3.68 -23.16 20.65
N CYS A 353 2.59 -22.54 21.11
CA CYS A 353 1.53 -22.06 20.23
C CYS A 353 1.30 -20.58 20.50
N PHE A 354 1.26 -19.78 19.44
CA PHE A 354 1.07 -18.34 19.55
C PHE A 354 -0.38 -17.99 19.28
N LEU A 355 -0.92 -17.07 20.08
CA LEU A 355 -2.31 -16.63 19.94
C LEU A 355 -2.34 -15.11 19.87
N GLU A 356 -3.15 -14.58 18.95
CA GLU A 356 -3.25 -13.15 18.74
C GLU A 356 -4.71 -12.72 18.73
N SER A 357 -4.96 -11.48 19.17
CA SER A 357 -6.32 -10.97 19.22
C SER A 357 -6.86 -10.61 17.84
N ASP A 358 -5.96 -10.27 16.91
CA ASP A 358 -6.41 -9.90 15.57
C ASP A 358 -7.13 -11.06 14.89
N LEU A 359 -6.55 -12.27 15.00
CA LEU A 359 -7.24 -13.44 14.46
C LEU A 359 -8.53 -13.73 15.22
N PHE A 360 -8.55 -13.45 16.52
CA PHE A 360 -9.79 -13.63 17.28
C PHE A 360 -10.91 -12.76 16.74
N ASN A 361 -10.59 -11.49 16.46
CA ASN A 361 -11.60 -10.60 15.90
C ASN A 361 -11.92 -10.91 14.45
N GLN A 362 -10.97 -11.51 13.71
CA GLN A 362 -11.24 -11.87 12.33
C GLN A 362 -12.37 -12.89 12.23
N GLY A 363 -12.42 -13.84 13.16
CA GLY A 363 -13.48 -14.82 13.18
C GLY A 363 -13.03 -16.21 13.55
N VAL A 364 -11.72 -16.43 13.59
CA VAL A 364 -11.17 -17.74 13.94
C VAL A 364 -11.24 -17.89 15.46
N ARG A 365 -12.14 -18.75 15.93
CA ARG A 365 -12.32 -18.91 17.36
C ARG A 365 -11.08 -19.47 18.07
N PRO A 366 -10.45 -20.56 17.60
CA PRO A 366 -9.19 -20.97 18.23
C PRO A 366 -8.11 -19.91 18.13
N ALA A 367 -8.07 -19.17 17.02
CA ALA A 367 -7.17 -18.03 16.85
C ALA A 367 -5.71 -18.41 17.10
N ILE A 368 -5.31 -19.57 16.61
CA ILE A 368 -3.92 -20.00 16.70
C ILE A 368 -3.22 -19.67 15.38
N ASN A 369 -2.01 -19.13 15.49
CA ASN A 369 -1.24 -18.74 14.32
C ASN A 369 -0.37 -19.93 13.89
N VAL A 370 -0.69 -20.49 12.73
CA VAL A 370 0.05 -21.65 12.24
C VAL A 370 1.40 -21.25 11.67
N GLY A 371 1.62 -19.97 11.41
CA GLY A 371 2.89 -19.54 10.85
C GLY A 371 4.05 -19.73 11.80
N VAL A 372 3.80 -19.55 13.10
CA VAL A 372 4.86 -19.61 14.09
C VAL A 372 4.81 -20.88 14.93
N SER A 373 3.62 -21.41 15.22
CA SER A 373 3.51 -22.58 16.09
C SER A 373 4.23 -23.77 15.48
N VAL A 374 4.88 -24.55 16.33
CA VAL A 374 5.69 -25.68 15.88
C VAL A 374 5.86 -26.65 17.04
N SER A 375 6.06 -27.92 16.72
CA SER A 375 6.29 -28.96 17.71
C SER A 375 7.48 -29.79 17.29
N ARG A 376 8.44 -29.98 18.20
CA ARG A 376 9.66 -30.69 17.87
C ARG A 376 9.47 -32.20 17.88
N VAL A 377 8.52 -32.71 18.65
CA VAL A 377 8.33 -34.15 18.74
C VAL A 377 7.82 -34.71 17.42
N GLY A 378 7.07 -33.92 16.65
CA GLY A 378 6.60 -34.35 15.36
C GLY A 378 5.41 -35.30 15.45
N GLY A 379 5.15 -35.96 14.34
CA GLY A 379 4.01 -36.84 14.21
C GLY A 379 4.19 -38.23 14.79
N ALA A 380 5.35 -38.53 15.38
CA ALA A 380 5.55 -39.84 15.99
C ALA A 380 4.57 -40.10 17.12
N ALA A 381 4.08 -39.04 17.77
CA ALA A 381 3.10 -39.21 18.84
C ALA A 381 1.72 -39.54 18.28
N GLN A 382 1.30 -38.86 17.21
CA GLN A 382 -0.05 -39.06 16.68
C GLN A 382 -0.15 -40.40 15.95
N ILE A 383 -1.38 -40.83 15.72
CA ILE A 383 -1.62 -42.17 15.19
C ILE A 383 -1.15 -42.26 13.73
N LYS A 384 -0.88 -43.49 13.31
CA LYS A 384 -0.37 -43.72 11.96
C LYS A 384 -1.39 -43.35 10.90
N ALA A 385 -2.68 -43.61 11.16
CA ALA A 385 -3.72 -43.22 10.22
C ALA A 385 -3.74 -41.71 10.01
N MET A 386 -3.55 -40.95 11.10
CA MET A 386 -3.47 -39.49 10.98
C MET A 386 -2.29 -39.09 10.09
N LYS A 387 -1.14 -39.73 10.30
CA LYS A 387 0.04 -39.41 9.49
C LYS A 387 -0.19 -39.72 8.02
N GLU A 388 -0.82 -40.86 7.73
CA GLU A 388 -1.09 -41.22 6.34
C GLU A 388 -2.09 -40.26 5.72
N VAL A 389 -3.16 -39.93 6.44
CA VAL A 389 -4.21 -39.07 5.89
C VAL A 389 -3.69 -37.65 5.72
N ALA A 390 -3.04 -37.11 6.73
CA ALA A 390 -2.60 -35.72 6.73
C ALA A 390 -1.08 -35.65 6.79
N GLY A 391 -0.51 -34.85 5.90
CA GLY A 391 0.92 -34.63 5.86
C GLY A 391 1.25 -33.33 5.16
N SER A 392 2.14 -32.54 5.77
CA SER A 392 2.59 -31.26 5.22
C SER A 392 1.44 -30.28 5.04
N LEU A 393 0.37 -30.45 5.82
CA LEU A 393 -0.74 -29.50 5.77
C LEU A 393 -0.31 -28.13 6.27
N ARG A 394 0.54 -28.09 7.30
CA ARG A 394 1.04 -26.80 7.79
C ARG A 394 1.79 -26.06 6.70
N LEU A 395 2.59 -26.79 5.92
CA LEU A 395 3.29 -26.17 4.79
C LEU A 395 2.28 -25.56 3.83
N ASP A 396 1.30 -26.36 3.40
CA ASP A 396 0.35 -25.90 2.38
C ASP A 396 -0.38 -24.65 2.86
N LEU A 397 -0.77 -24.64 4.13
CA LEU A 397 -1.38 -23.43 4.68
C LEU A 397 -0.40 -22.26 4.69
N SER A 398 0.89 -22.54 4.92
CA SER A 398 1.87 -21.45 4.94
C SER A 398 2.04 -20.81 3.56
N GLN A 399 2.22 -21.63 2.51
CA GLN A 399 2.26 -21.05 1.17
C GLN A 399 0.94 -20.39 0.80
N TYR A 400 -0.19 -20.92 1.28
CA TYR A 400 -1.46 -20.25 1.03
C TYR A 400 -1.49 -18.85 1.63
N ARG A 401 -1.09 -18.72 2.90
CA ARG A 401 -1.10 -17.41 3.54
C ARG A 401 -0.10 -16.47 2.87
N GLU A 402 1.08 -16.98 2.51
CA GLU A 402 2.08 -16.16 1.85
C GLU A 402 1.57 -15.69 0.49
N LEU A 403 0.92 -16.58 -0.25
CA LEU A 403 0.39 -16.20 -1.57
C LEU A 403 -0.75 -15.21 -1.45
N GLU A 404 -1.60 -15.37 -0.42
CA GLU A 404 -2.66 -14.39 -0.21
C GLU A 404 -2.09 -13.01 0.10
N ALA A 405 -1.08 -12.95 0.97
CA ALA A 405 -0.45 -11.67 1.28
C ALA A 405 0.24 -11.09 0.05
N PHE A 406 0.89 -11.94 -0.74
CA PHE A 406 1.66 -11.47 -1.88
C PHE A 406 0.77 -10.96 -3.00
N ALA A 407 -0.26 -11.72 -3.37
CA ALA A 407 -1.11 -11.42 -4.51
C ALA A 407 -2.47 -10.87 -4.09
N ALA A 408 -2.50 -10.06 -3.02
CA ALA A 408 -3.76 -9.45 -2.61
C ALA A 408 -4.27 -8.46 -3.63
N PHE A 409 -3.38 -7.83 -4.40
CA PHE A 409 -3.75 -6.79 -5.35
C PHE A 409 -3.41 -7.17 -6.79
N ALA A 410 -3.27 -8.45 -7.08
CA ALA A 410 -2.86 -8.88 -8.41
C ALA A 410 -3.96 -8.59 -9.43
N SER A 411 -3.54 -8.16 -10.63
CA SER A 411 -4.51 -7.85 -11.67
C SER A 411 -5.09 -9.11 -12.29
N ASP A 412 -4.25 -10.10 -12.56
CA ASP A 412 -4.69 -11.32 -13.24
C ASP A 412 -4.21 -12.54 -12.47
N LEU A 413 -5.06 -13.58 -12.46
CA LEU A 413 -4.76 -14.85 -11.83
C LEU A 413 -4.93 -15.96 -12.84
N ASP A 414 -4.02 -16.93 -12.80
CA ASP A 414 -4.13 -18.10 -13.66
C ASP A 414 -4.89 -19.21 -12.94
N ALA A 415 -5.04 -20.35 -13.63
CA ALA A 415 -5.84 -21.44 -13.08
C ALA A 415 -5.23 -22.03 -11.81
N ALA A 416 -3.89 -22.20 -11.79
CA ALA A 416 -3.25 -22.79 -10.63
C ALA A 416 -3.40 -21.90 -9.39
N SER A 417 -3.18 -20.60 -9.56
CA SER A 417 -3.29 -19.68 -8.42
C SER A 417 -4.73 -19.62 -7.90
N LYS A 418 -5.71 -19.54 -8.80
CA LYS A 418 -7.10 -19.50 -8.37
C LYS A 418 -7.50 -20.80 -7.67
N ALA A 419 -7.06 -21.95 -8.20
CA ALA A 419 -7.36 -23.22 -7.56
C ALA A 419 -6.74 -23.31 -6.18
N GLN A 420 -5.49 -22.87 -6.04
CA GLN A 420 -4.85 -22.87 -4.73
C GLN A 420 -5.57 -21.94 -3.77
N LEU A 421 -6.01 -20.77 -4.25
CA LEU A 421 -6.74 -19.84 -3.40
C LEU A 421 -8.04 -20.47 -2.91
N ASP A 422 -8.79 -21.11 -3.81
CA ASP A 422 -10.04 -21.74 -3.42
C ASP A 422 -9.79 -22.85 -2.40
N ARG A 423 -8.80 -23.71 -2.68
CA ARG A 423 -8.51 -24.82 -1.77
C ARG A 423 -8.14 -24.32 -0.39
N GLY A 424 -7.26 -23.31 -0.33
CA GLY A 424 -6.87 -22.77 0.95
C GLY A 424 -8.01 -22.12 1.70
N ALA A 425 -8.90 -21.45 0.97
CA ALA A 425 -10.09 -20.88 1.61
C ALA A 425 -10.95 -21.97 2.22
N ARG A 426 -11.17 -23.06 1.48
CA ARG A 426 -11.96 -24.16 2.02
C ARG A 426 -11.32 -24.74 3.27
N LEU A 427 -10.00 -24.97 3.23
CA LEU A 427 -9.33 -25.54 4.39
C LEU A 427 -9.36 -24.60 5.59
N VAL A 428 -9.12 -23.30 5.37
CA VAL A 428 -9.08 -22.39 6.49
C VAL A 428 -10.47 -22.24 7.11
N GLU A 429 -11.53 -22.30 6.30
CA GLU A 429 -12.85 -22.24 6.88
C GLU A 429 -13.25 -23.55 7.55
N LEU A 430 -12.69 -24.67 7.09
CA LEU A 430 -13.04 -25.96 7.67
C LEU A 430 -12.55 -26.09 9.11
N LEU A 431 -11.33 -25.66 9.38
CA LEU A 431 -10.69 -25.94 10.67
C LEU A 431 -11.33 -25.19 11.83
N LYS A 432 -12.16 -24.20 11.57
CA LYS A 432 -12.77 -23.43 12.65
C LYS A 432 -13.75 -24.29 13.43
N GLN A 433 -13.74 -24.15 14.76
CA GLN A 433 -14.59 -24.93 15.64
C GLN A 433 -15.14 -24.05 16.75
N PRO A 434 -16.43 -24.17 17.07
CA PRO A 434 -17.03 -23.37 18.13
C PRO A 434 -16.71 -23.95 19.50
N GLN A 435 -17.06 -23.17 20.53
CA GLN A 435 -16.74 -23.52 21.90
C GLN A 435 -17.59 -24.69 22.38
N TYR A 436 -17.01 -25.48 23.30
CA TYR A 436 -17.71 -26.60 23.94
C TYR A 436 -18.18 -27.62 22.92
N SER A 437 -17.27 -28.04 22.06
CA SER A 437 -17.55 -29.02 21.01
C SER A 437 -16.53 -30.14 21.11
N PRO A 438 -16.67 -31.03 22.09
CA PRO A 438 -15.77 -32.19 22.16
C PRO A 438 -15.98 -33.11 20.97
N LEU A 439 -14.91 -33.79 20.58
CA LEU A 439 -14.94 -34.60 19.36
C LEU A 439 -14.09 -35.84 19.57
N ALA A 440 -14.36 -36.85 18.76
CA ALA A 440 -13.57 -38.08 18.78
C ALA A 440 -12.57 -38.07 17.63
N VAL A 441 -11.60 -38.98 17.72
CA VAL A 441 -10.51 -39.01 16.73
C VAL A 441 -11.03 -39.44 15.37
N GLU A 442 -11.97 -40.39 15.33
CA GLU A 442 -12.47 -40.88 14.07
C GLU A 442 -13.16 -39.78 13.27
N GLU A 443 -13.96 -38.96 13.94
CA GLU A 443 -14.63 -37.86 13.25
C GLU A 443 -13.61 -36.85 12.74
N GLN A 444 -12.57 -36.59 13.52
CA GLN A 444 -11.53 -35.68 13.08
C GLN A 444 -10.83 -36.19 11.83
N VAL A 445 -10.46 -37.48 11.82
CA VAL A 445 -9.76 -38.02 10.66
C VAL A 445 -10.68 -38.07 9.43
N VAL A 446 -11.98 -38.34 9.65
CA VAL A 446 -12.93 -38.31 8.54
C VAL A 446 -13.02 -36.91 7.96
N ALA A 447 -13.12 -35.90 8.83
CA ALA A 447 -13.22 -34.52 8.35
C ALA A 447 -11.96 -34.13 7.58
N ILE A 448 -10.78 -34.48 8.09
CA ILE A 448 -9.55 -34.14 7.40
C ILE A 448 -9.46 -34.88 6.07
N PHE A 449 -9.86 -36.15 6.05
CA PHE A 449 -9.82 -36.92 4.82
C PHE A 449 -10.72 -36.32 3.75
N LEU A 450 -11.93 -35.90 4.13
CA LEU A 450 -12.82 -35.31 3.14
C LEU A 450 -12.35 -33.92 2.72
N GLY A 451 -11.74 -33.17 3.64
CA GLY A 451 -11.26 -31.85 3.28
C GLY A 451 -10.08 -31.89 2.32
N THR A 452 -9.15 -32.81 2.54
CA THR A 452 -7.89 -32.80 1.79
C THR A 452 -8.02 -33.27 0.36
N GLN A 453 -8.97 -34.15 0.06
CA GLN A 453 -9.05 -34.80 -1.24
C GLN A 453 -9.83 -33.98 -2.27
N GLY A 454 -10.28 -32.78 -1.89
CA GLY A 454 -10.95 -31.91 -2.83
C GLY A 454 -12.35 -32.32 -3.22
N HIS A 455 -13.00 -33.17 -2.42
CA HIS A 455 -14.36 -33.57 -2.71
C HIS A 455 -15.37 -32.47 -2.44
N LEU A 456 -15.03 -31.47 -1.63
CA LEU A 456 -15.95 -30.42 -1.23
C LEU A 456 -15.71 -29.13 -2.02
N ASP A 457 -14.93 -29.19 -3.10
CA ASP A 457 -14.64 -27.99 -3.87
C ASP A 457 -15.87 -27.42 -4.56
N SER A 458 -16.94 -28.20 -4.69
CA SER A 458 -18.12 -27.74 -5.41
C SER A 458 -18.91 -26.72 -4.60
N VAL A 459 -19.09 -26.96 -3.31
CA VAL A 459 -19.97 -26.12 -2.49
C VAL A 459 -19.36 -24.73 -2.38
N PRO A 460 -20.17 -23.67 -2.42
CA PRO A 460 -19.64 -22.33 -2.15
C PRO A 460 -19.22 -22.19 -0.69
N VAL A 461 -18.48 -21.11 -0.42
CA VAL A 461 -17.85 -20.94 0.89
C VAL A 461 -18.89 -20.84 2.00
N GLU A 462 -19.97 -20.09 1.76
CA GLU A 462 -20.88 -19.73 2.84
C GLU A 462 -21.53 -20.93 3.51
N ASP A 463 -21.52 -22.09 2.85
CA ASP A 463 -22.15 -23.29 3.41
C ASP A 463 -21.17 -24.43 3.63
N VAL A 464 -19.85 -24.16 3.62
CA VAL A 464 -18.90 -25.25 3.79
C VAL A 464 -19.01 -25.84 5.20
N GLN A 465 -19.29 -24.99 6.19
CA GLN A 465 -19.31 -25.46 7.57
C GLN A 465 -20.50 -26.38 7.82
N ARG A 466 -21.71 -25.85 7.65
CA ARG A 466 -22.92 -26.59 8.00
C ARG A 466 -22.94 -27.97 7.36
N PHE A 467 -22.61 -28.02 6.06
CA PHE A 467 -22.62 -29.29 5.33
C PHE A 467 -21.82 -30.35 6.08
N GLU A 468 -20.62 -29.99 6.55
CA GLU A 468 -19.81 -30.96 7.29
C GLU A 468 -20.58 -31.50 8.49
N SER A 469 -21.12 -30.59 9.30
CA SER A 469 -21.87 -31.02 10.48
C SER A 469 -23.03 -31.92 10.10
N GLU A 470 -23.56 -31.77 8.88
CA GLU A 470 -24.64 -32.63 8.45
C GLU A 470 -24.15 -34.05 8.20
N LEU A 471 -23.06 -34.20 7.45
CA LEU A 471 -22.65 -35.53 7.00
C LEU A 471 -22.24 -36.40 8.17
N LEU A 472 -21.58 -35.80 9.17
CA LEU A 472 -21.20 -36.54 10.36
C LEU A 472 -22.41 -37.21 11.01
N GLU A 473 -23.59 -36.61 10.87
CA GLU A 473 -24.79 -37.23 11.42
C GLU A 473 -25.19 -38.47 10.63
N HIS A 474 -25.17 -38.37 9.30
CA HIS A 474 -25.68 -39.48 8.48
C HIS A 474 -24.82 -40.72 8.64
N VAL A 475 -23.50 -40.54 8.74
CA VAL A 475 -22.60 -41.67 8.95
C VAL A 475 -22.87 -42.32 10.30
N LYS A 476 -23.46 -41.58 11.24
CA LYS A 476 -23.75 -42.14 12.55
C LYS A 476 -24.73 -43.30 12.45
N ALA A 477 -25.77 -43.18 11.61
CA ALA A 477 -26.79 -44.21 11.50
C ALA A 477 -26.51 -45.22 10.39
N SER A 478 -25.79 -44.82 9.34
CA SER A 478 -25.51 -45.70 8.21
C SER A 478 -24.02 -45.96 8.13
N HIS A 479 -23.66 -47.23 7.95
CA HIS A 479 -22.26 -47.65 7.80
C HIS A 479 -21.43 -47.23 9.02
N SER A 480 -22.02 -47.35 10.20
CA SER A 480 -21.32 -46.94 11.42
C SER A 480 -20.13 -47.84 11.72
N ASP A 481 -20.20 -49.11 11.31
CA ASP A 481 -19.15 -50.07 11.64
C ASP A 481 -17.78 -49.63 11.14
N ILE A 482 -17.74 -48.79 10.10
CA ILE A 482 -16.45 -48.28 9.62
C ILE A 482 -15.72 -47.57 10.75
N PHE A 483 -16.42 -46.69 11.48
CA PHE A 483 -15.84 -46.10 12.69
C PHE A 483 -15.29 -47.18 13.60
N ASP A 484 -16.11 -48.22 13.85
CA ASP A 484 -15.67 -49.33 14.68
C ASP A 484 -14.33 -49.87 14.20
N GLY A 485 -14.20 -50.05 12.89
CA GLY A 485 -12.95 -50.59 12.36
C GLY A 485 -11.75 -49.76 12.79
N ILE A 486 -11.87 -48.44 12.70
CA ILE A 486 -10.77 -47.57 13.10
C ILE A 486 -10.37 -47.85 14.53
N ARG A 487 -11.36 -48.02 15.41
CA ARG A 487 -11.05 -48.24 16.83
C ARG A 487 -10.22 -49.49 17.04
N GLU A 488 -10.35 -50.50 16.17
CA GLU A 488 -9.53 -51.70 16.28
C GLU A 488 -8.47 -51.80 15.20
N THR A 489 -8.26 -50.75 14.41
CA THR A 489 -7.20 -50.82 13.39
C THR A 489 -6.25 -49.64 13.52
N LYS A 490 -6.75 -48.49 13.96
CA LYS A 490 -5.98 -47.25 13.99
C LYS A 490 -5.43 -46.92 12.61
N LYS A 491 -6.12 -47.38 11.57
CA LYS A 491 -5.68 -47.22 10.20
C LYS A 491 -6.89 -47.43 9.29
N LEU A 492 -6.73 -47.01 8.04
CA LEU A 492 -7.78 -47.16 7.03
C LEU A 492 -7.47 -48.32 6.11
N SER A 493 -8.52 -48.93 5.58
CA SER A 493 -8.40 -50.00 4.59
C SER A 493 -8.97 -49.54 3.26
N GLU A 494 -8.48 -50.16 2.19
CA GLU A 494 -8.91 -49.76 0.85
C GLU A 494 -10.40 -50.01 0.65
N GLU A 495 -10.91 -51.14 1.15
CA GLU A 495 -12.33 -51.42 1.03
C GLU A 495 -13.16 -50.41 1.83
N ALA A 496 -12.73 -50.10 3.05
CA ALA A 496 -13.44 -49.12 3.86
C ALA A 496 -13.36 -47.73 3.23
N GLU A 497 -12.21 -47.37 2.68
CA GLU A 497 -12.09 -46.08 2.00
C GLU A 497 -13.00 -46.00 0.79
N GLU A 498 -13.09 -47.08 0.02
CA GLU A 498 -14.00 -47.09 -1.13
C GLU A 498 -15.45 -46.99 -0.68
N LYS A 499 -15.80 -47.68 0.40
CA LYS A 499 -17.17 -47.57 0.93
C LYS A 499 -17.46 -46.13 1.35
N LEU A 500 -16.51 -45.50 2.04
CA LEU A 500 -16.70 -44.12 2.49
C LEU A 500 -16.85 -43.16 1.32
N VAL A 501 -16.01 -43.31 0.30
CA VAL A 501 -16.08 -42.39 -0.83
C VAL A 501 -17.37 -42.61 -1.61
N SER A 502 -17.82 -43.86 -1.73
CA SER A 502 -19.10 -44.11 -2.38
C SER A 502 -20.25 -43.50 -1.59
N VAL A 503 -20.20 -43.62 -0.26
CA VAL A 503 -21.26 -43.07 0.58
C VAL A 503 -21.30 -41.55 0.47
N ILE A 504 -20.13 -40.91 0.50
CA ILE A 504 -20.12 -39.45 0.42
C ILE A 504 -20.54 -38.98 -0.96
N ASN A 505 -20.18 -39.72 -2.01
CA ASN A 505 -20.65 -39.36 -3.34
C ASN A 505 -22.17 -39.46 -3.44
N GLU A 506 -22.74 -40.54 -2.88
CA GLU A 506 -24.19 -40.69 -2.89
C GLU A 506 -24.86 -39.57 -2.09
N PHE A 507 -24.28 -39.22 -0.94
CA PHE A 507 -24.85 -38.16 -0.11
C PHE A 507 -24.80 -36.82 -0.83
N LYS A 508 -23.66 -36.49 -1.43
CA LYS A 508 -23.53 -35.21 -2.12
C LYS A 508 -24.42 -35.17 -3.35
N LYS A 509 -24.66 -36.32 -3.99
CA LYS A 509 -25.67 -36.36 -5.05
C LYS A 509 -27.05 -36.08 -4.47
N GLY A 510 -27.37 -36.68 -3.32
CA GLY A 510 -28.62 -36.38 -2.66
C GLY A 510 -28.66 -34.97 -2.07
N PHE A 511 -27.54 -34.51 -1.51
CA PHE A 511 -27.52 -33.22 -0.85
C PHE A 511 -27.67 -32.09 -1.87
N GLN A 512 -28.26 -30.99 -1.41
CA GLN A 512 -28.49 -29.82 -2.24
C GLN A 512 -27.82 -28.60 -1.62
N ALA A 513 -27.42 -27.67 -2.47
CA ALA A 513 -26.81 -26.43 -2.04
C ALA A 513 -27.86 -25.34 -1.93
N SER A 514 -27.95 -24.71 -0.76
CA SER A 514 -28.96 -23.70 -0.52
C SER A 514 -28.54 -22.31 -1.02
N ASP A 515 -27.32 -22.16 -1.50
CA ASP A 515 -26.81 -20.88 -1.97
C ASP A 515 -26.35 -21.01 -3.42
N GLY A 516 -26.70 -20.02 -4.23
CA GLY A 516 -26.35 -20.01 -5.64
C GLY A 516 -27.56 -20.11 -6.55
N GLU A 531 -29.25 22.64 -23.81
CA GLU A 531 -28.79 21.65 -22.84
C GLU A 531 -27.28 21.41 -22.95
N ASP A 532 -26.82 20.34 -22.33
CA ASP A 532 -25.41 19.94 -22.37
C ASP A 532 -25.13 18.88 -23.42
N LEU A 533 -26.13 18.52 -24.23
CA LEU A 533 -25.97 17.49 -25.25
C LEU A 533 -25.59 18.15 -26.57
N GLU A 534 -24.52 17.67 -27.19
CA GLU A 534 -24.07 18.20 -28.46
C GLU A 534 -24.49 17.30 -29.61
N LYS A 535 -24.63 17.90 -30.79
CA LYS A 535 -25.11 17.21 -31.98
C LYS A 535 -24.06 17.27 -33.07
N GLU A 536 -24.05 16.27 -33.94
CA GLU A 536 -23.15 16.21 -35.08
C GLU A 536 -23.98 16.19 -36.36
N SER A 537 -23.74 17.15 -37.24
CA SER A 537 -24.50 17.31 -38.47
C SER A 537 -23.53 17.46 -39.65
N VAL A 538 -24.10 17.72 -40.82
CA VAL A 538 -23.34 17.86 -42.06
C VAL A 538 -23.63 19.23 -42.66
N LYS A 539 -22.60 19.88 -43.20
CA LYS A 539 -22.73 21.20 -43.81
C LYS A 539 -23.15 21.06 -45.26
N VAL A 540 -24.11 21.87 -45.67
CA VAL A 540 -24.62 21.88 -47.04
C VAL A 540 -24.50 23.30 -47.58
N ARG A 541 -23.70 23.48 -48.62
CA ARG A 541 -23.50 24.80 -49.21
C ARG A 541 -24.78 25.35 -49.83
N LYS A 542 -25.72 24.47 -50.18
CA LYS A 542 -26.95 24.91 -50.84
C LYS A 542 -27.71 25.87 -49.92
N PRO A 543 -28.26 26.96 -50.46
CA PRO A 543 -29.00 27.90 -49.62
C PRO A 543 -30.20 27.24 -48.95
N ALA A 544 -30.50 27.71 -47.75
CA ALA A 544 -31.58 27.15 -46.96
C ALA A 544 -32.91 27.36 -47.68
N PRO A 545 -33.70 26.30 -47.92
CA PRO A 545 -34.98 26.39 -48.62
C PRO A 545 -36.02 27.19 -47.84
N ILE B 11 55.58 16.97 69.71
CA ILE B 11 55.35 15.62 69.19
C ILE B 11 55.35 15.64 67.67
N GLU B 12 55.15 16.83 67.10
CA GLU B 12 55.21 16.97 65.64
C GLU B 12 56.61 16.68 65.12
N GLY B 13 57.64 17.00 65.91
CA GLY B 13 58.99 16.66 65.54
C GLY B 13 59.20 15.16 65.39
N ALA B 14 58.52 14.37 66.23
CA ALA B 14 58.60 12.92 66.10
C ALA B 14 58.05 12.46 64.76
N ILE B 15 56.89 13.01 64.36
CA ILE B 15 56.31 12.65 63.07
C ILE B 15 57.23 13.07 61.93
N GLU B 16 57.80 14.27 62.03
CA GLU B 16 58.70 14.75 60.99
C GLU B 16 59.93 13.86 60.87
N ASP B 17 60.53 13.48 62.00
CA ASP B 17 61.71 12.61 61.97
C ASP B 17 61.37 11.23 61.43
N TYR B 18 60.21 10.69 61.82
CA TYR B 18 59.80 9.39 61.32
C TYR B 18 59.57 9.43 59.81
N VAL B 19 58.99 10.52 59.31
CA VAL B 19 58.77 10.66 57.87
C VAL B 19 60.09 10.82 57.14
N SER B 20 61.03 11.57 57.73
CA SER B 20 62.31 11.83 57.07
C SER B 20 63.31 10.69 57.23
N SER B 21 63.02 9.71 58.08
CA SER B 21 63.96 8.59 58.24
C SER B 21 64.13 7.81 56.94
N PHE B 22 63.04 7.55 56.24
CA PHE B 22 63.10 6.82 54.97
C PHE B 22 63.27 7.77 53.79
N ARG B 28 67.68 -3.78 52.65
CA ARG B 28 67.90 -2.38 52.31
C ARG B 28 66.91 -1.91 51.27
N GLU B 29 66.41 -2.84 50.45
CA GLU B 29 65.46 -2.52 49.40
C GLU B 29 64.05 -2.50 49.98
N GLU B 30 63.26 -1.54 49.51
CA GLU B 30 61.90 -1.38 50.02
C GLU B 30 61.03 -2.57 49.61
N ILE B 31 60.24 -3.06 50.55
CA ILE B 31 59.43 -4.25 50.38
C ILE B 31 57.99 -3.95 50.77
N GLY B 32 57.04 -4.39 49.94
CA GLY B 32 55.64 -4.26 50.24
C GLY B 32 54.99 -5.61 50.48
N THR B 33 53.69 -5.57 50.79
CA THR B 33 52.94 -6.77 51.11
C THR B 33 51.60 -6.78 50.39
N VAL B 34 51.29 -7.92 49.78
CA VAL B 34 50.00 -8.13 49.15
C VAL B 34 48.98 -8.51 50.21
N ILE B 35 47.79 -7.90 50.16
CA ILE B 35 46.74 -8.16 51.12
C ILE B 35 45.61 -8.99 50.52
N ASP B 36 45.23 -8.72 49.28
CA ASP B 36 44.16 -9.47 48.63
C ASP B 36 44.35 -9.40 47.13
N ALA B 37 43.72 -10.35 46.43
CA ALA B 37 43.82 -10.43 44.98
C ALA B 37 42.61 -11.19 44.47
N GLY B 38 42.35 -11.05 43.18
CA GLY B 38 41.26 -11.74 42.52
C GLY B 38 40.82 -11.00 41.27
N ASP B 39 40.52 -11.79 40.23
CA ASP B 39 39.99 -11.29 38.96
C ASP B 39 40.96 -10.32 38.28
N GLY B 40 42.23 -10.68 38.27
CA GLY B 40 43.21 -9.95 37.48
C GLY B 40 43.78 -8.71 38.13
N ILE B 41 43.35 -8.35 39.34
CA ILE B 41 43.91 -7.21 40.06
C ILE B 41 44.23 -7.64 41.48
N ALA B 42 45.06 -6.84 42.14
CA ALA B 42 45.50 -7.16 43.50
C ALA B 42 45.70 -5.86 44.26
N HIS B 43 45.82 -5.98 45.59
CA HIS B 43 46.00 -4.84 46.47
C HIS B 43 47.28 -5.02 47.27
N VAL B 44 48.13 -3.99 47.27
CA VAL B 44 49.43 -4.02 47.91
C VAL B 44 49.56 -2.79 48.80
N GLU B 45 50.10 -3.00 49.99
CA GLU B 45 50.32 -1.91 50.94
C GLU B 45 51.72 -2.00 51.51
N GLY B 46 52.15 -0.90 52.13
CA GLY B 46 53.46 -0.80 52.74
C GLY B 46 54.45 0.06 51.99
N LEU B 47 54.08 0.58 50.82
CA LEU B 47 55.00 1.40 50.03
C LEU B 47 54.86 2.86 50.44
N PRO B 48 55.91 3.46 51.02
CA PRO B 48 55.74 4.82 51.55
C PRO B 48 55.67 5.89 50.46
N SER B 49 56.52 5.81 49.45
CA SER B 49 56.59 6.83 48.41
C SER B 49 56.80 6.15 47.07
N VAL B 50 55.81 6.29 46.17
CA VAL B 50 55.90 5.73 44.83
C VAL B 50 55.34 6.74 43.85
N MET B 51 55.81 6.64 42.60
CA MET B 51 55.30 7.49 41.54
C MET B 51 54.19 6.79 40.77
N THR B 52 53.30 7.59 40.21
CA THR B 52 52.18 7.04 39.45
C THR B 52 52.69 6.29 38.22
N GLN B 53 52.01 5.19 37.89
CA GLN B 53 52.41 4.30 36.79
C GLN B 53 53.83 3.78 36.98
N GLU B 54 54.17 3.43 38.22
CA GLU B 54 55.40 2.71 38.49
C GLU B 54 55.32 1.29 37.94
N LEU B 55 56.43 0.81 37.39
CA LEU B 55 56.53 -0.58 36.94
C LEU B 55 56.98 -1.42 38.13
N LEU B 56 56.01 -2.00 38.84
CA LEU B 56 56.31 -2.81 40.00
C LEU B 56 56.83 -4.18 39.57
N GLU B 57 57.52 -4.84 40.49
CA GLU B 57 58.11 -6.15 40.26
C GLU B 57 57.56 -7.13 41.28
N PHE B 58 57.26 -8.34 40.83
CA PHE B 58 56.71 -9.36 41.70
C PHE B 58 57.68 -10.53 41.82
N PRO B 59 57.69 -11.22 42.97
CA PRO B 59 58.73 -12.24 43.21
C PRO B 59 58.72 -13.37 42.19
N GLY B 60 57.56 -13.75 41.68
CA GLY B 60 57.48 -14.86 40.75
C GLY B 60 57.92 -14.55 39.33
N GLY B 61 58.25 -13.29 39.06
CA GLY B 61 58.65 -12.89 37.73
C GLY B 61 57.60 -12.13 36.95
N VAL B 62 56.35 -12.13 37.42
CA VAL B 62 55.31 -11.39 36.74
C VAL B 62 55.45 -9.90 37.04
N LEU B 63 54.90 -9.08 36.15
CA LEU B 63 55.00 -7.63 36.23
C LEU B 63 53.67 -7.03 36.59
N GLY B 64 53.71 -5.76 37.00
CA GLY B 64 52.51 -5.05 37.37
C GLY B 64 52.71 -3.55 37.28
N VAL B 65 51.60 -2.83 37.23
CA VAL B 65 51.59 -1.38 37.14
C VAL B 65 50.70 -0.82 38.24
N ALA B 66 50.99 0.40 38.66
CA ALA B 66 50.22 1.09 39.69
C ALA B 66 49.35 2.14 39.02
N LEU B 67 48.04 2.05 39.24
CA LEU B 67 47.09 2.98 38.64
C LEU B 67 46.32 3.80 39.65
N ASN B 68 45.89 3.20 40.76
CA ASN B 68 45.13 3.90 41.79
C ASN B 68 45.94 3.97 43.07
N LEU B 69 45.95 5.13 43.69
CA LEU B 69 46.68 5.36 44.93
C LEU B 69 45.71 5.73 46.05
N ASP B 70 45.99 5.22 47.24
CA ASP B 70 45.11 5.40 48.39
C ASP B 70 45.97 5.74 49.60
N GLU B 71 45.31 6.27 50.64
CA GLU B 71 46.03 6.67 51.84
C GLU B 71 46.67 5.47 52.55
N HIS B 72 46.08 4.28 52.39
CA HIS B 72 46.62 3.08 53.03
C HIS B 72 46.64 1.88 52.09
N SER B 73 46.60 2.11 50.78
CA SER B 73 46.62 1.00 49.82
C SER B 73 47.13 1.52 48.49
N VAL B 74 47.58 0.58 47.66
CA VAL B 74 48.03 0.87 46.31
C VAL B 74 47.39 -0.15 45.36
N GLY B 75 46.59 0.34 44.41
CA GLY B 75 46.03 -0.54 43.41
C GLY B 75 47.08 -1.00 42.42
N ALA B 76 46.80 -2.14 41.80
CA ALA B 76 47.75 -2.72 40.85
C ALA B 76 46.99 -3.51 39.79
N VAL B 77 47.65 -3.67 38.64
CA VAL B 77 47.14 -4.48 37.54
C VAL B 77 48.26 -5.40 37.09
N ILE B 78 47.98 -6.70 37.05
CA ILE B 78 48.97 -7.70 36.66
C ILE B 78 48.84 -7.95 35.17
N LEU B 79 49.96 -7.84 34.44
CA LEU B 79 49.92 -7.93 32.99
C LEU B 79 49.88 -9.38 32.51
N GLY B 80 50.88 -10.17 32.88
CA GLY B 80 51.01 -11.52 32.35
C GLY B 80 50.31 -12.58 33.16
N GLU B 81 51.05 -13.61 33.56
CA GLU B 81 50.47 -14.71 34.32
C GLU B 81 49.92 -14.23 35.65
N PHE B 82 48.75 -14.75 36.02
CA PHE B 82 48.02 -14.26 37.18
C PHE B 82 47.84 -15.30 38.28
N GLU B 83 47.85 -16.59 37.97
CA GLU B 83 47.55 -17.62 38.97
C GLU B 83 48.59 -17.71 40.07
N LYS B 84 49.83 -17.25 39.82
CA LYS B 84 50.86 -17.33 40.84
C LYS B 84 50.66 -16.34 41.98
N ILE B 85 49.74 -15.38 41.83
CA ILE B 85 49.55 -14.35 42.83
C ILE B 85 48.82 -14.93 44.04
N GLU B 86 49.31 -14.62 45.23
CA GLU B 86 48.67 -15.08 46.47
C GLU B 86 49.04 -14.11 47.58
N GLU B 87 48.30 -14.21 48.69
CA GLU B 87 48.61 -13.41 49.86
C GLU B 87 49.96 -13.80 50.43
N GLY B 88 50.69 -12.80 50.92
CA GLY B 88 51.98 -13.01 51.54
C GLY B 88 53.18 -12.72 50.67
N GLN B 89 52.98 -12.49 49.38
CA GLN B 89 54.10 -12.19 48.49
C GLN B 89 54.64 -10.79 48.78
N GLN B 90 55.89 -10.59 48.38
CA GLN B 90 56.61 -9.35 48.65
C GLN B 90 56.91 -8.65 47.33
N VAL B 91 56.44 -7.41 47.19
CA VAL B 91 56.69 -6.62 45.99
C VAL B 91 57.92 -5.76 46.20
N LYS B 92 58.53 -5.33 45.10
CA LYS B 92 59.76 -4.54 45.15
C LYS B 92 59.64 -3.38 44.17
N ARG B 93 59.82 -2.16 44.69
CA ARG B 93 59.79 -0.98 43.83
C ARG B 93 61.06 -0.93 42.98
N THR B 94 60.89 -0.82 41.66
CA THR B 94 62.00 -0.94 40.73
C THR B 94 61.96 0.17 39.70
N GLY B 95 63.11 0.79 39.46
CA GLY B 95 63.26 1.73 38.35
C GLY B 95 62.32 2.92 38.44
N GLU B 96 61.66 3.21 37.33
CA GLU B 96 60.81 4.39 37.20
C GLU B 96 59.69 4.04 36.24
N VAL B 97 59.02 5.07 35.70
CA VAL B 97 57.96 4.87 34.73
C VAL B 97 58.47 3.98 33.60
N LEU B 98 57.65 3.00 33.21
CA LEU B 98 58.08 2.01 32.24
C LEU B 98 58.38 2.66 30.90
N SER B 99 59.40 2.13 30.22
CA SER B 99 59.83 2.60 28.92
C SER B 99 59.99 1.43 27.98
N VAL B 100 60.09 1.73 26.69
CA VAL B 100 60.24 0.73 25.64
C VAL B 100 61.62 0.90 25.01
N PRO B 101 62.40 -0.17 24.85
CA PRO B 101 63.68 -0.06 24.14
C PRO B 101 63.47 -0.09 22.63
N VAL B 102 63.68 1.04 21.99
CA VAL B 102 63.46 1.20 20.56
C VAL B 102 64.80 1.19 19.84
N GLY B 103 64.76 0.82 18.58
CA GLY B 103 65.94 0.75 17.74
C GLY B 103 65.55 0.64 16.28
N ASP B 104 66.49 0.15 15.47
CA ASP B 104 66.28 -0.01 14.04
C ASP B 104 66.36 -1.46 13.58
N ALA B 105 66.60 -2.40 14.49
CA ALA B 105 66.64 -3.81 14.16
C ALA B 105 65.27 -4.46 14.20
N PHE B 106 64.23 -3.69 14.51
CA PHE B 106 62.88 -4.24 14.63
C PHE B 106 62.25 -4.60 13.29
N LEU B 107 62.88 -4.23 12.17
CA LEU B 107 62.32 -4.48 10.86
C LEU B 107 62.23 -5.98 10.58
N GLY B 108 61.12 -6.40 10.00
CA GLY B 108 60.92 -7.79 9.63
C GLY B 108 60.84 -8.75 10.79
N ARG B 109 60.10 -8.39 11.84
CA ARG B 109 59.97 -9.26 12.99
C ARG B 109 58.66 -8.96 13.71
N VAL B 110 58.25 -9.88 14.57
CA VAL B 110 57.05 -9.74 15.40
C VAL B 110 57.49 -9.71 16.85
N VAL B 111 57.03 -8.71 17.59
CA VAL B 111 57.50 -8.46 18.95
C VAL B 111 56.33 -8.39 19.91
N ASN B 112 56.63 -8.69 21.17
CA ASN B 112 55.68 -8.49 22.25
C ASN B 112 55.40 -7.00 22.40
N PRO B 113 54.13 -6.61 22.64
CA PRO B 113 53.86 -5.20 22.96
C PRO B 113 54.69 -4.66 24.11
N LEU B 114 55.16 -5.51 25.02
CA LEU B 114 56.12 -5.08 26.02
C LEU B 114 57.51 -4.87 25.42
N GLY B 115 57.77 -5.38 24.22
CA GLY B 115 59.08 -5.24 23.62
C GLY B 115 59.95 -6.48 23.76
N GLN B 116 59.38 -7.64 23.46
CA GLN B 116 60.11 -8.90 23.52
C GLN B 116 59.87 -9.69 22.25
N PRO B 117 60.87 -10.45 21.80
CA PRO B 117 60.74 -11.21 20.53
C PRO B 117 59.99 -12.53 20.68
N ILE B 118 58.66 -12.44 20.59
CA ILE B 118 57.81 -13.63 20.67
C ILE B 118 58.05 -14.57 19.49
N ASP B 119 58.53 -14.05 18.36
CA ASP B 119 58.74 -14.86 17.18
C ASP B 119 59.93 -15.79 17.38
N GLY B 120 60.01 -16.82 16.53
CA GLY B 120 61.06 -17.81 16.63
C GLY B 120 62.46 -17.29 16.36
N GLN B 121 62.58 -16.09 15.80
CA GLN B 121 63.89 -15.50 15.56
C GLN B 121 64.57 -15.13 16.87
N GLY B 122 65.90 -15.09 16.84
CA GLY B 122 66.69 -14.81 18.02
C GLY B 122 66.43 -13.44 18.63
N ASP B 123 67.07 -13.19 19.78
CA ASP B 123 66.85 -11.95 20.51
C ASP B 123 67.32 -10.75 19.69
N ILE B 124 66.59 -9.64 19.83
CA ILE B 124 66.90 -8.42 19.11
C ILE B 124 67.85 -7.57 19.94
N ALA B 125 68.48 -6.61 19.28
CA ALA B 125 69.36 -5.67 19.97
C ALA B 125 68.54 -4.53 20.57
N ALA B 126 69.22 -3.63 21.27
CA ALA B 126 68.59 -2.47 21.87
C ALA B 126 69.40 -1.23 21.53
N GLU B 127 68.70 -0.13 21.26
CA GLU B 127 69.36 1.13 20.90
C GLU B 127 69.15 2.20 21.96
N THR B 128 67.91 2.54 22.29
CA THR B 128 67.68 3.56 23.30
C THR B 128 66.29 3.37 23.91
N ARG B 129 66.17 3.60 25.21
CA ARG B 129 64.90 3.47 25.90
C ARG B 129 64.13 4.78 25.85
N ARG B 130 62.86 4.71 25.46
CA ARG B 130 61.98 5.87 25.38
C ARG B 130 60.75 5.63 26.23
N ALA B 131 60.40 6.61 27.07
CA ALA B 131 59.18 6.50 27.87
C ALA B 131 57.95 6.77 27.00
N LEU B 132 56.88 6.00 27.26
CA LEU B 132 55.67 6.15 26.46
C LEU B 132 55.03 7.51 26.66
N GLU B 133 54.94 7.98 27.91
CA GLU B 133 54.24 9.22 28.22
C GLU B 133 55.15 10.39 27.90
N LEU B 134 54.86 11.09 26.81
CA LEU B 134 55.65 12.24 26.37
C LEU B 134 54.71 13.30 25.81
N GLN B 135 55.19 14.54 25.79
CA GLN B 135 54.39 15.65 25.30
C GLN B 135 54.38 15.65 23.77
N ALA B 136 53.21 15.94 23.21
CA ALA B 136 53.05 16.00 21.76
C ALA B 136 53.67 17.29 21.23
N PRO B 137 54.05 17.31 19.95
CA PRO B 137 54.57 18.54 19.35
C PRO B 137 53.55 19.67 19.42
N SER B 138 54.04 20.88 19.67
CA SER B 138 53.18 22.03 19.82
C SER B 138 52.72 22.54 18.46
N VAL B 139 52.07 23.70 18.46
CA VAL B 139 51.54 24.28 17.23
C VAL B 139 52.61 25.02 16.43
N VAL B 140 53.69 25.44 17.08
CA VAL B 140 54.69 26.31 16.44
C VAL B 140 55.75 25.46 15.74
N GLN B 141 55.50 24.16 15.63
CA GLN B 141 56.46 23.22 15.05
C GLN B 141 55.81 22.37 13.97
N ARG B 142 54.90 22.96 13.21
CA ARG B 142 54.19 22.23 12.16
C ARG B 142 54.10 23.10 10.92
N GLN B 143 54.04 22.44 9.76
CA GLN B 143 53.91 23.08 8.47
C GLN B 143 52.59 22.65 7.82
N SER B 144 52.36 23.15 6.61
CA SER B 144 51.21 22.70 5.83
C SER B 144 51.50 21.36 5.19
N VAL B 145 50.46 20.75 4.64
CA VAL B 145 50.53 19.40 4.08
C VAL B 145 50.49 19.51 2.56
N SER B 146 51.53 19.01 1.90
CA SER B 146 51.56 18.97 0.43
C SER B 146 52.52 17.85 0.03
N GLU B 147 51.97 16.67 -0.26
CA GLU B 147 52.79 15.53 -0.68
C GLU B 147 51.91 14.43 -1.26
N PRO B 148 52.33 13.79 -2.35
CA PRO B 148 51.54 12.69 -2.91
C PRO B 148 51.81 11.34 -2.28
N LEU B 149 51.08 11.01 -1.23
CA LEU B 149 51.04 9.64 -0.74
C LEU B 149 50.10 8.85 -1.65
N GLN B 150 50.64 7.88 -2.38
CA GLN B 150 49.82 7.05 -3.24
C GLN B 150 49.05 6.04 -2.40
N THR B 151 48.07 5.40 -3.02
CA THR B 151 47.27 4.38 -2.36
C THR B 151 47.11 3.09 -3.17
N GLY B 152 47.36 3.10 -4.46
CA GLY B 152 47.20 1.91 -5.28
C GLY B 152 45.78 1.59 -5.68
N ILE B 153 44.81 2.40 -5.26
CA ILE B 153 43.40 2.21 -5.58
C ILE B 153 42.93 3.45 -6.31
N LYS B 154 42.18 3.25 -7.41
CA LYS B 154 41.75 4.37 -8.24
C LYS B 154 40.80 5.29 -7.50
N ALA B 155 39.76 4.72 -6.89
CA ALA B 155 38.71 5.55 -6.28
C ALA B 155 39.23 6.34 -5.08
N ILE B 156 40.14 5.75 -4.30
CA ILE B 156 40.61 6.40 -3.08
C ILE B 156 41.24 7.75 -3.39
N ASP B 157 42.32 7.75 -4.17
CA ASP B 157 42.95 9.01 -4.54
C ASP B 157 42.17 9.76 -5.61
N ALA B 158 41.15 9.14 -6.21
CA ALA B 158 40.30 9.85 -7.16
C ALA B 158 39.25 10.70 -6.45
N MET B 159 38.89 10.36 -5.22
CA MET B 159 37.89 11.11 -4.48
C MET B 159 38.42 11.74 -3.20
N THR B 160 39.16 10.99 -2.39
CA THR B 160 39.73 11.53 -1.15
C THR B 160 41.26 11.46 -1.21
N PRO B 161 41.93 12.54 -1.56
CA PRO B 161 43.40 12.52 -1.60
C PRO B 161 43.99 12.37 -0.20
N ILE B 162 45.17 11.76 -0.15
CA ILE B 162 45.88 11.51 1.11
C ILE B 162 47.25 12.16 1.03
N GLY B 163 47.60 12.93 2.06
CA GLY B 163 48.89 13.59 2.13
C GLY B 163 49.62 13.26 3.43
N ARG B 164 50.92 13.57 3.43
CA ARG B 164 51.74 13.35 4.61
C ARG B 164 51.26 14.18 5.79
N GLY B 165 51.30 13.61 6.98
CA GLY B 165 50.90 14.31 8.19
C GLY B 165 49.40 14.42 8.39
N GLN B 166 48.59 13.72 7.61
CA GLN B 166 47.14 13.81 7.66
C GLN B 166 46.56 12.51 8.20
N ARG B 167 45.72 12.62 9.22
CA ARG B 167 45.04 11.46 9.78
C ARG B 167 43.75 11.19 9.00
N GLN B 168 43.59 9.95 8.55
CA GLN B 168 42.40 9.55 7.81
C GLN B 168 41.74 8.37 8.49
N LEU B 169 40.42 8.43 8.60
CA LEU B 169 39.63 7.41 9.27
C LEU B 169 38.99 6.48 8.26
N ILE B 170 38.96 5.19 8.58
CA ILE B 170 38.21 4.20 7.83
C ILE B 170 37.24 3.53 8.80
N ILE B 171 35.95 3.75 8.60
CA ILE B 171 34.90 3.12 9.37
C ILE B 171 34.07 2.27 8.43
N GLY B 172 33.67 1.08 8.89
CA GLY B 172 32.95 0.17 8.03
C GLY B 172 32.18 -0.86 8.82
N ASP B 173 31.26 -1.51 8.13
CA ASP B 173 30.44 -2.56 8.72
C ASP B 173 31.17 -3.89 8.73
N ARG B 174 30.41 -4.97 8.92
CA ARG B 174 30.98 -6.31 9.05
C ARG B 174 31.30 -6.88 7.68
N LYS B 175 32.49 -7.49 7.57
CA LYS B 175 32.89 -8.25 6.38
C LYS B 175 32.81 -7.40 5.11
N THR B 176 33.67 -6.39 5.04
CA THR B 176 33.74 -5.52 3.87
C THR B 176 35.04 -5.64 3.10
N GLY B 177 36.18 -5.70 3.79
CA GLY B 177 37.45 -5.82 3.11
C GLY B 177 38.44 -4.73 3.44
N LYS B 178 38.31 -4.13 4.62
CA LYS B 178 39.24 -3.07 5.03
C LYS B 178 40.66 -3.61 5.18
N THR B 179 40.79 -4.85 5.68
CA THR B 179 42.11 -5.44 5.87
C THR B 179 42.86 -5.58 4.55
N ALA B 180 42.15 -6.00 3.49
CA ALA B 180 42.79 -6.11 2.19
C ALA B 180 43.28 -4.76 1.67
N VAL B 181 42.46 -3.72 1.86
CA VAL B 181 42.85 -2.38 1.43
C VAL B 181 44.10 -1.93 2.18
N CYS B 182 44.14 -2.16 3.50
CA CYS B 182 45.31 -1.76 4.28
C CYS B 182 46.55 -2.51 3.85
N VAL B 183 46.41 -3.82 3.60
CA VAL B 183 47.56 -4.62 3.18
C VAL B 183 48.09 -4.15 1.83
N ASP B 184 47.18 -3.88 0.88
CA ASP B 184 47.60 -3.42 -0.43
C ASP B 184 48.30 -2.06 -0.34
N THR B 185 47.77 -1.16 0.47
CA THR B 185 48.42 0.13 0.67
C THR B 185 49.81 -0.05 1.28
N ILE B 186 49.94 -0.99 2.23
CA ILE B 186 51.23 -1.24 2.86
C ILE B 186 52.24 -1.73 1.83
N LEU B 187 51.84 -2.67 0.98
CA LEU B 187 52.76 -3.27 0.03
C LEU B 187 52.95 -2.45 -1.24
N ASN B 188 52.19 -1.37 -1.42
CA ASN B 188 52.32 -0.56 -2.63
C ASN B 188 53.66 0.15 -2.75
N GLN B 189 54.46 0.23 -1.68
CA GLN B 189 55.65 1.05 -1.67
C GLN B 189 56.92 0.27 -2.02
N ARG B 190 56.79 -0.84 -2.73
CA ARG B 190 57.97 -1.63 -3.09
C ARG B 190 58.90 -0.85 -4.00
N GLU B 191 58.36 -0.17 -5.01
CA GLU B 191 59.19 0.60 -5.92
C GLU B 191 59.88 1.75 -5.19
N ALA B 192 59.17 2.41 -4.29
CA ALA B 192 59.78 3.48 -3.50
C ALA B 192 60.91 2.94 -2.63
N TRP B 193 60.71 1.74 -2.07
CA TRP B 193 61.79 1.13 -1.29
C TRP B 193 63.00 0.81 -2.16
N LEU B 194 62.76 0.38 -3.41
CA LEU B 194 63.87 0.07 -4.29
C LEU B 194 64.72 1.28 -4.63
N THR B 195 64.17 2.49 -4.48
CA THR B 195 64.94 3.70 -4.75
C THR B 195 66.04 3.87 -3.70
N GLY B 196 67.16 4.45 -4.12
CA GLY B 196 68.30 4.60 -3.25
C GLY B 196 68.10 5.53 -2.06
N ASP B 197 67.84 6.81 -2.35
CA ASP B 197 67.72 7.79 -1.28
C ASP B 197 66.46 7.52 -0.46
N PRO B 198 66.49 7.85 0.84
CA PRO B 198 65.33 7.57 1.71
C PRO B 198 64.20 8.59 1.60
N LYS B 199 64.24 9.51 0.64
CA LYS B 199 63.16 10.47 0.50
C LYS B 199 61.86 9.79 0.13
N GLN B 200 61.89 8.82 -0.78
CA GLN B 200 60.73 8.02 -1.10
C GLN B 200 60.55 6.84 -0.14
N GLN B 201 61.58 6.49 0.62
CA GLN B 201 61.48 5.36 1.53
C GLN B 201 60.58 5.71 2.71
N VAL B 202 59.63 4.83 2.99
CA VAL B 202 58.75 4.94 4.14
C VAL B 202 58.78 3.63 4.91
N ARG B 203 58.92 3.74 6.23
CA ARG B 203 58.98 2.57 7.11
C ARG B 203 57.59 2.34 7.69
N CYS B 204 56.87 1.38 7.15
CA CYS B 204 55.52 1.08 7.59
C CYS B 204 55.52 0.05 8.70
N VAL B 205 54.61 0.23 9.65
CA VAL B 205 54.47 -0.67 10.78
C VAL B 205 52.99 -1.02 10.94
N TYR B 206 52.74 -2.18 11.56
CA TYR B 206 51.38 -2.70 11.70
C TYR B 206 51.11 -3.04 13.16
N VAL B 207 49.90 -2.71 13.60
CA VAL B 207 49.47 -3.00 14.97
C VAL B 207 48.20 -3.84 14.88
N ALA B 208 48.23 -5.01 15.51
CA ALA B 208 47.09 -5.92 15.53
C ALA B 208 46.66 -6.14 16.97
N ILE B 209 45.38 -5.89 17.26
CA ILE B 209 44.82 -5.99 18.60
C ILE B 209 43.66 -6.98 18.58
N GLY B 210 43.75 -8.01 19.40
CA GLY B 210 42.65 -8.93 19.59
C GLY B 210 42.22 -9.68 18.35
N GLN B 211 43.18 -10.21 17.60
CA GLN B 211 42.89 -10.99 16.41
C GLN B 211 43.42 -12.41 16.59
N LYS B 212 42.74 -13.36 15.96
CA LYS B 212 43.13 -14.76 16.08
C LYS B 212 44.51 -15.00 15.49
N GLY B 213 45.26 -15.91 16.11
CA GLY B 213 46.63 -16.14 15.69
C GLY B 213 46.73 -16.66 14.26
N THR B 214 45.76 -17.48 13.84
CA THR B 214 45.76 -17.97 12.47
C THR B 214 45.61 -16.83 11.48
N THR B 215 44.75 -15.86 11.79
CA THR B 215 44.59 -14.70 10.92
C THR B 215 45.89 -13.91 10.84
N ILE B 216 46.58 -13.75 11.97
CA ILE B 216 47.86 -13.04 11.97
C ILE B 216 48.87 -13.78 11.10
N ALA B 217 48.92 -15.11 11.23
CA ALA B 217 49.83 -15.89 10.41
C ALA B 217 49.52 -15.74 8.93
N SER B 218 48.24 -15.79 8.57
CA SER B 218 47.85 -15.65 7.17
C SER B 218 48.20 -14.27 6.63
N VAL B 219 47.97 -13.22 7.43
CA VAL B 219 48.31 -11.87 7.00
C VAL B 219 49.82 -11.75 6.79
N LYS B 220 50.60 -12.26 7.74
CA LYS B 220 52.06 -12.20 7.61
C LYS B 220 52.52 -12.97 6.38
N ARG B 221 51.91 -14.13 6.11
CA ARG B 221 52.25 -14.90 4.94
C ARG B 221 51.96 -14.13 3.67
N ALA B 222 50.82 -13.41 3.64
CA ALA B 222 50.54 -12.55 2.50
C ALA B 222 51.61 -11.47 2.36
N LEU B 223 52.06 -10.90 3.47
CA LEU B 223 53.12 -9.91 3.41
C LEU B 223 54.40 -10.47 2.79
N GLU B 224 54.87 -11.62 3.28
CA GLU B 224 56.12 -12.11 2.68
C GLU B 224 55.93 -12.65 1.28
N GLU B 225 54.70 -13.03 0.89
CA GLU B 225 54.45 -13.38 -0.49
C GLU B 225 54.49 -12.15 -1.38
N GLY B 226 54.00 -11.01 -0.89
CA GLY B 226 54.15 -9.77 -1.63
C GLY B 226 55.60 -9.34 -1.75
N GLY B 227 56.42 -9.67 -0.77
CA GLY B 227 57.82 -9.31 -0.78
C GLY B 227 58.17 -8.04 -0.04
N ALA B 228 57.32 -7.58 0.88
CA ALA B 228 57.54 -6.33 1.61
C ALA B 228 57.99 -6.58 3.04
N MET B 229 58.54 -7.76 3.33
CA MET B 229 58.93 -8.09 4.70
C MET B 229 60.11 -7.26 5.19
N GLU B 230 60.88 -6.66 4.27
CA GLU B 230 62.10 -5.96 4.67
C GLU B 230 61.81 -4.72 5.50
N TYR B 231 60.76 -3.98 5.17
CA TYR B 231 60.52 -2.66 5.74
C TYR B 231 59.21 -2.61 6.52
N THR B 232 58.94 -3.63 7.32
CA THR B 232 57.73 -3.65 8.12
C THR B 232 57.96 -4.44 9.39
N THR B 233 57.15 -4.15 10.40
CA THR B 233 57.14 -4.91 11.64
C THR B 233 55.71 -4.98 12.15
N ILE B 234 55.44 -5.97 13.00
CA ILE B 234 54.10 -6.25 13.51
C ILE B 234 54.14 -6.22 15.03
N VAL B 235 53.18 -5.53 15.63
CA VAL B 235 52.98 -5.56 17.07
C VAL B 235 51.61 -6.18 17.29
N ALA B 236 51.59 -7.44 17.71
CA ALA B 236 50.37 -8.22 17.81
C ALA B 236 50.05 -8.56 19.26
N ALA B 237 48.79 -8.40 19.63
CA ALA B 237 48.28 -8.76 20.94
C ALA B 237 47.04 -9.63 20.76
N PRO B 238 47.23 -10.94 20.62
CA PRO B 238 46.08 -11.83 20.42
C PRO B 238 45.16 -11.83 21.62
N ALA B 239 43.99 -12.45 21.43
CA ALA B 239 42.97 -12.49 22.47
C ALA B 239 43.41 -13.30 23.69
N SER B 240 44.40 -14.18 23.54
CA SER B 240 44.84 -15.01 24.65
C SER B 240 45.53 -14.21 25.75
N ASP B 241 45.90 -12.96 25.49
CA ASP B 241 46.56 -12.13 26.49
C ASP B 241 45.54 -11.51 27.43
N ALA B 242 46.05 -10.87 28.49
CA ALA B 242 45.20 -10.19 29.45
C ALA B 242 44.85 -8.79 28.94
N ALA B 243 44.15 -8.02 29.77
CA ALA B 243 43.69 -6.71 29.35
C ALA B 243 44.83 -5.71 29.24
N GLY B 244 45.91 -5.91 29.99
CA GLY B 244 46.98 -4.94 30.00
C GLY B 244 47.65 -4.76 28.65
N PHE B 245 47.94 -5.88 27.98
CA PHE B 245 48.59 -5.81 26.68
C PHE B 245 47.66 -5.15 25.66
N LYS B 246 46.37 -5.49 25.69
CA LYS B 246 45.41 -4.86 24.79
C LYS B 246 45.32 -3.36 25.05
N TRP B 247 45.48 -2.94 26.31
CA TRP B 247 45.42 -1.52 26.63
C TRP B 247 46.71 -0.79 26.25
N LEU B 248 47.85 -1.47 26.28
CA LEU B 248 49.14 -0.78 26.17
C LEU B 248 49.82 -0.93 24.81
N ALA B 249 49.35 -1.82 23.94
CA ALA B 249 50.02 -2.00 22.65
C ALA B 249 50.03 -0.75 21.78
N PRO B 250 48.91 -0.01 21.60
CA PRO B 250 48.97 1.16 20.71
C PRO B 250 49.99 2.19 21.14
N TYR B 251 50.20 2.35 22.45
CA TYR B 251 51.21 3.30 22.92
C TYR B 251 52.61 2.86 22.51
N THR B 252 52.89 1.56 22.58
CA THR B 252 54.18 1.05 22.13
C THR B 252 54.37 1.32 20.64
N GLY B 253 53.33 1.06 19.85
CA GLY B 253 53.42 1.34 18.42
C GLY B 253 53.67 2.81 18.14
N SER B 254 52.96 3.69 18.84
CA SER B 254 53.15 5.12 18.66
C SER B 254 54.56 5.54 19.07
N ALA B 255 55.09 4.94 20.15
CA ALA B 255 56.42 5.30 20.60
C ALA B 255 57.48 4.93 19.56
N ILE B 256 57.42 3.71 19.03
CA ILE B 256 58.42 3.32 18.03
C ILE B 256 58.26 4.18 16.78
N GLY B 257 57.02 4.46 16.38
CA GLY B 257 56.81 5.30 15.20
C GLY B 257 57.37 6.70 15.36
N GLN B 258 57.11 7.33 16.52
CA GLN B 258 57.59 8.68 16.73
C GLN B 258 59.11 8.71 16.87
N HIS B 259 59.70 7.65 17.44
CA HIS B 259 61.15 7.59 17.52
C HIS B 259 61.77 7.53 16.13
N TRP B 260 61.22 6.68 15.25
CA TRP B 260 61.76 6.66 13.89
C TRP B 260 61.50 7.97 13.17
N MET B 261 60.38 8.63 13.46
CA MET B 261 60.10 9.92 12.83
C MET B 261 61.11 10.98 13.25
N TYR B 262 61.50 10.96 14.53
CA TYR B 262 62.34 12.02 15.07
C TYR B 262 63.67 12.16 14.34
N ASN B 263 64.15 11.09 13.71
CA ASN B 263 65.40 11.13 12.96
C ASN B 263 65.21 11.63 11.53
N GLY B 264 63.99 11.95 11.12
CA GLY B 264 63.73 12.46 9.79
C GLY B 264 63.26 11.45 8.79
N LYS B 265 62.96 10.23 9.20
CA LYS B 265 62.52 9.17 8.29
C LYS B 265 61.00 9.14 8.25
N HIS B 266 60.45 8.99 7.05
CA HIS B 266 59.00 8.92 6.88
C HIS B 266 58.51 7.54 7.29
N VAL B 267 57.49 7.50 8.16
CA VAL B 267 56.90 6.26 8.64
C VAL B 267 55.38 6.37 8.56
N LEU B 268 54.73 5.21 8.59
CA LEU B 268 53.27 5.15 8.43
C LEU B 268 52.73 4.11 9.41
N ILE B 269 51.89 4.56 10.34
CA ILE B 269 51.32 3.70 11.38
C ILE B 269 49.90 3.32 11.00
N VAL B 270 49.56 2.05 11.21
CA VAL B 270 48.23 1.53 10.92
C VAL B 270 47.71 0.81 12.16
N PHE B 271 46.50 1.15 12.58
CA PHE B 271 45.83 0.49 13.70
C PHE B 271 44.73 -0.42 13.17
N ASP B 272 44.72 -1.68 13.64
CA ASP B 272 43.71 -2.62 13.17
C ASP B 272 42.33 -2.27 13.72
N ASP B 273 42.25 -1.91 15.00
CA ASP B 273 40.97 -1.64 15.64
C ASP B 273 41.19 -0.77 16.86
N LEU B 274 40.15 -0.06 17.26
CA LEU B 274 40.14 0.69 18.51
C LEU B 274 39.06 0.25 19.47
N SER B 275 38.05 -0.49 19.02
CA SER B 275 36.97 -0.92 19.89
C SER B 275 37.47 -1.87 20.98
N LYS B 276 38.42 -2.74 20.62
CA LYS B 276 38.95 -3.69 21.60
C LYS B 276 39.67 -2.96 22.73
N GLN B 277 40.44 -1.93 22.39
CA GLN B 277 41.12 -1.15 23.42
C GLN B 277 40.12 -0.46 24.34
N ALA B 278 39.06 0.10 23.78
CA ALA B 278 38.02 0.73 24.60
C ALA B 278 37.36 -0.29 25.52
N ASP B 279 37.10 -1.49 25.00
CA ASP B 279 36.49 -2.54 25.82
C ASP B 279 37.39 -2.94 26.97
N ALA B 280 38.70 -3.09 26.70
CA ALA B 280 39.64 -3.42 27.76
C ALA B 280 39.71 -2.31 28.80
N TYR B 281 39.71 -1.05 28.36
CA TYR B 281 39.75 0.07 29.30
C TYR B 281 38.50 0.09 30.17
N ARG B 282 37.34 -0.14 29.57
CA ARG B 282 36.10 -0.21 30.35
C ARG B 282 36.14 -1.34 31.35
N ALA B 283 36.64 -2.51 30.95
CA ALA B 283 36.72 -3.64 31.85
C ALA B 283 37.60 -3.33 33.05
N ILE B 284 38.79 -2.78 32.80
CA ILE B 284 39.71 -2.52 33.91
C ILE B 284 39.16 -1.41 34.81
N SER B 285 38.52 -0.40 34.23
CA SER B 285 37.95 0.68 35.03
C SER B 285 36.84 0.16 35.93
N LEU B 286 35.94 -0.66 35.39
CA LEU B 286 34.85 -1.19 36.21
C LEU B 286 35.37 -2.14 37.28
N LEU B 287 36.37 -2.96 36.94
CA LEU B 287 36.97 -3.83 37.95
C LEU B 287 37.70 -3.04 39.02
N LEU B 288 38.17 -1.83 38.71
CA LEU B 288 38.85 -0.98 39.67
C LEU B 288 37.90 -0.18 40.55
N ARG B 289 36.60 -0.43 40.42
CA ARG B 289 35.58 0.24 41.23
C ARG B 289 35.64 1.75 41.07
N ARG B 290 35.43 2.21 39.83
CA ARG B 290 35.40 3.63 39.54
C ARG B 290 34.01 4.03 39.05
N PRO B 291 33.60 5.28 39.27
CA PRO B 291 32.25 5.69 38.90
C PRO B 291 32.00 5.53 37.42
N PRO B 292 30.87 4.93 37.05
CA PRO B 292 30.53 4.76 35.64
C PRO B 292 29.67 5.90 35.13
N GLY B 293 29.48 5.91 33.81
CA GLY B 293 28.68 6.94 33.18
C GLY B 293 27.75 6.42 32.10
N ARG B 294 27.62 7.15 31.01
CA ARG B 294 26.73 6.74 29.92
C ARG B 294 27.27 5.48 29.25
N GLU B 295 26.36 4.54 28.97
CA GLU B 295 26.70 3.28 28.31
C GLU B 295 27.74 2.49 29.10
N ALA B 296 27.72 2.65 30.42
CA ALA B 296 28.67 2.00 31.32
C ALA B 296 30.12 2.27 30.89
N PHE B 297 30.38 3.51 30.49
CA PHE B 297 31.71 3.89 30.05
C PHE B 297 32.32 4.90 31.01
N PRO B 298 33.62 4.79 31.27
CA PRO B 298 34.28 5.79 32.12
C PRO B 298 34.28 7.15 31.44
N GLY B 299 34.44 8.19 32.26
CA GLY B 299 34.42 9.53 31.72
C GLY B 299 35.61 9.82 30.82
N ASP B 300 36.81 9.37 31.20
CA ASP B 300 38.04 9.80 30.56
C ASP B 300 38.30 9.11 29.23
N VAL B 301 37.45 8.18 28.81
CA VAL B 301 37.73 7.37 27.63
C VAL B 301 37.99 8.25 26.42
N PHE B 302 37.15 9.28 26.22
CA PHE B 302 37.35 10.22 25.12
C PHE B 302 38.74 10.82 25.17
N TYR B 303 39.14 11.34 26.33
CA TYR B 303 40.48 11.91 26.48
C TYR B 303 41.54 10.89 26.10
N LEU B 304 41.31 9.62 26.45
CA LEU B 304 42.26 8.57 26.10
C LEU B 304 42.56 8.58 24.61
N HIS B 305 41.52 8.64 23.79
CA HIS B 305 41.73 8.65 22.34
C HIS B 305 42.54 9.87 21.93
N SER B 306 42.26 11.03 22.52
CA SER B 306 43.00 12.24 22.18
C SER B 306 44.48 12.10 22.48
N ARG B 307 44.84 11.20 23.39
CA ARG B 307 46.25 11.03 23.73
C ARG B 307 46.98 10.10 22.76
N LEU B 308 46.24 9.38 21.91
CA LEU B 308 46.86 8.42 21.00
C LEU B 308 46.77 8.81 19.54
N LEU B 309 45.81 9.64 19.17
CA LEU B 309 45.60 10.01 17.78
C LEU B 309 46.16 11.39 17.44
N GLU B 310 46.39 12.24 18.43
CA GLU B 310 46.88 13.59 18.19
C GLU B 310 48.39 13.67 18.09
N ARG B 311 49.09 12.55 18.26
CA ARG B 311 50.55 12.56 18.10
C ARG B 311 50.96 12.85 16.67
N CYS B 312 50.24 12.28 15.71
CA CYS B 312 50.62 12.42 14.31
C CYS B 312 50.42 13.85 13.83
N ALA B 313 51.44 14.38 13.16
CA ALA B 313 51.40 15.73 12.60
C ALA B 313 52.62 15.92 11.72
N LYS B 314 52.48 16.81 10.74
CA LYS B 314 53.61 17.18 9.89
C LYS B 314 54.58 18.06 10.67
N LEU B 315 55.87 17.84 10.47
CA LEU B 315 56.92 18.57 11.18
C LEU B 315 57.44 19.73 10.35
N SER B 316 58.12 20.64 11.04
CA SER B 316 58.77 21.77 10.39
C SER B 316 60.18 21.40 9.98
N ASP B 317 60.70 22.13 9.00
CA ASP B 317 62.04 21.87 8.49
C ASP B 317 63.12 22.12 9.53
N GLU B 318 62.84 22.95 10.54
CA GLU B 318 63.84 23.23 11.57
C GLU B 318 64.15 21.99 12.40
N LEU B 319 63.19 21.08 12.54
CA LEU B 319 63.37 19.87 13.33
C LEU B 319 63.66 18.65 12.47
N GLY B 320 63.87 18.83 11.17
CA GLY B 320 64.15 17.74 10.26
C GLY B 320 63.05 17.44 9.27
N GLY B 321 61.87 18.00 9.45
CA GLY B 321 60.77 17.76 8.51
C GLY B 321 60.30 16.32 8.49
N GLY B 322 60.18 15.69 9.66
CA GLY B 322 59.66 14.34 9.72
C GLY B 322 58.17 14.30 9.42
N SER B 323 57.68 13.09 9.14
CA SER B 323 56.27 12.92 8.78
C SER B 323 55.77 11.57 9.26
N MET B 324 54.48 11.53 9.58
CA MET B 324 53.81 10.30 9.98
C MET B 324 52.38 10.36 9.48
N THR B 325 51.77 9.18 9.32
CA THR B 325 50.39 9.10 8.88
C THR B 325 49.73 7.90 9.54
N GLY B 326 48.52 8.10 10.07
CA GLY B 326 47.80 7.06 10.77
C GLY B 326 46.48 6.74 10.07
N LEU B 327 46.11 5.47 10.12
CA LEU B 327 44.86 4.98 9.53
C LEU B 327 44.11 4.16 10.57
N PRO B 328 43.44 4.81 11.51
CA PRO B 328 42.59 4.07 12.45
C PRO B 328 41.43 3.41 11.73
N ILE B 329 41.00 2.26 12.26
CA ILE B 329 39.92 1.49 11.69
C ILE B 329 38.84 1.29 12.75
N ILE B 330 37.59 1.58 12.38
CA ILE B 330 36.45 1.45 13.28
C ILE B 330 35.40 0.57 12.62
N GLU B 331 34.83 -0.33 13.41
CA GLU B 331 33.76 -1.21 12.97
C GLU B 331 32.46 -0.82 13.66
N THR B 332 31.36 -0.91 12.94
CA THR B 332 30.04 -0.62 13.47
C THR B 332 29.07 -1.70 13.03
N LYS B 333 28.03 -1.92 13.82
CA LYS B 333 27.08 -3.00 13.62
C LYS B 333 25.74 -2.45 13.15
N ALA B 334 25.13 -3.15 12.20
CA ALA B 334 23.79 -2.84 11.68
C ALA B 334 23.73 -1.43 11.09
N ASN B 335 24.84 -0.95 10.53
CA ASN B 335 24.90 0.34 9.86
C ASN B 335 24.42 1.47 10.78
N ASP B 336 25.11 1.61 11.91
CA ASP B 336 24.81 2.65 12.88
C ASP B 336 26.00 3.60 12.98
N ILE B 337 25.71 4.90 13.03
CA ILE B 337 26.76 5.92 13.05
C ILE B 337 26.62 6.76 14.31
N SER B 338 25.42 6.81 14.87
CA SER B 338 25.14 7.64 16.05
C SER B 338 25.63 7.02 17.35
N ALA B 339 26.43 5.95 17.34
CA ALA B 339 26.91 5.37 18.59
C ALA B 339 27.96 6.26 19.23
N PHE B 340 28.22 6.01 20.51
CA PHE B 340 29.10 6.86 21.31
C PHE B 340 30.50 6.93 20.71
N ILE B 341 31.20 5.79 20.66
CA ILE B 341 32.58 5.78 20.18
C ILE B 341 32.67 6.24 18.72
N PRO B 342 31.85 5.76 17.78
CA PRO B 342 31.96 6.27 16.41
C PRO B 342 31.78 7.77 16.31
N THR B 343 30.83 8.35 17.04
CA THR B 343 30.65 9.79 17.00
C THR B 343 31.86 10.52 17.56
N ASN B 344 32.41 10.03 18.67
CA ASN B 344 33.58 10.67 19.25
C ASN B 344 34.76 10.64 18.29
N VAL B 345 35.03 9.48 17.69
CA VAL B 345 36.19 9.36 16.82
C VAL B 345 35.98 10.17 15.54
N ILE B 346 34.75 10.22 15.02
CA ILE B 346 34.47 11.03 13.84
C ILE B 346 34.70 12.50 14.14
N SER B 347 34.24 12.96 15.31
CA SER B 347 34.45 14.35 15.68
C SER B 347 35.91 14.67 15.96
N ILE B 348 36.71 13.67 16.36
CA ILE B 348 38.10 13.93 16.72
C ILE B 348 39.04 13.96 15.52
N THR B 349 38.61 13.48 14.36
CA THR B 349 39.47 13.39 13.18
C THR B 349 38.77 14.00 11.97
N ASP B 350 39.52 14.10 10.88
CA ASP B 350 39.04 14.66 9.62
C ASP B 350 39.22 13.64 8.50
N GLY B 351 38.29 13.64 7.55
CA GLY B 351 38.36 12.70 6.44
C GLY B 351 37.79 11.35 6.80
N GLN B 352 36.89 10.83 5.97
CA GLN B 352 36.21 9.58 6.26
C GLN B 352 36.10 8.77 4.98
N CYS B 353 35.95 7.46 5.16
CA CYS B 353 35.79 6.52 4.05
C CYS B 353 34.75 5.49 4.48
N PHE B 354 33.50 5.71 4.10
CA PHE B 354 32.42 4.81 4.48
C PHE B 354 32.42 3.58 3.59
N LEU B 355 32.23 2.42 4.21
CA LEU B 355 32.23 1.13 3.51
C LEU B 355 30.88 0.45 3.76
N GLU B 356 29.94 0.69 2.85
CA GLU B 356 28.61 0.09 2.96
C GLU B 356 28.65 -1.36 2.48
N SER B 357 27.96 -2.25 3.21
CA SER B 357 27.94 -3.65 2.84
C SER B 357 27.13 -3.89 1.57
N ASP B 358 26.15 -3.04 1.29
CA ASP B 358 25.31 -3.23 0.11
C ASP B 358 26.11 -3.12 -1.19
N LEU B 359 27.02 -2.15 -1.25
CA LEU B 359 27.81 -1.96 -2.46
C LEU B 359 28.72 -3.16 -2.70
N PHE B 360 29.31 -3.72 -1.64
CA PHE B 360 30.11 -4.93 -1.81
C PHE B 360 29.24 -6.15 -2.06
N ASN B 361 27.95 -6.09 -1.72
CA ASN B 361 27.07 -7.24 -1.89
C ASN B 361 27.01 -7.64 -3.36
N GLN B 362 26.97 -6.67 -4.26
CA GLN B 362 27.02 -6.95 -5.69
C GLN B 362 27.67 -5.77 -6.41
N GLY B 363 28.37 -6.06 -7.49
CA GLY B 363 28.97 -5.02 -8.30
C GLY B 363 30.36 -4.60 -7.88
N VAL B 364 30.47 -3.42 -7.27
CA VAL B 364 31.78 -2.85 -6.96
C VAL B 364 32.43 -3.63 -5.83
N ARG B 365 33.69 -4.01 -6.04
CA ARG B 365 34.47 -4.73 -5.03
C ARG B 365 35.07 -3.80 -3.99
N PRO B 366 35.69 -2.66 -4.37
CA PRO B 366 36.13 -1.72 -3.33
C PRO B 366 35.00 -1.22 -2.47
N ALA B 367 33.80 -1.04 -3.05
CA ALA B 367 32.58 -0.74 -2.30
C ALA B 367 32.72 0.53 -1.44
N ILE B 368 33.36 1.55 -2.00
CA ILE B 368 33.50 2.83 -1.32
C ILE B 368 32.29 3.70 -1.66
N ASN B 369 31.64 4.22 -0.63
CA ASN B 369 30.53 5.12 -0.85
C ASN B 369 31.03 6.45 -1.43
N VAL B 370 30.19 7.06 -2.26
CA VAL B 370 30.56 8.24 -3.02
C VAL B 370 29.88 9.50 -2.50
N GLY B 371 28.60 9.41 -2.11
CA GLY B 371 27.87 10.58 -1.69
C GLY B 371 28.20 11.06 -0.29
N VAL B 372 28.92 10.27 0.49
CA VAL B 372 29.23 10.62 1.86
C VAL B 372 30.73 10.84 2.09
N SER B 373 31.59 10.19 1.31
CA SER B 373 33.03 10.33 1.49
C SER B 373 33.47 11.77 1.25
N VAL B 374 34.43 12.23 2.06
CA VAL B 374 34.94 13.59 1.94
C VAL B 374 36.33 13.62 2.55
N SER B 375 37.17 14.53 2.04
CA SER B 375 38.52 14.75 2.57
C SER B 375 38.69 16.24 2.83
N ARG B 376 39.26 16.57 3.99
CA ARG B 376 39.41 17.97 4.36
C ARG B 376 40.50 18.66 3.54
N VAL B 377 41.66 18.01 3.38
CA VAL B 377 42.77 18.65 2.68
C VAL B 377 42.43 18.82 1.20
N GLY B 378 41.96 17.76 0.56
CA GLY B 378 41.52 17.87 -0.83
C GLY B 378 42.67 18.21 -1.77
N GLY B 379 42.46 19.28 -2.56
CA GLY B 379 43.36 19.60 -3.65
C GLY B 379 44.78 19.91 -3.24
N ALA B 380 45.00 20.24 -1.97
CA ALA B 380 46.37 20.48 -1.50
C ALA B 380 47.21 19.22 -1.53
N ALA B 381 46.59 18.04 -1.58
CA ALA B 381 47.30 16.78 -1.65
C ALA B 381 47.17 16.11 -3.02
N GLN B 382 46.83 16.88 -4.06
CA GLN B 382 46.57 16.35 -5.38
C GLN B 382 47.69 16.73 -6.34
N ILE B 383 48.16 15.74 -7.11
CA ILE B 383 49.13 16.01 -8.16
C ILE B 383 48.45 16.76 -9.30
N LYS B 384 49.21 17.66 -9.94
CA LYS B 384 48.63 18.58 -10.91
C LYS B 384 47.99 17.83 -12.09
N ALA B 385 48.67 16.80 -12.60
CA ALA B 385 48.18 16.13 -13.81
C ALA B 385 46.83 15.49 -13.60
N MET B 386 46.70 14.65 -12.58
CA MET B 386 45.42 13.99 -12.32
C MET B 386 44.38 14.93 -11.74
N LYS B 387 44.79 16.02 -11.10
CA LYS B 387 43.84 17.05 -10.72
C LYS B 387 43.21 17.69 -11.96
N GLU B 388 44.03 17.96 -12.97
CA GLU B 388 43.50 18.47 -14.23
C GLU B 388 42.60 17.44 -14.91
N VAL B 389 43.03 16.18 -14.92
CA VAL B 389 42.27 15.13 -15.61
C VAL B 389 41.00 14.76 -14.86
N ALA B 390 40.90 15.12 -13.57
CA ALA B 390 39.74 14.73 -12.78
C ALA B 390 38.45 15.27 -13.38
N GLY B 391 38.45 16.53 -13.80
CA GLY B 391 37.30 17.09 -14.48
C GLY B 391 36.04 17.16 -13.67
N SER B 392 36.13 17.01 -12.35
CA SER B 392 34.99 17.08 -11.44
C SER B 392 33.92 16.06 -11.81
N LEU B 393 34.31 14.79 -11.76
CA LEU B 393 33.36 13.70 -12.00
C LEU B 393 32.53 13.37 -10.78
N ARG B 394 32.80 14.00 -9.64
CA ARG B 394 31.96 13.81 -8.46
C ARG B 394 30.53 14.29 -8.72
N LEU B 395 30.39 15.52 -9.23
CA LEU B 395 29.07 16.04 -9.56
C LEU B 395 28.44 15.25 -10.70
N ASP B 396 29.26 14.81 -11.65
CA ASP B 396 28.74 14.01 -12.76
C ASP B 396 28.14 12.71 -12.26
N LEU B 397 28.84 12.01 -11.36
CA LEU B 397 28.29 10.79 -10.78
C LEU B 397 27.07 11.08 -9.92
N SER B 398 27.07 12.21 -9.20
CA SER B 398 25.92 12.55 -8.38
C SER B 398 24.67 12.73 -9.23
N GLN B 399 24.78 13.51 -10.32
CA GLN B 399 23.63 13.69 -11.18
C GLN B 399 23.28 12.41 -11.93
N TYR B 400 24.28 11.57 -12.22
CA TYR B 400 24.02 10.29 -12.85
C TYR B 400 23.17 9.40 -11.94
N ARG B 401 23.48 9.39 -10.64
CA ARG B 401 22.68 8.64 -9.70
C ARG B 401 21.28 9.24 -9.55
N GLU B 402 21.20 10.57 -9.44
CA GLU B 402 19.90 11.21 -9.36
C GLU B 402 19.06 10.97 -10.60
N LEU B 403 19.71 10.72 -11.74
CA LEU B 403 19.00 10.45 -12.98
C LEU B 403 18.63 8.98 -13.16
N GLU B 404 19.43 8.05 -12.61
CA GLU B 404 18.96 6.67 -12.58
C GLU B 404 17.79 6.51 -11.61
N ALA B 405 17.81 7.27 -10.51
CA ALA B 405 16.68 7.22 -9.58
C ALA B 405 15.38 7.65 -10.25
N PHE B 406 15.47 8.43 -11.34
CA PHE B 406 14.29 8.83 -12.09
C PHE B 406 14.01 7.87 -13.24
N ALA B 407 14.99 7.65 -14.10
CA ALA B 407 14.81 7.02 -15.40
C ALA B 407 15.10 5.53 -15.38
N ALA B 408 14.80 4.86 -14.26
CA ALA B 408 14.99 3.41 -14.21
C ALA B 408 14.06 2.69 -15.17
N PHE B 409 12.90 3.30 -15.50
CA PHE B 409 11.91 2.68 -16.37
C PHE B 409 11.67 3.52 -17.62
N ALA B 410 12.62 4.37 -17.98
CA ALA B 410 12.42 5.32 -19.07
C ALA B 410 12.70 4.67 -20.41
N SER B 411 11.87 4.99 -21.40
CA SER B 411 12.11 4.63 -22.79
C SER B 411 12.45 5.82 -23.66
N ASP B 412 11.82 6.97 -23.43
CA ASP B 412 12.11 8.20 -24.14
C ASP B 412 12.76 9.20 -23.18
N LEU B 413 13.83 9.85 -23.65
CA LEU B 413 14.57 10.78 -22.82
C LEU B 413 15.12 11.89 -23.71
N ASP B 414 15.74 12.88 -23.07
CA ASP B 414 16.50 13.87 -23.80
C ASP B 414 17.83 13.26 -24.25
N ALA B 415 18.29 13.70 -25.43
CA ALA B 415 19.51 13.12 -25.99
C ALA B 415 20.70 13.34 -25.06
N ALA B 416 20.84 14.55 -24.52
CA ALA B 416 21.92 14.82 -23.57
C ALA B 416 21.76 13.96 -22.32
N SER B 417 20.52 13.76 -21.87
CA SER B 417 20.29 12.92 -20.70
C SER B 417 20.71 11.48 -20.96
N LYS B 418 20.36 10.94 -22.13
CA LYS B 418 20.79 9.58 -22.47
C LYS B 418 22.30 9.48 -22.54
N ALA B 419 22.96 10.46 -23.16
CA ALA B 419 24.40 10.45 -23.25
C ALA B 419 25.04 10.50 -21.87
N GLN B 420 24.53 11.37 -21.00
CA GLN B 420 25.09 11.48 -19.65
C GLN B 420 24.88 10.19 -18.87
N LEU B 421 23.72 9.56 -19.01
CA LEU B 421 23.46 8.29 -18.34
C LEU B 421 24.45 7.22 -18.82
N ASP B 422 24.68 7.15 -20.13
CA ASP B 422 25.62 6.17 -20.66
C ASP B 422 27.04 6.43 -20.16
N ARG B 423 27.46 7.70 -20.16
CA ARG B 423 28.78 8.04 -19.64
C ARG B 423 28.92 7.67 -18.17
N GLY B 424 27.89 7.97 -17.37
CA GLY B 424 27.95 7.60 -15.96
C GLY B 424 28.05 6.11 -15.76
N ALA B 425 27.28 5.33 -16.51
CA ALA B 425 27.37 3.88 -16.40
C ALA B 425 28.75 3.39 -16.78
N ARG B 426 29.33 3.94 -17.86
CA ARG B 426 30.65 3.51 -18.28
C ARG B 426 31.71 3.83 -17.22
N LEU B 427 31.64 5.04 -16.63
CA LEU B 427 32.61 5.40 -15.61
C LEU B 427 32.46 4.52 -14.36
N VAL B 428 31.22 4.23 -13.96
CA VAL B 428 31.01 3.37 -12.79
C VAL B 428 31.57 1.97 -13.07
N GLU B 429 31.30 1.42 -14.25
CA GLU B 429 31.84 0.10 -14.56
C GLU B 429 33.35 0.12 -14.67
N LEU B 430 33.93 1.28 -15.03
CA LEU B 430 35.38 1.40 -15.06
C LEU B 430 35.99 1.47 -13.67
N LEU B 431 35.30 2.12 -12.74
CA LEU B 431 35.87 2.36 -11.42
C LEU B 431 36.13 1.08 -10.63
N LYS B 432 35.51 -0.03 -11.01
CA LYS B 432 35.72 -1.28 -10.29
C LYS B 432 37.17 -1.74 -10.42
N GLN B 433 37.68 -2.37 -9.37
CA GLN B 433 39.05 -2.85 -9.35
C GLN B 433 39.17 -4.07 -8.44
N PRO B 434 39.82 -5.14 -8.89
CA PRO B 434 39.94 -6.34 -8.05
C PRO B 434 40.92 -6.16 -6.91
N GLN B 435 41.07 -7.19 -6.08
CA GLN B 435 41.94 -7.13 -4.91
C GLN B 435 43.36 -7.57 -5.28
N TYR B 436 44.29 -7.26 -4.38
CA TYR B 436 45.71 -7.59 -4.55
C TYR B 436 46.26 -7.05 -5.87
N SER B 437 45.75 -5.91 -6.33
CA SER B 437 46.13 -5.32 -7.60
C SER B 437 46.49 -3.86 -7.38
N PRO B 438 47.67 -3.57 -6.84
CA PRO B 438 48.13 -2.18 -6.78
C PRO B 438 48.49 -1.68 -8.17
N LEU B 439 48.27 -0.39 -8.39
CA LEU B 439 48.57 0.25 -9.66
C LEU B 439 49.45 1.47 -9.43
N ALA B 440 50.30 1.77 -10.40
CA ALA B 440 51.09 2.99 -10.36
C ALA B 440 50.27 4.18 -10.83
N VAL B 441 50.84 5.37 -10.70
CA VAL B 441 50.11 6.59 -11.00
C VAL B 441 49.83 6.71 -12.49
N GLU B 442 50.80 6.33 -13.33
CA GLU B 442 50.70 6.63 -14.75
C GLU B 442 49.53 5.89 -15.41
N GLU B 443 49.37 4.60 -15.10
CA GLU B 443 48.28 3.84 -15.70
C GLU B 443 46.93 4.34 -15.21
N GLN B 444 46.84 4.74 -13.94
CA GLN B 444 45.59 5.30 -13.42
C GLN B 444 45.26 6.61 -14.12
N VAL B 445 46.26 7.46 -14.34
CA VAL B 445 46.03 8.71 -15.04
C VAL B 445 45.57 8.45 -16.47
N VAL B 446 46.19 7.48 -17.14
CA VAL B 446 45.78 7.13 -18.50
C VAL B 446 44.34 6.62 -18.49
N ALA B 447 44.00 5.77 -17.52
CA ALA B 447 42.65 5.21 -17.46
C ALA B 447 41.60 6.29 -17.22
N ILE B 448 41.88 7.21 -16.30
CA ILE B 448 40.89 8.26 -16.02
C ILE B 448 40.80 9.22 -17.20
N PHE B 449 41.90 9.48 -17.91
CA PHE B 449 41.82 10.28 -19.12
C PHE B 449 40.97 9.59 -20.18
N LEU B 450 41.11 8.27 -20.31
CA LEU B 450 40.25 7.51 -21.22
C LEU B 450 38.79 7.63 -20.81
N GLY B 451 38.51 7.52 -19.52
CA GLY B 451 37.13 7.58 -19.06
C GLY B 451 36.49 8.94 -19.27
N THR B 452 37.22 10.01 -18.95
CA THR B 452 36.64 11.35 -19.00
C THR B 452 36.36 11.78 -20.43
N GLN B 453 37.28 11.50 -21.36
CA GLN B 453 37.14 11.97 -22.73
C GLN B 453 36.01 11.29 -23.48
N GLY B 454 35.46 10.20 -22.96
CA GLY B 454 34.38 9.51 -23.64
C GLY B 454 34.79 8.67 -24.81
N HIS B 455 36.10 8.38 -24.95
CA HIS B 455 36.56 7.56 -26.07
C HIS B 455 36.00 6.15 -26.00
N LEU B 456 35.66 5.68 -24.81
CA LEU B 456 35.12 4.34 -24.60
C LEU B 456 33.61 4.28 -24.66
N ASP B 457 32.96 5.39 -25.03
CA ASP B 457 31.49 5.42 -25.03
C ASP B 457 30.90 4.39 -25.98
N SER B 458 31.62 4.04 -27.05
CA SER B 458 31.13 3.03 -27.98
C SER B 458 31.47 1.61 -27.55
N VAL B 459 32.30 1.44 -26.53
CA VAL B 459 32.62 0.10 -26.02
C VAL B 459 31.39 -0.49 -25.32
N PRO B 460 31.02 -1.73 -25.59
CA PRO B 460 29.85 -2.32 -24.93
C PRO B 460 30.02 -2.32 -23.42
N VAL B 461 28.93 -1.99 -22.70
CA VAL B 461 28.99 -1.77 -21.27
C VAL B 461 29.34 -3.04 -20.49
N GLU B 462 29.09 -4.22 -21.07
CA GLU B 462 29.35 -5.46 -20.35
C GLU B 462 30.82 -5.86 -20.37
N ASP B 463 31.64 -5.24 -21.24
CA ASP B 463 32.99 -5.73 -21.46
C ASP B 463 34.01 -4.59 -21.53
N VAL B 464 33.72 -3.45 -20.90
CA VAL B 464 34.68 -2.35 -20.93
C VAL B 464 35.94 -2.71 -20.15
N GLN B 465 35.79 -3.22 -18.92
CA GLN B 465 36.92 -3.44 -18.03
C GLN B 465 38.00 -4.26 -18.72
N ARG B 466 37.66 -5.51 -19.06
CA ARG B 466 38.62 -6.39 -19.71
C ARG B 466 39.27 -5.70 -20.90
N PHE B 467 38.45 -5.01 -21.70
CA PHE B 467 38.96 -4.32 -22.88
C PHE B 467 40.11 -3.40 -22.51
N GLU B 468 39.89 -2.51 -21.54
CA GLU B 468 40.93 -1.56 -21.15
C GLU B 468 42.19 -2.31 -20.77
N SER B 469 42.02 -3.46 -20.11
CA SER B 469 43.14 -4.32 -19.76
C SER B 469 44.11 -4.47 -20.93
N GLU B 470 43.63 -5.04 -22.04
CA GLU B 470 44.54 -5.27 -23.15
C GLU B 470 45.24 -3.98 -23.56
N LEU B 471 44.47 -2.89 -23.63
CA LEU B 471 45.06 -1.62 -24.05
C LEU B 471 46.25 -1.27 -23.19
N LEU B 472 46.09 -1.31 -21.86
CA LEU B 472 47.20 -0.92 -21.00
C LEU B 472 48.38 -1.84 -21.22
N GLU B 473 48.12 -3.15 -21.35
CA GLU B 473 49.20 -4.08 -21.67
C GLU B 473 49.87 -3.69 -22.97
N HIS B 474 49.05 -3.45 -24.02
CA HIS B 474 49.60 -2.97 -25.27
C HIS B 474 50.29 -1.63 -25.08
N VAL B 475 49.72 -0.77 -24.24
CA VAL B 475 50.34 0.50 -23.93
C VAL B 475 51.69 0.27 -23.27
N LYS B 476 51.79 -0.76 -22.43
CA LYS B 476 53.06 -1.07 -21.79
C LYS B 476 54.00 -1.81 -22.73
N ALA B 477 53.49 -2.31 -23.86
CA ALA B 477 54.30 -3.17 -24.73
C ALA B 477 55.01 -2.38 -25.83
N SER B 478 54.26 -1.70 -26.67
CA SER B 478 54.81 -1.06 -27.86
C SER B 478 55.20 0.40 -27.66
N HIS B 479 54.98 0.94 -26.46
CA HIS B 479 55.29 2.34 -26.23
C HIS B 479 55.76 2.53 -24.79
N SER B 480 56.76 3.39 -24.61
CA SER B 480 57.26 3.71 -23.28
C SER B 480 57.60 5.18 -23.09
N ASP B 481 57.48 6.02 -24.12
CA ASP B 481 57.85 7.42 -23.98
C ASP B 481 56.84 8.19 -23.15
N ILE B 482 55.55 7.83 -23.25
CA ILE B 482 54.51 8.53 -22.51
C ILE B 482 54.72 8.37 -21.01
N PHE B 483 55.05 7.16 -20.57
CA PHE B 483 55.32 6.95 -19.14
C PHE B 483 56.54 7.75 -18.69
N ASP B 484 57.58 7.79 -19.52
CA ASP B 484 58.76 8.60 -19.17
C ASP B 484 58.38 10.06 -19.01
N GLY B 485 57.58 10.60 -19.94
CA GLY B 485 57.18 11.99 -19.84
C GLY B 485 56.35 12.26 -18.60
N ILE B 486 55.36 11.41 -18.34
CA ILE B 486 54.47 11.62 -17.20
C ILE B 486 55.22 11.44 -15.89
N ARG B 487 56.32 10.67 -15.90
CA ARG B 487 57.11 10.53 -14.68
C ARG B 487 58.12 11.65 -14.51
N GLU B 488 58.58 12.27 -15.60
CA GLU B 488 59.58 13.31 -15.47
C GLU B 488 58.98 14.69 -15.27
N THR B 489 57.80 14.96 -15.81
CA THR B 489 57.19 16.28 -15.67
C THR B 489 55.92 16.29 -14.84
N LYS B 490 55.32 15.13 -14.57
CA LYS B 490 54.06 15.05 -13.82
C LYS B 490 52.98 15.91 -14.46
N LYS B 491 52.94 15.91 -15.80
CA LYS B 491 52.01 16.76 -16.53
C LYS B 491 51.75 16.13 -17.88
N LEU B 492 50.56 16.37 -18.41
CA LEU B 492 50.11 15.80 -19.67
C LEU B 492 50.21 16.86 -20.76
N SER B 493 50.96 16.55 -21.82
CA SER B 493 51.20 17.48 -22.91
C SER B 493 50.26 17.21 -24.08
N GLU B 494 50.16 18.21 -24.96
CA GLU B 494 49.27 18.09 -26.11
C GLU B 494 49.73 17.00 -27.08
N GLU B 495 51.04 16.94 -27.35
CA GLU B 495 51.54 15.92 -28.27
C GLU B 495 51.34 14.52 -27.70
N ALA B 496 51.55 14.37 -26.39
CA ALA B 496 51.28 13.09 -25.75
C ALA B 496 49.82 12.71 -25.88
N GLU B 497 48.91 13.68 -25.70
CA GLU B 497 47.49 13.41 -25.85
C GLU B 497 47.16 12.97 -27.27
N GLU B 498 47.76 13.63 -28.27
CA GLU B 498 47.50 13.25 -29.66
C GLU B 498 48.01 11.86 -29.95
N LYS B 499 49.20 11.52 -29.46
CA LYS B 499 49.75 10.19 -29.67
C LYS B 499 48.88 9.13 -28.99
N LEU B 500 48.41 9.42 -27.78
CA LEU B 500 47.52 8.49 -27.09
C LEU B 500 46.20 8.31 -27.85
N VAL B 501 45.67 9.40 -28.40
CA VAL B 501 44.43 9.31 -29.17
C VAL B 501 44.63 8.43 -30.39
N SER B 502 45.74 8.64 -31.11
CA SER B 502 46.03 7.80 -32.27
C SER B 502 46.18 6.33 -31.87
N VAL B 503 46.88 6.07 -30.77
CA VAL B 503 47.11 4.70 -30.34
C VAL B 503 45.81 4.02 -29.95
N ILE B 504 44.95 4.71 -29.19
CA ILE B 504 43.70 4.10 -28.79
C ILE B 504 42.78 3.90 -29.99
N ASN B 505 42.82 4.81 -30.96
CA ASN B 505 42.02 4.64 -32.16
C ASN B 505 42.46 3.41 -32.94
N GLU B 506 43.77 3.25 -33.15
CA GLU B 506 44.25 2.10 -33.90
C GLU B 506 44.04 0.80 -33.15
N PHE B 507 44.08 0.83 -31.82
CA PHE B 507 43.81 -0.39 -31.04
C PHE B 507 42.33 -0.76 -31.10
N LYS B 508 41.44 0.23 -30.93
CA LYS B 508 40.01 -0.02 -30.98
C LYS B 508 39.55 -0.38 -32.38
N LYS B 509 40.32 -0.02 -33.41
CA LYS B 509 39.98 -0.40 -34.77
C LYS B 509 39.93 -1.92 -34.94
N GLY B 510 40.84 -2.63 -34.29
CA GLY B 510 40.93 -4.07 -34.46
C GLY B 510 40.59 -4.89 -33.23
N PHE B 511 39.55 -4.49 -32.51
CA PHE B 511 39.09 -5.20 -31.32
C PHE B 511 37.66 -5.67 -31.53
N GLN B 512 37.38 -6.88 -31.04
CA GLN B 512 36.03 -7.45 -31.13
C GLN B 512 35.82 -8.36 -29.93
N ALA B 513 34.89 -8.00 -29.05
CA ALA B 513 34.54 -8.83 -27.91
C ALA B 513 33.32 -9.69 -28.20
N SER B 514 32.20 -9.06 -28.55
CA SER B 514 30.98 -9.78 -28.89
C SER B 514 30.13 -8.89 -29.79
N ASP B 515 30.08 -9.23 -31.08
CA ASP B 515 29.34 -8.51 -32.12
C ASP B 515 29.46 -7.00 -31.99
N GLY B 516 30.68 -6.51 -31.72
CA GLY B 516 30.92 -5.09 -31.63
C GLY B 516 31.13 -4.45 -32.99
N SER B 517 31.31 -3.13 -32.96
CA SER B 517 31.53 -2.36 -34.17
C SER B 517 32.55 -1.26 -33.90
N SER B 518 33.48 -1.06 -34.84
CA SER B 518 34.44 0.02 -34.74
C SER B 518 33.89 1.27 -35.40
N VAL B 519 33.86 2.37 -34.64
CA VAL B 519 33.30 3.63 -35.11
C VAL B 519 34.32 4.73 -34.87
N VAL B 520 34.23 5.78 -35.68
CA VAL B 520 35.12 6.92 -35.58
C VAL B 520 34.84 7.72 -34.30
N ILE C 11 15.44 7.54 97.86
CA ILE C 11 16.78 7.87 97.39
C ILE C 11 16.70 8.66 96.09
N GLU C 12 15.53 8.62 95.45
CA GLU C 12 15.34 9.40 94.23
C GLU C 12 15.34 10.90 94.52
N GLY C 13 15.12 11.28 95.78
CA GLY C 13 15.13 12.69 96.13
C GLY C 13 16.48 13.34 95.90
N ALA C 14 17.57 12.63 96.21
CA ALA C 14 18.90 13.17 95.97
C ALA C 14 19.16 13.38 94.49
N ILE C 15 18.75 12.42 93.64
CA ILE C 15 18.92 12.58 92.20
C ILE C 15 18.10 13.74 91.68
N GLU C 16 16.87 13.88 92.17
CA GLU C 16 16.03 15.01 91.76
C GLU C 16 16.65 16.34 92.19
N ASP C 17 17.21 16.37 93.39
CA ASP C 17 17.88 17.59 93.86
C ASP C 17 19.08 17.94 93.00
N TYR C 18 19.86 16.93 92.60
CA TYR C 18 20.97 17.17 91.69
C TYR C 18 20.45 17.70 90.36
N VAL C 19 19.38 17.10 89.83
CA VAL C 19 18.85 17.52 88.54
C VAL C 19 18.41 18.97 88.60
N SER C 20 17.73 19.36 89.69
CA SER C 20 17.28 20.73 89.85
C SER C 20 18.41 21.68 90.25
N SER C 21 19.57 21.16 90.67
CA SER C 21 20.66 22.02 91.10
C SER C 21 21.19 22.88 89.96
N PHE C 22 21.34 22.30 88.77
CA PHE C 22 21.84 23.04 87.62
C PHE C 22 20.69 23.60 86.79
N ARG C 28 24.17 31.09 77.99
CA ARG C 28 22.96 30.35 78.30
C ARG C 28 22.23 29.95 77.02
N GLU C 29 22.36 30.80 76.00
CA GLU C 29 21.68 30.58 74.72
C GLU C 29 22.45 29.57 73.88
N GLU C 30 21.71 28.68 73.22
CA GLU C 30 22.32 27.61 72.44
C GLU C 30 22.95 28.15 71.16
N ILE C 31 24.15 27.69 70.86
CA ILE C 31 24.87 28.07 69.65
C ILE C 31 25.47 26.81 69.02
N GLY C 32 25.32 26.68 67.71
CA GLY C 32 25.91 25.60 66.95
C GLY C 32 27.08 26.08 66.10
N THR C 33 27.71 25.11 65.44
CA THR C 33 28.86 25.36 64.59
C THR C 33 28.69 24.65 63.25
N VAL C 34 29.12 25.32 62.19
CA VAL C 34 29.03 24.77 60.84
C VAL C 34 30.23 23.89 60.57
N ILE C 35 29.99 22.67 60.11
CA ILE C 35 31.04 21.71 59.78
C ILE C 35 31.13 21.47 58.27
N ASP C 36 30.06 20.95 57.68
CA ASP C 36 30.07 20.69 56.25
C ASP C 36 30.01 22.00 55.47
N ALA C 37 30.54 21.96 54.25
CA ALA C 37 30.56 23.13 53.39
C ALA C 37 30.70 22.69 51.94
N GLY C 38 30.39 23.60 51.02
CA GLY C 38 30.54 23.36 49.61
C GLY C 38 29.27 22.83 48.97
N ASP C 39 29.18 23.05 47.65
CA ASP C 39 28.09 22.56 46.81
C ASP C 39 26.73 23.12 47.22
N GLY C 40 26.72 24.25 47.93
CA GLY C 40 25.46 24.87 48.32
C GLY C 40 24.73 24.14 49.41
N ILE C 41 25.34 23.13 50.02
CA ILE C 41 24.73 22.35 51.09
C ILE C 41 25.70 22.35 52.27
N ALA C 42 25.18 22.67 53.46
CA ALA C 42 26.03 22.80 54.64
C ALA C 42 25.33 22.14 55.82
N HIS C 43 25.79 20.95 56.20
CA HIS C 43 25.32 20.32 57.42
C HIS C 43 25.82 21.10 58.63
N VAL C 44 24.94 21.30 59.61
CA VAL C 44 25.27 22.02 60.82
C VAL C 44 24.75 21.22 62.00
N GLU C 45 25.33 21.46 63.18
CA GLU C 45 24.93 20.77 64.39
C GLU C 45 25.28 21.64 65.59
N GLY C 46 24.72 21.26 66.74
CA GLY C 46 24.91 22.02 67.96
C GLY C 46 23.73 22.86 68.37
N LEU C 47 22.51 22.46 68.01
CA LEU C 47 21.29 23.21 68.33
C LEU C 47 20.32 22.27 69.03
N PRO C 48 20.41 22.13 70.36
CA PRO C 48 19.45 21.27 71.07
C PRO C 48 18.00 21.67 70.85
N SER C 49 17.71 22.96 70.72
CA SER C 49 16.37 23.43 70.39
C SER C 49 16.26 23.53 68.87
N VAL C 50 15.35 22.76 68.29
CA VAL C 50 15.21 22.69 66.85
C VAL C 50 13.83 23.18 66.44
N MET C 51 13.68 23.41 65.14
CA MET C 51 12.41 23.84 64.56
C MET C 51 12.42 23.51 63.08
N THR C 52 11.35 22.88 62.60
CA THR C 52 11.30 22.46 61.21
C THR C 52 11.12 23.66 60.29
N GLN C 53 11.95 23.73 59.25
CA GLN C 53 11.90 24.80 58.26
C GLN C 53 11.95 26.19 58.91
N GLU C 54 12.87 26.37 59.85
CA GLU C 54 13.14 27.69 60.41
C GLU C 54 14.27 28.33 59.61
N LEU C 55 14.16 29.64 59.41
CA LEU C 55 15.24 30.36 58.73
C LEU C 55 16.49 30.38 59.61
N LEU C 56 17.64 30.18 58.99
CA LEU C 56 18.91 30.16 59.68
C LEU C 56 19.79 31.29 59.14
N GLU C 57 20.30 32.10 60.05
CA GLU C 57 21.11 33.27 59.71
C GLU C 57 22.59 32.86 59.73
N PHE C 58 23.27 33.08 58.63
CA PHE C 58 24.67 32.73 58.50
C PHE C 58 25.54 33.96 58.75
N PRO C 59 26.81 33.76 59.10
CA PRO C 59 27.67 34.92 59.42
C PRO C 59 27.82 35.90 58.27
N GLY C 60 27.77 35.44 57.03
CA GLY C 60 27.89 36.32 55.89
C GLY C 60 26.59 36.98 55.46
N GLY C 61 25.51 36.77 56.19
CA GLY C 61 24.23 37.36 55.85
C GLY C 61 23.35 36.52 54.96
N VAL C 62 23.87 35.42 54.40
CA VAL C 62 23.07 34.53 53.56
C VAL C 62 22.13 33.74 54.45
N LEU C 63 21.09 33.15 53.85
CA LEU C 63 20.04 32.48 54.60
C LEU C 63 20.00 31.00 54.27
N GLY C 64 19.60 30.19 55.26
CA GLY C 64 19.43 28.77 55.07
C GLY C 64 18.10 28.30 55.59
N VAL C 65 17.67 27.14 55.08
CA VAL C 65 16.43 26.51 55.51
C VAL C 65 16.74 25.05 55.85
N ALA C 66 16.28 24.61 57.02
CA ALA C 66 16.55 23.26 57.50
C ALA C 66 15.40 22.35 57.10
N LEU C 67 15.57 21.62 56.00
CA LEU C 67 14.56 20.70 55.50
C LEU C 67 14.67 19.31 56.12
N ASN C 68 15.75 19.02 56.83
CA ASN C 68 15.96 17.68 57.36
C ASN C 68 16.50 17.78 58.77
N LEU C 69 16.38 16.69 59.52
CA LEU C 69 16.80 16.67 60.91
C LEU C 69 17.23 15.26 61.29
N ASP C 70 18.44 15.12 61.80
CA ASP C 70 19.00 13.83 62.21
C ASP C 70 19.24 13.85 63.71
N GLU C 71 19.84 12.77 64.20
CA GLU C 71 20.03 12.60 65.65
C GLU C 71 21.16 13.48 66.16
N HIS C 72 22.20 13.69 65.35
CA HIS C 72 23.38 14.41 65.78
C HIS C 72 23.70 15.64 64.93
N SER C 73 23.08 15.78 63.76
CA SER C 73 23.30 16.94 62.91
C SER C 73 22.01 17.23 62.16
N VAL C 74 21.92 18.45 61.62
CA VAL C 74 20.76 18.86 60.84
C VAL C 74 21.23 19.47 59.53
N GLY C 75 20.60 19.06 58.43
CA GLY C 75 20.91 19.61 57.13
C GLY C 75 20.15 20.88 56.84
N ALA C 76 20.62 21.61 55.84
CA ALA C 76 19.99 22.86 55.44
C ALA C 76 20.45 23.25 54.05
N VAL C 77 19.54 23.76 53.24
CA VAL C 77 19.87 24.27 51.92
C VAL C 77 20.00 25.78 52.02
N ILE C 78 20.82 26.36 51.14
CA ILE C 78 21.16 27.77 51.21
C ILE C 78 20.40 28.51 50.12
N LEU C 79 20.19 29.81 50.34
CA LEU C 79 19.56 30.70 49.38
C LEU C 79 20.53 31.78 48.95
N GLY C 80 20.52 32.10 47.66
CA GLY C 80 21.44 33.10 47.17
C GLY C 80 22.84 32.55 46.98
N GLU C 81 23.83 33.43 47.20
CA GLU C 81 25.23 33.04 47.03
C GLU C 81 25.61 31.97 48.04
N PHE C 82 26.35 30.97 47.57
CA PHE C 82 26.79 29.86 48.40
C PHE C 82 28.30 29.71 48.49
N GLU C 83 29.07 30.48 47.71
CA GLU C 83 30.52 30.40 47.76
C GLU C 83 31.11 30.96 49.05
N LYS C 84 30.30 31.65 49.86
CA LYS C 84 30.80 32.24 51.10
C LYS C 84 31.09 31.20 52.16
N ILE C 85 30.48 30.02 52.07
CA ILE C 85 30.49 29.05 53.16
C ILE C 85 31.86 28.41 53.28
N GLU C 86 32.40 28.38 54.50
CA GLU C 86 33.62 27.64 54.80
C GLU C 86 33.45 26.94 56.13
N GLU C 87 34.27 25.91 56.35
CA GLU C 87 34.21 25.14 57.58
C GLU C 87 34.63 25.98 58.78
N GLY C 88 34.01 25.70 59.92
CA GLY C 88 34.33 26.38 61.16
C GLY C 88 33.51 27.62 61.44
N GLN C 89 32.69 28.07 60.50
CA GLN C 89 31.88 29.26 60.72
C GLN C 89 30.80 29.00 61.76
N GLN C 90 30.42 30.05 62.49
CA GLN C 90 29.39 29.95 63.51
C GLN C 90 28.06 30.42 62.94
N VAL C 91 26.98 29.81 63.42
CA VAL C 91 25.63 30.10 62.95
C VAL C 91 24.77 30.52 64.14
N LYS C 92 23.92 31.52 63.92
CA LYS C 92 23.00 32.02 64.95
C LYS C 92 21.59 31.61 64.56
N ARG C 93 20.92 30.86 65.45
CA ARG C 93 19.60 30.34 65.15
C ARG C 93 18.55 31.44 65.24
N THR C 94 17.44 31.21 64.54
CA THR C 94 16.28 32.10 64.59
C THR C 94 15.03 31.24 64.74
N GLY C 95 14.27 31.48 65.82
CA GLY C 95 13.10 30.67 66.09
C GLY C 95 11.90 30.95 65.22
N GLU C 96 11.96 32.00 64.40
CA GLU C 96 10.85 32.33 63.53
C GLU C 96 10.65 31.26 62.46
N VAL C 97 9.39 30.99 62.13
CA VAL C 97 9.06 30.09 61.03
C VAL C 97 9.23 30.85 59.73
N LEU C 98 9.55 30.11 58.66
CA LEU C 98 9.77 30.73 57.36
C LEU C 98 8.55 31.54 56.94
N SER C 99 8.79 32.78 56.53
CA SER C 99 7.71 33.70 56.20
C SER C 99 8.28 34.82 55.32
N VAL C 100 7.38 35.65 54.82
CA VAL C 100 7.78 36.80 54.01
C VAL C 100 7.03 38.03 54.53
N PRO C 101 7.63 39.22 54.44
CA PRO C 101 6.91 40.43 54.87
C PRO C 101 5.68 40.65 54.00
N VAL C 102 4.61 41.11 54.62
CA VAL C 102 3.34 41.33 53.94
C VAL C 102 2.70 42.62 54.42
N GLY C 103 2.19 43.40 53.46
CA GLY C 103 1.54 44.66 53.71
C GLY C 103 0.89 45.13 52.42
N ASP C 104 0.33 46.34 52.47
CA ASP C 104 -0.36 46.90 51.32
C ASP C 104 0.49 47.86 50.51
N ALA C 105 1.77 48.01 50.83
CA ALA C 105 2.65 48.94 50.14
C ALA C 105 3.47 48.28 49.04
N PHE C 106 3.30 46.98 48.83
CA PHE C 106 4.12 46.26 47.85
C PHE C 106 3.83 46.65 46.41
N LEU C 107 2.66 47.25 46.15
CA LEU C 107 2.30 47.57 44.78
C LEU C 107 3.22 48.65 44.20
N GLY C 108 3.56 48.49 42.93
CA GLY C 108 4.43 49.42 42.25
C GLY C 108 5.91 49.17 42.42
N ARG C 109 6.31 48.08 43.07
CA ARG C 109 7.71 47.79 43.33
C ARG C 109 8.07 46.42 42.78
N VAL C 110 9.36 46.24 42.51
CA VAL C 110 9.91 44.97 42.05
C VAL C 110 10.87 44.47 43.12
N VAL C 111 10.60 43.28 43.65
CA VAL C 111 11.35 42.75 44.77
C VAL C 111 11.80 41.32 44.47
N ASN C 112 12.84 40.90 45.17
CA ASN C 112 13.34 39.54 45.11
C ASN C 112 12.40 38.60 45.87
N PRO C 113 12.49 37.29 45.62
CA PRO C 113 11.59 36.36 46.33
C PRO C 113 11.62 36.47 47.84
N LEU C 114 12.77 36.78 48.42
CA LEU C 114 12.85 36.96 49.87
C LEU C 114 12.22 38.26 50.36
N GLY C 115 11.86 39.16 49.44
CA GLY C 115 11.19 40.40 49.80
C GLY C 115 12.08 41.62 49.83
N GLN C 116 13.39 41.46 49.77
CA GLN C 116 14.28 42.62 49.76
C GLN C 116 14.12 43.37 48.46
N PRO C 117 13.89 44.68 48.48
CA PRO C 117 13.72 45.46 47.24
C PRO C 117 15.00 45.45 46.42
N ILE C 118 14.90 44.93 45.19
CA ILE C 118 16.03 44.89 44.27
C ILE C 118 15.93 45.96 43.18
N ASP C 119 14.77 46.60 43.02
CA ASP C 119 14.62 47.64 42.02
C ASP C 119 15.50 48.85 42.31
N GLY C 120 15.86 49.04 43.59
CA GLY C 120 16.68 50.16 43.98
C GLY C 120 15.94 51.47 44.14
N GLN C 121 14.62 51.49 43.93
CA GLN C 121 13.88 52.73 44.05
C GLN C 121 13.90 53.24 45.49
N GLY C 122 13.74 52.35 46.46
CA GLY C 122 13.75 52.74 47.85
C GLY C 122 13.30 51.60 48.73
N ASP C 123 13.22 51.91 50.03
CA ASP C 123 12.82 50.94 51.03
C ASP C 123 11.31 50.70 50.98
N ILE C 124 10.90 49.55 51.51
CA ILE C 124 9.49 49.17 51.59
C ILE C 124 9.18 48.81 53.03
N ALA C 125 7.89 48.95 53.37
CA ALA C 125 7.41 48.67 54.71
C ALA C 125 6.22 47.72 54.65
N ALA C 126 6.19 46.77 55.58
CA ALA C 126 5.10 45.79 55.64
C ALA C 126 4.34 45.93 56.95
N GLU C 127 3.41 45.02 57.20
CA GLU C 127 2.64 45.09 58.44
C GLU C 127 2.70 43.78 59.25
N THR C 128 2.74 42.63 58.58
CA THR C 128 2.95 41.35 59.27
C THR C 128 3.86 40.48 58.44
N ARG C 129 3.93 39.20 58.82
CA ARG C 129 4.70 38.20 58.06
C ARG C 129 3.89 36.91 58.06
N ARG C 130 3.23 36.64 56.94
CA ARG C 130 2.42 35.44 56.81
C ARG C 130 3.28 34.20 56.63
N ALA C 131 2.86 33.11 57.26
CA ALA C 131 3.57 31.85 57.10
C ALA C 131 3.49 31.36 55.66
N LEU C 132 4.60 30.83 55.15
CA LEU C 132 4.67 30.42 53.75
C LEU C 132 3.71 29.28 53.44
N GLU C 133 3.49 28.36 54.38
CA GLU C 133 2.59 27.23 54.19
C GLU C 133 1.58 27.21 55.31
N LEU C 134 0.33 26.92 54.96
CA LEU C 134 -0.78 26.90 55.90
C LEU C 134 -1.78 25.85 55.43
N GLN C 135 -2.98 25.92 55.97
CA GLN C 135 -4.06 25.04 55.54
C GLN C 135 -4.56 25.48 54.17
N ALA C 136 -5.65 24.86 53.73
CA ALA C 136 -6.32 25.22 52.50
C ALA C 136 -7.80 25.42 52.78
N PRO C 137 -8.48 26.27 52.00
CA PRO C 137 -9.92 26.44 52.19
C PRO C 137 -10.66 25.13 51.99
N SER C 138 -11.68 24.91 52.82
CA SER C 138 -12.39 23.65 52.83
C SER C 138 -13.52 23.65 51.80
N VAL C 139 -14.21 22.52 51.70
CA VAL C 139 -15.30 22.39 50.73
C VAL C 139 -16.50 23.23 51.14
N VAL C 140 -16.85 23.21 52.44
CA VAL C 140 -18.06 23.85 52.89
C VAL C 140 -17.98 25.37 52.79
N GLN C 141 -16.78 25.94 52.74
CA GLN C 141 -16.61 27.38 52.75
C GLN C 141 -16.19 27.93 51.37
N ARG C 142 -16.70 27.33 50.31
CA ARG C 142 -16.45 27.77 48.95
C ARG C 142 -17.76 28.26 48.32
N GLN C 143 -17.69 28.61 47.03
CA GLN C 143 -18.86 28.96 46.26
C GLN C 143 -18.58 28.72 44.78
N SER C 144 -19.65 28.59 44.01
CA SER C 144 -19.53 28.39 42.57
C SER C 144 -19.16 29.71 41.88
N VAL C 145 -18.83 29.60 40.59
CA VAL C 145 -18.37 30.72 39.80
C VAL C 145 -19.56 31.42 39.18
N SER C 146 -19.71 32.72 39.46
CA SER C 146 -20.77 33.52 38.86
C SER C 146 -20.29 34.93 38.53
N GLU C 147 -19.02 35.10 38.22
CA GLU C 147 -18.45 36.42 37.96
C GLU C 147 -17.71 36.43 36.63
N PRO C 148 -18.16 37.20 35.65
CA PRO C 148 -17.45 37.26 34.37
C PRO C 148 -16.14 38.04 34.47
N LEU C 149 -15.07 37.49 33.91
CA LEU C 149 -13.77 38.16 33.87
C LEU C 149 -13.47 38.47 32.41
N GLN C 150 -13.48 39.75 32.06
CA GLN C 150 -13.28 40.15 30.68
C GLN C 150 -11.80 40.06 30.30
N THR C 151 -11.56 39.80 29.02
CA THR C 151 -10.21 39.69 28.48
C THR C 151 -10.12 40.49 27.19
N GLY C 152 -8.97 41.12 26.97
CA GLY C 152 -8.80 41.97 25.81
C GLY C 152 -8.92 41.24 24.49
N ILE C 153 -8.37 40.03 24.42
CA ILE C 153 -8.40 39.26 23.17
C ILE C 153 -9.81 38.75 22.94
N LYS C 154 -10.33 38.99 21.74
CA LYS C 154 -11.73 38.65 21.46
C LYS C 154 -11.94 37.16 21.23
N ALA C 155 -10.96 36.48 20.62
CA ALA C 155 -11.14 35.08 20.27
C ALA C 155 -11.32 34.22 21.51
N ILE C 156 -10.48 34.44 22.52
CA ILE C 156 -10.56 33.64 23.74
C ILE C 156 -11.86 33.93 24.49
N ASP C 157 -12.24 35.19 24.59
CA ASP C 157 -13.46 35.54 25.31
C ASP C 157 -14.71 35.11 24.57
N ALA C 158 -14.61 34.88 23.26
CA ALA C 158 -15.77 34.45 22.47
C ALA C 158 -15.86 32.95 22.30
N MET C 159 -14.74 32.22 22.42
CA MET C 159 -14.75 30.79 22.13
C MET C 159 -14.77 29.97 23.42
N THR C 160 -13.86 30.24 24.35
CA THR C 160 -13.88 29.69 25.71
C THR C 160 -13.81 30.82 26.72
N PRO C 161 -14.94 31.31 27.22
CA PRO C 161 -14.91 32.39 28.21
C PRO C 161 -14.28 31.92 29.52
N ILE C 162 -13.76 32.90 30.27
CA ILE C 162 -13.10 32.65 31.54
C ILE C 162 -13.90 33.34 32.64
N GLY C 163 -14.04 32.66 33.77
CA GLY C 163 -14.76 33.20 34.91
C GLY C 163 -13.90 33.35 36.14
N ARG C 164 -14.25 34.28 37.02
CA ARG C 164 -13.47 34.52 38.23
C ARG C 164 -13.52 33.29 39.13
N GLY C 165 -12.37 32.95 39.70
CA GLY C 165 -12.26 31.78 40.55
C GLY C 165 -12.03 30.48 39.81
N GLN C 166 -11.79 30.53 38.51
CA GLN C 166 -11.56 29.34 37.70
C GLN C 166 -10.13 29.35 37.18
N ARG C 167 -9.42 28.24 37.36
CA ARG C 167 -8.06 28.12 36.87
C ARG C 167 -8.07 27.77 35.38
N GLN C 168 -7.20 28.42 34.61
CA GLN C 168 -7.12 28.18 33.18
C GLN C 168 -5.65 28.07 32.78
N LEU C 169 -5.32 27.03 32.01
CA LEU C 169 -3.95 26.77 31.62
C LEU C 169 -3.67 27.35 30.24
N ILE C 170 -2.41 27.74 30.03
CA ILE C 170 -1.92 28.18 28.74
C ILE C 170 -0.71 27.33 28.37
N ILE C 171 -0.81 26.58 27.29
CA ILE C 171 0.28 25.74 26.81
C ILE C 171 0.66 26.22 25.41
N GLY C 172 1.96 26.32 25.16
CA GLY C 172 2.41 26.83 23.88
C GLY C 172 3.84 26.43 23.61
N ASP C 173 4.22 26.58 22.34
CA ASP C 173 5.58 26.29 21.90
C ASP C 173 6.45 27.54 21.99
N ARG C 174 7.74 27.36 21.73
CA ARG C 174 8.70 28.45 21.82
C ARG C 174 8.40 29.54 20.78
N LYS C 175 8.44 30.80 21.22
CA LYS C 175 8.18 31.98 20.40
C LYS C 175 6.76 31.91 19.79
N THR C 176 5.78 31.96 20.69
CA THR C 176 4.38 31.99 20.31
C THR C 176 3.64 33.23 20.79
N GLY C 177 3.94 33.73 21.98
CA GLY C 177 3.36 34.99 22.43
C GLY C 177 2.48 34.91 23.66
N LYS C 178 2.77 33.95 24.56
CA LYS C 178 2.02 33.85 25.80
C LYS C 178 2.23 35.08 26.68
N THR C 179 3.48 35.55 26.74
CA THR C 179 3.77 36.78 27.46
C THR C 179 2.97 37.95 26.90
N ALA C 180 2.80 37.98 25.57
CA ALA C 180 1.95 39.00 24.97
C ALA C 180 0.52 38.90 25.49
N VAL C 181 0.01 37.68 25.64
CA VAL C 181 -1.37 37.50 26.10
C VAL C 181 -1.52 38.00 27.53
N CYS C 182 -0.59 37.61 28.41
CA CYS C 182 -0.71 38.04 29.79
C CYS C 182 -0.56 39.55 29.92
N VAL C 183 0.36 40.14 29.15
CA VAL C 183 0.53 41.59 29.19
C VAL C 183 -0.74 42.28 28.67
N ASP C 184 -1.37 41.71 27.66
CA ASP C 184 -2.62 42.27 27.14
C ASP C 184 -3.72 42.24 28.19
N THR C 185 -3.82 41.13 28.93
CA THR C 185 -4.79 41.07 30.03
C THR C 185 -4.50 42.13 31.08
N ILE C 186 -3.22 42.29 31.44
CA ILE C 186 -2.84 43.29 32.42
C ILE C 186 -3.25 44.68 31.95
N LEU C 187 -2.97 44.99 30.68
CA LEU C 187 -3.34 46.29 30.14
C LEU C 187 -4.86 46.49 30.14
N ASN C 188 -5.61 45.44 29.78
CA ASN C 188 -7.05 45.54 29.76
C ASN C 188 -7.63 45.75 31.15
N GLN C 189 -6.90 45.32 32.19
CA GLN C 189 -7.38 45.53 33.55
C GLN C 189 -7.37 47.00 33.98
N ARG C 190 -6.75 47.89 33.20
CA ARG C 190 -6.62 49.29 33.61
C ARG C 190 -7.99 49.96 33.75
N GLU C 191 -8.90 49.71 32.81
CA GLU C 191 -10.22 50.34 32.87
C GLU C 191 -10.97 49.91 34.11
N ALA C 192 -10.90 48.62 34.45
CA ALA C 192 -11.50 48.15 35.70
C ALA C 192 -10.84 48.82 36.91
N TRP C 193 -9.52 49.02 36.83
CA TRP C 193 -8.84 49.75 37.90
C TRP C 193 -9.34 51.19 38.01
N LEU C 194 -9.80 51.77 36.90
CA LEU C 194 -10.13 53.19 36.89
C LEU C 194 -11.25 53.52 37.87
N THR C 195 -12.29 52.69 37.92
CA THR C 195 -13.38 52.93 38.87
C THR C 195 -12.92 52.59 40.29
N GLY C 196 -13.47 53.33 41.25
CA GLY C 196 -13.12 53.19 42.65
C GLY C 196 -13.95 52.20 43.43
N ASP C 197 -14.84 51.48 42.79
CA ASP C 197 -15.69 50.52 43.49
C ASP C 197 -14.89 49.28 43.87
N PRO C 198 -14.81 48.93 45.16
CA PRO C 198 -14.05 47.73 45.54
C PRO C 198 -14.58 46.45 44.93
N LYS C 199 -15.89 46.36 44.69
CA LYS C 199 -16.46 45.15 44.11
C LYS C 199 -15.90 44.91 42.71
N GLN C 200 -15.71 45.97 41.93
CA GLN C 200 -15.13 45.86 40.61
C GLN C 200 -13.61 46.04 40.61
N GLN C 201 -13.01 46.20 41.79
CA GLN C 201 -11.57 46.37 41.88
C GLN C 201 -10.86 45.02 41.73
N VAL C 202 -9.88 44.97 40.83
CA VAL C 202 -9.13 43.75 40.54
C VAL C 202 -7.64 44.09 40.54
N ARG C 203 -6.85 43.27 41.23
CA ARG C 203 -5.41 43.44 41.30
C ARG C 203 -4.71 42.39 40.44
N CYS C 204 -3.47 42.70 40.06
CA CYS C 204 -2.68 41.81 39.22
C CYS C 204 -1.30 41.62 39.82
N VAL C 205 -0.82 40.38 39.81
CA VAL C 205 0.51 40.02 40.31
C VAL C 205 1.23 39.22 39.24
N TYR C 206 2.45 39.65 38.91
CA TYR C 206 3.25 38.98 37.89
C TYR C 206 4.48 38.36 38.54
N VAL C 207 4.79 37.13 38.13
CA VAL C 207 5.94 36.38 38.64
C VAL C 207 6.72 35.84 37.46
N ALA C 208 8.04 36.07 37.46
CA ALA C 208 8.94 35.58 36.43
C ALA C 208 9.91 34.58 37.03
N ILE C 209 10.01 33.42 36.40
CA ILE C 209 10.83 32.32 36.90
C ILE C 209 11.80 31.91 35.80
N GLY C 210 13.09 31.97 36.10
CA GLY C 210 14.11 31.52 35.15
C GLY C 210 14.09 32.24 33.83
N GLN C 211 13.89 33.56 33.85
CA GLN C 211 13.81 34.37 32.65
C GLN C 211 14.95 35.38 32.62
N LYS C 212 15.45 35.63 31.41
CA LYS C 212 16.57 36.54 31.23
C LYS C 212 16.18 37.97 31.58
N GLY C 213 17.16 38.75 32.02
CA GLY C 213 16.87 40.11 32.45
C GLY C 213 16.42 41.01 31.32
N THR C 214 16.79 40.67 30.08
CA THR C 214 16.35 41.47 28.94
C THR C 214 14.84 41.46 28.79
N THR C 215 14.23 40.28 28.91
CA THR C 215 12.77 40.19 28.80
C THR C 215 12.10 40.94 29.95
N ILE C 216 12.64 40.82 31.16
CA ILE C 216 12.06 41.51 32.31
C ILE C 216 12.12 43.02 32.10
N ALA C 217 13.27 43.53 31.65
CA ALA C 217 13.39 44.96 31.39
C ALA C 217 12.43 45.41 30.29
N SER C 218 12.31 44.62 29.22
CA SER C 218 11.43 45.01 28.12
C SER C 218 9.98 45.07 28.58
N VAL C 219 9.53 44.05 29.32
CA VAL C 219 8.13 44.04 29.75
C VAL C 219 7.89 45.14 30.78
N LYS C 220 8.87 45.41 31.64
CA LYS C 220 8.71 46.50 32.60
C LYS C 220 8.58 47.84 31.89
N ARG C 221 9.38 48.07 30.85
CA ARG C 221 9.27 49.31 30.09
C ARG C 221 7.93 49.38 29.36
N ALA C 222 7.45 48.24 28.86
CA ALA C 222 6.14 48.23 28.20
C ALA C 222 5.04 48.60 29.17
N LEU C 223 5.09 48.06 30.39
CA LEU C 223 4.11 48.45 31.40
C LEU C 223 4.26 49.91 31.82
N GLU C 224 5.50 50.40 31.88
CA GLU C 224 5.72 51.81 32.20
C GLU C 224 5.07 52.70 31.15
N GLU C 225 5.22 52.35 29.87
CA GLU C 225 4.51 53.07 28.82
C GLU C 225 3.00 52.93 28.99
N GLY C 226 2.55 51.72 29.37
CA GLY C 226 1.12 51.53 29.61
C GLY C 226 0.62 52.21 30.87
N GLY C 227 1.51 52.46 31.82
CA GLY C 227 1.14 53.17 33.03
C GLY C 227 0.14 52.45 33.92
N ALA C 228 0.36 51.17 34.17
CA ALA C 228 -0.53 50.36 34.99
C ALA C 228 0.20 49.79 36.19
N MET C 229 1.05 50.59 36.82
CA MET C 229 1.84 50.14 37.96
C MET C 229 1.15 50.36 39.29
N GLU C 230 0.00 51.04 39.29
CA GLU C 230 -0.72 51.32 40.53
C GLU C 230 -1.30 50.08 41.17
N TYR C 231 -1.36 48.96 40.44
CA TYR C 231 -1.97 47.75 40.96
C TYR C 231 -1.19 46.49 40.59
N THR C 232 0.11 46.62 40.30
CA THR C 232 0.93 45.51 39.85
C THR C 232 2.16 45.38 40.73
N THR C 233 2.46 44.14 41.12
CA THR C 233 3.68 43.82 41.85
C THR C 233 4.42 42.73 41.09
N ILE C 234 5.70 42.97 40.80
CA ILE C 234 6.51 42.08 39.99
C ILE C 234 7.53 41.39 40.89
N VAL C 235 7.54 40.06 40.87
CA VAL C 235 8.53 39.27 41.58
C VAL C 235 9.48 38.70 40.54
N ALA C 236 10.76 39.04 40.63
CA ALA C 236 11.75 38.64 39.65
C ALA C 236 12.59 37.50 40.22
N ALA C 237 12.60 36.37 39.52
CA ALA C 237 13.44 35.22 39.85
C ALA C 237 14.17 34.77 38.60
N PRO C 238 15.17 35.54 38.16
CA PRO C 238 15.92 35.16 36.95
C PRO C 238 16.71 33.89 37.18
N ALA C 239 17.00 33.21 36.07
CA ALA C 239 17.75 31.96 36.13
C ALA C 239 19.17 32.15 36.65
N SER C 240 19.66 33.40 36.68
CA SER C 240 21.02 33.65 37.13
C SER C 240 21.22 33.27 38.59
N ASP C 241 20.24 33.58 39.44
CA ASP C 241 20.41 33.38 40.88
C ASP C 241 20.29 31.90 41.24
N ALA C 242 20.38 31.62 42.53
CA ALA C 242 20.42 30.26 43.03
C ALA C 242 19.07 29.57 42.88
N ALA C 243 19.10 28.24 42.96
CA ALA C 243 17.89 27.44 42.79
C ALA C 243 16.88 27.67 43.92
N GLY C 244 17.34 28.19 45.07
CA GLY C 244 16.41 28.42 46.16
C GLY C 244 15.33 29.43 45.81
N PHE C 245 15.72 30.51 45.15
CA PHE C 245 14.73 31.50 44.74
C PHE C 245 13.74 30.91 43.75
N LYS C 246 14.25 30.13 42.79
CA LYS C 246 13.37 29.48 41.82
C LYS C 246 12.39 28.52 42.50
N TRP C 247 12.84 27.84 43.55
CA TRP C 247 11.99 26.89 44.25
C TRP C 247 11.08 27.55 45.28
N LEU C 248 11.32 28.81 45.64
CA LEU C 248 10.55 29.45 46.69
C LEU C 248 9.62 30.58 46.20
N ALA C 249 9.88 31.16 45.04
CA ALA C 249 9.11 32.34 44.62
C ALA C 249 7.60 32.09 44.51
N PRO C 250 7.12 31.02 43.84
CA PRO C 250 5.66 30.85 43.73
C PRO C 250 4.96 30.74 45.06
N TYR C 251 5.60 30.18 46.09
CA TYR C 251 4.98 30.12 47.40
C TYR C 251 4.79 31.52 47.98
N THR C 252 5.78 32.39 47.81
CA THR C 252 5.63 33.77 48.27
C THR C 252 4.51 34.48 47.52
N GLY C 253 4.43 34.24 46.20
CA GLY C 253 3.33 34.81 45.45
C GLY C 253 1.98 34.34 45.94
N SER C 254 1.87 33.04 46.25
CA SER C 254 0.63 32.51 46.78
C SER C 254 0.28 33.15 48.12
N ALA C 255 1.28 33.33 48.98
CA ALA C 255 1.04 33.93 50.29
C ALA C 255 0.55 35.37 50.16
N ILE C 256 1.20 36.15 49.32
CA ILE C 256 0.79 37.54 49.16
C ILE C 256 -0.59 37.62 48.50
N GLY C 257 -0.93 36.66 47.65
CA GLY C 257 -2.28 36.60 47.13
C GLY C 257 -3.30 36.27 48.22
N GLN C 258 -2.99 35.31 49.08
CA GLN C 258 -3.93 34.90 50.12
C GLN C 258 -4.18 36.00 51.13
N HIS C 259 -3.15 36.81 51.43
CA HIS C 259 -3.36 37.87 52.40
C HIS C 259 -4.43 38.84 51.93
N TRP C 260 -4.43 39.19 50.65
CA TRP C 260 -5.50 40.01 50.10
C TRP C 260 -6.78 39.22 49.87
N MET C 261 -6.68 37.90 49.69
CA MET C 261 -7.88 37.07 49.64
C MET C 261 -8.69 37.20 50.91
N TYR C 262 -8.00 37.27 52.06
CA TYR C 262 -8.70 37.49 53.32
C TYR C 262 -9.61 38.70 53.25
N ASN C 263 -9.17 39.76 52.57
CA ASN C 263 -9.97 40.97 52.43
C ASN C 263 -11.18 40.77 51.54
N GLY C 264 -11.18 39.74 50.70
CA GLY C 264 -12.31 39.45 49.85
C GLY C 264 -12.36 40.30 48.58
N LYS C 265 -11.22 40.45 47.91
CA LYS C 265 -11.14 41.16 46.65
C LYS C 265 -10.58 40.21 45.58
N HIS C 266 -10.37 40.76 44.38
CA HIS C 266 -10.04 39.95 43.21
C HIS C 266 -8.59 40.18 42.84
N VAL C 267 -7.79 39.12 42.89
CA VAL C 267 -6.36 39.18 42.60
C VAL C 267 -6.05 38.20 41.48
N LEU C 268 -5.36 38.70 40.44
CA LEU C 268 -4.93 37.85 39.34
C LEU C 268 -3.45 37.51 39.49
N ILE C 269 -3.11 36.26 39.21
CA ILE C 269 -1.76 35.73 39.45
C ILE C 269 -1.26 35.06 38.18
N VAL C 270 0.00 35.28 37.86
CA VAL C 270 0.62 34.74 36.65
C VAL C 270 1.79 33.85 37.05
N PHE C 271 1.92 32.71 36.35
CA PHE C 271 2.93 31.68 36.63
C PHE C 271 3.70 31.37 35.35
N ASP C 272 4.28 32.42 34.75
CA ASP C 272 4.84 32.32 33.40
C ASP C 272 5.73 31.09 33.18
N ASP C 273 6.28 30.52 34.25
CA ASP C 273 7.12 29.34 34.12
C ASP C 273 6.85 28.36 35.26
N LEU C 274 6.62 27.10 34.89
CA LEU C 274 6.46 26.00 35.85
C LEU C 274 7.55 24.95 35.74
N SER C 275 7.88 24.53 34.52
CA SER C 275 8.85 23.44 34.35
C SER C 275 10.21 23.79 34.91
N LYS C 276 10.56 25.08 34.92
CA LYS C 276 11.83 25.49 35.51
C LYS C 276 11.87 25.20 37.00
N GLN C 277 10.76 25.45 37.69
CA GLN C 277 10.68 25.11 39.11
C GLN C 277 10.81 23.61 39.32
N ALA C 278 10.18 22.82 38.44
CA ALA C 278 10.31 21.37 38.53
C ALA C 278 11.76 20.93 38.36
N ASP C 279 12.48 21.54 37.41
CA ASP C 279 13.88 21.19 37.21
C ASP C 279 14.71 21.58 38.42
N ALA C 280 14.42 22.74 39.01
CA ALA C 280 15.15 23.17 40.21
C ALA C 280 14.93 22.19 41.35
N TYR C 281 13.68 21.77 41.55
CA TYR C 281 13.40 20.80 42.60
C TYR C 281 14.08 19.46 42.31
N ARG C 282 14.12 19.06 41.04
CA ARG C 282 14.80 17.82 40.67
C ARG C 282 16.29 17.89 41.00
N ALA C 283 16.93 19.01 40.67
CA ALA C 283 18.33 19.18 40.99
C ALA C 283 18.56 19.17 42.49
N ILE C 284 17.67 19.83 43.24
CA ILE C 284 17.81 19.85 44.70
C ILE C 284 17.69 18.45 45.27
N SER C 285 16.72 17.67 44.77
CA SER C 285 16.53 16.31 45.27
C SER C 285 17.73 15.42 44.93
N LEU C 286 18.23 15.52 43.70
CA LEU C 286 19.36 14.67 43.32
C LEU C 286 20.62 15.03 44.09
N LEU C 287 20.85 16.33 44.33
CA LEU C 287 21.98 16.71 45.18
C LEU C 287 21.79 16.26 46.62
N LEU C 288 20.55 15.97 47.03
CA LEU C 288 20.28 15.41 48.34
C LEU C 288 20.26 13.88 48.33
N ARG C 289 20.83 13.27 47.29
CA ARG C 289 21.01 11.83 47.11
C ARG C 289 19.72 11.03 47.21
N ARG C 290 18.56 11.69 47.20
CA ARG C 290 17.30 10.97 47.21
C ARG C 290 17.13 10.20 45.89
N PRO C 291 16.64 8.97 45.92
CA PRO C 291 16.54 8.17 44.69
C PRO C 291 15.56 8.79 43.71
N PRO C 292 16.01 9.11 42.50
CA PRO C 292 15.10 9.69 41.51
C PRO C 292 14.04 8.71 41.07
N GLY C 293 12.89 9.25 40.68
CA GLY C 293 11.81 8.43 40.18
C GLY C 293 11.80 8.35 38.67
N ARG C 294 10.60 8.37 38.07
CA ARG C 294 10.47 8.32 36.62
C ARG C 294 11.10 9.56 35.99
N GLU C 295 11.90 9.33 34.94
CA GLU C 295 12.51 10.40 34.16
C GLU C 295 13.30 11.37 35.06
N ALA C 296 13.98 10.81 36.05
CA ALA C 296 14.78 11.52 37.05
C ALA C 296 13.95 12.43 37.93
N PHE C 297 12.63 12.48 37.75
CA PHE C 297 11.78 13.31 38.58
C PHE C 297 11.31 12.51 39.79
N PRO C 298 11.47 13.01 41.01
CA PRO C 298 10.89 12.31 42.16
C PRO C 298 9.37 12.32 42.08
N GLY C 299 8.75 11.35 42.76
CA GLY C 299 7.31 11.22 42.73
C GLY C 299 6.58 12.32 43.47
N ASP C 300 7.34 13.20 44.11
CA ASP C 300 6.76 14.30 44.88
C ASP C 300 6.34 15.48 44.02
N VAL C 301 6.64 15.46 42.72
CA VAL C 301 6.33 16.60 41.86
C VAL C 301 4.81 16.82 41.80
N PHE C 302 4.04 15.73 41.71
CA PHE C 302 2.59 15.87 41.68
C PHE C 302 2.08 16.52 42.95
N TYR C 303 2.61 16.09 44.11
CA TYR C 303 2.22 16.72 45.37
C TYR C 303 2.59 18.19 45.38
N LEU C 304 3.78 18.52 44.89
CA LEU C 304 4.23 19.90 44.83
C LEU C 304 3.26 20.77 44.03
N HIS C 305 2.94 20.34 42.81
CA HIS C 305 2.08 21.15 41.95
C HIS C 305 0.66 21.21 42.47
N SER C 306 0.15 20.11 43.02
CA SER C 306 -1.19 20.11 43.58
C SER C 306 -1.30 21.08 44.75
N ARG C 307 -0.32 21.03 45.65
CA ARG C 307 -0.32 21.96 46.78
C ARG C 307 -0.21 23.40 46.31
N LEU C 308 0.60 23.64 45.27
CA LEU C 308 0.73 25.00 44.77
C LEU C 308 -0.57 25.51 44.18
N LEU C 309 -1.20 24.74 43.29
CA LEU C 309 -2.34 25.23 42.53
C LEU C 309 -3.67 25.09 43.26
N GLU C 310 -3.73 24.34 44.35
CA GLU C 310 -5.02 24.17 45.03
C GLU C 310 -5.43 25.41 45.80
N ARG C 311 -4.49 26.27 46.18
CA ARG C 311 -4.81 27.38 47.06
C ARG C 311 -5.79 28.34 46.41
N CYS C 312 -5.62 28.65 45.13
CA CYS C 312 -6.49 29.61 44.46
C CYS C 312 -7.87 29.02 44.26
N ALA C 313 -8.89 29.70 44.78
CA ALA C 313 -10.28 29.28 44.65
C ALA C 313 -11.18 30.41 45.10
N LYS C 314 -12.33 30.53 44.44
CA LYS C 314 -13.30 31.54 44.84
C LYS C 314 -13.93 31.16 46.17
N LEU C 315 -13.94 32.10 47.11
CA LEU C 315 -14.38 31.81 48.47
C LEU C 315 -15.90 31.78 48.55
N SER C 316 -16.40 31.60 49.77
CA SER C 316 -17.83 31.65 50.02
C SER C 316 -18.29 33.09 50.26
N ASP C 317 -19.60 33.28 50.23
CA ASP C 317 -20.18 34.61 50.47
C ASP C 317 -19.90 35.08 51.89
N GLU C 318 -19.97 34.18 52.87
CA GLU C 318 -19.85 34.58 54.26
C GLU C 318 -18.47 35.17 54.56
N LEU C 319 -17.42 34.56 54.04
CA LEU C 319 -16.06 34.99 54.39
C LEU C 319 -15.68 36.31 53.74
N GLY C 320 -16.28 36.66 52.60
CA GLY C 320 -15.95 37.90 51.93
C GLY C 320 -15.88 37.77 50.42
N GLY C 321 -16.08 36.56 49.91
CA GLY C 321 -16.12 36.36 48.48
C GLY C 321 -14.81 36.64 47.77
N GLY C 322 -13.70 36.21 48.36
CA GLY C 322 -12.43 36.30 47.68
C GLY C 322 -12.33 35.31 46.53
N SER C 323 -11.46 35.62 45.57
CA SER C 323 -11.31 34.78 44.40
C SER C 323 -9.97 35.06 43.74
N MET C 324 -9.19 34.01 43.48
CA MET C 324 -7.94 34.11 42.76
C MET C 324 -8.07 33.35 41.44
N THR C 325 -7.45 33.90 40.39
CA THR C 325 -7.42 33.26 39.09
C THR C 325 -5.98 33.12 38.65
N GLY C 326 -5.42 31.91 38.81
CA GLY C 326 -4.04 31.65 38.42
C GLY C 326 -3.93 31.30 36.96
N LEU C 327 -2.96 31.90 36.29
CA LEU C 327 -2.70 31.66 34.87
C LEU C 327 -1.30 31.07 34.73
N PRO C 328 -1.17 29.75 34.62
CA PRO C 328 0.14 29.14 34.39
C PRO C 328 0.44 28.97 32.91
N ILE C 329 1.72 29.04 32.59
CA ILE C 329 2.20 28.97 31.21
C ILE C 329 3.20 27.82 31.10
N ILE C 330 2.98 26.95 30.12
CA ILE C 330 3.80 25.76 29.92
C ILE C 330 4.38 25.80 28.51
N GLU C 331 5.66 25.50 28.39
CA GLU C 331 6.35 25.42 27.11
C GLU C 331 6.73 23.97 26.83
N THR C 332 6.31 23.46 25.68
CA THR C 332 6.59 22.11 25.27
C THR C 332 7.48 22.11 24.04
N LYS C 333 8.12 20.97 23.79
CA LYS C 333 8.99 20.79 22.64
C LYS C 333 8.39 19.74 21.71
N ALA C 334 8.57 19.97 20.40
CA ALA C 334 8.06 19.07 19.37
C ALA C 334 6.55 18.91 19.44
N ASN C 335 5.87 19.96 19.94
CA ASN C 335 4.41 20.06 20.02
C ASN C 335 3.76 18.71 20.37
N ASP C 336 4.28 18.08 21.42
CA ASP C 336 3.80 16.79 21.88
C ASP C 336 3.07 16.96 23.20
N ILE C 337 1.77 16.65 23.21
CA ILE C 337 1.00 16.68 24.44
C ILE C 337 1.44 15.55 25.37
N SER C 338 1.76 14.39 24.80
CA SER C 338 2.08 13.21 25.60
C SER C 338 3.44 13.35 26.27
N ALA C 339 3.45 13.81 27.52
CA ALA C 339 4.66 13.89 28.31
C ALA C 339 4.25 14.00 29.78
N PHE C 340 5.19 13.63 30.65
CA PHE C 340 4.94 13.51 32.09
C PHE C 340 4.38 14.80 32.70
N ILE C 341 5.19 15.86 32.71
CA ILE C 341 4.75 17.12 33.30
C ILE C 341 3.55 17.71 32.57
N PRO C 342 3.51 17.75 31.23
CA PRO C 342 2.29 18.27 30.59
C PRO C 342 1.02 17.54 31.00
N THR C 343 1.04 16.21 31.01
CA THR C 343 -0.18 15.49 31.35
C THR C 343 -0.52 15.65 32.81
N ASN C 344 0.48 15.72 33.69
CA ASN C 344 0.20 15.93 35.10
C ASN C 344 -0.47 17.27 35.33
N VAL C 345 0.07 18.33 34.73
CA VAL C 345 -0.50 19.66 34.95
C VAL C 345 -1.87 19.77 34.29
N ILE C 346 -2.05 19.15 33.12
CA ILE C 346 -3.36 19.22 32.48
C ILE C 346 -4.39 18.41 33.27
N SER C 347 -3.95 17.37 33.99
CA SER C 347 -4.88 16.61 34.80
C SER C 347 -5.28 17.39 36.05
N ILE C 348 -4.31 18.02 36.72
CA ILE C 348 -4.65 18.72 37.96
C ILE C 348 -5.50 19.95 37.68
N THR C 349 -5.23 20.65 36.57
CA THR C 349 -5.96 21.87 36.24
C THR C 349 -7.28 21.54 35.55
N ASP C 350 -8.04 22.59 35.23
CA ASP C 350 -9.30 22.46 34.51
C ASP C 350 -9.29 23.37 33.30
N GLY C 351 -9.54 22.80 32.12
CA GLY C 351 -9.56 23.57 30.90
C GLY C 351 -8.18 23.98 30.43
N GLN C 352 -8.02 24.16 29.11
CA GLN C 352 -6.73 24.53 28.56
C GLN C 352 -6.92 25.22 27.23
N CYS C 353 -5.91 25.97 26.81
CA CYS C 353 -5.88 26.63 25.51
C CYS C 353 -4.61 26.22 24.80
N PHE C 354 -4.76 25.72 23.58
CA PHE C 354 -3.62 25.19 22.81
C PHE C 354 -3.20 26.21 21.75
N LEU C 355 -1.89 26.45 21.67
CA LEU C 355 -1.31 27.34 20.69
C LEU C 355 -0.22 26.59 19.92
N GLU C 356 -0.14 26.85 18.62
CA GLU C 356 0.76 26.12 17.74
C GLU C 356 1.59 27.09 16.91
N SER C 357 2.80 26.65 16.56
CA SER C 357 3.70 27.46 15.74
C SER C 357 3.33 27.46 14.27
N ASP C 358 2.56 26.47 13.81
CA ASP C 358 2.24 26.37 12.40
C ASP C 358 1.39 27.56 11.95
N LEU C 359 0.31 27.85 12.68
CA LEU C 359 -0.55 28.97 12.33
C LEU C 359 0.21 30.29 12.43
N PHE C 360 1.06 30.44 13.45
CA PHE C 360 1.91 31.62 13.53
C PHE C 360 2.84 31.71 12.33
N ASN C 361 3.20 30.57 11.75
CA ASN C 361 4.05 30.57 10.56
C ASN C 361 3.27 31.01 9.32
N GLN C 362 2.04 30.51 9.16
CA GLN C 362 1.26 30.87 7.98
C GLN C 362 0.97 32.37 7.91
N GLY C 363 0.92 33.04 9.06
CA GLY C 363 0.76 34.49 9.05
C GLY C 363 -0.15 35.05 10.11
N VAL C 364 -1.11 34.27 10.59
CA VAL C 364 -1.99 34.76 11.64
C VAL C 364 -1.22 34.85 12.95
N ARG C 365 -1.26 36.01 13.59
CA ARG C 365 -0.49 36.21 14.80
C ARG C 365 -1.15 35.51 15.98
N PRO C 366 -2.46 35.71 16.24
CA PRO C 366 -3.11 34.88 17.27
C PRO C 366 -3.35 33.47 16.76
N ALA C 367 -2.55 32.52 17.24
CA ALA C 367 -2.62 31.13 16.77
C ALA C 367 -3.34 30.29 17.82
N ILE C 368 -4.64 30.11 17.63
CA ILE C 368 -5.48 29.32 18.52
C ILE C 368 -6.12 28.21 17.70
N ASN C 369 -5.99 26.97 18.17
CA ASN C 369 -6.71 25.87 17.57
C ASN C 369 -8.13 25.79 18.15
N VAL C 370 -9.03 25.21 17.37
CA VAL C 370 -10.43 25.13 17.76
C VAL C 370 -10.87 23.71 18.09
N GLY C 371 -10.15 22.68 17.63
CA GLY C 371 -10.59 21.32 17.83
C GLY C 371 -10.26 20.74 19.19
N VAL C 372 -9.23 21.28 19.85
CA VAL C 372 -8.74 20.71 21.10
C VAL C 372 -8.95 21.64 22.28
N SER C 373 -8.83 22.95 22.10
CA SER C 373 -8.94 23.90 23.22
C SER C 373 -10.38 23.94 23.71
N VAL C 374 -10.62 23.32 24.85
CA VAL C 374 -11.96 23.22 25.43
C VAL C 374 -11.88 23.67 26.88
N SER C 375 -12.92 24.37 27.34
CA SER C 375 -13.01 24.84 28.72
C SER C 375 -14.20 24.17 29.40
N ARG C 376 -13.97 23.66 30.60
CA ARG C 376 -15.02 23.02 31.38
C ARG C 376 -15.93 24.03 32.08
N VAL C 377 -15.69 25.32 31.90
CA VAL C 377 -16.51 26.34 32.55
C VAL C 377 -17.93 26.30 31.98
N GLY C 378 -18.90 26.60 32.84
CA GLY C 378 -20.29 26.60 32.45
C GLY C 378 -20.70 27.87 31.74
N GLY C 379 -22.01 28.06 31.65
CA GLY C 379 -22.59 29.22 30.97
C GLY C 379 -22.65 30.49 31.78
N ALA C 380 -22.25 30.46 33.05
CA ALA C 380 -22.31 31.65 33.89
C ALA C 380 -21.23 32.67 33.54
N ALA C 381 -20.26 32.32 32.71
CA ALA C 381 -19.17 33.24 32.40
C ALA C 381 -19.62 34.34 31.43
N GLN C 382 -20.55 34.02 30.53
CA GLN C 382 -20.93 34.94 29.47
C GLN C 382 -22.12 35.81 29.90
N ILE C 383 -22.22 36.98 29.28
CA ILE C 383 -23.35 37.87 29.52
C ILE C 383 -24.50 37.48 28.61
N LYS C 384 -25.72 37.90 29.00
CA LYS C 384 -26.90 37.57 28.22
C LYS C 384 -26.82 38.15 26.81
N ALA C 385 -26.34 39.39 26.70
CA ALA C 385 -26.13 39.97 25.37
C ALA C 385 -25.13 39.16 24.57
N MET C 386 -24.01 38.77 25.20
CA MET C 386 -23.02 37.93 24.53
C MET C 386 -23.63 36.59 24.13
N LYS C 387 -24.43 35.99 25.00
CA LYS C 387 -25.05 34.71 24.68
C LYS C 387 -25.99 34.82 23.49
N GLU C 388 -26.80 35.88 23.45
CA GLU C 388 -27.82 35.98 22.41
C GLU C 388 -27.22 36.42 21.07
N VAL C 389 -26.20 37.28 21.10
CA VAL C 389 -25.66 37.82 19.86
C VAL C 389 -24.91 36.73 19.08
N ALA C 390 -24.22 35.84 19.79
CA ALA C 390 -23.37 34.83 19.16
C ALA C 390 -23.81 33.45 19.62
N GLY C 391 -24.05 32.57 18.66
CA GLY C 391 -24.38 31.19 18.97
C GLY C 391 -23.91 30.27 17.86
N SER C 392 -23.50 29.06 18.25
CA SER C 392 -23.05 28.02 17.33
C SER C 392 -21.83 28.47 16.52
N LEU C 393 -21.02 29.37 17.06
CA LEU C 393 -19.82 29.81 16.33
C LEU C 393 -18.75 28.72 16.31
N ARG C 394 -18.53 28.05 17.45
CA ARG C 394 -17.48 27.05 17.52
C ARG C 394 -17.73 25.89 16.57
N LEU C 395 -18.99 25.43 16.51
CA LEU C 395 -19.32 24.33 15.59
C LEU C 395 -19.15 24.75 14.14
N ASP C 396 -19.54 25.98 13.80
CA ASP C 396 -19.37 26.46 12.43
C ASP C 396 -17.90 26.56 12.05
N LEU C 397 -17.06 27.07 12.95
CA LEU C 397 -15.63 27.12 12.66
C LEU C 397 -15.02 25.73 12.58
N SER C 398 -15.47 24.80 13.42
CA SER C 398 -14.95 23.44 13.35
C SER C 398 -15.31 22.77 12.02
N GLN C 399 -16.57 22.93 11.58
CA GLN C 399 -16.95 22.33 10.31
C GLN C 399 -16.27 23.03 9.13
N TYR C 400 -16.00 24.33 9.25
CA TYR C 400 -15.23 25.01 8.21
C TYR C 400 -13.81 24.48 8.15
N ARG C 401 -13.19 24.26 9.31
CA ARG C 401 -11.85 23.69 9.35
C ARG C 401 -11.83 22.27 8.78
N GLU C 402 -12.89 21.50 9.00
CA GLU C 402 -13.02 20.20 8.34
C GLU C 402 -13.17 20.32 6.83
N LEU C 403 -13.98 21.29 6.38
CA LEU C 403 -14.28 21.42 4.96
C LEU C 403 -13.07 21.94 4.18
N GLU C 404 -12.27 22.83 4.76
CA GLU C 404 -11.16 23.42 4.02
C GLU C 404 -10.10 22.39 3.64
N ALA C 405 -10.13 21.20 4.25
CA ALA C 405 -9.24 20.13 3.82
C ALA C 405 -9.58 19.62 2.42
N PHE C 406 -10.80 19.87 1.95
CA PHE C 406 -11.24 19.45 0.63
C PHE C 406 -11.48 20.65 -0.29
N ALA C 407 -10.61 21.65 -0.20
CA ALA C 407 -10.73 22.82 -1.06
C ALA C 407 -10.22 22.57 -2.47
N ALA C 408 -9.51 21.46 -2.69
CA ALA C 408 -8.97 21.14 -4.01
C ALA C 408 -9.95 20.35 -4.87
N PHE C 409 -11.15 20.05 -4.36
CA PHE C 409 -12.17 19.31 -5.09
C PHE C 409 -13.43 20.16 -5.16
N ALA C 410 -13.52 21.00 -6.18
CA ALA C 410 -14.66 21.88 -6.37
C ALA C 410 -15.85 21.20 -7.03
N SER C 411 -15.67 19.98 -7.55
CA SER C 411 -16.76 19.29 -8.22
C SER C 411 -17.87 18.92 -7.25
N ASP C 412 -17.52 18.48 -6.04
CA ASP C 412 -18.52 18.10 -5.04
C ASP C 412 -19.21 19.31 -4.42
N LEU C 413 -18.57 20.48 -4.42
CA LEU C 413 -19.20 21.66 -3.84
C LEU C 413 -20.38 22.12 -4.69
N ASP C 414 -20.20 22.22 -6.00
CA ASP C 414 -21.22 22.61 -6.98
C ASP C 414 -22.14 23.72 -6.46
N ALA C 415 -21.49 24.82 -6.04
CA ALA C 415 -22.19 26.03 -5.60
C ALA C 415 -23.17 25.76 -4.47
N ALA C 416 -22.77 24.90 -3.54
CA ALA C 416 -23.55 24.62 -2.34
C ALA C 416 -22.82 25.01 -1.06
N SER C 417 -21.53 24.72 -0.96
CA SER C 417 -20.71 25.11 0.18
C SER C 417 -19.86 26.33 -0.12
N LYS C 418 -20.05 26.98 -1.26
CA LYS C 418 -19.29 28.18 -1.58
C LYS C 418 -19.58 29.29 -0.58
N ALA C 419 -20.84 29.43 -0.17
CA ALA C 419 -21.18 30.39 0.87
C ALA C 419 -20.48 30.04 2.17
N GLN C 420 -20.42 28.74 2.51
CA GLN C 420 -19.73 28.32 3.72
C GLN C 420 -18.25 28.68 3.67
N LEU C 421 -17.61 28.44 2.53
CA LEU C 421 -16.18 28.76 2.41
C LEU C 421 -15.95 30.26 2.45
N ASP C 422 -16.83 31.04 1.82
CA ASP C 422 -16.70 32.49 1.88
C ASP C 422 -16.83 32.99 3.31
N ARG C 423 -17.84 32.49 4.04
CA ARG C 423 -18.01 32.87 5.43
C ARG C 423 -16.79 32.49 6.25
N GLY C 424 -16.26 31.29 6.02
CA GLY C 424 -15.09 30.86 6.77
C GLY C 424 -13.88 31.74 6.51
N ALA C 425 -13.67 32.12 5.26
CA ALA C 425 -12.54 33.00 4.94
C ALA C 425 -12.72 34.36 5.61
N ARG C 426 -13.92 34.92 5.54
CA ARG C 426 -14.16 36.23 6.17
C ARG C 426 -13.98 36.16 7.68
N LEU C 427 -14.45 35.08 8.30
CA LEU C 427 -14.30 34.93 9.75
C LEU C 427 -12.84 34.73 10.13
N VAL C 428 -12.10 33.93 9.38
CA VAL C 428 -10.68 33.72 9.66
C VAL C 428 -9.93 35.04 9.57
N GLU C 429 -10.27 35.86 8.58
CA GLU C 429 -9.70 37.21 8.53
C GLU C 429 -10.13 38.02 9.75
N LEU C 430 -11.39 37.88 10.17
CA LEU C 430 -11.92 38.73 11.23
C LEU C 430 -11.22 38.48 12.55
N LEU C 431 -10.94 37.21 12.87
CA LEU C 431 -10.41 36.87 14.18
C LEU C 431 -8.98 37.34 14.40
N LYS C 432 -8.30 37.82 13.36
CA LYS C 432 -6.93 38.31 13.52
C LYS C 432 -6.92 39.55 14.42
N GLN C 433 -5.85 39.67 15.21
CA GLN C 433 -5.71 40.76 16.17
C GLN C 433 -4.35 41.41 16.03
N PRO C 434 -4.28 42.74 16.14
CA PRO C 434 -2.98 43.42 16.10
C PRO C 434 -2.21 43.30 17.40
N GLN C 435 -1.11 44.02 17.51
CA GLN C 435 -0.23 43.94 18.68
C GLN C 435 -0.54 45.09 19.64
N TYR C 436 -0.61 44.77 20.93
CA TYR C 436 -0.79 45.76 21.99
C TYR C 436 -2.04 46.61 21.77
N SER C 437 -3.14 45.96 21.41
CA SER C 437 -4.40 46.63 21.10
C SER C 437 -5.51 46.02 21.95
N PRO C 438 -5.68 46.50 23.18
CA PRO C 438 -6.75 45.99 24.03
C PRO C 438 -8.12 46.32 23.44
N LEU C 439 -9.08 45.44 23.72
CA LEU C 439 -10.41 45.54 23.15
C LEU C 439 -11.45 45.40 24.26
N ALA C 440 -12.48 46.24 24.22
CA ALA C 440 -13.53 46.22 25.22
C ALA C 440 -14.73 45.41 24.73
N VAL C 441 -15.68 45.21 25.65
CA VAL C 441 -16.83 44.36 25.35
C VAL C 441 -17.72 44.98 24.29
N GLU C 442 -17.83 46.31 24.29
CA GLU C 442 -18.80 46.98 23.41
C GLU C 442 -18.42 46.82 21.94
N GLU C 443 -17.21 47.25 21.58
CA GLU C 443 -16.79 47.14 20.19
C GLU C 443 -16.65 45.69 19.75
N GLN C 444 -16.25 44.80 20.67
CA GLN C 444 -16.12 43.40 20.28
C GLN C 444 -17.48 42.76 20.02
N VAL C 445 -18.49 43.10 20.81
CA VAL C 445 -19.81 42.53 20.57
C VAL C 445 -20.40 43.10 19.29
N VAL C 446 -20.15 44.39 19.01
CA VAL C 446 -20.59 44.95 17.74
C VAL C 446 -19.90 44.25 16.57
N ALA C 447 -18.60 44.00 16.70
CA ALA C 447 -17.86 43.34 15.63
C ALA C 447 -18.36 41.92 15.39
N ILE C 448 -18.61 41.17 16.46
CA ILE C 448 -19.07 39.80 16.26
C ILE C 448 -20.50 39.79 15.72
N PHE C 449 -21.32 40.78 16.10
CA PHE C 449 -22.64 40.90 15.48
C PHE C 449 -22.51 41.12 13.99
N LEU C 450 -21.62 42.03 13.58
CA LEU C 450 -21.40 42.28 12.15
C LEU C 450 -20.93 41.02 11.44
N GLY C 451 -20.00 40.29 12.05
CA GLY C 451 -19.51 39.07 11.43
C GLY C 451 -20.57 38.00 11.30
N THR C 452 -21.37 37.80 12.35
CA THR C 452 -22.38 36.76 12.33
C THR C 452 -23.50 37.08 11.36
N GLN C 453 -23.92 38.34 11.29
CA GLN C 453 -25.03 38.71 10.40
C GLN C 453 -24.65 38.60 8.93
N GLY C 454 -23.37 38.70 8.60
CA GLY C 454 -22.93 38.56 7.22
C GLY C 454 -23.17 39.77 6.34
N HIS C 455 -23.24 40.97 6.92
CA HIS C 455 -23.42 42.19 6.13
C HIS C 455 -22.17 42.54 5.32
N LEU C 456 -21.06 41.86 5.57
CA LEU C 456 -19.77 42.21 5.00
C LEU C 456 -19.38 41.34 3.80
N ASP C 457 -20.32 40.56 3.26
CA ASP C 457 -20.00 39.61 2.20
C ASP C 457 -19.43 40.30 0.98
N SER C 458 -19.99 41.44 0.59
CA SER C 458 -19.57 42.10 -0.65
C SER C 458 -18.22 42.79 -0.52
N VAL C 459 -17.71 42.99 0.70
CA VAL C 459 -16.46 43.70 0.90
C VAL C 459 -15.30 42.76 0.57
N PRO C 460 -14.42 43.13 -0.36
CA PRO C 460 -13.29 42.27 -0.69
C PRO C 460 -12.35 42.07 0.50
N VAL C 461 -11.83 40.85 0.63
CA VAL C 461 -11.04 40.46 1.80
C VAL C 461 -9.79 41.30 1.96
N GLU C 462 -9.30 41.92 0.88
CA GLU C 462 -8.01 42.58 0.89
C GLU C 462 -7.93 43.77 1.84
N ASP C 463 -9.07 44.34 2.24
CA ASP C 463 -9.06 45.51 3.11
C ASP C 463 -10.07 45.47 4.24
N VAL C 464 -10.92 44.45 4.31
CA VAL C 464 -12.03 44.38 5.25
C VAL C 464 -11.63 44.87 6.64
N GLN C 465 -10.43 44.47 7.08
CA GLN C 465 -9.94 44.84 8.41
C GLN C 465 -10.10 46.33 8.67
N ARG C 466 -9.40 47.15 7.88
CA ARG C 466 -9.45 48.59 8.13
C ARG C 466 -10.88 49.09 8.09
N PHE C 467 -11.70 48.51 7.21
CA PHE C 467 -13.10 48.86 7.13
C PHE C 467 -13.73 48.91 8.52
N GLU C 468 -13.67 47.79 9.25
CA GLU C 468 -14.34 47.75 10.55
C GLU C 468 -13.78 48.82 11.45
N SER C 469 -12.45 48.98 11.47
CA SER C 469 -11.85 50.02 12.29
C SER C 469 -12.46 51.37 11.96
N GLU C 470 -12.51 51.71 10.67
CA GLU C 470 -13.17 52.94 10.26
C GLU C 470 -14.60 52.95 10.76
N LEU C 471 -15.36 51.89 10.46
CA LEU C 471 -16.72 51.80 10.96
C LEU C 471 -16.73 52.02 12.47
N LEU C 472 -15.82 51.34 13.17
CA LEU C 472 -15.76 51.45 14.62
C LEU C 472 -15.64 52.91 15.04
N GLU C 473 -14.65 53.62 14.48
CA GLU C 473 -14.46 54.99 14.92
C GLU C 473 -15.65 55.86 14.53
N HIS C 474 -16.28 55.56 13.40
CA HIS C 474 -17.49 56.30 13.04
C HIS C 474 -18.57 56.06 14.10
N VAL C 475 -18.74 54.81 14.54
CA VAL C 475 -19.69 54.55 15.61
C VAL C 475 -19.21 55.23 16.89
N LYS C 476 -17.89 55.39 17.03
CA LYS C 476 -17.38 56.15 18.16
C LYS C 476 -17.60 57.64 17.95
N ALA C 477 -17.56 58.11 16.69
CA ALA C 477 -17.77 59.53 16.42
C ALA C 477 -19.24 59.90 16.48
N SER C 478 -20.12 59.02 16.03
CA SER C 478 -21.55 59.28 16.00
C SER C 478 -22.14 59.04 17.39
N HIS C 479 -23.47 58.98 17.46
CA HIS C 479 -24.15 58.73 18.72
C HIS C 479 -23.71 57.41 19.33
N SER C 480 -23.43 57.44 20.63
CA SER C 480 -23.00 56.25 21.38
C SER C 480 -24.10 55.74 22.32
N ASP C 481 -25.34 56.14 22.08
CA ASP C 481 -26.44 55.72 22.96
C ASP C 481 -26.67 54.22 22.89
N ILE C 482 -26.38 53.59 21.76
CA ILE C 482 -26.56 52.15 21.64
C ILE C 482 -25.59 51.41 22.55
N PHE C 483 -24.34 51.90 22.64
CA PHE C 483 -23.38 51.30 23.54
C PHE C 483 -23.86 51.37 24.98
N ASP C 484 -24.35 52.53 25.41
CA ASP C 484 -24.85 52.67 26.78
C ASP C 484 -26.05 51.77 27.01
N GLY C 485 -26.95 51.70 26.03
CA GLY C 485 -28.14 50.87 26.19
C GLY C 485 -27.82 49.40 26.35
N ILE C 486 -26.86 48.90 25.57
CA ILE C 486 -26.53 47.48 25.68
C ILE C 486 -25.57 47.24 26.85
N ARG C 487 -24.90 48.28 27.33
CA ARG C 487 -24.02 48.14 28.49
C ARG C 487 -24.82 48.10 29.79
N GLU C 488 -25.88 48.90 29.89
CA GLU C 488 -26.65 48.95 31.13
C GLU C 488 -27.50 47.70 31.31
N THR C 489 -28.37 47.42 30.34
CA THR C 489 -29.28 46.28 30.46
C THR C 489 -28.56 44.95 30.29
N LYS C 490 -27.34 44.95 29.78
CA LYS C 490 -26.55 43.74 29.53
C LYS C 490 -27.25 42.80 28.56
N LYS C 491 -28.18 43.31 27.77
CA LYS C 491 -28.88 42.53 26.76
C LYS C 491 -29.03 43.37 25.51
N LEU C 492 -29.14 42.70 24.37
CA LEU C 492 -29.35 43.38 23.10
C LEU C 492 -30.83 43.68 22.93
N SER C 493 -31.16 44.93 22.60
CA SER C 493 -32.53 45.33 22.36
C SER C 493 -32.78 45.44 20.85
N GLU C 494 -34.00 45.12 20.44
CA GLU C 494 -34.31 45.10 19.02
C GLU C 494 -34.13 46.48 18.40
N GLU C 495 -34.69 47.52 19.03
CA GLU C 495 -34.61 48.86 18.44
C GLU C 495 -33.17 49.27 18.21
N ALA C 496 -32.28 48.93 19.15
CA ALA C 496 -30.85 49.12 18.92
C ALA C 496 -30.37 48.33 17.72
N GLU C 497 -30.96 47.15 17.48
CA GLU C 497 -30.56 46.34 16.34
C GLU C 497 -30.92 47.03 15.02
N GLU C 498 -32.15 47.55 14.90
CA GLU C 498 -32.48 48.28 13.68
C GLU C 498 -31.65 49.54 13.54
N LYS C 499 -31.40 50.26 14.64
CA LYS C 499 -30.57 51.45 14.56
C LYS C 499 -29.17 51.12 14.08
N LEU C 500 -28.59 50.03 14.61
CA LEU C 500 -27.23 49.67 14.25
C LEU C 500 -27.14 49.16 12.81
N VAL C 501 -28.13 48.39 12.36
CA VAL C 501 -28.09 47.93 10.97
C VAL C 501 -28.32 49.10 10.02
N SER C 502 -29.14 50.08 10.42
CA SER C 502 -29.30 51.28 9.61
C SER C 502 -28.00 52.07 9.51
N VAL C 503 -27.28 52.19 10.63
CA VAL C 503 -25.98 52.85 10.62
C VAL C 503 -25.01 52.10 9.72
N ILE C 504 -25.03 50.77 9.79
CA ILE C 504 -24.17 49.95 8.93
C ILE C 504 -24.49 50.21 7.47
N ASN C 505 -25.78 50.24 7.14
CA ASN C 505 -26.19 50.44 5.74
C ASN C 505 -25.74 51.81 5.24
N GLU C 506 -26.00 52.86 6.01
CA GLU C 506 -25.63 54.19 5.57
C GLU C 506 -24.12 54.37 5.48
N PHE C 507 -23.37 53.68 6.34
CA PHE C 507 -21.91 53.79 6.29
C PHE C 507 -21.36 53.03 5.08
N LYS C 508 -21.85 51.81 4.83
CA LYS C 508 -21.30 51.00 3.75
C LYS C 508 -21.74 51.48 2.38
N LYS C 509 -22.91 52.13 2.28
CA LYS C 509 -23.27 52.78 1.02
C LYS C 509 -22.29 53.88 0.66
N GLY C 510 -21.87 54.67 1.64
CA GLY C 510 -20.88 55.70 1.45
C GLY C 510 -19.44 55.25 1.55
N PHE C 511 -19.19 54.00 1.93
CA PHE C 511 -17.85 53.48 2.05
C PHE C 511 -17.32 53.01 0.70
N GLN C 512 -16.02 53.17 0.50
CA GLN C 512 -15.35 52.74 -0.73
C GLN C 512 -14.33 51.67 -0.40
N ALA C 513 -14.14 50.75 -1.33
CA ALA C 513 -13.19 49.67 -1.14
C ALA C 513 -11.78 50.14 -1.48
N SER C 514 -10.81 49.24 -1.35
CA SER C 514 -9.44 49.57 -1.69
C SER C 514 -9.30 49.88 -3.17
N ASP C 515 -9.96 49.10 -4.02
CA ASP C 515 -9.94 49.34 -5.46
C ASP C 515 -10.99 50.35 -5.92
N GLY C 516 -11.80 50.87 -5.00
CA GLY C 516 -12.79 51.88 -5.33
C GLY C 516 -14.14 51.36 -5.75
N SER C 517 -14.44 50.08 -5.50
CA SER C 517 -15.73 49.50 -5.85
C SER C 517 -16.62 49.47 -4.61
N SER C 518 -17.73 50.20 -4.66
CA SER C 518 -18.61 50.30 -3.51
C SER C 518 -19.39 49.00 -3.31
N VAL C 519 -19.74 48.73 -2.06
CA VAL C 519 -20.54 47.55 -1.72
C VAL C 519 -22.01 47.88 -1.88
N VAL C 520 -22.76 46.93 -2.43
CA VAL C 520 -24.19 47.11 -2.66
C VAL C 520 -24.99 46.23 -1.72
N THR D 14 45.30 -29.47 58.92
CA THR D 14 44.69 -28.17 59.21
C THR D 14 43.47 -27.94 58.31
N ALA D 15 42.49 -27.22 58.84
CA ALA D 15 41.25 -26.98 58.11
C ALA D 15 40.58 -25.73 58.67
N GLY D 16 39.59 -25.23 57.92
CA GLY D 16 38.87 -24.04 58.32
C GLY D 16 37.40 -24.30 58.59
N ARG D 17 36.60 -23.23 58.58
CA ARG D 17 35.17 -23.32 58.87
C ARG D 17 34.39 -22.47 57.88
N VAL D 18 33.07 -22.52 57.98
CA VAL D 18 32.16 -21.75 57.13
C VAL D 18 31.48 -20.69 57.99
N VAL D 19 31.34 -19.48 57.45
CA VAL D 19 30.81 -18.35 58.18
C VAL D 19 29.53 -17.79 57.56
N ARG D 20 29.47 -17.71 56.24
CA ARG D 20 28.30 -17.14 55.56
C ARG D 20 27.83 -18.09 54.47
N ILE D 21 26.52 -18.30 54.43
CA ILE D 21 25.89 -19.17 53.45
C ILE D 21 24.74 -18.42 52.80
N THR D 22 24.74 -18.36 51.47
CA THR D 22 23.65 -17.77 50.71
C THR D 22 23.74 -18.18 49.25
N GLY D 23 22.66 -18.69 48.68
CA GLY D 23 22.67 -19.19 47.33
C GLY D 23 23.72 -20.26 47.14
N PRO D 24 24.44 -20.19 46.03
CA PRO D 24 25.54 -21.14 45.80
C PRO D 24 26.88 -20.67 46.35
N VAL D 25 27.04 -19.37 46.55
CA VAL D 25 28.34 -18.82 46.94
C VAL D 25 28.59 -19.09 48.41
N VAL D 26 29.76 -19.66 48.71
CA VAL D 26 30.16 -20.02 50.06
C VAL D 26 31.55 -19.45 50.33
N ASP D 27 31.73 -18.84 51.50
CA ASP D 27 33.02 -18.32 51.90
C ASP D 27 33.48 -19.02 53.17
N VAL D 28 34.78 -19.31 53.24
CA VAL D 28 35.34 -20.10 54.33
C VAL D 28 36.56 -19.41 54.91
N GLU D 29 36.94 -19.87 56.10
CA GLU D 29 38.02 -19.31 56.89
C GLU D 29 39.06 -20.39 57.19
N PHE D 30 40.32 -20.01 57.17
CA PHE D 30 41.46 -20.89 57.38
C PHE D 30 42.40 -20.27 58.41
N PRO D 31 43.20 -21.09 59.09
CA PRO D 31 44.18 -20.55 60.04
C PRO D 31 45.42 -20.01 59.35
N ARG D 32 46.42 -19.61 60.13
CA ARG D 32 47.65 -19.06 59.58
C ARG D 32 48.42 -20.10 58.79
N GLY D 33 49.00 -19.67 57.68
CA GLY D 33 49.76 -20.58 56.83
C GLY D 33 48.94 -21.72 56.28
N SER D 34 47.68 -21.45 55.93
CA SER D 34 46.79 -22.50 55.45
C SER D 34 45.98 -22.09 54.22
N VAL D 35 46.13 -20.87 53.73
CA VAL D 35 45.32 -20.42 52.59
C VAL D 35 45.82 -21.11 51.33
N PRO D 36 44.95 -21.76 50.56
CA PRO D 36 45.36 -22.34 49.28
C PRO D 36 45.30 -21.31 48.16
N GLU D 37 45.98 -21.63 47.06
CA GLU D 37 45.99 -20.75 45.91
C GLU D 37 44.64 -20.78 45.21
N LEU D 38 44.55 -20.04 44.10
CA LEU D 38 43.31 -19.99 43.35
C LEU D 38 43.05 -21.33 42.65
N PHE D 39 41.76 -21.64 42.50
CA PHE D 39 41.30 -22.82 41.75
C PHE D 39 41.85 -24.12 42.36
N ASN D 40 41.43 -24.39 43.58
CA ASN D 40 41.72 -25.66 44.23
C ASN D 40 40.42 -26.34 44.64
N ALA D 41 40.38 -27.66 44.48
CA ALA D 41 39.22 -28.44 44.88
C ALA D 41 39.13 -28.50 46.40
N LEU D 42 37.92 -28.28 46.91
CA LEU D 42 37.64 -28.31 48.34
C LEU D 42 36.44 -29.20 48.59
N HIS D 43 36.54 -30.03 49.62
CA HIS D 43 35.49 -31.00 49.95
C HIS D 43 34.78 -30.57 51.21
N ALA D 44 33.45 -30.57 51.16
CA ALA D 44 32.60 -30.29 52.31
C ALA D 44 31.65 -31.46 52.50
N GLU D 45 31.44 -31.85 53.76
CA GLU D 45 30.62 -33.00 54.08
C GLU D 45 29.26 -32.53 54.61
N ILE D 46 28.20 -33.10 54.06
CA ILE D 46 26.83 -32.76 54.46
C ILE D 46 26.14 -34.04 54.91
N THR D 47 25.53 -33.99 56.09
CA THR D 47 24.87 -35.16 56.66
C THR D 47 23.40 -34.84 56.94
N PHE D 48 22.54 -35.80 56.63
CA PHE D 48 21.10 -35.68 56.88
C PHE D 48 20.50 -37.06 56.73
N GLY D 49 19.27 -37.21 57.23
CA GLY D 49 18.59 -38.48 57.11
C GLY D 49 18.27 -38.86 55.68
N ALA D 50 17.95 -37.88 54.84
CA ALA D 50 17.54 -38.13 53.47
C ALA D 50 18.46 -37.53 52.42
N LEU D 51 19.28 -36.55 52.76
CA LEU D 51 20.17 -35.90 51.79
C LEU D 51 21.60 -35.98 52.30
N ALA D 52 22.34 -36.97 51.81
CA ALA D 52 23.77 -37.11 52.10
C ALA D 52 24.53 -36.93 50.80
N LYS D 53 25.50 -36.02 50.79
CA LYS D 53 26.24 -35.70 49.58
C LYS D 53 27.67 -35.37 49.95
N THR D 54 28.44 -34.92 48.97
CA THR D 54 29.83 -34.51 49.17
C THR D 54 30.05 -33.27 48.30
N LEU D 55 29.90 -32.10 48.90
CA LEU D 55 30.01 -30.86 48.15
C LEU D 55 31.44 -30.66 47.67
N THR D 56 31.60 -30.39 46.38
CA THR D 56 32.89 -30.08 45.79
C THR D 56 32.87 -28.63 45.34
N LEU D 57 33.87 -27.86 45.77
CA LEU D 57 33.92 -26.44 45.49
C LEU D 57 35.28 -26.09 44.90
N GLU D 58 35.33 -24.98 44.17
CA GLU D 58 36.58 -24.50 43.59
C GLU D 58 36.78 -23.03 43.96
N VAL D 59 38.02 -22.67 44.27
CA VAL D 59 38.32 -21.35 44.81
C VAL D 59 38.03 -20.28 43.76
N ALA D 60 37.44 -19.17 44.22
CA ALA D 60 37.10 -18.06 43.35
C ALA D 60 37.94 -16.82 43.64
N GLN D 61 37.94 -16.31 44.87
CA GLN D 61 38.68 -15.09 45.15
C GLN D 61 39.06 -15.02 46.62
N HIS D 62 40.13 -14.27 46.89
CA HIS D 62 40.61 -14.02 48.24
C HIS D 62 40.04 -12.70 48.75
N LEU D 63 39.44 -12.73 49.94
CA LEU D 63 38.90 -11.53 50.57
C LEU D 63 39.77 -11.02 51.70
N GLY D 64 40.94 -11.62 51.93
CA GLY D 64 41.82 -11.18 52.98
C GLY D 64 41.47 -11.79 54.33
N ASP D 65 42.44 -11.73 55.24
CA ASP D 65 42.30 -12.29 56.59
C ASP D 65 41.93 -13.77 56.54
N SER D 66 42.48 -14.47 55.54
CA SER D 66 42.24 -15.90 55.35
C SER D 66 40.75 -16.20 55.20
N LEU D 67 40.03 -15.29 54.56
CA LEU D 67 38.62 -15.48 54.21
C LEU D 67 38.53 -15.56 52.70
N VAL D 68 38.17 -16.73 52.18
CA VAL D 68 38.18 -16.98 50.74
C VAL D 68 36.76 -17.35 50.29
N ARG D 69 36.32 -16.71 49.21
CA ARG D 69 34.98 -16.93 48.68
C ARG D 69 35.06 -17.79 47.42
N CYS D 70 34.09 -18.69 47.26
CA CYS D 70 34.08 -19.64 46.16
C CYS D 70 32.64 -20.03 45.87
N ILE D 71 32.46 -20.83 44.81
CA ILE D 71 31.14 -21.33 44.45
C ILE D 71 31.13 -22.84 44.61
N SER D 72 29.97 -23.46 44.41
CA SER D 72 29.80 -24.89 44.65
C SER D 72 29.32 -25.58 43.38
N MET D 73 29.70 -26.86 43.26
CA MET D 73 29.33 -27.67 42.12
C MET D 73 27.99 -28.37 42.31
N GLN D 74 27.39 -28.28 43.48
CA GLN D 74 26.14 -28.94 43.82
C GLN D 74 25.21 -27.95 44.51
N PRO D 75 23.90 -28.18 44.46
CA PRO D 75 22.97 -27.32 45.21
C PRO D 75 23.28 -27.38 46.70
N THR D 76 23.09 -26.25 47.37
CA THR D 76 23.48 -26.08 48.77
C THR D 76 22.34 -26.36 49.75
N ASP D 77 21.40 -27.22 49.37
CA ASP D 77 20.32 -27.56 50.29
C ASP D 77 20.81 -28.44 51.42
N GLY D 78 20.31 -28.18 52.63
CA GLY D 78 20.63 -29.02 53.77
C GLY D 78 21.95 -28.72 54.46
N LEU D 79 22.51 -27.54 54.25
CA LEU D 79 23.79 -27.19 54.84
C LEU D 79 23.60 -26.58 56.22
N VAL D 80 24.64 -26.70 57.06
CA VAL D 80 24.64 -26.16 58.41
C VAL D 80 26.00 -25.53 58.68
N ARG D 81 25.99 -24.39 59.37
CA ARG D 81 27.23 -23.71 59.68
C ARG D 81 28.05 -24.49 60.71
N GLY D 82 29.34 -24.20 60.75
CA GLY D 82 30.26 -24.89 61.64
C GLY D 82 30.86 -26.16 61.08
N VAL D 83 30.46 -26.57 59.88
CA VAL D 83 30.98 -27.79 59.27
C VAL D 83 32.38 -27.52 58.73
N GLU D 84 33.31 -28.42 59.03
CA GLU D 84 34.68 -28.29 58.55
C GLU D 84 34.73 -28.45 57.04
N VAL D 85 35.71 -27.81 56.42
CA VAL D 85 35.99 -27.94 54.99
C VAL D 85 37.43 -28.40 54.83
N THR D 86 37.64 -29.40 53.97
CA THR D 86 38.96 -29.95 53.78
C THR D 86 39.48 -29.64 52.38
N ASP D 87 40.81 -29.59 52.28
CA ASP D 87 41.50 -29.19 51.06
C ASP D 87 42.33 -30.35 50.53
N THR D 88 42.27 -30.57 49.22
CA THR D 88 43.08 -31.59 48.56
C THR D 88 44.37 -31.03 47.95
N GLY D 89 44.50 -29.71 47.89
CA GLY D 89 45.69 -29.09 47.34
C GLY D 89 45.93 -29.37 45.86
N ALA D 90 44.87 -29.34 45.06
CA ALA D 90 45.00 -29.60 43.63
C ALA D 90 43.79 -29.00 42.92
N SER D 91 43.90 -28.87 41.60
CA SER D 91 42.81 -28.38 40.79
C SER D 91 41.97 -29.56 40.28
N ILE D 92 40.96 -29.25 39.46
CA ILE D 92 40.09 -30.28 38.94
C ILE D 92 40.85 -31.15 37.94
N SER D 93 40.58 -32.46 37.97
CA SER D 93 41.22 -33.40 37.08
C SER D 93 40.21 -34.44 36.61
N VAL D 94 40.43 -34.94 35.40
CA VAL D 94 39.53 -35.92 34.80
C VAL D 94 40.35 -37.05 34.20
N PRO D 95 39.95 -38.31 34.37
CA PRO D 95 40.66 -39.41 33.71
C PRO D 95 40.46 -39.38 32.21
N VAL D 96 41.48 -39.83 31.48
CA VAL D 96 41.44 -39.94 30.03
C VAL D 96 42.10 -41.25 29.62
N GLY D 97 41.89 -41.64 28.38
CA GLY D 97 42.48 -42.85 27.83
C GLY D 97 41.67 -43.35 26.66
N ASP D 98 42.07 -44.52 26.16
CA ASP D 98 41.37 -45.15 25.05
C ASP D 98 40.07 -45.82 25.50
N GLY D 99 40.02 -46.34 26.73
CA GLY D 99 38.82 -46.97 27.23
C GLY D 99 37.68 -46.02 27.51
N VAL D 100 37.93 -44.71 27.45
CA VAL D 100 36.88 -43.72 27.66
C VAL D 100 35.84 -43.78 26.54
N LYS D 101 36.22 -44.29 25.37
CA LYS D 101 35.31 -44.33 24.24
C LYS D 101 34.09 -45.19 24.57
N GLY D 102 32.94 -44.78 24.04
CA GLY D 102 31.71 -45.51 24.28
C GLY D 102 31.24 -45.45 25.72
N HIS D 103 31.34 -44.28 26.36
CA HIS D 103 30.88 -44.11 27.73
C HIS D 103 30.40 -42.68 27.93
N VAL D 104 29.63 -42.48 28.98
CA VAL D 104 29.00 -41.20 29.28
C VAL D 104 29.54 -40.69 30.61
N PHE D 105 29.87 -39.40 30.66
CA PHE D 105 30.48 -38.80 31.84
C PHE D 105 29.86 -37.44 32.13
N ASN D 106 29.96 -37.05 33.40
CA ASN D 106 29.48 -35.76 33.86
C ASN D 106 30.65 -34.76 33.87
N ALA D 107 30.41 -33.58 34.44
CA ALA D 107 31.46 -32.56 34.51
C ALA D 107 32.62 -33.02 35.37
N LEU D 108 32.33 -33.67 36.50
CA LEU D 108 33.38 -34.15 37.38
C LEU D 108 34.11 -35.37 36.82
N GLY D 109 33.57 -36.01 35.77
CA GLY D 109 34.23 -37.13 35.14
C GLY D 109 33.77 -38.50 35.60
N ASP D 110 32.76 -38.57 36.47
CA ASP D 110 32.24 -39.87 36.87
C ASP D 110 31.50 -40.53 35.72
N CYS D 111 31.72 -41.83 35.55
CA CYS D 111 31.07 -42.57 34.48
C CYS D 111 29.60 -42.80 34.83
N LEU D 112 28.70 -42.31 33.98
CA LEU D 112 27.28 -42.45 34.26
C LEU D 112 26.79 -43.87 34.02
N ASP D 113 27.28 -44.51 32.94
CA ASP D 113 26.83 -45.86 32.62
C ASP D 113 27.21 -46.84 33.73
N ASP D 114 28.46 -46.81 34.17
CA ASP D 114 28.92 -47.64 35.28
C ASP D 114 29.45 -46.74 36.38
N PRO D 115 28.86 -46.75 37.58
CA PRO D 115 29.34 -45.86 38.63
C PRO D 115 30.81 -46.06 39.01
N GLY D 116 31.31 -47.28 38.90
CA GLY D 116 32.69 -47.54 39.31
C GLY D 116 33.70 -47.46 38.18
N TYR D 117 33.23 -47.33 36.95
CA TYR D 117 34.14 -47.31 35.80
C TYR D 117 34.92 -46.00 35.76
N GLY D 118 36.09 -46.05 35.13
CA GLY D 118 36.91 -44.86 34.98
C GLY D 118 37.50 -44.33 36.27
N LYS D 119 37.98 -45.21 37.15
CA LYS D 119 38.65 -44.80 38.38
C LYS D 119 40.09 -45.31 38.46
N ASP D 120 40.69 -45.64 37.31
CA ASP D 120 42.05 -46.12 37.28
C ASP D 120 42.93 -45.42 36.24
N PHE D 121 42.34 -44.70 35.28
CA PHE D 121 43.13 -44.04 34.26
C PHE D 121 43.92 -42.88 34.86
N GLU D 122 44.98 -42.49 34.15
CA GLU D 122 45.76 -41.34 34.57
C GLU D 122 44.95 -40.06 34.43
N HIS D 123 45.27 -39.07 35.25
CA HIS D 123 44.49 -37.86 35.37
C HIS D 123 45.31 -36.65 34.94
N TRP D 124 44.65 -35.69 34.30
CA TRP D 124 45.29 -34.47 33.86
C TRP D 124 44.53 -33.27 34.40
N SER D 125 45.26 -32.18 34.65
CA SER D 125 44.65 -30.95 35.12
C SER D 125 43.76 -30.35 34.05
N ILE D 126 42.64 -29.75 34.49
CA ILE D 126 41.72 -29.13 33.54
C ILE D 126 42.34 -27.90 32.91
N HIS D 127 42.95 -27.04 33.73
CA HIS D 127 43.54 -25.82 33.21
C HIS D 127 44.83 -26.12 32.45
N ARG D 128 45.07 -25.35 31.38
CA ARG D 128 46.21 -25.57 30.51
C ARG D 128 46.77 -24.22 30.09
N LYS D 129 47.62 -24.23 29.07
CA LYS D 129 48.23 -23.02 28.52
C LYS D 129 48.04 -22.99 27.01
N PRO D 130 47.79 -21.82 26.44
CA PRO D 130 47.58 -21.76 25.00
C PRO D 130 48.84 -22.14 24.24
N PRO D 131 48.70 -22.70 23.05
CA PRO D 131 49.88 -23.09 22.26
C PRO D 131 50.66 -21.87 21.79
N ALA D 132 51.93 -22.11 21.47
CA ALA D 132 52.82 -21.04 21.04
C ALA D 132 52.39 -20.49 19.68
N PHE D 133 52.56 -19.17 19.52
CA PHE D 133 52.23 -18.53 18.25
C PHE D 133 53.17 -18.96 17.14
N SER D 134 54.40 -19.36 17.49
CA SER D 134 55.40 -19.70 16.49
C SER D 134 55.05 -20.97 15.72
N ASP D 135 54.04 -21.72 16.16
CA ASP D 135 53.67 -22.96 15.47
C ASP D 135 52.27 -22.85 14.89
N LEU D 136 51.95 -21.71 14.27
CA LEU D 136 50.65 -21.45 13.69
C LEU D 136 50.77 -21.33 12.17
N GLU D 137 49.85 -21.99 11.45
CA GLU D 137 49.81 -21.93 10.01
C GLU D 137 48.36 -22.09 9.56
N PRO D 138 47.87 -21.25 8.66
CA PRO D 138 46.50 -21.41 8.16
C PRO D 138 46.34 -22.70 7.38
N ARG D 139 45.13 -23.25 7.44
CA ARG D 139 44.81 -24.52 6.78
C ARG D 139 43.81 -24.27 5.66
N THR D 140 44.14 -24.76 4.46
CA THR D 140 43.28 -24.62 3.30
C THR D 140 43.01 -25.99 2.72
N GLU D 141 41.74 -26.32 2.53
CA GLU D 141 41.33 -27.59 1.95
C GLU D 141 39.86 -27.50 1.55
N MET D 142 39.52 -28.17 0.45
CA MET D 142 38.15 -28.23 -0.03
C MET D 142 37.52 -29.55 0.40
N LEU D 143 36.85 -29.53 1.56
CA LEU D 143 36.05 -30.66 1.99
C LEU D 143 34.61 -30.42 1.53
N GLU D 144 34.01 -31.42 0.90
CA GLU D 144 32.71 -31.28 0.26
C GLU D 144 31.70 -32.23 0.88
N THR D 145 30.49 -31.73 1.08
CA THR D 145 29.34 -32.51 1.49
C THR D 145 28.40 -32.69 0.30
N GLY D 146 27.22 -33.24 0.56
CA GLY D 146 26.28 -33.53 -0.50
C GLY D 146 25.16 -32.53 -0.66
N LEU D 147 25.09 -31.53 0.22
CA LEU D 147 23.98 -30.58 0.23
C LEU D 147 24.32 -29.37 -0.63
N LYS D 148 23.32 -28.90 -1.39
CA LYS D 148 23.56 -27.89 -2.42
C LYS D 148 23.95 -26.55 -1.82
N VAL D 149 23.24 -26.10 -0.78
CA VAL D 149 23.44 -24.75 -0.25
C VAL D 149 24.86 -24.59 0.28
N VAL D 150 25.32 -25.55 1.09
CA VAL D 150 26.67 -25.47 1.63
C VAL D 150 27.71 -25.64 0.54
N ASP D 151 27.42 -26.50 -0.45
CA ASP D 151 28.38 -26.71 -1.54
C ASP D 151 28.60 -25.43 -2.34
N LEU D 152 27.53 -24.69 -2.61
CA LEU D 152 27.63 -23.54 -3.51
C LEU D 152 27.86 -22.23 -2.77
N LEU D 153 27.08 -21.98 -1.72
CA LEU D 153 27.15 -20.69 -1.03
C LEU D 153 28.42 -20.58 -0.19
N THR D 154 28.57 -21.45 0.81
CA THR D 154 29.64 -21.36 1.79
C THR D 154 30.34 -22.70 1.89
N PRO D 155 31.33 -22.96 1.04
CA PRO D 155 32.10 -24.20 1.16
C PRO D 155 32.84 -24.27 2.50
N TYR D 156 32.91 -25.48 3.05
CA TYR D 156 33.60 -25.69 4.32
C TYR D 156 35.10 -25.86 4.08
N VAL D 157 35.85 -25.75 5.17
CA VAL D 157 37.30 -25.91 5.15
C VAL D 157 37.70 -26.87 6.27
N ARG D 158 38.60 -27.78 5.96
CA ARG D 158 39.09 -28.74 6.95
C ARG D 158 40.09 -28.07 7.87
N GLY D 159 39.97 -28.35 9.17
CA GLY D 159 40.85 -27.77 10.17
C GLY D 159 40.48 -26.38 10.63
N GLY D 160 39.34 -25.85 10.18
CA GLY D 160 38.93 -24.51 10.55
C GLY D 160 37.71 -24.48 11.44
N LYS D 161 37.09 -23.31 11.56
CA LYS D 161 35.91 -23.12 12.40
C LYS D 161 34.71 -22.77 11.53
N ILE D 162 33.60 -23.48 11.73
CA ILE D 162 32.33 -23.14 11.10
C ILE D 162 31.26 -23.18 12.18
N ALA D 163 30.46 -22.11 12.26
CA ALA D 163 29.48 -21.96 13.32
C ALA D 163 28.10 -21.70 12.73
N LEU D 164 27.08 -22.06 13.52
CA LEU D 164 25.69 -21.86 13.15
C LEU D 164 25.06 -20.78 14.02
N PHE D 165 24.07 -20.10 13.47
CA PHE D 165 23.45 -18.97 14.14
C PHE D 165 21.94 -19.03 13.92
N GLY D 166 21.21 -18.41 14.84
CA GLY D 166 19.77 -18.34 14.73
C GLY D 166 19.12 -18.22 16.09
N GLY D 167 17.83 -17.89 16.05
CA GLY D 167 17.04 -17.75 17.25
C GLY D 167 16.44 -19.07 17.69
N ALA D 168 15.36 -18.97 18.46
CA ALA D 168 14.74 -20.16 19.03
C ALA D 168 13.96 -20.94 17.98
N GLY D 169 14.11 -22.27 18.03
CA GLY D 169 13.30 -23.17 17.24
C GLY D 169 13.43 -23.00 15.74
N VAL D 170 14.65 -22.87 15.24
CA VAL D 170 14.88 -22.69 13.82
C VAL D 170 15.19 -24.02 13.13
N GLY D 171 15.55 -25.05 13.90
CA GLY D 171 15.86 -26.34 13.35
C GLY D 171 17.33 -26.63 13.14
N LYS D 172 18.21 -26.01 13.92
CA LYS D 172 19.65 -26.24 13.73
C LYS D 172 20.08 -27.58 14.29
N THR D 173 19.36 -28.10 15.29
CA THR D 173 19.70 -29.40 15.86
C THR D 173 19.52 -30.49 14.82
N VAL D 174 18.45 -30.42 14.03
CA VAL D 174 18.27 -31.37 12.94
C VAL D 174 19.43 -31.28 11.97
N LEU D 175 19.89 -30.07 11.68
CA LEU D 175 20.99 -29.88 10.74
C LEU D 175 22.27 -30.52 11.27
N ILE D 176 22.57 -30.31 12.54
CA ILE D 176 23.81 -30.87 13.10
C ILE D 176 23.72 -32.39 13.16
N GLN D 177 22.52 -32.93 13.44
CA GLN D 177 22.36 -34.38 13.47
C GLN D 177 22.57 -34.97 12.08
N GLU D 178 22.00 -34.35 11.06
CA GLU D 178 22.20 -34.82 9.70
C GLU D 178 23.67 -34.73 9.30
N MET D 179 24.33 -33.64 9.72
CA MET D 179 25.75 -33.46 9.39
C MET D 179 26.59 -34.56 10.02
N ILE D 180 26.37 -34.84 11.31
CA ILE D 180 27.17 -35.86 11.97
C ILE D 180 26.88 -37.24 11.38
N ASN D 181 25.60 -37.51 11.06
CA ASN D 181 25.27 -38.79 10.46
C ASN D 181 25.96 -38.97 9.12
N ARG D 182 25.98 -37.92 8.29
CA ARG D 182 26.58 -38.02 6.98
C ARG D 182 28.10 -38.12 7.04
N ILE D 183 28.73 -37.48 8.04
CA ILE D 183 30.18 -37.38 8.04
C ILE D 183 30.84 -38.52 8.83
N ALA D 184 30.26 -38.93 9.96
CA ALA D 184 30.92 -39.91 10.81
C ALA D 184 31.10 -41.26 10.11
N ARG D 185 30.18 -41.62 9.21
CA ARG D 185 30.30 -42.87 8.50
C ARG D 185 31.55 -42.91 7.63
N ASN D 186 31.85 -41.82 6.94
CA ASN D 186 32.96 -41.75 6.00
C ASN D 186 34.23 -41.25 6.68
N PHE D 187 34.33 -41.41 7.99
CA PHE D 187 35.44 -40.89 8.77
C PHE D 187 36.12 -42.01 9.53
N GLY D 188 37.45 -41.98 9.55
CA GLY D 188 38.24 -42.93 10.30
C GLY D 188 38.79 -42.42 11.61
N GLY D 189 38.58 -41.14 11.93
CA GLY D 189 39.08 -40.55 13.15
C GLY D 189 38.11 -40.71 14.31
N THR D 190 38.50 -40.14 15.45
CA THR D 190 37.73 -40.21 16.68
C THR D 190 36.96 -38.91 16.86
N SER D 191 35.74 -39.01 17.39
CA SER D 191 34.88 -37.86 17.61
C SER D 191 34.47 -37.77 19.07
N VAL D 192 34.45 -36.54 19.57
CA VAL D 192 34.05 -36.25 20.95
C VAL D 192 32.92 -35.24 20.91
N PHE D 193 31.81 -35.55 21.58
CA PHE D 193 30.64 -34.68 21.62
C PHE D 193 30.43 -34.17 23.03
N ALA D 194 30.18 -32.87 23.15
CA ALA D 194 29.97 -32.23 24.44
C ALA D 194 28.74 -31.34 24.38
N GLY D 195 27.84 -31.51 25.34
CA GLY D 195 26.65 -30.69 25.44
C GLY D 195 26.63 -29.80 26.66
N VAL D 196 26.81 -28.49 26.47
CA VAL D 196 26.86 -27.59 27.62
C VAL D 196 25.47 -27.43 28.22
N GLY D 197 24.45 -27.22 27.39
CA GLY D 197 23.09 -27.09 27.88
C GLY D 197 22.08 -27.59 26.87
N GLU D 198 21.25 -28.54 27.28
CA GLU D 198 20.26 -29.14 26.41
C GLU D 198 19.34 -30.01 27.24
N ARG D 199 18.16 -30.26 26.71
CA ARG D 199 17.16 -31.06 27.42
C ARG D 199 17.60 -32.52 27.48
N THR D 200 17.17 -33.20 28.53
CA THR D 200 17.52 -34.61 28.69
C THR D 200 16.99 -35.46 27.54
N ARG D 201 15.82 -35.11 27.02
CA ARG D 201 15.21 -35.91 25.96
C ARG D 201 16.10 -35.95 24.72
N GLU D 202 16.65 -34.80 24.34
CA GLU D 202 17.51 -34.74 23.16
C GLU D 202 18.74 -35.62 23.33
N GLY D 203 19.38 -35.55 24.50
CA GLY D 203 20.56 -36.37 24.74
C GLY D 203 20.24 -37.85 24.76
N ASN D 204 19.13 -38.24 25.41
CA ASN D 204 18.74 -39.64 25.43
C ASN D 204 18.43 -40.15 24.04
N ASP D 205 17.71 -39.35 23.24
CA ASP D 205 17.41 -39.75 21.87
C ASP D 205 18.67 -39.90 21.04
N LEU D 206 19.62 -38.98 21.22
CA LEU D 206 20.89 -39.08 20.50
C LEU D 206 21.65 -40.34 20.90
N TRP D 207 21.67 -40.65 22.19
CA TRP D 207 22.34 -41.85 22.66
C TRP D 207 21.70 -43.10 22.07
N VAL D 208 20.36 -43.14 22.05
CA VAL D 208 19.66 -44.28 21.47
C VAL D 208 19.97 -44.40 19.99
N GLU D 209 19.97 -43.28 19.27
CA GLU D 209 20.24 -43.33 17.83
C GLU D 209 21.65 -43.82 17.54
N LEU D 210 22.64 -43.34 18.31
CA LEU D 210 24.00 -43.81 18.11
C LEU D 210 24.14 -45.28 18.51
N ALA D 211 23.38 -45.72 19.51
CA ALA D 211 23.37 -47.14 19.83
C ALA D 211 22.74 -47.97 18.71
N ASP D 212 21.81 -47.39 17.96
CA ASP D 212 21.18 -48.10 16.86
C ASP D 212 22.18 -48.43 15.75
N ALA D 213 23.30 -47.71 15.69
CA ALA D 213 24.36 -47.99 14.74
C ALA D 213 25.61 -48.44 15.48
N ASN D 214 26.61 -48.86 14.72
CA ASN D 214 27.85 -49.37 15.27
C ASN D 214 28.90 -48.29 15.47
N VAL D 215 28.62 -47.05 15.08
CA VAL D 215 29.58 -45.96 15.22
C VAL D 215 29.71 -45.46 16.65
N LEU D 216 28.80 -45.85 17.54
CA LEU D 216 28.84 -45.37 18.92
C LEU D 216 30.16 -45.73 19.60
N LYS D 217 30.70 -46.92 19.30
CA LYS D 217 31.95 -47.34 19.91
C LYS D 217 33.09 -46.41 19.53
N ASP D 218 32.99 -45.72 18.40
CA ASP D 218 34.09 -44.93 17.87
C ASP D 218 34.14 -43.52 18.45
N THR D 219 33.23 -43.15 19.35
CA THR D 219 33.13 -41.78 19.81
C THR D 219 33.11 -41.72 21.33
N ALA D 220 33.14 -40.49 21.84
CA ALA D 220 33.06 -40.21 23.27
C ALA D 220 32.01 -39.13 23.51
N LEU D 221 31.30 -39.24 24.64
CA LEU D 221 30.17 -38.37 24.94
C LEU D 221 30.32 -37.73 26.32
N VAL D 222 29.90 -36.47 26.43
CA VAL D 222 29.81 -35.78 27.72
C VAL D 222 28.85 -34.62 27.57
N PHE D 223 28.09 -34.35 28.63
CA PHE D 223 27.13 -33.25 28.59
C PHE D 223 26.66 -32.92 30.01
N GLY D 224 26.03 -31.77 30.14
CA GLY D 224 25.43 -31.36 31.39
C GLY D 224 24.09 -30.69 31.15
N GLN D 225 23.17 -30.92 32.09
CA GLN D 225 21.80 -30.47 31.92
C GLN D 225 21.59 -29.09 32.54
N MET D 226 20.38 -28.56 32.38
CA MET D 226 20.09 -27.21 32.86
C MET D 226 19.72 -27.18 34.34
N ASP D 227 19.15 -28.28 34.86
CA ASP D 227 18.69 -28.28 36.24
C ASP D 227 19.82 -28.14 37.24
N GLU D 228 21.05 -28.46 36.83
CA GLU D 228 22.19 -28.32 37.72
C GLU D 228 22.49 -26.85 37.97
N PRO D 229 23.15 -26.54 39.08
CA PRO D 229 23.55 -25.15 39.35
C PRO D 229 24.53 -24.66 38.30
N PRO D 230 24.63 -23.34 38.11
CA PRO D 230 25.48 -22.82 37.03
C PRO D 230 26.94 -23.18 37.15
N GLY D 231 27.42 -23.57 38.34
CA GLY D 231 28.81 -23.93 38.49
C GLY D 231 29.21 -25.09 37.61
N THR D 232 28.34 -26.09 37.49
CA THR D 232 28.61 -27.23 36.63
C THR D 232 28.62 -26.86 35.15
N ARG D 233 28.09 -25.70 34.79
CA ARG D 233 28.04 -25.27 33.40
C ARG D 233 29.24 -24.43 33.01
N MET D 234 30.26 -24.34 33.86
CA MET D 234 31.48 -23.60 33.56
C MET D 234 32.64 -24.49 33.11
N ARG D 235 32.57 -25.80 33.35
CA ARG D 235 33.72 -26.66 33.16
C ARG D 235 33.51 -27.77 32.14
N VAL D 236 32.28 -27.99 31.66
CA VAL D 236 32.05 -29.08 30.72
C VAL D 236 32.80 -28.83 29.41
N ALA D 237 32.77 -27.58 28.92
CA ALA D 237 33.53 -27.25 27.73
C ALA D 237 35.03 -27.43 27.97
N LEU D 238 35.50 -27.04 29.14
CA LEU D 238 36.90 -27.22 29.48
C LEU D 238 37.28 -28.70 29.53
N SER D 239 36.42 -29.54 30.09
CA SER D 239 36.68 -30.97 30.11
C SER D 239 36.74 -31.54 28.70
N ALA D 240 35.81 -31.12 27.84
CA ALA D 240 35.82 -31.58 26.45
C ALA D 240 37.12 -31.16 25.76
N LEU D 241 37.55 -29.92 25.98
CA LEU D 241 38.78 -29.44 25.37
C LEU D 241 39.99 -30.21 25.90
N THR D 242 39.98 -30.55 27.19
CA THR D 242 41.06 -31.34 27.76
C THR D 242 41.14 -32.71 27.11
N MET D 243 40.00 -33.38 26.95
CA MET D 243 40.00 -34.66 26.28
C MET D 243 40.48 -34.54 24.84
N ALA D 244 40.02 -33.49 24.14
CA ALA D 244 40.41 -33.31 22.75
C ALA D 244 41.90 -33.08 22.61
N GLU D 245 42.49 -32.25 23.48
CA GLU D 245 43.92 -31.99 23.38
C GLU D 245 44.73 -33.23 23.76
N PHE D 246 44.26 -33.99 24.75
CA PHE D 246 44.95 -35.23 25.09
C PHE D 246 44.97 -36.18 23.90
N PHE D 247 43.83 -36.30 23.21
CA PHE D 247 43.80 -37.15 22.03
C PHE D 247 44.72 -36.62 20.93
N ARG D 248 44.62 -35.32 20.63
CA ARG D 248 45.32 -34.76 19.47
C ARG D 248 46.82 -34.74 19.67
N ASP D 249 47.29 -34.23 20.81
CA ASP D 249 48.72 -34.04 21.00
C ASP D 249 49.47 -35.37 21.04
N GLU D 250 48.85 -36.40 21.61
CA GLU D 250 49.51 -37.69 21.77
C GLU D 250 49.25 -38.62 20.58
N GLN D 251 48.00 -38.92 20.29
CA GLN D 251 47.70 -39.89 19.25
C GLN D 251 48.07 -39.37 17.86
N GLY D 252 48.10 -38.06 17.69
CA GLY D 252 48.42 -37.51 16.37
C GLY D 252 47.43 -37.92 15.30
N GLN D 253 46.14 -37.94 15.63
CA GLN D 253 45.10 -38.36 14.72
C GLN D 253 44.06 -37.26 14.59
N ASP D 254 43.40 -37.23 13.44
CA ASP D 254 42.31 -36.27 13.23
C ASP D 254 41.15 -36.55 14.18
N VAL D 255 40.64 -35.49 14.80
CA VAL D 255 39.61 -35.60 15.81
C VAL D 255 38.49 -34.61 15.52
N LEU D 256 37.30 -34.93 16.02
CA LEU D 256 36.12 -34.11 15.82
C LEU D 256 35.60 -33.63 17.17
N LEU D 257 35.47 -32.32 17.33
CA LEU D 257 34.94 -31.69 18.54
C LEU D 257 33.69 -30.93 18.17
N PHE D 258 32.55 -31.33 18.74
CA PHE D 258 31.26 -30.77 18.38
C PHE D 258 30.63 -30.16 19.62
N ILE D 259 30.18 -28.91 19.51
CA ILE D 259 29.62 -28.15 20.61
C ILE D 259 28.18 -27.77 20.26
N ASP D 260 27.25 -28.07 21.16
CA ASP D 260 25.84 -27.77 20.92
C ASP D 260 25.59 -26.27 20.95
N ASN D 261 26.12 -25.58 21.95
CA ASN D 261 25.84 -24.17 22.14
C ASN D 261 26.95 -23.56 22.98
N ILE D 262 27.05 -22.23 22.94
CA ILE D 262 28.00 -21.49 23.77
C ILE D 262 27.34 -20.35 24.53
N PHE D 263 26.06 -20.07 24.29
CA PHE D 263 25.39 -18.97 24.97
C PHE D 263 25.12 -19.30 26.43
N ARG D 264 24.88 -20.59 26.74
CA ARG D 264 24.44 -20.97 28.08
C ARG D 264 25.50 -20.65 29.12
N PHE D 265 26.76 -20.96 28.84
CA PHE D 265 27.80 -20.69 29.83
C PHE D 265 28.05 -19.20 29.99
N THR D 266 27.86 -18.42 28.93
CA THR D 266 27.89 -16.97 29.07
C THR D 266 26.79 -16.50 30.01
N GLN D 267 25.58 -17.04 29.87
CA GLN D 267 24.51 -16.72 30.81
C GLN D 267 24.92 -17.07 32.24
N ALA D 268 25.36 -18.31 32.45
CA ALA D 268 25.68 -18.74 33.81
C ALA D 268 26.81 -17.90 34.39
N GLY D 269 27.78 -17.51 33.57
CA GLY D 269 28.79 -16.57 34.02
C GLY D 269 28.22 -15.22 34.42
N SER D 270 27.26 -14.72 33.64
CA SER D 270 26.64 -13.44 33.98
C SER D 270 25.97 -13.50 35.35
N GLU D 271 25.19 -14.55 35.60
CA GLU D 271 24.54 -14.71 36.90
C GLU D 271 25.54 -14.94 38.03
N VAL D 272 26.59 -15.74 37.81
CA VAL D 272 27.52 -15.98 38.92
C VAL D 272 28.30 -14.70 39.23
N SER D 273 28.64 -13.92 38.21
CA SER D 273 29.29 -12.63 38.46
C SER D 273 28.36 -11.67 39.17
N THR D 274 27.08 -11.65 38.80
CA THR D 274 26.12 -10.81 39.53
C THR D 274 26.07 -11.19 40.99
N LEU D 275 26.03 -12.49 41.28
CA LEU D 275 26.05 -12.94 42.67
C LEU D 275 27.37 -12.62 43.36
N LEU D 276 28.48 -12.58 42.63
CA LEU D 276 29.78 -12.31 43.23
C LEU D 276 29.90 -10.88 43.74
N GLY D 277 28.98 -10.00 43.36
CA GLY D 277 29.04 -8.61 43.77
C GLY D 277 29.83 -7.68 42.87
N ARG D 278 30.18 -8.13 41.67
CA ARG D 278 30.91 -7.31 40.72
C ARG D 278 29.95 -6.39 39.99
N MET D 279 30.41 -5.17 39.72
CA MET D 279 29.58 -4.20 39.03
C MET D 279 29.32 -4.67 37.59
N PRO D 280 28.06 -4.73 37.16
CA PRO D 280 27.77 -5.19 35.80
C PRO D 280 28.05 -4.10 34.77
N SER D 281 28.00 -4.50 33.50
CA SER D 281 28.18 -3.58 32.39
C SER D 281 26.84 -3.01 31.96
N ALA D 282 26.83 -2.32 30.82
CA ALA D 282 25.62 -1.64 30.36
C ALA D 282 24.51 -2.64 30.03
N VAL D 283 24.82 -3.64 29.19
CA VAL D 283 23.82 -4.61 28.78
C VAL D 283 23.43 -5.55 29.91
N GLY D 284 24.22 -5.59 30.98
CA GLY D 284 24.02 -6.55 32.05
C GLY D 284 24.98 -7.71 32.04
N TYR D 285 25.77 -7.87 30.98
CA TYR D 285 26.75 -8.95 30.94
C TYR D 285 27.86 -8.70 31.95
N GLN D 286 28.48 -9.78 32.39
CA GLN D 286 29.61 -9.71 33.30
C GLN D 286 30.78 -9.01 32.62
N PRO D 287 31.57 -8.22 33.34
CA PRO D 287 32.75 -7.61 32.75
C PRO D 287 33.80 -8.67 32.42
N THR D 288 34.68 -8.31 31.49
CA THR D 288 35.75 -9.19 31.02
C THR D 288 35.20 -10.48 30.41
N LEU D 289 33.99 -10.41 29.84
CA LEU D 289 33.43 -11.57 29.17
C LEU D 289 34.22 -11.89 27.91
N ALA D 290 34.71 -10.87 27.21
CA ALA D 290 35.53 -11.10 26.02
C ALA D 290 36.84 -11.79 26.38
N ASP D 291 37.37 -11.53 27.58
CA ASP D 291 38.56 -12.24 28.02
C ASP D 291 38.29 -13.74 28.14
N GLU D 292 37.15 -14.11 28.74
CA GLU D 292 36.78 -15.52 28.81
C GLU D 292 36.52 -16.10 27.44
N MET D 293 35.87 -15.33 26.56
CA MET D 293 35.67 -15.75 25.18
C MET D 293 36.99 -16.12 24.53
N GLY D 294 37.96 -15.21 24.57
CA GLY D 294 39.24 -15.46 23.94
C GLY D 294 40.01 -16.60 24.58
N GLU D 295 39.92 -16.71 25.91
CA GLU D 295 40.58 -17.82 26.58
C GLU D 295 40.00 -19.16 26.13
N LEU D 296 38.68 -19.23 25.97
CA LEU D 296 38.07 -20.50 25.59
C LEU D 296 38.31 -20.83 24.12
N GLN D 297 38.19 -19.84 23.24
CA GLN D 297 38.20 -20.15 21.81
C GLN D 297 39.57 -20.59 21.31
N GLU D 298 40.64 -20.09 21.91
CA GLU D 298 41.99 -20.37 21.41
C GLU D 298 42.37 -21.84 21.55
N ARG D 299 41.75 -22.57 22.48
CA ARG D 299 42.16 -23.94 22.74
C ARG D 299 41.96 -24.82 21.52
N ILE D 300 40.97 -24.50 20.68
CA ILE D 300 40.73 -25.25 19.45
C ILE D 300 41.66 -24.67 18.39
N THR D 301 42.76 -25.37 18.10
CA THR D 301 43.73 -24.88 17.14
C THR D 301 44.48 -26.06 16.55
N SER D 302 44.56 -26.11 15.22
CA SER D 302 45.30 -27.14 14.50
C SER D 302 46.71 -26.64 14.25
N THR D 303 47.71 -27.38 14.73
CA THR D 303 49.11 -27.01 14.52
C THR D 303 49.54 -27.49 13.12
N ARG D 304 50.84 -27.44 12.86
CA ARG D 304 51.34 -27.85 11.55
C ARG D 304 51.21 -29.36 11.33
N GLY D 305 51.17 -30.14 12.42
CA GLY D 305 51.14 -31.58 12.28
C GLY D 305 49.83 -32.24 12.62
N ARG D 306 48.95 -31.53 13.34
CA ARG D 306 47.70 -32.08 13.81
C ARG D 306 46.52 -31.25 13.31
N SER D 307 45.43 -31.94 12.97
CA SER D 307 44.22 -31.31 12.45
C SER D 307 43.03 -31.67 13.33
N ILE D 308 42.21 -30.66 13.63
CA ILE D 308 41.01 -30.84 14.44
C ILE D 308 39.91 -29.95 13.86
N THR D 309 38.69 -30.47 13.83
CA THR D 309 37.54 -29.75 13.31
C THR D 309 36.55 -29.50 14.45
N SER D 310 36.01 -28.28 14.51
CA SER D 310 35.11 -27.88 15.58
C SER D 310 33.78 -27.41 14.99
N MET D 311 32.69 -28.01 15.45
CA MET D 311 31.35 -27.62 15.06
C MET D 311 30.65 -27.00 16.26
N GLN D 312 30.02 -25.84 16.05
CA GLN D 312 29.28 -25.19 17.13
C GLN D 312 28.12 -24.39 16.53
N ALA D 313 27.06 -24.25 17.33
CA ALA D 313 25.92 -23.43 16.98
C ALA D 313 25.69 -22.44 18.10
N VAL D 314 25.39 -21.20 17.74
CA VAL D 314 25.29 -20.10 18.70
C VAL D 314 23.85 -19.60 18.72
N TYR D 315 23.27 -19.55 19.92
CA TYR D 315 21.92 -19.01 20.08
C TYR D 315 21.99 -17.51 20.30
N VAL D 316 21.17 -16.78 19.55
CA VAL D 316 21.06 -15.33 19.72
C VAL D 316 19.78 -15.03 20.49
N PRO D 317 19.79 -14.04 21.38
CA PRO D 317 18.57 -13.72 22.16
C PRO D 317 17.65 -12.82 21.35
N ALA D 318 16.39 -13.27 21.19
CA ALA D 318 15.36 -12.51 20.49
C ALA D 318 15.75 -12.18 19.06
N ASP D 319 16.67 -12.95 18.49
CA ASP D 319 17.15 -12.76 17.13
C ASP D 319 17.65 -11.33 16.92
N ASP D 320 18.31 -10.78 17.92
CA ASP D 320 18.85 -9.43 17.88
C ASP D 320 20.36 -9.50 17.68
N TYR D 321 20.84 -8.92 16.59
CA TYR D 321 22.25 -8.97 16.26
C TYR D 321 23.02 -7.77 16.80
N THR D 322 22.36 -6.83 17.45
CA THR D 322 23.05 -5.73 18.12
C THR D 322 23.66 -6.16 19.45
N ASP D 323 23.26 -7.32 19.95
CA ASP D 323 23.81 -7.82 21.20
C ASP D 323 25.32 -8.02 21.04
N PRO D 324 26.13 -7.44 21.93
CA PRO D 324 27.59 -7.60 21.78
C PRO D 324 28.08 -9.04 21.87
N ALA D 325 27.34 -9.94 22.52
CA ALA D 325 27.84 -11.31 22.66
C ALA D 325 27.97 -12.02 21.31
N PRO D 326 26.95 -12.07 20.44
CA PRO D 326 27.17 -12.68 19.11
C PRO D 326 28.24 -11.97 18.30
N ALA D 327 28.32 -10.64 18.43
CA ALA D 327 29.32 -9.88 17.67
C ALA D 327 30.73 -10.26 18.07
N THR D 328 30.96 -10.42 19.38
CA THR D 328 32.30 -10.79 19.85
C THR D 328 32.58 -12.27 19.61
N THR D 329 31.55 -13.11 19.57
CA THR D 329 31.78 -14.51 19.23
C THR D 329 32.03 -14.72 17.74
N PHE D 330 31.60 -13.79 16.88
CA PHE D 330 31.90 -13.89 15.46
C PHE D 330 33.37 -13.66 15.14
N ALA D 331 34.04 -12.82 15.92
CA ALA D 331 35.40 -12.43 15.59
C ALA D 331 36.35 -13.62 15.56
N HIS D 332 36.00 -14.71 16.23
CA HIS D 332 36.81 -15.92 16.25
C HIS D 332 36.47 -16.86 15.11
N LEU D 333 35.63 -16.42 14.17
CA LEU D 333 35.11 -17.27 13.10
C LEU D 333 35.57 -16.76 11.73
N ASP D 334 35.73 -17.69 10.80
CA ASP D 334 36.11 -17.33 9.43
C ASP D 334 35.07 -17.77 8.41
N ALA D 335 34.60 -19.02 8.48
CA ALA D 335 33.54 -19.52 7.61
C ALA D 335 32.31 -19.75 8.46
N THR D 336 31.22 -19.05 8.15
CA THR D 336 30.03 -19.08 8.97
C THR D 336 28.78 -19.28 8.12
N THR D 337 27.78 -19.92 8.73
CA THR D 337 26.46 -20.08 8.13
C THR D 337 25.42 -19.78 9.21
N GLU D 338 24.48 -18.88 8.90
CA GLU D 338 23.47 -18.45 9.84
C GLU D 338 22.09 -18.77 9.30
N LEU D 339 21.09 -18.65 10.17
CA LEU D 339 19.72 -18.99 9.84
C LEU D 339 18.79 -17.84 10.20
N SER D 340 17.65 -17.78 9.51
CA SER D 340 16.69 -16.71 9.67
C SER D 340 15.29 -17.28 9.90
N ARG D 341 14.44 -16.47 10.52
CA ARG D 341 13.08 -16.90 10.84
C ARG D 341 12.07 -16.60 9.75
N ALA D 342 12.31 -15.56 8.94
CA ALA D 342 11.36 -15.21 7.89
C ALA D 342 11.31 -16.28 6.81
N VAL D 343 12.48 -16.77 6.37
CA VAL D 343 12.52 -17.82 5.37
C VAL D 343 11.94 -19.12 5.92
N PHE D 344 12.11 -19.38 7.21
CA PHE D 344 11.43 -20.51 7.84
C PHE D 344 9.91 -20.33 7.79
N SER D 345 9.43 -19.13 8.09
CA SER D 345 8.00 -18.86 8.03
C SER D 345 7.47 -18.99 6.60
N LYS D 346 8.33 -18.76 5.61
CA LYS D 346 7.92 -18.95 4.23
C LYS D 346 7.56 -20.40 3.94
N GLY D 347 8.32 -21.34 4.49
CA GLY D 347 8.05 -22.75 4.29
C GLY D 347 9.29 -23.57 4.05
N ILE D 348 10.42 -22.88 3.79
CA ILE D 348 11.67 -23.57 3.53
C ILE D 348 12.26 -24.07 4.84
N PHE D 349 12.66 -25.34 4.85
CA PHE D 349 13.24 -25.95 6.05
C PHE D 349 14.71 -25.63 6.25
N PRO D 350 15.57 -25.67 5.22
CA PRO D 350 16.96 -25.26 5.44
C PRO D 350 17.10 -23.86 6.02
N ALA D 351 16.28 -22.92 5.55
CA ALA D 351 16.16 -21.59 6.16
C ALA D 351 17.52 -20.90 6.29
N VAL D 352 18.32 -20.98 5.23
CA VAL D 352 19.65 -20.36 5.20
C VAL D 352 19.57 -19.08 4.39
N ASP D 353 20.02 -17.98 4.97
CA ASP D 353 19.99 -16.69 4.27
C ASP D 353 21.24 -16.53 3.43
N PRO D 354 21.12 -16.45 2.09
CA PRO D 354 22.32 -16.32 1.26
C PRO D 354 22.93 -14.93 1.24
N LEU D 355 22.16 -13.89 1.52
CA LEU D 355 22.69 -12.53 1.42
C LEU D 355 23.76 -12.27 2.47
N ALA D 356 23.55 -12.76 3.70
CA ALA D 356 24.46 -12.46 4.81
C ALA D 356 25.48 -13.55 5.05
N SER D 357 25.22 -14.79 4.65
CA SER D 357 26.18 -15.86 4.85
C SER D 357 27.40 -15.66 3.96
N SER D 358 28.56 -16.01 4.49
CA SER D 358 29.81 -15.81 3.77
C SER D 358 30.86 -16.79 4.26
N SER D 359 31.93 -16.92 3.49
CA SER D 359 33.04 -17.80 3.81
C SER D 359 34.35 -17.03 3.67
N THR D 360 35.46 -17.76 3.74
CA THR D 360 36.79 -17.17 3.62
C THR D 360 37.66 -17.91 2.61
N ILE D 361 37.10 -18.86 1.86
CA ILE D 361 37.88 -19.64 0.92
C ILE D 361 37.26 -19.57 -0.47
N LEU D 362 36.18 -18.79 -0.60
CA LEU D 362 35.53 -18.60 -1.89
C LEU D 362 36.27 -17.50 -2.64
N ASP D 363 36.97 -17.87 -3.71
CA ASP D 363 37.74 -16.93 -4.51
C ASP D 363 38.20 -17.61 -5.79
N PRO D 364 38.40 -16.86 -6.89
CA PRO D 364 38.92 -17.48 -8.11
C PRO D 364 40.36 -17.93 -7.99
N ALA D 365 41.05 -17.60 -6.90
CA ALA D 365 42.47 -17.92 -6.78
C ALA D 365 42.70 -19.43 -6.74
N ILE D 366 41.95 -20.14 -5.91
CA ILE D 366 42.13 -21.58 -5.74
C ILE D 366 40.95 -22.38 -6.24
N VAL D 367 39.87 -21.72 -6.67
CA VAL D 367 38.69 -22.40 -7.19
C VAL D 367 38.35 -21.76 -8.52
N GLY D 368 37.74 -22.56 -9.40
CA GLY D 368 37.37 -22.05 -10.71
C GLY D 368 36.37 -20.91 -10.62
N ASP D 369 36.54 -19.94 -11.53
CA ASP D 369 35.67 -18.76 -11.57
C ASP D 369 34.24 -19.09 -11.96
N GLU D 370 33.99 -20.30 -12.46
CA GLU D 370 32.62 -20.72 -12.73
C GLU D 370 31.76 -20.56 -11.48
N HIS D 371 32.23 -21.12 -10.36
CA HIS D 371 31.57 -20.92 -9.08
C HIS D 371 31.42 -19.44 -8.77
N TYR D 372 32.43 -18.64 -9.13
CA TYR D 372 32.41 -17.22 -8.79
C TYR D 372 31.23 -16.52 -9.46
N ARG D 373 31.07 -16.66 -10.78
CA ARG D 373 29.96 -15.94 -11.39
C ARG D 373 28.62 -16.63 -11.13
N VAL D 374 28.63 -17.93 -10.80
CA VAL D 374 27.43 -18.53 -10.20
C VAL D 374 26.98 -17.74 -8.98
N ALA D 375 27.90 -17.55 -8.03
CA ALA D 375 27.56 -16.88 -6.79
C ALA D 375 27.17 -15.43 -7.05
N GLN D 376 27.88 -14.75 -7.94
CA GLN D 376 27.56 -13.35 -8.22
C GLN D 376 26.18 -13.21 -8.84
N GLU D 377 25.83 -14.08 -9.79
CA GLU D 377 24.51 -14.04 -10.40
C GLU D 377 23.43 -14.26 -9.35
N VAL D 378 23.56 -15.32 -8.55
CA VAL D 378 22.50 -15.63 -7.59
C VAL D 378 22.38 -14.51 -6.55
N ILE D 379 23.51 -13.96 -6.11
CA ILE D 379 23.48 -12.95 -5.06
C ILE D 379 22.87 -11.65 -5.56
N ARG D 380 23.25 -11.20 -6.75
CA ARG D 380 22.66 -9.98 -7.29
C ARG D 380 21.16 -10.17 -7.55
N ILE D 381 20.78 -11.35 -8.03
CA ILE D 381 19.36 -11.65 -8.24
C ILE D 381 18.60 -11.53 -6.93
N LEU D 382 19.14 -12.12 -5.86
CA LEU D 382 18.47 -12.09 -4.58
C LEU D 382 18.40 -10.67 -4.01
N GLN D 383 19.46 -9.89 -4.20
CA GLN D 383 19.46 -8.52 -3.67
C GLN D 383 18.39 -7.67 -4.35
N ARG D 384 18.34 -7.70 -5.69
CA ARG D 384 17.31 -6.93 -6.37
C ARG D 384 15.90 -7.48 -6.08
N TYR D 385 15.77 -8.79 -5.85
CA TYR D 385 14.49 -9.34 -5.46
C TYR D 385 14.04 -8.79 -4.11
N LYS D 386 14.96 -8.70 -3.15
CA LYS D 386 14.63 -8.07 -1.87
C LYS D 386 14.26 -6.61 -2.06
N ASP D 387 14.92 -5.94 -3.01
CA ASP D 387 14.57 -4.55 -3.30
C ASP D 387 13.14 -4.42 -3.81
N LEU D 388 12.70 -5.33 -4.68
CA LEU D 388 11.40 -5.23 -5.31
C LEU D 388 10.28 -5.98 -4.58
N GLN D 389 10.60 -6.68 -3.49
CA GLN D 389 9.62 -7.47 -2.75
C GLN D 389 8.36 -6.68 -2.37
N ASP D 390 8.54 -5.63 -1.56
CA ASP D 390 7.40 -4.86 -1.09
C ASP D 390 6.64 -4.21 -2.23
N ILE D 391 7.32 -3.88 -3.32
CA ILE D 391 6.64 -3.29 -4.48
C ILE D 391 5.69 -4.31 -5.10
N ILE D 392 6.18 -5.53 -5.32
CA ILE D 392 5.30 -6.55 -5.88
C ILE D 392 4.19 -6.90 -4.89
N ALA D 393 4.46 -6.72 -3.59
CA ALA D 393 3.46 -7.00 -2.58
C ALA D 393 2.32 -5.99 -2.60
N ILE D 394 2.65 -4.70 -2.70
CA ILE D 394 1.64 -3.65 -2.54
C ILE D 394 1.20 -3.09 -3.89
N LEU D 395 2.14 -2.58 -4.68
CA LEU D 395 1.79 -1.96 -5.95
C LEU D 395 1.14 -2.96 -6.90
N GLY D 396 1.72 -4.15 -7.01
CA GLY D 396 1.21 -5.16 -7.91
C GLY D 396 2.21 -5.52 -8.99
N ILE D 397 2.18 -6.79 -9.41
CA ILE D 397 3.11 -7.27 -10.42
C ILE D 397 2.87 -6.63 -11.78
N ASP D 398 1.68 -6.07 -12.01
CA ASP D 398 1.34 -5.54 -13.33
C ASP D 398 2.17 -4.32 -13.72
N GLU D 399 2.69 -3.58 -12.75
CA GLU D 399 3.40 -2.34 -13.06
C GLU D 399 4.89 -2.54 -13.36
N LEU D 400 5.43 -3.72 -13.10
CA LEU D 400 6.86 -3.94 -13.29
C LEU D 400 7.21 -3.98 -14.77
N SER D 401 8.46 -3.65 -15.07
CA SER D 401 8.94 -3.70 -16.44
C SER D 401 9.16 -5.14 -16.89
N GLU D 402 9.36 -5.32 -18.20
CA GLU D 402 9.54 -6.66 -18.75
C GLU D 402 10.78 -7.33 -18.16
N GLU D 403 11.90 -6.60 -18.12
CA GLU D 403 13.11 -7.14 -17.52
C GLU D 403 12.90 -7.46 -16.05
N ASP D 404 12.23 -6.55 -15.32
CA ASP D 404 11.99 -6.78 -13.91
C ASP D 404 11.05 -7.95 -13.68
N LYS D 405 10.03 -8.09 -14.53
CA LYS D 405 9.12 -9.23 -14.39
C LYS D 405 9.86 -10.55 -14.62
N GLN D 406 10.67 -10.61 -15.69
CA GLN D 406 11.41 -11.84 -15.96
C GLN D 406 12.41 -12.14 -14.86
N LEU D 407 13.08 -11.11 -14.34
CA LEU D 407 14.01 -11.31 -13.24
C LEU D 407 13.30 -11.77 -11.98
N VAL D 408 12.12 -11.22 -11.69
CA VAL D 408 11.37 -11.62 -10.51
C VAL D 408 10.95 -13.08 -10.63
N ASN D 409 10.53 -13.49 -11.83
CA ASN D 409 10.22 -14.90 -12.04
C ASN D 409 11.46 -15.77 -11.83
N ARG D 410 12.61 -15.32 -12.35
CA ARG D 410 13.84 -16.08 -12.17
C ARG D 410 14.21 -16.20 -10.69
N ALA D 411 14.05 -15.10 -9.95
CA ALA D 411 14.34 -15.11 -8.52
C ALA D 411 13.41 -16.04 -7.78
N ARG D 412 12.13 -16.07 -8.18
CA ARG D 412 11.20 -17.02 -7.58
C ARG D 412 11.62 -18.46 -7.87
N ARG D 413 12.04 -18.73 -9.10
CA ARG D 413 12.52 -20.07 -9.45
C ARG D 413 13.70 -20.46 -8.56
N ILE D 414 14.66 -19.55 -8.41
CA ILE D 414 15.85 -19.84 -7.61
C ILE D 414 15.47 -20.04 -6.15
N GLU D 415 14.61 -19.18 -5.61
CA GLU D 415 14.21 -19.29 -4.22
C GLU D 415 13.49 -20.61 -3.96
N ARG D 416 12.65 -21.04 -4.89
CA ARG D 416 11.94 -22.29 -4.70
C ARG D 416 12.87 -23.49 -4.83
N PHE D 417 13.87 -23.40 -5.71
CA PHE D 417 14.74 -24.54 -5.94
C PHE D 417 15.74 -24.79 -4.81
N LEU D 418 15.99 -23.79 -3.95
CA LEU D 418 17.07 -23.94 -2.98
C LEU D 418 16.71 -24.94 -1.88
N SER D 419 15.43 -25.11 -1.58
CA SER D 419 15.03 -26.06 -0.54
C SER D 419 15.33 -27.49 -0.97
N GLN D 420 15.56 -28.34 0.02
CA GLN D 420 15.86 -29.74 -0.24
C GLN D 420 15.55 -30.55 1.00
N ASN D 421 15.01 -31.75 0.80
CA ASN D 421 14.69 -32.64 1.90
C ASN D 421 15.96 -33.20 2.53
N MET D 422 15.86 -33.55 3.81
CA MET D 422 16.95 -34.21 4.54
C MET D 422 16.43 -35.47 5.20
N MET D 423 17.29 -36.49 5.27
CA MET D 423 16.88 -37.78 5.83
C MET D 423 16.50 -37.65 7.29
N ALA D 424 17.06 -36.68 8.01
CA ALA D 424 16.70 -36.44 9.39
C ALA D 424 15.28 -35.92 9.53
N ALA D 425 14.63 -35.56 8.43
CA ALA D 425 13.22 -35.20 8.44
C ALA D 425 12.31 -36.40 8.22
N GLU D 426 12.87 -37.62 8.17
CA GLU D 426 12.04 -38.80 7.94
C GLU D 426 11.01 -38.97 9.05
N GLN D 427 11.42 -38.77 10.30
CA GLN D 427 10.47 -38.88 11.41
C GLN D 427 9.41 -37.79 11.38
N PHE D 428 9.64 -36.71 10.64
CA PHE D 428 8.67 -35.62 10.52
C PHE D 428 7.89 -35.67 9.21
N THR D 429 8.54 -35.97 8.10
CA THR D 429 7.90 -36.09 6.80
C THR D 429 8.24 -37.44 6.20
N GLY D 430 7.25 -38.08 5.58
CA GLY D 430 7.44 -39.42 5.05
C GLY D 430 8.33 -39.49 3.83
N GLN D 431 8.54 -38.38 3.13
CA GLN D 431 9.37 -38.40 1.94
C GLN D 431 10.83 -38.58 2.32
N PRO D 432 11.51 -39.58 1.78
CA PRO D 432 12.93 -39.77 2.09
C PRO D 432 13.79 -38.68 1.45
N GLY D 433 14.96 -38.45 2.09
CA GLY D 433 15.87 -37.44 1.61
C GLY D 433 16.66 -37.88 0.39
N SER D 434 17.47 -36.95 -0.12
CA SER D 434 18.24 -37.19 -1.32
C SER D 434 19.56 -36.43 -1.25
N THR D 435 20.53 -36.88 -2.04
CA THR D 435 21.86 -36.29 -2.10
C THR D 435 22.24 -36.09 -3.56
N VAL D 436 22.92 -34.97 -3.85
CA VAL D 436 23.29 -34.62 -5.21
C VAL D 436 24.74 -34.17 -5.25
N PRO D 437 25.53 -34.55 -6.27
CA PRO D 437 26.92 -34.10 -6.34
C PRO D 437 27.05 -32.64 -6.74
N LEU D 438 28.28 -32.16 -6.93
CA LEU D 438 28.55 -30.73 -7.09
C LEU D 438 28.48 -30.27 -8.55
N LYS D 439 29.11 -31.02 -9.47
CA LYS D 439 29.16 -30.58 -10.86
C LYS D 439 27.77 -30.50 -11.47
N GLU D 440 26.92 -31.49 -11.19
CA GLU D 440 25.56 -31.46 -11.68
C GLU D 440 24.78 -30.27 -11.14
N THR D 441 25.00 -29.94 -9.86
CA THR D 441 24.36 -28.75 -9.29
C THR D 441 24.83 -27.49 -9.99
N ILE D 442 26.13 -27.42 -10.31
CA ILE D 442 26.65 -26.26 -11.03
C ILE D 442 25.96 -26.12 -12.39
N GLU D 443 25.86 -27.22 -13.13
CA GLU D 443 25.22 -27.18 -14.44
C GLU D 443 23.76 -26.80 -14.33
N ALA D 444 23.05 -27.39 -13.35
CA ALA D 444 21.64 -27.09 -13.18
C ALA D 444 21.42 -25.63 -12.83
N PHE D 445 22.25 -25.08 -11.93
CA PHE D 445 22.09 -23.67 -11.59
C PHE D 445 22.39 -22.78 -12.78
N ASP D 446 23.40 -23.12 -13.58
CA ASP D 446 23.67 -22.31 -14.77
C ASP D 446 22.48 -22.32 -15.71
N LYS D 447 21.86 -23.49 -15.88
CA LYS D 447 20.66 -23.59 -16.71
C LYS D 447 19.54 -22.73 -16.14
N LEU D 448 19.35 -22.74 -14.82
CA LEU D 448 18.31 -21.95 -14.20
C LEU D 448 18.57 -20.46 -14.33
N THR D 449 19.80 -20.02 -14.05
CA THR D 449 20.11 -18.60 -14.00
C THR D 449 20.27 -17.97 -15.38
N LYS D 450 20.49 -18.77 -16.42
CA LYS D 450 20.52 -18.20 -17.76
C LYS D 450 19.11 -18.02 -18.33
N GLY D 451 18.10 -18.64 -17.72
CA GLY D 451 16.72 -18.38 -18.07
C GLY D 451 16.11 -19.30 -19.09
N GLU D 452 16.22 -20.62 -18.88
CA GLU D 452 15.54 -21.57 -19.75
C GLU D 452 14.40 -22.30 -19.07
N PHE D 453 14.36 -22.31 -17.73
CA PHE D 453 13.35 -23.03 -16.99
C PHE D 453 12.28 -22.11 -16.43
N ASP D 454 11.90 -21.08 -17.20
CA ASP D 454 10.85 -20.16 -16.79
C ASP D 454 9.45 -20.68 -17.09
N HIS D 455 9.33 -21.85 -17.72
CA HIS D 455 8.03 -22.41 -18.07
C HIS D 455 7.49 -23.40 -17.06
N LEU D 456 8.28 -23.77 -16.05
CA LEU D 456 7.79 -24.71 -15.06
C LEU D 456 6.81 -24.03 -14.10
N PRO D 457 5.85 -24.79 -13.57
CA PRO D 457 4.91 -24.20 -12.61
C PRO D 457 5.58 -23.91 -11.27
N GLU D 458 4.85 -23.17 -10.43
CA GLU D 458 5.40 -22.74 -9.15
C GLU D 458 5.73 -23.92 -8.25
N GLN D 459 4.83 -24.90 -8.18
CA GLN D 459 5.02 -26.01 -7.26
C GLN D 459 6.07 -27.00 -7.76
N ALA D 460 6.41 -26.96 -9.05
CA ALA D 460 7.33 -27.94 -9.60
C ALA D 460 8.77 -27.75 -9.12
N PHE D 461 9.07 -26.64 -8.46
CA PHE D 461 10.43 -26.37 -8.00
C PHE D 461 10.61 -26.56 -6.51
N PHE D 462 9.57 -26.94 -5.77
CA PHE D 462 9.63 -27.04 -4.32
C PHE D 462 9.97 -28.46 -3.90
N LEU D 463 10.92 -28.59 -2.98
CA LEU D 463 11.30 -29.86 -2.39
C LEU D 463 11.72 -30.87 -3.47
N ILE D 464 12.79 -30.51 -4.19
CA ILE D 464 13.26 -31.26 -5.34
C ILE D 464 14.56 -31.96 -4.98
N GLY D 465 14.64 -33.25 -5.28
CA GLY D 465 15.87 -33.99 -5.09
C GLY D 465 16.95 -33.54 -6.06
N GLY D 466 16.73 -33.79 -7.35
CA GLY D 466 17.68 -33.42 -8.38
C GLY D 466 16.97 -32.99 -9.65
N LEU D 467 17.78 -32.77 -10.69
CA LEU D 467 17.23 -32.37 -11.98
C LEU D 467 16.32 -33.44 -12.56
N ASP D 468 16.72 -34.71 -12.46
CA ASP D 468 15.86 -35.79 -12.91
C ASP D 468 14.60 -35.87 -12.05
N ASP D 469 14.72 -35.59 -10.75
CA ASP D 469 13.55 -35.49 -9.90
C ASP D 469 12.65 -34.34 -10.35
N LEU D 470 13.25 -33.22 -10.75
CA LEU D 470 12.47 -32.11 -11.28
C LEU D 470 11.72 -32.52 -12.54
N ALA D 471 12.39 -33.27 -13.43
CA ALA D 471 11.72 -33.75 -14.64
C ALA D 471 10.58 -34.70 -14.31
N LYS D 472 10.80 -35.59 -13.34
CA LYS D 472 9.75 -36.53 -12.96
C LYS D 472 8.54 -35.82 -12.37
N LYS D 473 8.78 -34.81 -11.54
CA LYS D 473 7.66 -34.07 -10.96
C LYS D 473 6.98 -33.20 -12.01
N ALA D 474 7.73 -32.70 -12.99
CA ALA D 474 7.11 -31.99 -14.11
C ALA D 474 6.22 -32.92 -14.91
N GLU D 475 6.66 -34.16 -15.13
CA GLU D 475 5.81 -35.15 -15.79
C GLU D 475 4.67 -35.61 -14.90
N SER D 476 4.76 -35.39 -13.59
CA SER D 476 3.67 -35.72 -12.69
C SER D 476 2.56 -34.69 -12.70
N LEU D 477 2.79 -33.52 -13.28
CA LEU D 477 1.77 -32.47 -13.34
C LEU D 477 1.33 -32.21 -14.76
N THR E 14 49.92 26.16 56.83
CA THR E 14 50.78 26.64 55.75
C THR E 14 50.85 25.64 54.60
N ALA E 15 51.91 24.83 54.59
CA ALA E 15 52.05 23.83 53.54
C ALA E 15 51.05 22.70 53.72
N GLY E 16 50.72 22.02 52.62
CA GLY E 16 49.77 20.95 52.65
C GLY E 16 50.34 19.68 52.03
N ARG E 17 49.73 18.56 52.40
CA ARG E 17 50.17 17.24 51.97
C ARG E 17 49.03 16.54 51.24
N VAL E 18 49.38 15.84 50.17
CA VAL E 18 48.40 15.07 49.40
C VAL E 18 48.11 13.77 50.15
N VAL E 19 46.87 13.31 50.07
CA VAL E 19 46.42 12.12 50.78
C VAL E 19 46.17 10.96 49.82
N ARG E 20 45.25 11.14 48.87
CA ARG E 20 44.92 10.09 47.92
C ARG E 20 44.89 10.69 46.51
N ILE E 21 45.24 9.86 45.53
CA ILE E 21 45.31 10.27 44.13
C ILE E 21 44.51 9.28 43.30
N THR E 22 43.48 9.78 42.60
CA THR E 22 42.65 8.98 41.72
C THR E 22 42.55 9.70 40.38
N GLY E 23 43.40 9.32 39.44
CA GLY E 23 43.43 9.98 38.15
C GLY E 23 43.72 11.46 38.29
N PRO E 24 42.92 12.30 37.63
CA PRO E 24 43.10 13.75 37.79
C PRO E 24 42.58 14.30 39.09
N VAL E 25 41.70 13.58 39.79
CA VAL E 25 41.18 14.04 41.07
C VAL E 25 42.26 13.90 42.13
N VAL E 26 42.49 14.98 42.87
CA VAL E 26 43.56 15.03 43.88
C VAL E 26 42.97 15.50 45.19
N ASP E 27 43.25 14.77 46.27
CA ASP E 27 42.82 15.12 47.60
C ASP E 27 43.97 15.71 48.38
N VAL E 28 43.73 16.83 49.06
CA VAL E 28 44.75 17.52 49.83
C VAL E 28 44.25 17.77 51.24
N GLU E 29 45.19 17.85 52.18
CA GLU E 29 44.90 18.09 53.58
C GLU E 29 45.72 19.28 54.05
N PHE E 30 45.08 20.18 54.79
CA PHE E 30 45.68 21.42 55.24
C PHE E 30 45.56 21.56 56.75
N PRO E 31 46.43 22.36 57.37
CA PRO E 31 46.26 22.66 58.80
C PRO E 31 44.95 23.37 59.07
N ARG E 32 44.59 23.44 60.35
CA ARG E 32 43.27 23.91 60.76
C ARG E 32 43.03 25.36 60.33
N GLY E 33 44.03 26.22 60.51
CA GLY E 33 43.84 27.64 60.28
C GLY E 33 44.20 28.10 58.88
N SER E 34 44.28 27.16 57.94
CA SER E 34 44.70 27.50 56.58
C SER E 34 43.82 26.80 55.56
N VAL E 35 42.51 26.81 55.78
CA VAL E 35 41.55 26.22 54.86
C VAL E 35 41.25 27.24 53.77
N PRO E 36 41.43 26.90 52.50
CA PRO E 36 41.19 27.88 51.43
C PRO E 36 39.70 28.01 51.14
N GLU E 37 39.39 28.99 50.27
CA GLU E 37 38.02 29.25 49.85
C GLU E 37 37.82 28.66 48.46
N LEU E 38 36.56 28.48 48.08
CA LEU E 38 36.22 27.89 46.80
C LEU E 38 36.86 28.66 45.65
N PHE E 39 37.32 27.94 44.63
CA PHE E 39 37.91 28.50 43.42
C PHE E 39 39.16 29.33 43.75
N ASN E 40 40.17 28.64 44.29
CA ASN E 40 41.49 29.20 44.49
C ASN E 40 42.50 28.40 43.65
N ALA E 41 43.76 28.84 43.68
CA ALA E 41 44.81 28.24 42.88
C ALA E 41 45.85 27.59 43.80
N LEU E 42 46.32 26.42 43.39
CA LEU E 42 47.32 25.67 44.14
C LEU E 42 48.45 25.27 43.19
N HIS E 43 49.68 25.37 43.66
CA HIS E 43 50.86 25.05 42.87
C HIS E 43 51.59 23.86 43.47
N ALA E 44 52.10 22.99 42.59
CA ALA E 44 52.85 21.82 43.01
C ALA E 44 53.91 21.52 41.96
N GLU E 45 54.88 20.68 42.33
CA GLU E 45 56.02 20.38 41.47
C GLU E 45 56.14 18.87 41.29
N ILE E 46 56.87 18.48 40.24
CA ILE E 46 57.19 17.08 39.97
C ILE E 46 58.70 16.91 40.03
N THR E 47 59.14 15.97 40.86
CA THR E 47 60.57 15.81 41.12
C THR E 47 61.31 15.10 39.99
N PHE E 48 60.65 14.18 39.29
CA PHE E 48 61.34 13.37 38.30
C PHE E 48 61.89 14.22 37.17
N GLY E 49 63.16 13.97 36.83
CA GLY E 49 63.82 14.80 35.83
C GLY E 49 63.23 14.67 34.44
N ALA E 50 62.97 13.44 34.00
CA ALA E 50 62.46 13.23 32.65
C ALA E 50 61.06 13.80 32.45
N LEU E 51 60.27 13.90 33.52
CA LEU E 51 58.94 14.49 33.47
C LEU E 51 58.85 15.68 34.42
N ALA E 52 59.89 16.51 34.45
CA ALA E 52 59.89 17.70 35.29
C ALA E 52 58.77 18.65 34.83
N LYS E 53 57.96 19.10 35.79
CA LYS E 53 56.78 19.88 35.46
C LYS E 53 56.25 20.51 36.73
N THR E 54 55.35 21.47 36.56
CA THR E 54 54.59 22.07 37.65
C THR E 54 53.10 21.87 37.38
N LEU E 55 52.34 21.69 38.45
CA LEU E 55 50.91 21.44 38.36
C LEU E 55 50.15 22.55 39.06
N THR E 56 49.02 22.95 38.46
CA THR E 56 48.11 23.92 39.04
C THR E 56 46.78 23.25 39.28
N LEU E 57 46.18 23.53 40.44
CA LEU E 57 44.94 22.91 40.86
C LEU E 57 43.96 23.96 41.33
N GLU E 58 42.66 23.63 41.25
CA GLU E 58 41.59 24.53 41.66
C GLU E 58 40.69 23.83 42.66
N VAL E 59 40.19 24.61 43.61
CA VAL E 59 39.37 24.09 44.71
C VAL E 59 37.91 24.08 44.28
N ALA E 60 37.24 22.94 44.47
CA ALA E 60 35.86 22.78 44.06
C ALA E 60 34.94 22.17 45.12
N GLN E 61 35.47 21.62 46.20
CA GLN E 61 34.63 20.99 47.22
C GLN E 61 35.26 21.17 48.59
N HIS E 62 34.42 21.03 49.62
CA HIS E 62 34.84 21.06 51.01
C HIS E 62 34.34 19.78 51.67
N LEU E 63 35.16 18.72 51.60
CA LEU E 63 34.78 17.44 52.18
C LEU E 63 34.75 17.49 53.71
N GLY E 64 35.36 18.50 54.32
CA GLY E 64 35.43 18.59 55.75
C GLY E 64 36.69 17.97 56.33
N ASP E 65 36.87 18.18 57.63
CA ASP E 65 38.05 17.70 58.36
C ASP E 65 39.33 18.19 57.70
N SER E 66 39.31 19.44 57.24
CA SER E 66 40.45 20.06 56.58
C SER E 66 40.93 19.24 55.39
N LEU E 67 39.97 18.74 54.60
CA LEU E 67 40.25 17.98 53.39
C LEU E 67 39.57 18.65 52.22
N VAL E 68 40.31 18.82 51.12
CA VAL E 68 39.82 19.51 49.93
C VAL E 68 40.06 18.63 48.71
N ARG E 69 39.03 18.50 47.87
CA ARG E 69 39.13 17.77 46.62
C ARG E 69 39.31 18.76 45.47
N CYS E 70 40.26 18.48 44.59
CA CYS E 70 40.64 19.40 43.53
C CYS E 70 40.85 18.62 42.23
N ILE E 71 40.88 19.37 41.12
CA ILE E 71 41.07 18.80 39.79
C ILE E 71 42.37 19.33 39.22
N SER E 72 43.22 18.42 38.74
CA SER E 72 44.47 18.81 38.13
C SER E 72 44.23 19.48 36.78
N MET E 73 44.94 20.57 36.53
CA MET E 73 44.82 21.29 35.28
C MET E 73 45.67 20.69 34.16
N GLN E 74 46.60 19.80 34.50
CA GLN E 74 47.53 19.22 33.56
C GLN E 74 47.59 17.72 33.81
N PRO E 75 48.00 16.93 32.81
CA PRO E 75 48.07 15.48 33.01
C PRO E 75 49.00 15.12 34.15
N THR E 76 48.59 14.11 34.93
CA THR E 76 49.33 13.70 36.12
C THR E 76 50.09 12.41 35.83
N ASP E 77 51.33 12.35 36.29
CA ASP E 77 52.18 11.18 36.16
C ASP E 77 53.41 11.32 37.05
N GLY E 78 53.72 10.27 37.81
CA GLY E 78 54.87 10.31 38.68
C GLY E 78 54.68 11.08 39.98
N LEU E 79 53.44 11.47 40.30
CA LEU E 79 53.19 12.20 41.52
C LEU E 79 53.50 11.34 42.74
N VAL E 80 54.07 11.96 43.76
CA VAL E 80 54.52 11.26 44.96
C VAL E 80 53.74 11.78 46.15
N ARG E 81 53.28 10.87 47.00
CA ARG E 81 52.50 11.25 48.17
C ARG E 81 53.35 12.06 49.15
N GLY E 82 52.71 12.98 49.85
CA GLY E 82 53.38 13.78 50.85
C GLY E 82 54.07 15.03 50.33
N VAL E 83 54.05 15.26 49.01
CA VAL E 83 54.71 16.43 48.45
C VAL E 83 53.99 17.69 48.92
N GLU E 84 54.76 18.67 49.38
CA GLU E 84 54.19 19.91 49.88
C GLU E 84 53.49 20.68 48.75
N VAL E 85 52.44 21.40 49.12
CA VAL E 85 51.66 22.20 48.18
C VAL E 85 51.43 23.58 48.79
N THR E 86 51.53 24.62 47.97
CA THR E 86 51.33 25.99 48.39
C THR E 86 50.09 26.57 47.74
N ASP E 87 49.62 27.69 48.30
CA ASP E 87 48.39 28.34 47.87
C ASP E 87 48.72 29.70 47.27
N THR E 88 48.09 30.01 46.14
CA THR E 88 48.30 31.31 45.51
C THR E 88 47.60 32.42 46.30
N GLY E 89 46.44 32.13 46.87
CA GLY E 89 45.66 33.15 47.53
C GLY E 89 44.73 33.93 46.63
N ALA E 90 44.67 33.58 45.35
CA ALA E 90 43.79 34.24 44.40
C ALA E 90 43.32 33.22 43.38
N SER E 91 42.25 33.57 42.66
CA SER E 91 41.69 32.70 41.64
C SER E 91 42.56 32.76 40.39
N ILE E 92 42.07 32.16 39.30
CA ILE E 92 42.82 32.14 38.06
C ILE E 92 43.01 33.56 37.56
N SER E 93 44.25 33.91 37.23
CA SER E 93 44.61 35.26 36.80
C SER E 93 44.92 35.27 35.31
N VAL E 94 44.35 36.24 34.61
CA VAL E 94 44.58 36.41 33.19
C VAL E 94 45.20 37.80 32.96
N PRO E 95 46.12 37.93 31.99
CA PRO E 95 46.75 39.23 31.74
C PRO E 95 45.95 40.07 30.75
N VAL E 96 45.88 41.36 31.06
CA VAL E 96 45.18 42.34 30.25
C VAL E 96 46.06 43.55 30.05
N GLY E 97 45.90 44.19 28.91
CA GLY E 97 46.71 45.34 28.54
C GLY E 97 46.60 45.60 27.05
N ASP E 98 47.30 46.64 26.61
CA ASP E 98 47.28 46.98 25.20
C ASP E 98 48.19 46.08 24.36
N GLY E 99 49.17 45.44 24.98
CA GLY E 99 50.07 44.56 24.25
C GLY E 99 49.45 43.24 23.85
N VAL E 100 48.19 43.01 24.20
CA VAL E 100 47.46 41.82 23.80
C VAL E 100 47.20 41.89 22.30
N LYS E 101 46.67 40.80 21.75
CA LYS E 101 46.24 40.64 20.36
C LYS E 101 47.40 40.70 19.37
N GLY E 102 48.63 40.64 19.86
CA GLY E 102 49.78 40.55 18.98
C GLY E 102 50.29 39.13 18.84
N HIS E 103 49.78 38.22 19.66
CA HIS E 103 50.26 36.84 19.67
C HIS E 103 49.13 35.90 20.09
N VAL E 104 49.48 34.63 20.26
CA VAL E 104 48.54 33.58 20.62
C VAL E 104 48.93 33.02 21.98
N PHE E 105 47.93 32.53 22.71
CA PHE E 105 48.17 31.90 23.99
C PHE E 105 46.91 31.20 24.46
N ASN E 106 47.08 30.19 25.31
CA ASN E 106 46.00 29.35 25.79
C ASN E 106 45.41 29.95 27.07
N ALA E 107 44.59 29.15 27.77
CA ALA E 107 43.93 29.63 28.99
C ALA E 107 44.94 29.98 30.08
N LEU E 108 46.04 29.24 30.15
CA LEU E 108 47.06 29.52 31.17
C LEU E 108 47.69 30.89 30.96
N GLY E 109 47.67 31.43 29.75
CA GLY E 109 48.13 32.76 29.47
C GLY E 109 49.52 32.85 28.87
N ASP E 110 50.32 31.80 28.99
CA ASP E 110 51.67 31.84 28.45
C ASP E 110 51.66 31.75 26.92
N CYS E 111 52.42 32.62 26.27
CA CYS E 111 52.45 32.67 24.82
C CYS E 111 53.18 31.44 24.28
N LEU E 112 52.59 30.81 23.25
CA LEU E 112 53.17 29.59 22.70
C LEU E 112 54.41 29.85 21.86
N ASP E 113 54.46 31.00 21.15
CA ASP E 113 55.59 31.25 20.27
C ASP E 113 56.87 31.56 21.07
N ASP E 114 56.74 32.25 22.19
CA ASP E 114 57.87 32.53 23.06
C ASP E 114 57.35 32.83 24.46
N PRO E 115 58.16 32.60 25.49
CA PRO E 115 57.76 32.99 26.85
C PRO E 115 58.14 34.43 27.17
N GLY E 116 58.43 35.21 26.14
CA GLY E 116 58.89 36.57 26.35
C GLY E 116 57.88 37.44 27.08
N TYR E 117 56.60 37.31 26.73
CA TYR E 117 55.57 38.03 27.44
C TYR E 117 55.49 37.57 28.89
N GLY E 118 55.40 38.53 29.81
CA GLY E 118 55.42 38.22 31.22
C GLY E 118 54.36 38.93 32.03
N LYS E 119 54.62 39.12 33.31
CA LYS E 119 53.66 39.70 34.25
C LYS E 119 53.64 41.22 34.23
N ASP E 120 54.16 41.84 33.17
CA ASP E 120 54.14 43.30 33.07
C ASP E 120 52.70 43.81 33.00
N PHE E 121 51.84 43.11 32.28
CA PHE E 121 50.46 43.53 32.11
C PHE E 121 49.70 43.38 33.43
N GLU E 122 48.45 43.87 33.43
CA GLU E 122 47.62 43.75 34.61
C GLU E 122 47.01 42.36 34.69
N HIS E 123 46.59 41.96 35.88
CA HIS E 123 46.04 40.62 36.10
C HIS E 123 44.64 40.73 36.69
N TRP E 124 43.70 40.00 36.08
CA TRP E 124 42.32 39.97 36.57
C TRP E 124 41.84 38.54 36.79
N SER E 125 40.91 38.39 37.73
CA SER E 125 40.30 37.10 38.00
C SER E 125 39.33 36.73 36.88
N ILE E 126 39.29 35.43 36.57
CA ILE E 126 38.41 34.97 35.49
C ILE E 126 36.96 34.98 35.94
N HIS E 127 36.71 34.95 37.25
CA HIS E 127 35.35 34.93 37.79
C HIS E 127 34.84 36.35 38.00
N ARG E 128 33.66 36.63 37.46
CA ARG E 128 33.02 37.93 37.60
C ARG E 128 31.53 37.71 37.83
N LYS E 129 30.77 38.79 37.80
CA LYS E 129 29.32 38.74 37.96
C LYS E 129 28.66 39.56 36.86
N PRO E 130 27.45 39.17 36.44
CA PRO E 130 26.75 39.93 35.40
C PRO E 130 26.33 41.30 35.92
N PRO E 131 26.17 42.28 35.04
CA PRO E 131 25.75 43.61 35.48
C PRO E 131 24.34 43.59 36.06
N ALA E 132 24.02 44.65 36.78
CA ALA E 132 22.75 44.74 37.49
C ALA E 132 21.58 44.86 36.52
N PHE E 133 20.37 44.66 37.05
CA PHE E 133 19.16 44.75 36.25
C PHE E 133 18.76 46.19 35.95
N SER E 134 19.04 47.12 36.88
CA SER E 134 18.57 48.49 36.73
C SER E 134 19.19 49.17 35.52
N ASP E 135 20.48 48.96 35.29
CA ASP E 135 21.20 49.65 34.22
C ASP E 135 21.18 48.88 32.90
N LEU E 136 20.28 47.92 32.74
CA LEU E 136 20.16 47.20 31.48
C LEU E 136 19.62 48.12 30.39
N GLU E 137 20.07 47.91 29.16
CA GLU E 137 19.58 48.68 28.03
C GLU E 137 18.13 48.30 27.74
N PRO E 138 17.20 49.25 27.76
CA PRO E 138 15.78 48.91 27.54
C PRO E 138 15.36 48.83 26.08
N ARG E 139 16.21 49.23 25.14
CA ARG E 139 15.85 49.28 23.74
C ARG E 139 16.97 48.71 22.91
N THR E 140 16.61 47.93 21.88
CA THR E 140 17.59 47.29 21.02
C THR E 140 17.99 48.22 19.88
N GLU E 141 19.08 47.87 19.20
CA GLU E 141 19.62 48.67 18.11
C GLU E 141 19.78 47.81 16.86
N MET E 142 19.79 48.48 15.71
CA MET E 142 19.82 47.82 14.41
C MET E 142 21.25 47.89 13.88
N LEU E 143 21.88 46.72 13.70
CA LEU E 143 23.28 46.63 13.30
C LEU E 143 23.38 46.39 11.81
N GLU E 144 23.95 47.35 11.09
CA GLU E 144 24.04 47.31 9.63
C GLU E 144 25.41 46.82 9.19
N THR E 145 25.43 46.05 8.11
CA THR E 145 26.64 45.52 7.52
C THR E 145 26.74 45.92 6.05
N GLY E 146 27.84 45.54 5.42
CA GLY E 146 28.07 45.83 4.02
C GLY E 146 27.47 44.86 3.04
N LEU E 147 26.96 43.72 3.50
CA LEU E 147 26.37 42.71 2.62
C LEU E 147 24.87 42.94 2.53
N LYS E 148 24.35 43.00 1.29
CA LYS E 148 22.95 43.33 1.10
C LYS E 148 22.03 42.16 1.49
N VAL E 149 22.47 40.93 1.24
CA VAL E 149 21.59 39.78 1.45
C VAL E 149 21.25 39.63 2.93
N VAL E 150 22.24 39.79 3.81
CA VAL E 150 21.98 39.64 5.24
C VAL E 150 21.15 40.79 5.77
N ASP E 151 21.40 42.01 5.31
CA ASP E 151 20.60 43.14 5.76
C ASP E 151 19.15 43.00 5.32
N LEU E 152 18.92 42.57 4.08
CA LEU E 152 17.56 42.49 3.55
C LEU E 152 16.79 41.31 4.13
N LEU E 153 17.43 40.14 4.25
CA LEU E 153 16.73 38.91 4.59
C LEU E 153 16.79 38.58 6.08
N THR E 154 17.98 38.65 6.68
CA THR E 154 18.21 38.23 8.06
C THR E 154 18.86 39.37 8.83
N PRO E 155 18.09 40.38 9.24
CA PRO E 155 18.66 41.51 9.94
C PRO E 155 19.36 41.08 11.23
N TYR E 156 20.47 41.76 11.52
CA TYR E 156 21.29 41.46 12.68
C TYR E 156 20.90 42.37 13.84
N VAL E 157 20.70 41.77 15.00
CA VAL E 157 20.37 42.51 16.21
C VAL E 157 21.66 42.87 16.93
N ARG E 158 21.72 44.09 17.45
CA ARG E 158 22.92 44.54 18.15
C ARG E 158 22.97 43.95 19.56
N GLY E 159 24.10 43.35 19.89
CA GLY E 159 24.28 42.75 21.20
C GLY E 159 23.61 41.40 21.40
N GLY E 160 23.10 40.79 20.33
CA GLY E 160 22.43 39.52 20.42
C GLY E 160 23.35 38.35 20.13
N LYS E 161 22.74 37.19 19.93
CA LYS E 161 23.45 35.95 19.62
C LYS E 161 22.87 35.34 18.37
N ILE E 162 23.75 34.84 17.50
CA ILE E 162 23.36 34.34 16.18
C ILE E 162 24.13 33.04 15.92
N ALA E 163 23.47 32.08 15.28
CA ALA E 163 24.04 30.78 15.00
C ALA E 163 24.34 30.61 13.51
N LEU E 164 25.40 29.85 13.22
CA LEU E 164 25.84 29.61 11.86
C LEU E 164 26.01 28.11 11.65
N PHE E 165 25.44 27.59 10.56
CA PHE E 165 25.54 26.17 10.23
C PHE E 165 26.22 26.01 8.87
N GLY E 166 27.05 24.98 8.74
CA GLY E 166 27.72 24.73 7.50
C GLY E 166 28.85 23.74 7.68
N GLY E 167 29.70 23.68 6.65
CA GLY E 167 30.86 22.80 6.67
C GLY E 167 32.06 23.37 5.96
N ALA E 168 32.86 22.50 5.34
CA ALA E 168 34.07 22.91 4.64
C ALA E 168 33.80 23.05 3.16
N GLY E 169 34.47 24.00 2.52
CA GLY E 169 34.28 24.25 1.11
C GLY E 169 33.09 25.12 0.78
N VAL E 170 32.39 25.66 1.77
CA VAL E 170 31.23 26.51 1.55
C VAL E 170 31.55 27.98 1.76
N GLY E 171 32.81 28.33 1.92
CA GLY E 171 33.21 29.71 2.08
C GLY E 171 32.78 30.37 3.37
N LYS E 172 32.86 29.66 4.50
CA LYS E 172 32.53 30.25 5.79
C LYS E 172 33.74 30.91 6.44
N THR E 173 34.92 30.31 6.28
CA THR E 173 36.13 30.92 6.83
C THR E 173 36.43 32.25 6.16
N VAL E 174 36.29 32.31 4.83
CA VAL E 174 36.51 33.56 4.12
C VAL E 174 35.51 34.62 4.56
N LEU E 175 34.25 34.22 4.77
CA LEU E 175 33.25 35.15 5.26
C LEU E 175 33.60 35.65 6.66
N ILE E 176 34.12 34.77 7.51
CA ILE E 176 34.54 35.19 8.84
C ILE E 176 35.66 36.22 8.75
N GLN E 177 36.63 35.99 7.87
CA GLN E 177 37.71 36.95 7.69
C GLN E 177 37.18 38.29 7.17
N GLU E 178 36.24 38.23 6.22
CA GLU E 178 35.66 39.46 5.69
C GLU E 178 34.95 40.23 6.79
N MET E 179 34.18 39.54 7.63
CA MET E 179 33.49 40.20 8.73
C MET E 179 34.48 40.82 9.71
N ILE E 180 35.56 40.09 10.00
CA ILE E 180 36.57 40.59 10.93
C ILE E 180 37.15 41.90 10.41
N ASN E 181 37.60 41.90 9.15
CA ASN E 181 38.23 43.10 8.63
C ASN E 181 37.23 44.23 8.43
N ARG E 182 35.99 43.90 8.05
CA ARG E 182 34.98 44.93 7.86
C ARG E 182 34.63 45.62 9.19
N ILE E 183 34.50 44.84 10.26
CA ILE E 183 34.22 45.47 11.55
C ILE E 183 35.45 46.21 12.05
N ALA E 184 36.65 45.73 11.73
CA ALA E 184 37.86 46.45 12.12
C ALA E 184 37.94 47.80 11.44
N ARG E 185 37.59 47.87 10.15
CA ARG E 185 37.77 49.08 9.36
C ARG E 185 36.61 50.07 9.49
N ASN E 186 35.37 49.58 9.44
CA ASN E 186 34.23 50.47 9.37
C ASN E 186 33.95 51.13 10.71
N PHE E 187 33.60 50.35 11.73
CA PHE E 187 33.25 50.88 13.04
C PHE E 187 34.38 50.76 14.05
N GLY E 188 35.56 50.34 13.61
CA GLY E 188 36.66 50.22 14.54
C GLY E 188 36.48 49.05 15.49
N GLY E 189 37.27 49.07 16.56
CA GLY E 189 37.25 48.00 17.53
C GLY E 189 38.04 46.79 17.06
N THR E 190 38.16 45.82 17.96
CA THR E 190 38.90 44.60 17.70
C THR E 190 38.05 43.40 18.06
N SER E 191 38.36 42.27 17.44
CA SER E 191 37.66 41.02 17.65
C SER E 191 38.62 39.95 18.12
N VAL E 192 38.17 39.14 19.08
CA VAL E 192 38.97 38.06 19.63
C VAL E 192 38.39 36.74 19.16
N PHE E 193 39.28 35.76 18.97
CA PHE E 193 38.90 34.43 18.53
C PHE E 193 39.22 33.44 19.64
N ALA E 194 38.26 32.56 19.92
CA ALA E 194 38.38 31.56 20.97
C ALA E 194 38.03 30.20 20.38
N GLY E 195 39.04 29.34 20.24
CA GLY E 195 38.82 28.00 19.72
C GLY E 195 38.81 26.95 20.81
N VAL E 196 37.67 26.31 21.04
CA VAL E 196 37.53 25.26 22.03
C VAL E 196 37.41 23.92 21.30
N GLY E 197 38.23 22.96 21.72
CA GLY E 197 38.26 21.68 21.04
C GLY E 197 38.67 21.78 19.59
N GLU E 198 39.68 22.59 19.29
CA GLU E 198 40.13 22.83 17.93
C GLU E 198 41.39 22.04 17.64
N ARG E 199 41.42 21.38 16.50
CA ARG E 199 42.56 20.55 16.13
C ARG E 199 43.80 21.41 15.91
N THR E 200 44.95 20.88 16.33
CA THR E 200 46.19 21.66 16.31
C THR E 200 46.57 22.06 14.89
N ARG E 201 46.45 21.13 13.94
CA ARG E 201 46.78 21.46 12.55
C ARG E 201 45.88 22.56 12.01
N GLU E 202 44.58 22.49 12.32
CA GLU E 202 43.67 23.54 11.90
C GLU E 202 44.04 24.87 12.55
N GLY E 203 44.43 24.84 13.82
CA GLY E 203 44.86 26.06 14.47
C GLY E 203 46.09 26.67 13.82
N ASN E 204 47.07 25.85 13.46
CA ASN E 204 48.26 26.35 12.79
C ASN E 204 47.92 26.92 11.42
N ASP E 205 47.07 26.24 10.67
CA ASP E 205 46.66 26.76 9.36
C ASP E 205 45.92 28.08 9.51
N LEU E 206 45.05 28.19 10.52
CA LEU E 206 44.34 29.43 10.78
C LEU E 206 45.30 30.56 11.13
N TRP E 207 46.31 30.26 11.96
CA TRP E 207 47.30 31.28 12.30
C TRP E 207 48.07 31.74 11.08
N VAL E 208 48.47 30.80 10.21
CA VAL E 208 49.18 31.17 8.99
C VAL E 208 48.31 32.05 8.10
N GLU E 209 47.05 31.66 7.92
CA GLU E 209 46.15 32.44 7.07
C GLU E 209 45.93 33.84 7.63
N LEU E 210 45.74 33.94 8.95
CA LEU E 210 45.56 35.26 9.57
C LEU E 210 46.81 36.11 9.43
N ALA E 211 47.99 35.51 9.60
CA ALA E 211 49.23 36.27 9.45
C ALA E 211 49.41 36.76 8.03
N ASP E 212 49.07 35.93 7.04
CA ASP E 212 49.26 36.32 5.65
C ASP E 212 48.24 37.34 5.18
N ALA E 213 47.17 37.57 5.95
CA ALA E 213 46.13 38.51 5.56
C ALA E 213 46.32 39.90 6.15
N ASN E 214 47.37 40.11 6.95
CA ASN E 214 47.65 41.40 7.59
C ASN E 214 46.48 41.90 8.44
N VAL E 215 45.79 40.98 9.13
CA VAL E 215 44.72 41.36 10.04
C VAL E 215 44.97 40.69 11.38
N LEU E 216 46.09 39.97 11.48
CA LEU E 216 46.46 39.34 12.74
C LEU E 216 46.89 40.36 13.78
N LYS E 217 47.18 41.60 13.36
CA LYS E 217 47.67 42.61 14.28
C LYS E 217 46.64 42.96 15.35
N ASP E 218 45.38 43.05 14.97
CA ASP E 218 44.33 43.52 15.87
C ASP E 218 43.39 42.41 16.32
N THR E 219 43.87 41.17 16.40
CA THR E 219 43.06 40.05 16.85
C THR E 219 43.82 39.26 17.91
N ALA E 220 43.11 38.86 18.96
CA ALA E 220 43.67 38.04 20.03
C ALA E 220 43.16 36.61 19.86
N LEU E 221 44.09 35.68 19.66
CA LEU E 221 43.78 34.28 19.41
C LEU E 221 44.01 33.47 20.67
N VAL E 222 42.99 32.71 21.09
CA VAL E 222 43.11 31.80 22.20
C VAL E 222 42.69 30.42 21.72
N PHE E 223 43.47 29.40 22.07
CA PHE E 223 43.27 28.05 21.58
C PHE E 223 43.01 27.08 22.73
N GLY E 224 42.21 26.05 22.45
CA GLY E 224 41.95 25.00 23.41
C GLY E 224 42.31 23.64 22.84
N GLN E 225 43.28 22.98 23.43
CA GLN E 225 43.79 21.71 22.92
C GLN E 225 43.04 20.54 23.53
N MET E 226 42.81 19.51 22.70
CA MET E 226 42.14 18.31 23.18
C MET E 226 43.01 17.55 24.17
N ASP E 227 44.33 17.56 23.96
CA ASP E 227 45.23 16.79 24.81
C ASP E 227 45.19 17.24 26.25
N GLU E 228 44.72 18.45 26.52
CA GLU E 228 44.59 18.92 27.89
C GLU E 228 43.37 18.28 28.55
N PRO E 229 43.39 18.16 29.87
CA PRO E 229 42.20 17.68 30.59
C PRO E 229 41.05 18.67 30.45
N PRO E 230 39.82 18.25 30.76
CA PRO E 230 38.65 19.10 30.46
C PRO E 230 38.67 20.46 31.15
N GLY E 231 39.58 20.71 32.09
CA GLY E 231 39.60 22.01 32.75
C GLY E 231 39.84 23.15 31.79
N THR E 232 40.82 22.99 30.90
CA THR E 232 41.04 24.00 29.86
C THR E 232 39.83 24.11 28.96
N ARG E 233 39.24 22.97 28.59
CA ARG E 233 38.08 22.97 27.70
C ARG E 233 36.87 23.65 28.32
N MET E 234 36.84 23.79 29.65
CA MET E 234 35.74 24.48 30.30
C MET E 234 36.09 25.89 30.75
N ARG E 235 37.37 26.26 30.79
CA ARG E 235 37.75 27.59 31.24
C ARG E 235 38.22 28.53 30.12
N VAL E 236 38.51 27.99 28.93
CA VAL E 236 39.00 28.84 27.84
C VAL E 236 37.95 29.87 27.44
N ALA E 237 36.68 29.45 27.36
CA ALA E 237 35.62 30.37 26.99
C ALA E 237 35.46 31.49 28.01
N LEU E 238 35.53 31.14 29.30
CA LEU E 238 35.44 32.14 30.35
C LEU E 238 36.59 33.13 30.26
N SER E 239 37.80 32.64 30.00
CA SER E 239 38.94 33.54 29.86
C SER E 239 38.77 34.49 28.69
N ALA E 240 38.29 33.96 27.55
CA ALA E 240 38.07 34.80 26.38
C ALA E 240 37.03 35.88 26.67
N LEU E 241 35.94 35.50 27.33
CA LEU E 241 34.92 36.49 27.70
C LEU E 241 35.47 37.52 28.67
N THR E 242 36.33 37.09 29.59
CA THR E 242 36.93 38.03 30.55
C THR E 242 37.75 39.09 29.83
N MET E 243 38.63 38.66 28.92
CA MET E 243 39.45 39.63 28.21
C MET E 243 38.61 40.50 27.27
N ALA E 244 37.57 39.94 26.66
CA ALA E 244 36.69 40.74 25.81
C ALA E 244 36.01 41.84 26.63
N GLU E 245 35.51 41.49 27.82
CA GLU E 245 34.89 42.49 28.68
C GLU E 245 35.90 43.53 29.13
N PHE E 246 37.14 43.10 29.42
CA PHE E 246 38.18 44.06 29.76
C PHE E 246 38.36 45.09 28.66
N PHE E 247 38.50 44.62 27.42
CA PHE E 247 38.67 45.53 26.29
C PHE E 247 37.46 46.46 26.16
N ARG E 248 36.25 45.90 26.26
CA ARG E 248 35.05 46.70 26.08
C ARG E 248 34.94 47.80 27.13
N ASP E 249 35.22 47.47 28.39
CA ASP E 249 35.08 48.45 29.46
C ASP E 249 36.28 49.37 29.61
N GLU E 250 37.42 49.04 28.99
CA GLU E 250 38.60 49.89 29.12
C GLU E 250 38.80 50.82 27.93
N GLN E 251 38.47 50.38 26.71
CA GLN E 251 38.71 51.20 25.53
C GLN E 251 37.46 51.83 24.93
N GLY E 252 36.28 51.35 25.29
CA GLY E 252 35.06 51.88 24.71
C GLY E 252 34.79 51.42 23.29
N GLN E 253 35.53 50.44 22.78
CA GLN E 253 35.34 49.93 21.44
C GLN E 253 34.49 48.67 21.48
N ASP E 254 33.51 48.59 20.59
CA ASP E 254 32.70 47.38 20.47
C ASP E 254 33.57 46.21 20.04
N VAL E 255 33.31 45.05 20.62
CA VAL E 255 34.11 43.86 20.36
C VAL E 255 33.22 42.79 19.75
N LEU E 256 33.83 41.92 18.97
CA LEU E 256 33.16 40.78 18.37
C LEU E 256 33.83 39.51 18.88
N LEU E 257 33.02 38.61 19.43
CA LEU E 257 33.51 37.39 20.06
C LEU E 257 33.13 36.19 19.21
N PHE E 258 34.08 35.27 19.05
CA PHE E 258 33.90 34.08 18.23
C PHE E 258 33.99 32.83 19.09
N ILE E 259 33.03 31.93 18.91
CA ILE E 259 33.07 30.60 19.53
C ILE E 259 32.85 29.57 18.43
N ASP E 260 33.71 28.55 18.40
CA ASP E 260 33.64 27.55 17.33
C ASP E 260 32.49 26.58 17.56
N ASN E 261 32.38 26.04 18.77
CA ASN E 261 31.32 25.07 19.07
C ASN E 261 30.87 25.23 20.51
N ILE E 262 29.62 24.85 20.76
CA ILE E 262 29.09 24.78 22.11
C ILE E 262 28.93 23.34 22.58
N PHE E 263 28.83 22.38 21.66
CA PHE E 263 28.61 20.99 22.03
C PHE E 263 29.78 20.46 22.86
N ARG E 264 31.02 20.79 22.48
CA ARG E 264 32.17 20.33 23.25
C ARG E 264 32.19 20.93 24.64
N PHE E 265 31.73 22.17 24.80
CA PHE E 265 31.65 22.77 26.12
C PHE E 265 30.69 21.99 27.01
N THR E 266 29.53 21.62 26.46
CA THR E 266 28.58 20.82 27.23
C THR E 266 29.15 19.45 27.56
N GLN E 267 29.87 18.84 26.61
CA GLN E 267 30.50 17.55 26.88
C GLN E 267 31.52 17.65 28.00
N ALA E 268 32.33 18.71 28.00
CA ALA E 268 33.30 18.91 29.07
C ALA E 268 32.61 19.13 30.40
N GLY E 269 31.51 19.89 30.41
CA GLY E 269 30.76 20.06 31.64
C GLY E 269 30.23 18.76 32.19
N SER E 270 29.65 17.92 31.32
CA SER E 270 29.15 16.62 31.76
C SER E 270 30.29 15.75 32.27
N GLU E 271 31.45 15.81 31.60
CA GLU E 271 32.62 15.07 32.05
C GLU E 271 33.04 15.48 33.45
N VAL E 272 33.24 16.78 33.68
CA VAL E 272 33.71 17.20 34.99
C VAL E 272 32.64 16.95 36.04
N SER E 273 31.37 16.91 35.65
CA SER E 273 30.32 16.54 36.60
C SER E 273 30.43 15.08 37.00
N THR E 274 30.53 14.18 36.01
CA THR E 274 30.55 12.76 36.32
C THR E 274 31.85 12.31 36.95
N LEU E 275 32.91 13.12 36.84
CA LEU E 275 34.16 12.76 37.49
C LEU E 275 34.11 13.01 38.99
N LEU E 276 33.28 13.94 39.43
CA LEU E 276 33.17 14.27 40.85
C LEU E 276 32.31 13.28 41.63
N GLY E 277 31.86 12.21 41.00
CA GLY E 277 31.04 11.23 41.68
C GLY E 277 29.65 11.73 42.06
N ARG E 278 29.00 12.49 41.19
CA ARG E 278 27.62 12.91 41.40
C ARG E 278 26.68 11.92 40.72
N MET E 279 25.41 12.29 40.60
CA MET E 279 24.40 11.40 40.05
C MET E 279 24.00 11.85 38.66
N PRO E 280 24.07 10.98 37.65
CA PRO E 280 23.67 11.37 36.29
C PRO E 280 22.17 11.47 36.16
N SER E 281 21.74 12.26 35.17
CA SER E 281 20.32 12.44 34.89
C SER E 281 20.15 13.02 33.50
N ALA E 282 18.93 12.89 32.98
CA ALA E 282 18.51 13.51 31.73
C ALA E 282 19.43 13.13 30.57
N VAL E 283 19.45 11.83 30.27
CA VAL E 283 20.21 11.28 29.16
C VAL E 283 21.69 11.61 29.39
N GLY E 284 22.22 11.15 30.53
CA GLY E 284 23.63 11.31 30.81
C GLY E 284 24.12 12.74 30.81
N TYR E 285 23.41 13.63 31.47
CA TYR E 285 23.76 15.04 31.46
C TYR E 285 23.86 15.58 32.89
N GLN E 286 24.61 16.66 33.03
CA GLN E 286 24.77 17.29 34.33
C GLN E 286 23.46 17.94 34.77
N PRO E 287 23.03 17.71 36.02
CA PRO E 287 21.68 18.12 36.42
C PRO E 287 21.40 19.61 36.33
N THR E 288 22.41 20.47 36.44
CA THR E 288 22.21 21.91 36.43
C THR E 288 22.83 22.58 35.21
N LEU E 289 22.73 21.93 34.04
CA LEU E 289 23.37 22.45 32.83
C LEU E 289 22.84 23.84 32.49
N ALA E 290 21.56 24.09 32.76
CA ALA E 290 21.00 25.42 32.52
C ALA E 290 21.69 26.47 33.38
N ASP E 291 22.15 26.11 34.57
CA ASP E 291 22.87 27.06 35.42
C ASP E 291 24.16 27.52 34.76
N GLU E 292 24.97 26.57 34.26
CA GLU E 292 26.21 26.93 33.59
C GLU E 292 25.91 27.70 32.30
N MET E 293 24.90 27.29 31.56
CA MET E 293 24.55 27.99 30.32
C MET E 293 24.17 29.43 30.60
N GLY E 294 23.35 29.66 31.63
CA GLY E 294 22.97 31.02 31.97
C GLY E 294 24.15 31.84 32.48
N GLU E 295 25.00 31.24 33.31
CA GLU E 295 26.17 31.97 33.80
C GLU E 295 27.09 32.37 32.66
N LEU E 296 27.18 31.53 31.63
CA LEU E 296 28.02 31.86 30.48
C LEU E 296 27.36 32.92 29.60
N GLN E 297 26.05 32.80 29.37
CA GLN E 297 25.39 33.66 28.38
C GLN E 297 24.89 34.98 28.95
N GLU E 298 24.88 35.16 30.27
CA GLU E 298 24.34 36.38 30.86
C GLU E 298 25.28 37.58 30.71
N ARG E 299 26.53 37.36 30.32
CA ARG E 299 27.50 38.44 30.21
C ARG E 299 27.79 38.81 28.75
N ILE E 300 26.84 38.58 27.86
CA ILE E 300 26.98 38.95 26.46
C ILE E 300 26.10 40.13 26.06
N THR E 301 25.11 40.48 26.88
CA THR E 301 24.22 41.58 26.54
C THR E 301 24.96 42.92 26.53
N SER E 302 24.52 43.81 25.65
CA SER E 302 25.12 45.13 25.53
C SER E 302 24.62 46.06 26.62
N THR E 303 25.50 46.96 27.06
CA THR E 303 25.15 47.93 28.08
C THR E 303 26.05 49.15 27.93
N ARG E 304 25.61 50.26 28.53
CA ARG E 304 26.37 51.50 28.59
C ARG E 304 26.75 52.02 27.20
N GLY E 305 25.90 51.75 26.21
CA GLY E 305 26.13 52.22 24.86
C GLY E 305 27.15 51.44 24.06
N ARG E 306 27.74 50.40 24.64
CA ARG E 306 28.72 49.57 23.95
C ARG E 306 28.15 48.18 23.72
N SER E 307 28.44 47.62 22.55
CA SER E 307 27.84 46.37 22.12
C SER E 307 28.88 45.26 22.10
N ILE E 308 28.42 44.04 22.40
CA ILE E 308 29.25 42.85 22.38
C ILE E 308 28.48 41.80 21.59
N THR E 309 28.83 41.62 20.33
CA THR E 309 28.17 40.64 19.47
C THR E 309 29.00 39.36 19.42
N SER E 310 28.31 38.22 19.44
CA SER E 310 28.96 36.92 19.48
C SER E 310 28.48 36.04 18.33
N MET E 311 29.39 35.21 17.85
CA MET E 311 29.12 34.27 16.76
C MET E 311 29.43 32.86 17.22
N GLN E 312 28.48 31.95 17.01
CA GLN E 312 28.63 30.56 17.42
C GLN E 312 28.27 29.64 16.26
N ALA E 313 28.73 28.40 16.36
CA ALA E 313 28.40 27.34 15.41
C ALA E 313 28.14 26.07 16.19
N VAL E 314 26.88 25.67 16.29
CA VAL E 314 26.47 24.53 17.11
C VAL E 314 26.30 23.32 16.21
N TYR E 315 26.49 22.14 16.80
CA TYR E 315 26.39 20.87 16.11
C TYR E 315 25.25 20.05 16.70
N VAL E 316 24.35 19.58 15.84
CA VAL E 316 23.23 18.75 16.28
C VAL E 316 23.63 17.28 16.22
N PRO E 317 23.45 16.51 17.30
CA PRO E 317 23.83 15.09 17.28
C PRO E 317 22.70 14.23 16.73
N ALA E 318 23.03 13.39 15.76
CA ALA E 318 22.10 12.41 15.19
C ALA E 318 20.86 13.06 14.59
N ASP E 319 21.00 14.29 14.09
CA ASP E 319 19.91 15.00 13.40
C ASP E 319 18.65 15.09 14.27
N ASP E 320 18.85 15.37 15.55
CA ASP E 320 17.75 15.46 16.51
C ASP E 320 17.68 16.88 17.05
N TYR E 321 16.46 17.42 17.15
CA TYR E 321 16.26 18.78 17.64
C TYR E 321 15.63 18.82 19.03
N THR E 322 15.12 17.71 19.54
CA THR E 322 14.52 17.67 20.86
C THR E 322 15.51 17.28 21.96
N ASP E 323 16.77 17.08 21.62
CA ASP E 323 17.77 16.74 22.62
C ASP E 323 17.92 17.89 23.63
N PRO E 324 18.09 17.58 24.92
CA PRO E 324 18.12 18.65 25.92
C PRO E 324 19.20 19.70 25.69
N ALA E 325 20.39 19.30 25.24
CA ALA E 325 21.44 20.30 25.04
C ALA E 325 21.10 21.26 23.91
N PRO E 326 20.71 20.81 22.71
CA PRO E 326 20.25 21.78 21.70
C PRO E 326 19.04 22.58 22.13
N ALA E 327 18.13 21.98 22.89
CA ALA E 327 16.98 22.73 23.39
C ALA E 327 17.40 23.86 24.29
N THR E 328 18.35 23.60 25.20
CA THR E 328 18.86 24.66 26.07
C THR E 328 19.62 25.71 25.28
N THR E 329 20.37 25.28 24.26
CA THR E 329 21.13 26.23 23.45
C THR E 329 20.20 27.16 22.68
N PHE E 330 19.10 26.62 22.15
CA PHE E 330 18.18 27.41 21.34
C PHE E 330 17.42 28.45 22.16
N ALA E 331 17.48 28.39 23.49
CA ALA E 331 16.77 29.33 24.33
C ALA E 331 17.38 30.72 24.33
N HIS E 332 18.56 30.90 23.75
CA HIS E 332 19.27 32.18 23.75
C HIS E 332 19.75 32.52 22.35
N LEU E 333 18.85 32.40 21.38
CA LEU E 333 19.19 32.59 19.98
C LEU E 333 18.25 33.62 19.35
N ASP E 334 18.77 34.37 18.38
CA ASP E 334 18.00 35.38 17.68
C ASP E 334 17.93 35.12 16.18
N ALA E 335 19.06 34.83 15.54
CA ALA E 335 19.12 34.61 14.10
C ALA E 335 19.91 33.34 13.80
N THR E 336 19.56 32.70 12.69
CA THR E 336 20.22 31.48 12.23
C THR E 336 20.60 31.63 10.77
N THR E 337 21.78 31.12 10.40
CA THR E 337 22.24 31.14 9.03
C THR E 337 22.58 29.73 8.58
N GLU E 338 22.21 29.42 7.33
CA GLU E 338 22.40 28.11 6.73
C GLU E 338 23.15 28.24 5.42
N LEU E 339 24.04 27.28 5.15
CA LEU E 339 24.78 27.21 3.91
C LEU E 339 24.62 25.82 3.29
N SER E 340 24.66 25.77 1.97
CA SER E 340 24.51 24.51 1.24
C SER E 340 25.49 24.49 0.09
N ARG E 341 25.46 23.40 -0.69
CA ARG E 341 26.37 23.22 -1.82
C ARG E 341 25.70 23.43 -3.18
N ALA E 342 24.39 23.22 -3.27
CA ALA E 342 23.68 23.52 -4.50
C ALA E 342 23.75 25.00 -4.82
N VAL E 343 23.64 25.85 -3.79
CA VAL E 343 23.84 27.28 -3.98
C VAL E 343 25.27 27.57 -4.40
N PHE E 344 26.22 26.80 -3.86
CA PHE E 344 27.61 26.92 -4.32
C PHE E 344 27.75 26.48 -5.77
N SER E 345 27.06 25.39 -6.15
CA SER E 345 27.09 24.95 -7.54
C SER E 345 26.48 25.98 -8.48
N LYS E 346 25.53 26.78 -7.97
CA LYS E 346 24.98 27.87 -8.77
C LYS E 346 26.06 28.89 -9.12
N GLY E 347 26.95 29.19 -8.17
CA GLY E 347 28.05 30.09 -8.44
C GLY E 347 27.83 31.51 -7.96
N ILE E 348 27.38 31.66 -6.72
CA ILE E 348 27.24 32.98 -6.10
C ILE E 348 28.10 33.03 -4.85
N PHE E 349 28.42 34.25 -4.43
CA PHE E 349 29.41 34.46 -3.39
C PHE E 349 28.93 34.13 -1.98
N PRO E 350 27.84 34.72 -1.48
CA PRO E 350 27.44 34.44 -0.09
C PRO E 350 27.11 32.98 0.17
N ALA E 351 26.57 32.28 -0.82
CA ALA E 351 26.25 30.85 -0.71
C ALA E 351 25.30 30.58 0.45
N VAL E 352 24.24 31.37 0.55
CA VAL E 352 23.25 31.23 1.61
C VAL E 352 21.87 31.06 0.98
N ASP E 353 21.08 30.15 1.55
CA ASP E 353 19.72 29.93 1.07
C ASP E 353 18.76 30.88 1.79
N PRO E 354 18.10 31.80 1.10
CA PRO E 354 17.18 32.72 1.78
C PRO E 354 15.98 32.04 2.39
N LEU E 355 15.62 30.85 1.91
CA LEU E 355 14.42 30.17 2.40
C LEU E 355 14.64 29.44 3.73
N ALA E 356 15.88 29.09 4.06
CA ALA E 356 16.17 28.28 5.24
C ALA E 356 16.66 29.10 6.42
N SER E 357 16.64 30.43 6.32
CA SER E 357 17.10 31.30 7.38
C SER E 357 16.04 32.34 7.70
N SER E 358 16.04 32.83 8.94
CA SER E 358 15.05 33.78 9.39
C SER E 358 15.63 34.58 10.55
N SER E 359 14.96 35.69 10.86
CA SER E 359 15.35 36.56 11.96
C SER E 359 14.14 36.84 12.85
N THR E 360 14.40 36.98 14.14
CA THR E 360 13.34 37.19 15.13
C THR E 360 12.98 38.66 15.30
N ILE E 361 13.68 39.57 14.64
CA ILE E 361 13.41 41.00 14.74
C ILE E 361 12.67 41.53 13.53
N LEU E 362 12.41 40.70 12.53
CA LEU E 362 11.72 41.11 11.31
C LEU E 362 10.26 41.39 11.64
N ASP E 363 9.92 42.66 11.80
CA ASP E 363 8.56 43.08 12.06
C ASP E 363 8.23 44.29 11.18
N PRO E 364 6.98 44.41 10.74
CA PRO E 364 6.62 45.55 9.87
C PRO E 364 6.76 46.90 10.55
N ALA E 365 6.65 46.95 11.88
CA ALA E 365 6.68 48.21 12.60
C ALA E 365 8.09 48.66 12.98
N ILE E 366 9.11 47.86 12.70
CA ILE E 366 10.48 48.17 13.07
C ILE E 366 11.34 48.44 11.83
N VAL E 367 11.21 47.59 10.81
CA VAL E 367 12.03 47.70 9.61
C VAL E 367 11.29 48.37 8.47
N GLY E 368 10.10 48.90 8.72
CA GLY E 368 9.36 49.54 7.65
C GLY E 368 8.47 48.56 6.90
N ASP E 369 7.33 49.06 6.44
CA ASP E 369 6.37 48.21 5.76
C ASP E 369 6.84 47.83 4.37
N GLU E 370 7.51 48.75 3.68
CA GLU E 370 7.99 48.45 2.33
C GLU E 370 9.05 47.35 2.35
N HIS E 371 9.91 47.35 3.36
CA HIS E 371 10.90 46.28 3.49
C HIS E 371 10.22 44.93 3.64
N TYR E 372 9.19 44.86 4.49
CA TYR E 372 8.48 43.61 4.68
C TYR E 372 7.78 43.18 3.40
N ARG E 373 7.17 44.13 2.69
CA ARG E 373 6.52 43.79 1.43
C ARG E 373 7.50 43.24 0.41
N VAL E 374 8.68 43.88 0.30
CA VAL E 374 9.69 43.41 -0.64
C VAL E 374 10.18 42.02 -0.25
N ALA E 375 10.41 41.80 1.04
CA ALA E 375 10.86 40.49 1.50
C ALA E 375 9.82 39.42 1.19
N GLN E 376 8.55 39.72 1.45
CA GLN E 376 7.50 38.75 1.16
C GLN E 376 7.43 38.45 -0.34
N GLU E 377 7.56 39.48 -1.17
CA GLU E 377 7.53 39.27 -2.62
C GLU E 377 8.69 38.39 -3.06
N VAL E 378 9.88 38.64 -2.53
CA VAL E 378 11.05 37.86 -2.90
C VAL E 378 10.86 36.40 -2.48
N ILE E 379 10.39 36.17 -1.25
CA ILE E 379 10.18 34.81 -0.78
C ILE E 379 9.14 34.10 -1.62
N ARG E 380 8.04 34.79 -1.95
CA ARG E 380 7.01 34.18 -2.80
C ARG E 380 7.56 33.81 -4.17
N ILE E 381 8.33 34.70 -4.77
CA ILE E 381 8.88 34.43 -6.11
C ILE E 381 9.81 33.23 -6.06
N LEU E 382 10.70 33.18 -5.06
CA LEU E 382 11.64 32.07 -4.96
C LEU E 382 10.91 30.76 -4.66
N GLN E 383 9.88 30.79 -3.81
CA GLN E 383 9.13 29.58 -3.53
C GLN E 383 8.41 29.07 -4.77
N ARG E 384 7.81 29.97 -5.55
CA ARG E 384 7.16 29.55 -6.79
C ARG E 384 8.17 28.97 -7.77
N TYR E 385 9.36 29.60 -7.86
CA TYR E 385 10.41 29.06 -8.73
C TYR E 385 10.81 27.66 -8.30
N LYS E 386 10.99 27.44 -6.98
CA LYS E 386 11.37 26.12 -6.48
C LYS E 386 10.28 25.10 -6.76
N ASP E 387 9.01 25.50 -6.59
CA ASP E 387 7.90 24.59 -6.85
C ASP E 387 7.82 24.22 -8.33
N LEU E 388 8.07 25.18 -9.22
CA LEU E 388 7.98 24.93 -10.65
C LEU E 388 9.26 24.34 -11.25
N GLN E 389 10.32 24.18 -10.46
CA GLN E 389 11.50 23.48 -10.95
C GLN E 389 11.17 22.07 -11.43
N ASP E 390 10.20 21.40 -10.79
CA ASP E 390 9.82 20.07 -11.25
C ASP E 390 9.31 20.10 -12.67
N ILE E 391 8.41 21.03 -12.97
CA ILE E 391 7.86 21.13 -14.33
C ILE E 391 8.92 21.62 -15.29
N ILE E 392 9.86 22.46 -14.82
CA ILE E 392 10.94 22.91 -15.69
C ILE E 392 11.84 21.74 -16.08
N ALA E 393 12.15 20.87 -15.12
CA ALA E 393 12.99 19.71 -15.40
C ALA E 393 12.27 18.72 -16.32
N ILE E 394 10.97 18.51 -16.10
CA ILE E 394 10.28 17.44 -16.82
C ILE E 394 9.81 17.89 -18.21
N LEU E 395 9.38 19.15 -18.37
CA LEU E 395 8.86 19.63 -19.64
C LEU E 395 9.54 20.86 -20.19
N GLY E 396 10.11 21.72 -19.34
CA GLY E 396 10.80 22.91 -19.81
C GLY E 396 9.96 24.17 -19.70
N ILE E 397 10.56 25.27 -20.16
CA ILE E 397 9.90 26.57 -20.09
C ILE E 397 9.02 26.84 -21.30
N ASP E 398 9.26 26.15 -22.43
CA ASP E 398 8.49 26.42 -23.64
C ASP E 398 7.00 26.13 -23.43
N GLU E 399 6.68 25.02 -22.74
CA GLU E 399 5.28 24.70 -22.48
C GLU E 399 4.65 25.68 -21.50
N LEU E 400 5.46 26.26 -20.60
CA LEU E 400 4.94 27.22 -19.64
C LEU E 400 4.42 28.47 -20.35
N SER E 401 3.36 29.06 -19.79
CA SER E 401 2.76 30.23 -20.39
C SER E 401 3.65 31.45 -20.18
N GLU E 402 3.16 32.61 -20.66
CA GLU E 402 3.94 33.84 -20.56
C GLU E 402 4.19 34.22 -19.11
N GLU E 403 3.17 34.11 -18.26
CA GLU E 403 3.34 34.48 -16.85
C GLU E 403 4.37 33.60 -16.17
N ASP E 404 4.31 32.29 -16.40
CA ASP E 404 5.27 31.38 -15.79
C ASP E 404 6.69 31.67 -16.26
N LYS E 405 6.87 31.87 -17.57
CA LYS E 405 8.21 32.13 -18.08
C LYS E 405 8.76 33.46 -17.58
N GLN E 406 7.91 34.48 -17.49
CA GLN E 406 8.38 35.78 -17.03
C GLN E 406 8.72 35.75 -15.54
N LEU E 407 7.92 35.05 -14.73
CA LEU E 407 8.25 34.95 -13.32
C LEU E 407 9.52 34.12 -13.11
N VAL E 408 9.72 33.09 -13.94
CA VAL E 408 10.95 32.30 -13.85
C VAL E 408 12.16 33.14 -14.21
N ASN E 409 12.04 33.94 -15.28
CA ASN E 409 13.15 34.82 -15.66
C ASN E 409 13.45 35.84 -14.56
N ARG E 410 12.40 36.44 -13.98
CA ARG E 410 12.61 37.40 -12.90
C ARG E 410 13.26 36.74 -11.70
N ALA E 411 12.84 35.50 -11.37
CA ALA E 411 13.40 34.80 -10.23
C ALA E 411 14.88 34.49 -10.44
N ARG E 412 15.23 34.00 -11.63
CA ARG E 412 16.64 33.67 -11.87
C ARG E 412 17.50 34.94 -11.91
N ARG E 413 16.96 36.02 -12.47
CA ARG E 413 17.69 37.28 -12.50
C ARG E 413 17.90 37.82 -11.08
N ILE E 414 16.88 37.73 -10.23
CA ILE E 414 17.02 38.18 -8.85
C ILE E 414 18.02 37.31 -8.10
N GLU E 415 18.01 36.00 -8.36
CA GLU E 415 18.98 35.11 -7.73
C GLU E 415 20.40 35.46 -8.13
N ARG E 416 20.62 35.76 -9.43
CA ARG E 416 21.93 36.18 -9.88
C ARG E 416 22.32 37.52 -9.26
N PHE E 417 21.35 38.43 -9.12
CA PHE E 417 21.62 39.74 -8.56
C PHE E 417 21.95 39.67 -7.07
N LEU E 418 21.38 38.70 -6.36
CA LEU E 418 21.52 38.65 -4.91
C LEU E 418 22.96 38.44 -4.46
N SER E 419 23.80 37.86 -5.30
CA SER E 419 25.21 37.73 -4.98
C SER E 419 25.87 39.10 -4.98
N GLN E 420 26.78 39.32 -4.03
CA GLN E 420 27.52 40.57 -3.93
C GLN E 420 29.00 40.27 -3.78
N ASN E 421 29.83 41.06 -4.45
CA ASN E 421 31.27 40.88 -4.38
C ASN E 421 31.79 41.36 -3.03
N MET E 422 32.58 40.51 -2.37
CA MET E 422 33.22 40.90 -1.13
C MET E 422 34.60 41.50 -1.41
N MET E 423 35.34 41.76 -0.33
CA MET E 423 36.60 42.48 -0.42
C MET E 423 37.79 41.53 -0.57
N ALA E 424 37.92 40.53 0.32
CA ALA E 424 39.04 39.61 0.24
C ALA E 424 38.95 38.66 -0.96
N ALA E 425 37.82 38.65 -1.67
CA ALA E 425 37.72 37.87 -2.90
C ALA E 425 38.73 38.33 -3.93
N GLU E 426 39.30 39.53 -3.77
CA GLU E 426 40.37 40.00 -4.63
C GLU E 426 41.57 39.06 -4.60
N GLN E 427 41.68 38.22 -3.57
CA GLN E 427 42.76 37.23 -3.56
C GLN E 427 42.67 36.25 -4.72
N PHE E 428 41.51 36.14 -5.37
CA PHE E 428 41.39 35.33 -6.58
C PHE E 428 40.76 36.07 -7.76
N THR E 429 40.14 37.22 -7.56
CA THR E 429 39.55 38.01 -8.63
C THR E 429 40.27 39.33 -8.88
N GLY E 430 40.66 40.04 -7.82
CA GLY E 430 41.35 41.30 -7.95
C GLY E 430 40.49 42.54 -7.78
N GLN E 431 39.24 42.38 -7.39
CA GLN E 431 38.33 43.52 -7.22
C GLN E 431 37.86 43.64 -5.78
N PRO E 432 38.24 44.69 -5.06
CA PRO E 432 37.70 44.89 -3.71
C PRO E 432 36.20 45.15 -3.74
N GLY E 433 35.52 44.69 -2.70
CA GLY E 433 34.09 44.87 -2.59
C GLY E 433 33.72 46.27 -2.14
N SER E 434 32.41 46.50 -2.01
CA SER E 434 31.91 47.80 -1.62
C SER E 434 30.72 47.61 -0.68
N THR E 435 30.48 48.65 0.12
CA THR E 435 29.36 48.68 1.06
C THR E 435 28.26 49.58 0.52
N VAL E 436 27.02 49.15 0.69
CA VAL E 436 25.87 49.89 0.16
C VAL E 436 24.92 50.25 1.30
N PRO E 437 24.33 51.44 1.30
CA PRO E 437 23.33 51.77 2.32
C PRO E 437 22.06 50.96 2.13
N LEU E 438 21.31 50.84 3.23
CA LEU E 438 20.07 50.07 3.20
C LEU E 438 19.03 50.70 2.29
N LYS E 439 18.96 52.04 2.27
CA LYS E 439 17.95 52.71 1.46
C LYS E 439 18.13 52.41 -0.02
N GLU E 440 19.37 52.47 -0.50
CA GLU E 440 19.62 52.15 -1.91
C GLU E 440 19.23 50.72 -2.23
N THR E 441 19.57 49.78 -1.34
CA THR E 441 19.26 48.38 -1.59
C THR E 441 17.76 48.16 -1.63
N ILE E 442 17.02 48.77 -0.70
CA ILE E 442 15.57 48.55 -0.67
C ILE E 442 14.90 49.21 -1.86
N GLU E 443 15.40 50.37 -2.30
CA GLU E 443 14.82 50.99 -3.49
C GLU E 443 15.13 50.18 -4.75
N ALA E 444 16.34 49.61 -4.82
CA ALA E 444 16.68 48.77 -5.95
C ALA E 444 15.80 47.52 -5.98
N PHE E 445 15.53 46.92 -4.82
CA PHE E 445 14.65 45.77 -4.80
C PHE E 445 13.21 46.16 -5.09
N ASP E 446 12.79 47.36 -4.69
CA ASP E 446 11.47 47.85 -5.07
C ASP E 446 11.33 47.97 -6.57
N LYS E 447 12.35 48.53 -7.24
CA LYS E 447 12.27 48.67 -8.69
C LYS E 447 12.42 47.32 -9.40
N LEU E 448 13.17 46.39 -8.80
CA LEU E 448 13.30 45.06 -9.37
C LEU E 448 12.07 44.19 -9.13
N THR E 449 11.22 44.57 -8.17
CA THR E 449 9.99 43.83 -7.95
C THR E 449 9.15 43.75 -9.22
N LYS E 450 9.17 44.80 -10.02
CA LYS E 450 8.45 44.81 -11.29
C LYS E 450 9.16 44.03 -12.38
N GLY E 451 10.42 43.66 -12.17
CA GLY E 451 11.18 42.91 -13.15
C GLY E 451 11.37 43.64 -14.47
N GLU E 452 11.73 44.93 -14.38
CA GLU E 452 11.92 45.72 -15.58
C GLU E 452 13.22 45.40 -16.31
N PHE E 453 14.17 44.74 -15.64
CA PHE E 453 15.46 44.43 -16.22
C PHE E 453 15.51 43.02 -16.80
N ASP E 454 14.39 42.50 -17.30
CA ASP E 454 14.37 41.16 -17.87
C ASP E 454 15.13 41.09 -19.19
N HIS E 455 15.41 42.23 -19.83
CA HIS E 455 16.13 42.26 -21.09
C HIS E 455 17.64 42.26 -20.91
N LEU E 456 18.13 42.27 -19.68
CA LEU E 456 19.55 42.30 -19.43
C LEU E 456 20.16 40.92 -19.70
N PRO E 457 21.40 40.85 -20.18
CA PRO E 457 22.07 39.55 -20.29
C PRO E 457 22.41 39.00 -18.91
N GLU E 458 22.60 37.68 -18.88
CA GLU E 458 22.80 36.97 -17.61
C GLU E 458 24.06 37.43 -16.89
N GLN E 459 25.15 37.64 -17.65
CA GLN E 459 26.43 37.94 -17.02
C GLN E 459 26.41 39.28 -16.30
N ALA E 460 25.57 40.21 -16.74
CA ALA E 460 25.58 41.56 -16.18
C ALA E 460 24.92 41.66 -14.81
N PHE E 461 24.29 40.60 -14.34
CA PHE E 461 23.50 40.66 -13.11
C PHE E 461 24.31 40.42 -11.84
N PHE E 462 25.57 40.02 -11.96
CA PHE E 462 26.41 39.82 -10.78
C PHE E 462 26.82 41.18 -10.22
N LEU E 463 26.49 41.41 -8.95
CA LEU E 463 26.70 42.72 -8.35
C LEU E 463 28.17 42.94 -8.02
N ILE E 464 28.59 44.21 -8.02
CA ILE E 464 29.93 44.59 -7.59
C ILE E 464 29.81 45.68 -6.55
N GLY E 465 28.65 46.32 -6.48
CA GLY E 465 28.49 47.50 -5.64
C GLY E 465 27.11 48.12 -5.73
N GLY E 466 27.05 49.42 -5.99
CA GLY E 466 25.78 50.10 -6.15
C GLY E 466 25.04 49.65 -7.39
N LEU E 467 24.10 50.50 -7.82
CA LEU E 467 23.31 50.19 -9.00
C LEU E 467 23.75 50.96 -10.23
N ASP E 468 24.22 52.20 -10.06
CA ASP E 468 24.67 52.98 -11.21
C ASP E 468 25.88 52.34 -11.88
N ASP E 469 26.84 51.86 -11.09
CA ASP E 469 28.02 51.21 -11.66
C ASP E 469 27.63 49.94 -12.39
N LEU E 470 26.69 49.17 -11.83
CA LEU E 470 26.22 47.96 -12.50
C LEU E 470 25.52 48.29 -13.82
N ALA E 471 24.71 49.35 -13.84
CA ALA E 471 24.08 49.76 -15.08
C ALA E 471 25.11 50.19 -16.10
N LYS E 472 26.13 50.92 -15.68
CA LYS E 472 27.19 51.34 -16.58
C LYS E 472 27.94 50.15 -17.14
N LYS E 473 28.27 49.17 -16.30
CA LYS E 473 28.96 47.98 -16.75
C LYS E 473 28.11 47.19 -17.74
N ALA E 474 26.81 47.07 -17.45
CA ALA E 474 25.91 46.37 -18.37
C ALA E 474 25.84 47.08 -19.72
N GLU E 475 25.75 48.41 -19.70
CA GLU E 475 25.79 49.17 -20.94
C GLU E 475 27.15 49.10 -21.62
N SER E 476 28.19 48.71 -20.88
CA SER E 476 29.53 48.57 -21.43
C SER E 476 29.81 47.17 -21.95
N LEU E 477 28.84 46.26 -21.86
CA LEU E 477 29.04 44.89 -22.34
C LEU E 477 28.90 44.82 -23.86
N THR F 14 4.65 4.39 80.71
CA THR F 14 4.39 4.27 79.27
C THR F 14 4.42 5.64 78.61
N ALA F 15 5.61 6.22 78.50
CA ALA F 15 5.81 7.52 77.89
C ALA F 15 6.84 7.39 76.79
N GLY F 16 6.52 7.93 75.60
CA GLY F 16 7.42 7.86 74.48
C GLY F 16 8.13 9.17 74.19
N ARG F 17 9.24 9.09 73.45
CA ARG F 17 10.05 10.26 73.12
C ARG F 17 10.41 10.22 71.65
N VAL F 18 10.27 11.37 70.98
CA VAL F 18 10.59 11.49 69.56
C VAL F 18 12.06 11.87 69.43
N VAL F 19 12.79 11.13 68.60
CA VAL F 19 14.23 11.30 68.47
C VAL F 19 14.62 11.89 67.12
N ARG F 20 14.02 11.40 66.04
CA ARG F 20 14.43 11.80 64.70
C ARG F 20 13.20 11.95 63.80
N ILE F 21 13.16 13.04 63.05
CA ILE F 21 12.05 13.33 62.14
C ILE F 21 12.61 13.79 60.80
N THR F 22 11.96 13.35 59.73
CA THR F 22 12.28 13.82 58.38
C THR F 22 11.08 13.55 57.49
N GLY F 23 10.61 14.58 56.81
CA GLY F 23 9.41 14.49 56.02
C GLY F 23 8.21 14.10 56.86
N PRO F 24 7.24 13.42 56.26
CA PRO F 24 6.09 12.96 57.04
C PRO F 24 6.38 11.75 57.91
N VAL F 25 7.55 11.15 57.79
CA VAL F 25 7.89 9.94 58.51
C VAL F 25 8.65 10.30 59.78
N VAL F 26 8.24 9.71 60.92
CA VAL F 26 8.81 10.06 62.21
C VAL F 26 9.16 8.79 62.98
N ASP F 27 10.28 8.84 63.69
CA ASP F 27 10.70 7.73 64.53
C ASP F 27 10.32 8.00 65.98
N VAL F 28 10.18 6.92 66.75
CA VAL F 28 9.87 7.03 68.17
C VAL F 28 10.61 5.93 68.92
N GLU F 29 10.94 6.21 70.17
CA GLU F 29 11.55 5.24 71.07
C GLU F 29 10.64 5.05 72.28
N PHE F 30 10.73 3.88 72.89
CA PHE F 30 9.82 3.50 73.97
C PHE F 30 10.61 2.80 75.07
N PRO F 31 10.09 2.79 76.29
CA PRO F 31 10.73 2.02 77.36
C PRO F 31 10.74 0.54 77.02
N ARG F 32 11.79 -0.14 77.49
CA ARG F 32 12.00 -1.55 77.14
C ARG F 32 10.84 -2.42 77.61
N GLY F 33 10.19 -2.04 78.72
CA GLY F 33 9.13 -2.87 79.25
C GLY F 33 7.94 -3.00 78.33
N SER F 34 7.49 -1.89 77.75
CA SER F 34 6.30 -1.87 76.92
C SER F 34 6.60 -1.26 75.56
N VAL F 35 6.18 -1.94 74.50
CA VAL F 35 6.29 -1.43 73.14
C VAL F 35 4.98 -1.73 72.42
N PRO F 36 4.36 -0.75 71.78
CA PRO F 36 3.05 -0.99 71.17
C PRO F 36 3.10 -2.01 70.05
N GLU F 37 2.01 -2.75 69.90
CA GLU F 37 1.84 -3.70 68.82
C GLU F 37 1.54 -2.95 67.52
N LEU F 38 1.78 -3.62 66.39
CA LEU F 38 1.54 -3.04 65.08
C LEU F 38 0.10 -2.55 64.96
N PHE F 39 -0.09 -1.52 64.12
CA PHE F 39 -1.39 -0.93 63.83
C PHE F 39 -2.06 -0.44 65.12
N ASN F 40 -1.44 0.57 65.72
CA ASN F 40 -1.98 1.23 66.90
C ASN F 40 -1.80 2.73 66.77
N ALA F 41 -2.79 3.48 67.21
CA ALA F 41 -2.76 4.93 67.08
C ALA F 41 -2.04 5.57 68.26
N LEU F 42 -1.29 6.63 67.97
CA LEU F 42 -0.56 7.39 68.97
C LEU F 42 -0.94 8.86 68.88
N HIS F 43 -0.96 9.54 70.03
CA HIS F 43 -1.38 10.93 70.12
C HIS F 43 -0.18 11.82 70.44
N ALA F 44 -0.12 12.97 69.78
CA ALA F 44 0.94 13.94 70.03
C ALA F 44 0.36 15.34 70.14
N GLU F 45 1.23 16.36 70.17
CA GLU F 45 0.78 17.74 70.24
C GLU F 45 1.84 18.64 69.62
N ILE F 46 1.42 19.85 69.27
CA ILE F 46 2.33 20.91 68.85
C ILE F 46 2.18 22.06 69.83
N THR F 47 3.28 22.46 70.46
CA THR F 47 3.24 23.50 71.48
C THR F 47 3.20 24.91 70.90
N PHE F 48 3.38 25.05 69.59
CA PHE F 48 3.35 26.37 68.99
C PHE F 48 1.96 26.98 69.11
N GLY F 49 1.92 28.30 69.28
CA GLY F 49 0.66 29.00 69.45
C GLY F 49 -0.17 29.07 68.18
N ALA F 50 0.41 29.64 67.12
CA ALA F 50 -0.32 29.79 65.87
C ALA F 50 -0.68 28.43 65.26
N LEU F 51 0.25 27.48 65.34
CA LEU F 51 0.09 26.16 64.74
C LEU F 51 -0.27 25.11 65.78
N ALA F 52 -1.08 25.48 66.77
CA ALA F 52 -1.49 24.53 67.80
C ALA F 52 -2.40 23.47 67.21
N LYS F 53 -2.01 22.20 67.39
CA LYS F 53 -2.75 21.09 66.82
C LYS F 53 -2.20 19.79 67.39
N THR F 54 -3.07 18.80 67.54
CA THR F 54 -2.68 17.46 67.91
C THR F 54 -2.50 16.62 66.65
N LEU F 55 -1.68 15.58 66.77
CA LEU F 55 -1.37 14.69 65.65
C LEU F 55 -1.66 13.25 66.03
N THR F 56 -2.17 12.49 65.07
CA THR F 56 -2.40 11.06 65.22
C THR F 56 -1.39 10.32 64.35
N LEU F 57 -0.61 9.44 64.98
CA LEU F 57 0.45 8.70 64.32
C LEU F 57 0.10 7.22 64.29
N GLU F 58 0.61 6.53 63.27
CA GLU F 58 0.28 5.13 63.06
C GLU F 58 1.55 4.30 63.02
N VAL F 59 1.54 3.18 63.74
CA VAL F 59 2.70 2.30 63.79
C VAL F 59 2.90 1.67 62.42
N ALA F 60 4.17 1.64 61.97
CA ALA F 60 4.52 1.04 60.69
C ALA F 60 5.35 -0.22 60.85
N GLN F 61 6.49 -0.13 61.53
CA GLN F 61 7.37 -1.29 61.67
C GLN F 61 8.31 -1.07 62.84
N HIS F 62 8.93 -2.17 63.26
CA HIS F 62 9.93 -2.18 64.32
C HIS F 62 11.33 -2.16 63.72
N LEU F 63 12.25 -1.49 64.41
CA LEU F 63 13.64 -1.44 63.97
C LEU F 63 14.60 -1.88 65.07
N GLY F 64 14.11 -2.56 66.09
CA GLY F 64 14.95 -2.99 67.19
C GLY F 64 15.29 -1.86 68.13
N ASP F 65 15.95 -2.22 69.23
CA ASP F 65 16.32 -1.27 70.27
C ASP F 65 15.11 -0.53 70.83
N SER F 66 13.94 -1.17 70.78
CA SER F 66 12.68 -0.56 71.18
C SER F 66 12.41 0.72 70.39
N LEU F 67 12.59 0.65 69.08
CA LEU F 67 12.31 1.76 68.17
C LEU F 67 11.14 1.40 67.27
N VAL F 68 10.32 2.39 66.95
CA VAL F 68 9.14 2.20 66.11
C VAL F 68 9.08 3.32 65.07
N ARG F 69 8.85 2.95 63.82
CA ARG F 69 8.66 3.92 62.76
C ARG F 69 7.18 4.22 62.59
N CYS F 70 6.86 5.47 62.26
CA CYS F 70 5.45 5.87 62.20
C CYS F 70 5.24 6.93 61.13
N ILE F 71 3.99 7.04 60.71
CA ILE F 71 3.57 7.94 59.64
C ILE F 71 2.56 8.92 60.23
N SER F 72 2.67 10.19 59.84
CA SER F 72 1.79 11.23 60.37
C SER F 72 0.51 11.33 59.54
N MET F 73 -0.62 11.52 60.23
CA MET F 73 -1.89 11.73 59.56
C MET F 73 -2.12 13.19 59.19
N GLN F 74 -1.30 14.10 59.68
CA GLN F 74 -1.45 15.54 59.51
C GLN F 74 -0.11 16.11 59.05
N PRO F 75 -0.11 17.34 58.53
CA PRO F 75 1.17 17.99 58.20
C PRO F 75 2.08 18.04 59.42
N THR F 76 3.35 17.76 59.19
CA THR F 76 4.31 17.52 60.27
C THR F 76 5.12 18.75 60.66
N ASP F 77 4.81 19.92 60.09
CA ASP F 77 5.57 21.12 60.40
C ASP F 77 5.39 21.51 61.86
N GLY F 78 6.42 22.13 62.43
CA GLY F 78 6.35 22.69 63.76
C GLY F 78 6.71 21.75 64.89
N LEU F 79 7.10 20.52 64.59
CA LEU F 79 7.41 19.55 65.63
C LEU F 79 8.83 19.74 66.15
N VAL F 80 9.01 19.52 67.44
CA VAL F 80 10.31 19.62 68.09
C VAL F 80 10.54 18.34 68.89
N ARG F 81 11.81 18.00 69.08
CA ARG F 81 12.17 16.76 69.73
C ARG F 81 11.79 16.78 71.20
N GLY F 82 11.72 15.58 71.79
CA GLY F 82 11.43 15.42 73.20
C GLY F 82 9.97 15.49 73.58
N VAL F 83 9.07 15.70 72.62
CA VAL F 83 7.66 15.81 72.93
C VAL F 83 7.12 14.45 73.35
N GLU F 84 6.37 14.42 74.45
CA GLU F 84 5.80 13.17 74.93
C GLU F 84 4.77 12.63 73.95
N VAL F 85 4.73 11.31 73.83
CA VAL F 85 3.81 10.61 72.93
C VAL F 85 3.07 9.56 73.75
N THR F 86 1.73 9.53 73.61
CA THR F 86 0.88 8.61 74.34
C THR F 86 0.25 7.60 73.39
N ASP F 87 -0.12 6.45 73.93
CA ASP F 87 -0.70 5.37 73.17
C ASP F 87 -2.07 4.99 73.73
N THR F 88 -3.00 4.66 72.82
CA THR F 88 -4.32 4.22 73.21
C THR F 88 -4.51 2.71 73.09
N GLY F 89 -3.52 1.99 72.58
CA GLY F 89 -3.59 0.54 72.50
C GLY F 89 -4.73 0.02 71.65
N ALA F 90 -5.00 0.68 70.52
CA ALA F 90 -6.08 0.25 69.64
C ALA F 90 -5.81 0.78 68.24
N SER F 91 -6.46 0.15 67.27
CA SER F 91 -6.36 0.58 65.88
C SER F 91 -7.29 1.76 65.62
N ILE F 92 -7.23 2.30 64.40
CA ILE F 92 -8.10 3.40 64.03
C ILE F 92 -9.53 2.89 63.89
N SER F 93 -10.47 3.58 64.54
CA SER F 93 -11.87 3.20 64.50
C SER F 93 -12.71 4.37 64.03
N VAL F 94 -13.85 4.04 63.42
CA VAL F 94 -14.77 5.04 62.88
C VAL F 94 -16.17 4.75 63.40
N PRO F 95 -17.04 5.76 63.46
CA PRO F 95 -18.41 5.53 63.93
C PRO F 95 -19.26 4.82 62.88
N VAL F 96 -20.14 3.96 63.37
CA VAL F 96 -21.09 3.21 62.57
C VAL F 96 -22.44 3.24 63.27
N GLY F 97 -23.50 3.36 62.48
CA GLY F 97 -24.85 3.40 62.98
C GLY F 97 -25.80 3.61 61.82
N ASP F 98 -27.10 3.57 62.14
CA ASP F 98 -28.10 3.74 61.09
C ASP F 98 -28.27 5.19 60.67
N GLY F 99 -28.08 6.13 61.59
CA GLY F 99 -28.25 7.54 61.31
C GLY F 99 -27.04 8.22 60.70
N VAL F 100 -26.05 7.46 60.22
CA VAL F 100 -24.85 8.07 59.66
C VAL F 100 -25.16 8.75 58.33
N LYS F 101 -26.02 8.13 57.51
CA LYS F 101 -26.26 8.64 56.18
C LYS F 101 -26.92 10.02 56.22
N GLY F 102 -26.61 10.83 55.21
CA GLY F 102 -27.05 12.20 55.17
C GLY F 102 -26.06 13.21 55.69
N HIS F 103 -24.82 12.79 55.96
CA HIS F 103 -23.80 13.68 56.51
C HIS F 103 -22.50 13.49 55.73
N VAL F 104 -21.69 14.54 55.74
CA VAL F 104 -20.37 14.51 55.13
C VAL F 104 -19.32 14.32 56.22
N PHE F 105 -18.30 13.52 55.93
CA PHE F 105 -17.31 13.15 56.91
C PHE F 105 -15.91 13.46 56.39
N ASN F 106 -14.95 13.50 57.32
CA ASN F 106 -13.55 13.68 56.99
C ASN F 106 -12.82 12.34 57.07
N ALA F 107 -11.50 12.38 56.95
CA ALA F 107 -10.70 11.16 57.03
C ALA F 107 -10.80 10.51 58.40
N LEU F 108 -10.75 11.31 59.46
CA LEU F 108 -10.73 10.77 60.82
C LEU F 108 -12.12 10.41 61.34
N GLY F 109 -13.18 10.77 60.63
CA GLY F 109 -14.53 10.44 61.04
C GLY F 109 -15.29 11.57 61.72
N ASP F 110 -14.62 12.67 62.04
CA ASP F 110 -15.30 13.80 62.65
C ASP F 110 -16.26 14.43 61.65
N CYS F 111 -17.48 14.71 62.10
CA CYS F 111 -18.48 15.32 61.23
C CYS F 111 -18.04 16.74 60.86
N LEU F 112 -18.39 17.14 59.64
CA LEU F 112 -17.95 18.42 59.10
C LEU F 112 -19.03 19.49 59.13
N ASP F 113 -20.24 19.18 58.66
CA ASP F 113 -21.30 20.20 58.63
C ASP F 113 -21.68 20.64 60.04
N ASP F 114 -21.80 19.69 60.97
CA ASP F 114 -22.11 19.97 62.37
C ASP F 114 -20.96 19.43 63.21
N PRO F 115 -20.00 20.27 63.59
CA PRO F 115 -18.85 19.78 64.35
C PRO F 115 -19.26 19.18 65.68
N GLY F 116 -18.57 18.11 66.08
CA GLY F 116 -18.87 17.39 67.30
C GLY F 116 -20.00 16.38 67.19
N TYR F 117 -20.64 16.28 66.03
CA TYR F 117 -21.73 15.33 65.86
C TYR F 117 -21.21 13.90 65.90
N GLY F 118 -21.97 13.02 66.56
CA GLY F 118 -21.56 11.64 66.71
C GLY F 118 -20.95 11.37 68.08
N LYS F 119 -19.91 10.55 68.11
CA LYS F 119 -19.21 10.17 69.34
C LYS F 119 -20.10 9.40 70.30
N ASP F 120 -21.23 8.90 69.82
CA ASP F 120 -22.10 8.06 70.64
C ASP F 120 -22.61 6.84 69.89
N PHE F 121 -22.28 6.70 68.60
CA PHE F 121 -22.66 5.53 67.83
C PHE F 121 -21.67 4.41 68.13
N GLU F 122 -21.79 3.30 67.40
CA GLU F 122 -20.81 2.24 67.61
C GLU F 122 -19.51 2.63 66.93
N HIS F 123 -18.42 2.01 67.35
CA HIS F 123 -17.11 2.33 66.79
C HIS F 123 -16.44 1.04 66.37
N TRP F 124 -16.02 0.95 65.11
CA TRP F 124 -15.36 -0.24 64.60
C TRP F 124 -14.04 0.08 63.92
N SER F 125 -13.12 -0.87 64.01
CA SER F 125 -11.81 -0.77 63.39
C SER F 125 -11.91 -0.96 61.87
N ILE F 126 -10.89 -0.46 61.17
CA ILE F 126 -10.86 -0.49 59.71
C ILE F 126 -9.91 -1.54 59.18
N HIS F 127 -9.47 -2.48 60.01
CA HIS F 127 -8.62 -3.58 59.58
C HIS F 127 -9.32 -4.89 59.94
N ARG F 128 -9.52 -5.74 58.94
CA ARG F 128 -10.23 -7.00 59.13
C ARG F 128 -9.64 -8.04 58.19
N LYS F 129 -10.39 -9.12 58.00
CA LYS F 129 -10.03 -10.27 57.19
C LYS F 129 -11.06 -10.47 56.09
N PRO F 130 -10.62 -10.85 54.88
CA PRO F 130 -11.59 -11.12 53.82
C PRO F 130 -12.41 -12.35 54.14
N PRO F 131 -13.62 -12.45 53.60
CA PRO F 131 -14.48 -13.60 53.91
C PRO F 131 -13.89 -14.90 53.42
N ALA F 132 -14.35 -16.00 54.03
CA ALA F 132 -13.85 -17.33 53.73
C ALA F 132 -14.27 -17.75 52.32
N PHE F 133 -13.81 -18.93 51.92
CA PHE F 133 -14.05 -19.43 50.57
C PHE F 133 -15.47 -19.96 50.39
N SER F 134 -16.06 -20.54 51.43
CA SER F 134 -17.35 -21.20 51.26
C SER F 134 -18.51 -20.22 51.16
N ASP F 135 -18.29 -18.94 51.48
CA ASP F 135 -19.37 -17.96 51.50
C ASP F 135 -19.51 -17.19 50.20
N LEU F 136 -18.70 -17.49 49.19
CA LEU F 136 -18.80 -16.81 47.91
C LEU F 136 -19.60 -17.64 46.91
N GLU F 137 -20.09 -16.95 45.87
CA GLU F 137 -20.98 -17.57 44.89
C GLU F 137 -21.02 -16.77 43.60
N PRO F 138 -20.98 -17.44 42.44
CA PRO F 138 -20.98 -16.71 41.16
C PRO F 138 -22.31 -16.06 40.88
N ARG F 139 -22.27 -14.93 40.19
CA ARG F 139 -23.46 -14.16 39.87
C ARG F 139 -23.51 -13.89 38.38
N THR F 140 -24.74 -13.90 37.84
CA THR F 140 -24.95 -13.77 36.40
C THR F 140 -26.14 -12.89 36.05
N GLU F 141 -26.72 -12.17 37.01
CA GLU F 141 -27.89 -11.35 36.74
C GLU F 141 -27.51 -10.18 35.85
N MET F 142 -28.14 -10.10 34.67
CA MET F 142 -27.83 -9.02 33.74
C MET F 142 -28.56 -7.75 34.16
N LEU F 143 -27.85 -6.61 34.07
CA LEU F 143 -28.38 -5.32 34.46
C LEU F 143 -28.39 -4.39 33.26
N GLU F 144 -29.53 -3.78 32.98
CA GLU F 144 -29.73 -2.98 31.79
C GLU F 144 -29.59 -1.50 32.10
N THR F 145 -29.35 -0.72 31.04
CA THR F 145 -29.19 0.72 31.15
C THR F 145 -29.69 1.36 29.86
N GLY F 146 -30.11 2.63 29.98
CA GLY F 146 -30.64 3.32 28.82
C GLY F 146 -29.65 3.50 27.69
N LEU F 147 -28.36 3.56 28.02
CA LEU F 147 -27.33 3.69 27.00
C LEU F 147 -27.33 2.47 26.08
N LYS F 148 -27.03 2.70 24.80
CA LYS F 148 -27.06 1.63 23.82
C LYS F 148 -25.70 0.97 23.65
N VAL F 149 -24.61 1.76 23.65
CA VAL F 149 -23.28 1.20 23.46
C VAL F 149 -22.91 0.30 24.62
N VAL F 150 -23.44 0.58 25.81
CA VAL F 150 -23.10 -0.23 26.97
C VAL F 150 -23.75 -1.60 26.90
N ASP F 151 -25.08 -1.64 26.76
CA ASP F 151 -25.77 -2.92 26.77
C ASP F 151 -25.67 -3.66 25.44
N LEU F 152 -25.15 -3.00 24.39
CA LEU F 152 -24.94 -3.72 23.14
C LEU F 152 -23.68 -4.57 23.19
N LEU F 153 -22.55 -3.95 23.56
CA LEU F 153 -21.28 -4.67 23.59
C LEU F 153 -21.06 -5.39 24.91
N THR F 154 -21.03 -4.63 26.01
CA THR F 154 -20.61 -5.15 27.31
C THR F 154 -21.70 -4.89 28.33
N PRO F 155 -22.71 -5.75 28.39
CA PRO F 155 -23.77 -5.57 29.40
C PRO F 155 -23.21 -5.68 30.80
N TYR F 156 -23.78 -4.92 31.72
CA TYR F 156 -23.34 -4.89 33.10
C TYR F 156 -24.04 -5.98 33.90
N VAL F 157 -23.31 -6.51 34.88
CA VAL F 157 -23.80 -7.62 35.71
C VAL F 157 -23.92 -7.15 37.15
N ARG F 158 -25.04 -7.50 37.78
CA ARG F 158 -25.28 -7.13 39.16
C ARG F 158 -24.34 -7.90 40.09
N GLY F 159 -23.77 -7.20 41.05
CA GLY F 159 -22.91 -7.83 42.03
C GLY F 159 -21.48 -8.05 41.60
N GLY F 160 -21.11 -7.60 40.39
CA GLY F 160 -19.75 -7.74 39.93
C GLY F 160 -18.96 -6.45 40.09
N LYS F 161 -18.04 -6.20 39.17
CA LYS F 161 -17.25 -4.98 39.18
C LYS F 161 -17.30 -4.34 37.80
N ILE F 162 -17.26 -3.02 37.78
CA ILE F 162 -17.32 -2.24 36.55
C ILE F 162 -16.09 -1.34 36.48
N ALA F 163 -15.41 -1.35 35.34
CA ALA F 163 -14.19 -0.57 35.18
C ALA F 163 -14.33 0.40 34.02
N LEU F 164 -13.89 1.64 34.25
CA LEU F 164 -13.94 2.72 33.26
C LEU F 164 -12.51 3.22 33.05
N PHE F 165 -11.78 2.58 32.15
CA PHE F 165 -10.40 2.97 31.87
C PHE F 165 -10.37 4.14 30.90
N GLY F 166 -9.34 4.96 31.02
CA GLY F 166 -9.19 6.10 30.12
C GLY F 166 -7.98 6.92 30.47
N GLY F 167 -7.74 7.94 29.66
CA GLY F 167 -6.61 8.82 29.85
C GLY F 167 -6.90 9.96 30.81
N ALA F 168 -6.58 11.18 30.39
CA ALA F 168 -6.78 12.37 31.22
C ALA F 168 -7.75 13.32 30.54
N GLY F 169 -8.76 13.75 31.28
CA GLY F 169 -9.73 14.72 30.77
C GLY F 169 -10.54 14.22 29.61
N VAL F 170 -11.07 13.00 29.72
CA VAL F 170 -11.85 12.41 28.65
C VAL F 170 -13.25 12.11 29.19
N GLY F 171 -13.71 12.93 30.13
CA GLY F 171 -15.08 12.87 30.61
C GLY F 171 -15.46 11.63 31.39
N LYS F 172 -14.55 11.11 32.23
CA LYS F 172 -14.91 10.00 33.10
C LYS F 172 -15.95 10.42 34.13
N THR F 173 -15.74 11.59 34.75
CA THR F 173 -16.64 12.06 35.80
C THR F 173 -18.04 12.29 35.27
N VAL F 174 -18.15 12.73 34.01
CA VAL F 174 -19.46 12.91 33.39
C VAL F 174 -20.21 11.59 33.33
N LEU F 175 -19.52 10.53 32.89
CA LEU F 175 -20.14 9.22 32.84
C LEU F 175 -20.52 8.75 34.23
N ILE F 176 -19.66 8.99 35.22
CA ILE F 176 -19.96 8.56 36.58
C ILE F 176 -21.24 9.21 37.08
N GLN F 177 -21.34 10.53 36.93
CA GLN F 177 -22.53 11.21 37.44
C GLN F 177 -23.77 10.85 36.64
N GLU F 178 -23.63 10.61 35.33
CA GLU F 178 -24.77 10.15 34.56
C GLU F 178 -25.28 8.81 35.07
N MET F 179 -24.36 7.87 35.32
CA MET F 179 -24.77 6.55 35.81
C MET F 179 -25.40 6.65 37.20
N ILE F 180 -24.83 7.47 38.09
CA ILE F 180 -25.43 7.59 39.41
C ILE F 180 -26.80 8.23 39.32
N ASN F 181 -26.99 9.17 38.39
CA ASN F 181 -28.32 9.74 38.18
C ASN F 181 -29.30 8.66 37.74
N ARG F 182 -28.91 7.84 36.77
CA ARG F 182 -29.78 6.77 36.30
C ARG F 182 -30.14 5.83 37.45
N ILE F 183 -29.15 5.40 38.22
CA ILE F 183 -29.38 4.40 39.26
C ILE F 183 -30.22 4.98 40.39
N ALA F 184 -29.96 6.23 40.78
CA ALA F 184 -30.76 6.86 41.83
C ALA F 184 -32.20 7.05 41.40
N ARG F 185 -32.42 7.43 40.13
CA ARG F 185 -33.78 7.69 39.69
C ARG F 185 -34.57 6.40 39.53
N ASN F 186 -33.98 5.38 38.90
CA ASN F 186 -34.74 4.16 38.64
C ASN F 186 -34.86 3.29 39.89
N PHE F 187 -33.86 3.32 40.77
CA PHE F 187 -33.81 2.44 41.93
C PHE F 187 -33.43 3.22 43.17
N GLY F 188 -33.87 2.73 44.33
CA GLY F 188 -33.53 3.33 45.60
C GLY F 188 -32.35 2.66 46.27
N GLY F 189 -32.55 2.18 47.49
CA GLY F 189 -31.49 1.47 48.21
C GLY F 189 -30.43 2.37 48.80
N THR F 190 -29.80 1.93 49.88
CA THR F 190 -28.75 2.71 50.50
C THR F 190 -27.53 2.78 49.59
N SER F 191 -26.89 3.94 49.56
CA SER F 191 -25.74 4.17 48.69
C SER F 191 -24.62 4.87 49.44
N VAL F 192 -23.39 4.53 49.07
CA VAL F 192 -22.19 5.10 49.65
C VAL F 192 -21.27 5.58 48.54
N PHE F 193 -20.86 6.84 48.62
CA PHE F 193 -19.93 7.42 47.69
C PHE F 193 -18.66 7.82 48.41
N ALA F 194 -17.51 7.58 47.79
CA ALA F 194 -16.23 8.00 48.32
C ALA F 194 -15.41 8.58 47.19
N GLY F 195 -14.14 8.86 47.45
CA GLY F 195 -13.28 9.34 46.40
C GLY F 195 -11.97 9.93 46.88
N VAL F 196 -10.94 9.79 46.06
CA VAL F 196 -9.62 10.34 46.35
C VAL F 196 -9.12 11.09 45.12
N GLY F 197 -8.27 12.09 45.36
CA GLY F 197 -7.71 12.84 44.25
C GLY F 197 -8.75 13.59 43.44
N GLU F 198 -9.65 14.30 44.12
CA GLU F 198 -10.65 15.12 43.47
C GLU F 198 -10.46 16.58 43.83
N ARG F 199 -11.08 17.45 43.04
CA ARG F 199 -11.04 18.88 43.30
C ARG F 199 -12.28 19.31 44.08
N THR F 200 -12.10 20.31 44.94
CA THR F 200 -13.18 20.74 45.83
C THR F 200 -14.38 21.26 45.05
N ARG F 201 -14.15 21.83 43.87
CA ARG F 201 -15.26 22.33 43.07
C ARG F 201 -16.21 21.20 42.68
N GLU F 202 -15.64 20.05 42.31
CA GLU F 202 -16.48 18.89 42.02
C GLU F 202 -17.24 18.43 43.26
N GLY F 203 -16.61 18.51 44.43
CA GLY F 203 -17.32 18.18 45.65
C GLY F 203 -18.52 19.08 45.89
N ASN F 204 -18.33 20.39 45.73
CA ASN F 204 -19.44 21.32 45.90
C ASN F 204 -20.54 21.06 44.87
N ASP F 205 -20.14 20.80 43.61
CA ASP F 205 -21.14 20.54 42.57
C ASP F 205 -21.95 19.29 42.88
N LEU F 206 -21.28 18.22 43.31
CA LEU F 206 -21.99 16.99 43.65
C LEU F 206 -22.89 17.20 44.87
N TRP F 207 -22.42 17.93 45.87
CA TRP F 207 -23.27 18.18 47.03
C TRP F 207 -24.52 18.96 46.64
N VAL F 208 -24.36 19.99 45.81
CA VAL F 208 -25.50 20.79 45.39
C VAL F 208 -26.46 19.96 44.56
N GLU F 209 -25.94 19.17 43.63
CA GLU F 209 -26.80 18.33 42.79
C GLU F 209 -27.56 17.31 43.64
N LEU F 210 -26.89 16.70 44.61
CA LEU F 210 -27.55 15.73 45.47
C LEU F 210 -28.61 16.39 46.34
N ALA F 211 -28.33 17.61 46.82
CA ALA F 211 -29.34 18.34 47.57
C ALA F 211 -30.56 18.63 46.72
N ASP F 212 -30.34 19.00 45.45
CA ASP F 212 -31.46 19.23 44.55
C ASP F 212 -32.24 17.95 44.30
N ALA F 213 -31.55 16.82 44.14
CA ALA F 213 -32.20 15.56 43.80
C ALA F 213 -33.08 15.02 44.91
N ASN F 214 -32.97 15.56 46.13
CA ASN F 214 -33.74 15.09 47.28
C ASN F 214 -33.48 13.62 47.59
N VAL F 215 -32.30 13.14 47.25
CA VAL F 215 -31.87 11.79 47.56
C VAL F 215 -30.58 11.75 48.37
N LEU F 216 -30.00 12.91 48.67
CA LEU F 216 -28.75 12.95 49.42
C LEU F 216 -28.92 12.44 50.85
N LYS F 217 -30.15 12.35 51.34
CA LYS F 217 -30.38 11.89 52.71
C LYS F 217 -29.95 10.43 52.88
N ASP F 218 -30.08 9.62 51.83
CA ASP F 218 -29.79 8.20 51.89
C ASP F 218 -28.41 7.85 51.33
N THR F 219 -27.58 8.85 51.06
CA THR F 219 -26.25 8.63 50.50
C THR F 219 -25.20 9.04 51.52
N ALA F 220 -24.30 8.12 51.84
CA ALA F 220 -23.17 8.44 52.71
C ALA F 220 -22.05 9.06 51.89
N LEU F 221 -21.47 10.14 52.41
CA LEU F 221 -20.44 10.90 51.72
C LEU F 221 -19.21 11.05 52.61
N VAL F 222 -18.05 10.76 52.05
CA VAL F 222 -16.78 11.04 52.70
C VAL F 222 -15.69 10.99 51.63
N PHE F 223 -14.76 11.93 51.69
CA PHE F 223 -13.74 12.01 50.66
C PHE F 223 -12.61 12.92 51.11
N GLY F 224 -11.40 12.60 50.65
CA GLY F 224 -10.27 13.49 50.78
C GLY F 224 -10.15 14.40 49.56
N GLN F 225 -9.02 15.09 49.49
CA GLN F 225 -8.78 16.03 48.40
C GLN F 225 -7.31 15.95 47.99
N MET F 226 -6.90 16.90 47.15
CA MET F 226 -5.52 16.94 46.68
C MET F 226 -4.54 17.25 47.82
N ASP F 227 -4.82 18.31 48.58
CA ASP F 227 -3.84 18.87 49.51
C ASP F 227 -4.02 18.24 50.89
N GLU F 228 -3.51 17.02 51.02
CA GLU F 228 -3.52 16.30 52.29
C GLU F 228 -2.27 15.44 52.36
N PRO F 229 -1.84 15.08 53.57
CA PRO F 229 -0.74 14.13 53.70
C PRO F 229 -1.13 12.79 53.10
N PRO F 230 -0.16 12.04 52.58
CA PRO F 230 -0.49 10.77 51.90
C PRO F 230 -1.17 9.74 52.80
N GLY F 231 -0.99 9.82 54.12
CA GLY F 231 -1.63 8.85 55.00
C GLY F 231 -3.15 8.88 54.90
N THR F 232 -3.73 10.08 54.86
CA THR F 232 -5.16 10.18 54.64
C THR F 232 -5.55 9.60 53.29
N ARG F 233 -4.76 9.90 52.25
CA ARG F 233 -5.04 9.38 50.92
C ARG F 233 -4.90 7.87 50.86
N MET F 234 -4.29 7.25 51.86
CA MET F 234 -4.22 5.79 51.92
C MET F 234 -5.27 5.19 52.85
N ARG F 235 -5.80 5.96 53.80
CA ARG F 235 -6.75 5.41 54.76
C ARG F 235 -8.21 5.70 54.45
N VAL F 236 -8.51 6.72 53.65
CA VAL F 236 -9.91 7.08 53.42
C VAL F 236 -10.65 5.96 52.69
N ALA F 237 -9.98 5.30 51.74
CA ALA F 237 -10.63 4.20 51.02
C ALA F 237 -10.99 3.08 51.97
N LEU F 238 -10.09 2.73 52.89
CA LEU F 238 -10.38 1.69 53.87
C LEU F 238 -11.55 2.08 54.76
N SER F 239 -11.58 3.34 55.20
CA SER F 239 -12.68 3.77 56.07
C SER F 239 -14.03 3.67 55.35
N ALA F 240 -14.07 4.13 54.09
CA ALA F 240 -15.31 4.06 53.33
C ALA F 240 -15.74 2.61 53.12
N LEU F 241 -14.79 1.75 52.80
CA LEU F 241 -15.12 0.34 52.64
C LEU F 241 -15.63 -0.26 53.95
N THR F 242 -15.07 0.19 55.07
CA THR F 242 -15.52 -0.30 56.37
C THR F 242 -16.98 0.05 56.61
N MET F 243 -17.35 1.32 56.40
CA MET F 243 -18.74 1.69 56.64
C MET F 243 -19.68 0.99 55.66
N ALA F 244 -19.23 0.79 54.41
CA ALA F 244 -20.05 0.04 53.46
C ALA F 244 -20.26 -1.39 53.92
N GLU F 245 -19.21 -2.02 54.45
CA GLU F 245 -19.35 -3.38 54.95
C GLU F 245 -20.28 -3.42 56.15
N PHE F 246 -20.22 -2.40 57.00
CA PHE F 246 -21.15 -2.34 58.11
C PHE F 246 -22.59 -2.28 57.63
N PHE F 247 -22.87 -1.46 56.61
CA PHE F 247 -24.21 -1.44 56.04
C PHE F 247 -24.59 -2.78 55.42
N ARG F 248 -23.65 -3.44 54.76
CA ARG F 248 -23.99 -4.69 54.08
C ARG F 248 -24.30 -5.80 55.09
N ASP F 249 -23.50 -5.93 56.14
CA ASP F 249 -23.61 -7.08 57.03
C ASP F 249 -24.82 -6.97 57.96
N GLU F 250 -24.86 -5.92 58.77
CA GLU F 250 -25.89 -5.84 59.80
C GLU F 250 -27.29 -5.67 59.20
N GLN F 251 -27.43 -4.73 58.26
CA GLN F 251 -28.77 -4.40 57.78
C GLN F 251 -29.33 -5.46 56.84
N GLY F 252 -28.49 -6.29 56.24
CA GLY F 252 -28.98 -7.28 55.29
C GLY F 252 -29.66 -6.67 54.08
N GLN F 253 -29.07 -5.59 53.54
CA GLN F 253 -29.65 -4.83 52.46
C GLN F 253 -28.64 -4.71 51.32
N ASP F 254 -29.14 -4.74 50.08
CA ASP F 254 -28.28 -4.51 48.93
C ASP F 254 -27.75 -3.07 48.95
N VAL F 255 -26.48 -2.92 48.61
CA VAL F 255 -25.76 -1.66 48.80
C VAL F 255 -25.17 -1.21 47.48
N LEU F 256 -25.32 0.08 47.18
CA LEU F 256 -24.66 0.71 46.05
C LEU F 256 -23.38 1.39 46.53
N LEU F 257 -22.30 1.21 45.78
CA LEU F 257 -21.00 1.76 46.14
C LEU F 257 -20.40 2.47 44.95
N PHE F 258 -19.78 3.62 45.20
CA PHE F 258 -19.05 4.35 44.17
C PHE F 258 -17.74 4.87 44.73
N ILE F 259 -16.66 4.64 43.98
CA ILE F 259 -15.33 5.13 44.31
C ILE F 259 -14.76 5.77 43.05
N ASP F 260 -13.79 6.66 43.23
CA ASP F 260 -13.31 7.46 42.11
C ASP F 260 -11.79 7.60 42.20
N ASN F 261 -11.13 7.40 41.06
CA ASN F 261 -9.68 7.60 40.90
C ASN F 261 -8.89 6.77 41.92
N ILE F 262 -9.02 5.45 41.80
CA ILE F 262 -8.30 4.55 42.70
C ILE F 262 -6.80 4.65 42.48
N PHE F 263 -6.37 5.02 41.27
CA PHE F 263 -4.95 5.01 40.93
C PHE F 263 -4.13 5.86 41.89
N ARG F 264 -4.63 7.04 42.24
CA ARG F 264 -3.92 7.93 43.15
C ARG F 264 -3.52 7.19 44.42
N PHE F 265 -4.43 6.37 44.95
CA PHE F 265 -4.12 5.55 46.12
C PHE F 265 -2.77 4.86 45.96
N THR F 266 -2.63 4.05 44.90
CA THR F 266 -1.38 3.34 44.67
C THR F 266 -0.21 4.30 44.66
N GLN F 267 -0.36 5.41 43.93
CA GLN F 267 0.71 6.39 43.85
C GLN F 267 1.18 6.80 45.23
N ALA F 268 0.24 7.08 46.14
CA ALA F 268 0.60 7.52 47.47
C ALA F 268 1.58 6.55 48.11
N GLY F 269 1.30 5.25 48.00
CA GLY F 269 2.17 4.26 48.61
C GLY F 269 3.59 4.40 48.13
N SER F 270 3.77 4.55 46.82
CA SER F 270 5.13 4.70 46.29
C SER F 270 5.88 5.79 47.03
N GLU F 271 5.23 6.95 47.19
CA GLU F 271 5.88 8.06 47.87
C GLU F 271 6.38 7.65 49.25
N VAL F 272 5.49 7.06 50.06
CA VAL F 272 5.90 6.76 51.43
C VAL F 272 6.99 5.70 51.42
N SER F 273 6.97 4.79 50.43
CA SER F 273 8.03 3.81 50.36
C SER F 273 9.37 4.49 50.18
N THR F 274 9.43 5.51 49.33
CA THR F 274 10.67 6.22 49.12
C THR F 274 11.20 6.83 50.41
N LEU F 275 10.31 7.16 51.34
CA LEU F 275 10.77 7.73 52.60
C LEU F 275 11.19 6.67 53.59
N LEU F 276 10.67 5.45 53.47
CA LEU F 276 11.01 4.42 54.45
C LEU F 276 12.42 3.88 54.23
N GLY F 277 12.93 3.97 53.00
CA GLY F 277 14.24 3.46 52.67
C GLY F 277 14.25 2.10 52.02
N ARG F 278 13.09 1.56 51.65
CA ARG F 278 13.04 0.25 51.00
C ARG F 278 13.67 0.30 49.61
N MET F 279 14.15 -0.86 49.17
CA MET F 279 14.77 -0.95 47.85
C MET F 279 13.74 -0.64 46.77
N PRO F 280 14.07 0.22 45.81
CA PRO F 280 13.13 0.50 44.72
C PRO F 280 13.02 -0.67 43.76
N SER F 281 11.93 -0.65 43.00
CA SER F 281 11.62 -1.68 42.02
C SER F 281 11.61 -1.06 40.62
N ALA F 282 11.12 -1.83 39.65
CA ALA F 282 11.09 -1.38 38.27
C ALA F 282 10.25 -0.12 38.13
N VAL F 283 10.78 0.86 37.39
CA VAL F 283 10.10 2.12 37.09
C VAL F 283 9.80 2.83 38.41
N GLY F 284 10.62 2.58 39.42
CA GLY F 284 10.51 3.31 40.68
C GLY F 284 9.19 3.14 41.41
N TYR F 285 8.68 1.92 41.48
CA TYR F 285 7.46 1.65 42.24
C TYR F 285 7.82 0.94 43.54
N GLN F 286 6.78 0.58 44.30
CA GLN F 286 7.01 -0.10 45.57
C GLN F 286 7.63 -1.46 45.34
N PRO F 287 8.46 -1.93 46.27
CA PRO F 287 8.94 -3.32 46.19
C PRO F 287 7.81 -4.32 46.21
N THR F 288 6.73 -4.03 46.94
CA THR F 288 5.54 -4.86 46.95
C THR F 288 4.33 -3.99 46.65
N LEU F 289 3.57 -4.37 45.62
CA LEU F 289 2.30 -3.71 45.31
C LEU F 289 1.16 -4.67 45.03
N ALA F 290 1.46 -5.92 44.65
CA ALA F 290 0.39 -6.84 44.30
C ALA F 290 -0.48 -7.18 45.50
N ASP F 291 0.13 -7.39 46.66
CA ASP F 291 -0.62 -7.87 47.81
C ASP F 291 -1.65 -6.86 48.28
N GLU F 292 -1.28 -5.58 48.34
CA GLU F 292 -2.22 -4.57 48.82
C GLU F 292 -3.39 -4.41 47.85
N MET F 293 -3.11 -4.41 46.55
CA MET F 293 -4.19 -4.34 45.57
C MET F 293 -5.11 -5.55 45.68
N GLY F 294 -4.52 -6.74 45.85
CA GLY F 294 -5.33 -7.93 45.97
C GLY F 294 -6.22 -7.93 47.20
N GLU F 295 -5.66 -7.52 48.35
CA GLU F 295 -6.47 -7.49 49.57
C GLU F 295 -7.53 -6.40 49.50
N LEU F 296 -7.24 -5.27 48.84
CA LEU F 296 -8.27 -4.24 48.72
C LEU F 296 -9.36 -4.67 47.77
N GLN F 297 -9.01 -5.41 46.71
CA GLN F 297 -10.03 -5.86 45.76
C GLN F 297 -10.89 -6.96 46.35
N GLU F 298 -10.28 -7.94 47.02
CA GLU F 298 -11.04 -9.06 47.54
C GLU F 298 -11.94 -8.66 48.71
N ARG F 299 -11.67 -7.53 49.35
CA ARG F 299 -12.53 -7.08 50.43
C ARG F 299 -13.96 -6.81 49.95
N ILE F 300 -14.11 -6.45 48.68
CA ILE F 300 -15.42 -6.28 48.07
C ILE F 300 -15.85 -7.62 47.51
N THR F 301 -16.90 -8.21 48.08
CA THR F 301 -17.36 -9.53 47.68
C THR F 301 -18.83 -9.67 48.04
N SER F 302 -19.62 -10.20 47.10
CA SER F 302 -21.05 -10.36 47.30
C SER F 302 -21.31 -11.72 47.94
N THR F 303 -21.97 -11.71 49.09
CA THR F 303 -22.39 -12.93 49.77
C THR F 303 -23.69 -13.43 49.15
N ARG F 304 -24.09 -14.65 49.52
CA ARG F 304 -25.34 -15.20 49.03
C ARG F 304 -26.52 -14.31 49.43
N GLY F 305 -26.55 -13.88 50.68
CA GLY F 305 -27.60 -13.01 51.16
C GLY F 305 -27.33 -11.53 51.03
N ARG F 306 -26.21 -11.14 50.41
CA ARG F 306 -25.84 -9.74 50.29
C ARG F 306 -25.25 -9.49 48.91
N SER F 307 -25.95 -8.73 48.10
CA SER F 307 -25.48 -8.37 46.76
C SER F 307 -24.96 -6.94 46.79
N ILE F 308 -23.72 -6.76 46.38
CA ILE F 308 -23.07 -5.45 46.37
C ILE F 308 -22.57 -5.16 44.96
N THR F 309 -22.93 -4.01 44.42
CA THR F 309 -22.53 -3.60 43.08
C THR F 309 -21.58 -2.42 43.20
N SER F 310 -20.44 -2.51 42.53
CA SER F 310 -19.41 -1.48 42.60
C SER F 310 -19.07 -0.97 41.20
N MET F 311 -18.43 0.19 41.17
CA MET F 311 -17.98 0.78 39.91
C MET F 311 -16.84 1.73 40.22
N GLN F 312 -15.65 1.41 39.73
CA GLN F 312 -14.43 2.16 40.05
C GLN F 312 -13.90 2.82 38.80
N ALA F 313 -13.49 4.08 38.92
CA ALA F 313 -12.83 4.81 37.85
C ALA F 313 -11.33 4.78 38.10
N VAL F 314 -10.56 4.41 37.08
CA VAL F 314 -9.12 4.26 37.20
C VAL F 314 -8.43 5.17 36.20
N TYR F 315 -7.33 5.78 36.63
CA TYR F 315 -6.56 6.69 35.80
C TYR F 315 -5.42 5.95 35.11
N VAL F 316 -4.99 6.49 33.96
CA VAL F 316 -3.87 5.95 33.21
C VAL F 316 -2.85 7.07 33.01
N PRO F 317 -1.60 6.89 33.42
CA PRO F 317 -0.61 7.98 33.33
C PRO F 317 0.02 8.04 31.95
N ALA F 318 0.19 9.26 31.44
CA ALA F 318 0.96 9.54 30.23
C ALA F 318 0.44 8.78 29.01
N ASP F 319 -0.82 8.36 29.02
CA ASP F 319 -1.44 7.70 27.88
C ASP F 319 -0.66 6.46 27.45
N ASP F 320 -0.21 5.67 28.44
CA ASP F 320 0.53 4.45 28.19
C ASP F 320 -0.15 3.30 28.94
N TYR F 321 -0.35 2.19 28.25
CA TYR F 321 -1.04 1.03 28.84
C TYR F 321 -0.08 -0.04 29.34
N THR F 322 1.22 0.15 29.21
CA THR F 322 2.18 -0.85 29.66
C THR F 322 2.52 -0.73 31.14
N ASP F 323 2.15 0.38 31.78
CA ASP F 323 2.51 0.59 33.17
C ASP F 323 1.86 -0.47 34.07
N PRO F 324 2.53 -0.85 35.16
CA PRO F 324 1.96 -1.88 36.04
C PRO F 324 0.68 -1.46 36.73
N ALA F 325 0.41 -0.16 36.88
CA ALA F 325 -0.76 0.28 37.63
C ALA F 325 -2.07 -0.23 37.04
N PRO F 326 -2.33 -0.12 35.73
CA PRO F 326 -3.54 -0.76 35.18
C PRO F 326 -3.31 -2.23 34.87
N ALA F 327 -2.04 -2.60 34.68
CA ALA F 327 -1.73 -3.98 34.34
C ALA F 327 -2.15 -4.94 35.44
N THR F 328 -1.90 -4.57 36.70
CA THR F 328 -2.33 -5.42 37.81
C THR F 328 -3.83 -5.36 38.00
N THR F 329 -4.44 -4.19 37.75
CA THR F 329 -5.88 -4.05 37.94
C THR F 329 -6.65 -4.87 36.92
N PHE F 330 -6.07 -5.12 35.75
CA PHE F 330 -6.76 -5.92 34.73
C PHE F 330 -7.19 -7.28 35.26
N ALA F 331 -6.45 -7.85 36.20
CA ALA F 331 -6.73 -9.21 36.65
C ALA F 331 -7.87 -9.29 37.66
N HIS F 332 -8.40 -8.16 38.12
CA HIS F 332 -9.42 -8.13 39.15
C HIS F 332 -10.76 -7.61 38.64
N LEU F 333 -11.02 -7.75 37.34
CA LEU F 333 -12.16 -7.11 36.71
C LEU F 333 -12.91 -8.09 35.83
N ASP F 334 -14.21 -7.84 35.69
CA ASP F 334 -15.10 -8.68 34.89
C ASP F 334 -15.77 -7.92 33.75
N ALA F 335 -16.22 -6.70 34.00
CA ALA F 335 -16.83 -5.86 32.98
C ALA F 335 -16.01 -4.57 32.85
N THR F 336 -15.45 -4.34 31.67
CA THR F 336 -14.52 -3.26 31.46
C THR F 336 -14.86 -2.49 30.19
N THR F 337 -14.81 -1.16 30.28
CA THR F 337 -14.95 -0.29 29.13
C THR F 337 -13.78 0.68 29.11
N GLU F 338 -13.38 1.10 27.91
CA GLU F 338 -12.18 1.90 27.72
C GLU F 338 -12.49 3.14 26.90
N LEU F 339 -11.64 4.15 27.06
CA LEU F 339 -11.72 5.39 26.31
C LEU F 339 -10.40 5.62 25.58
N SER F 340 -10.47 6.43 24.52
CA SER F 340 -9.30 6.73 23.70
C SER F 340 -9.26 8.22 23.38
N ARG F 341 -8.05 8.72 23.14
CA ARG F 341 -7.90 10.12 22.74
C ARG F 341 -8.34 10.33 21.30
N ALA F 342 -8.02 9.39 20.41
CA ALA F 342 -8.34 9.56 19.00
C ALA F 342 -9.84 9.62 18.77
N VAL F 343 -10.60 8.74 19.42
CA VAL F 343 -12.05 8.73 19.25
C VAL F 343 -12.67 10.01 19.75
N PHE F 344 -12.17 10.52 20.88
CA PHE F 344 -12.64 11.82 21.36
C PHE F 344 -12.30 12.92 20.37
N SER F 345 -11.10 12.88 19.79
CA SER F 345 -10.73 13.87 18.79
C SER F 345 -11.59 13.77 17.55
N LYS F 346 -12.17 12.60 17.29
CA LYS F 346 -13.08 12.46 16.16
C LYS F 346 -14.30 13.36 16.31
N GLY F 347 -14.84 13.46 17.53
CA GLY F 347 -15.95 14.35 17.78
C GLY F 347 -17.03 13.75 18.66
N ILE F 348 -17.26 12.44 18.56
CA ILE F 348 -18.27 11.79 19.36
C ILE F 348 -17.83 11.80 20.83
N PHE F 349 -18.73 12.19 21.71
CA PHE F 349 -18.38 12.34 23.12
C PHE F 349 -18.33 11.01 23.87
N PRO F 350 -19.29 10.09 23.68
CA PRO F 350 -19.13 8.77 24.29
C PRO F 350 -18.00 7.99 23.62
N ALA F 351 -16.77 8.44 23.84
CA ALA F 351 -15.59 7.90 23.16
C ALA F 351 -15.24 6.55 23.78
N VAL F 352 -15.98 5.52 23.40
CA VAL F 352 -15.80 4.17 23.90
C VAL F 352 -15.32 3.30 22.74
N ASP F 353 -14.17 2.66 22.93
CA ASP F 353 -13.63 1.79 21.91
C ASP F 353 -14.39 0.47 21.89
N PRO F 354 -15.03 0.11 20.78
CA PRO F 354 -15.76 -1.16 20.74
C PRO F 354 -14.84 -2.35 20.55
N LEU F 355 -13.75 -2.15 19.81
CA LEU F 355 -12.81 -3.24 19.55
C LEU F 355 -12.01 -3.61 20.78
N ALA F 356 -11.88 -2.69 21.74
CA ALA F 356 -11.08 -2.94 22.93
C ALA F 356 -11.91 -3.31 24.15
N SER F 357 -13.16 -2.86 24.20
CA SER F 357 -14.02 -3.19 25.33
C SER F 357 -14.33 -4.68 25.36
N SER F 358 -14.50 -5.21 26.56
CA SER F 358 -14.75 -6.63 26.73
C SER F 358 -15.64 -6.86 27.94
N SER F 359 -16.27 -8.02 27.97
CA SER F 359 -17.14 -8.41 29.08
C SER F 359 -17.11 -9.93 29.22
N THR F 360 -17.59 -10.40 30.37
CA THR F 360 -17.65 -11.83 30.64
C THR F 360 -19.06 -12.39 30.74
N ILE F 361 -20.07 -11.55 30.95
CA ILE F 361 -21.44 -12.04 30.99
C ILE F 361 -21.94 -12.43 29.61
N LEU F 362 -21.38 -11.85 28.56
CA LEU F 362 -21.84 -12.09 27.20
C LEU F 362 -21.58 -13.53 26.80
N ASP F 363 -22.65 -14.31 26.63
CA ASP F 363 -22.56 -15.70 26.20
C ASP F 363 -23.92 -16.12 25.67
N PRO F 364 -23.97 -16.93 24.61
CA PRO F 364 -25.28 -17.36 24.08
C PRO F 364 -26.12 -18.15 25.07
N ALA F 365 -25.51 -18.78 26.08
CA ALA F 365 -26.30 -19.49 27.07
C ALA F 365 -27.09 -18.54 27.95
N ILE F 366 -26.68 -17.27 28.03
CA ILE F 366 -27.33 -16.31 28.91
C ILE F 366 -28.05 -15.25 28.10
N VAL F 367 -27.57 -14.99 26.89
CA VAL F 367 -28.10 -13.93 26.05
C VAL F 367 -28.72 -14.55 24.80
N GLY F 368 -29.68 -13.84 24.22
CA GLY F 368 -30.33 -14.34 23.03
C GLY F 368 -29.37 -14.48 21.86
N ASP F 369 -29.68 -15.42 20.97
CA ASP F 369 -28.80 -15.71 19.84
C ASP F 369 -28.68 -14.50 18.91
N GLU F 370 -29.77 -13.76 18.72
CA GLU F 370 -29.73 -12.60 17.84
C GLU F 370 -28.73 -11.57 18.34
N HIS F 371 -28.72 -11.32 19.65
CA HIS F 371 -27.77 -10.38 20.23
C HIS F 371 -26.33 -10.81 19.94
N TYR F 372 -26.04 -12.10 20.18
CA TYR F 372 -24.69 -12.61 19.96
C TYR F 372 -24.28 -12.46 18.50
N ARG F 373 -25.15 -12.85 17.59
CA ARG F 373 -24.83 -12.78 16.16
C ARG F 373 -24.61 -11.34 15.71
N VAL F 374 -25.48 -10.43 16.13
CA VAL F 374 -25.34 -9.03 15.74
C VAL F 374 -24.04 -8.45 16.29
N ALA F 375 -23.73 -8.75 17.54
CA ALA F 375 -22.48 -8.25 18.12
C ALA F 375 -21.27 -8.78 17.37
N GLN F 376 -21.27 -10.07 17.05
CA GLN F 376 -20.13 -10.63 16.31
C GLN F 376 -19.97 -9.97 14.95
N GLU F 377 -21.08 -9.75 14.24
CA GLU F 377 -21.00 -9.12 12.92
C GLU F 377 -20.49 -7.69 13.02
N VAL F 378 -20.95 -6.94 14.02
CA VAL F 378 -20.49 -5.56 14.19
C VAL F 378 -19.00 -5.53 14.47
N ILE F 379 -18.53 -6.42 15.35
CA ILE F 379 -17.11 -6.49 15.65
C ILE F 379 -16.32 -6.82 14.40
N ARG F 380 -16.78 -7.78 13.60
CA ARG F 380 -16.04 -8.14 12.40
C ARG F 380 -15.94 -6.97 11.44
N ILE F 381 -17.03 -6.24 11.24
CA ILE F 381 -17.02 -5.10 10.33
C ILE F 381 -16.05 -4.03 10.81
N LEU F 382 -16.11 -3.71 12.11
CA LEU F 382 -15.22 -2.68 12.65
C LEU F 382 -13.77 -3.10 12.54
N GLN F 383 -13.47 -4.38 12.81
CA GLN F 383 -12.11 -4.87 12.71
C GLN F 383 -11.60 -4.79 11.28
N ARG F 384 -12.46 -5.13 10.30
CA ARG F 384 -12.05 -5.03 8.90
C ARG F 384 -11.74 -3.59 8.51
N TYR F 385 -12.59 -2.65 8.95
CA TYR F 385 -12.32 -1.25 8.65
C TYR F 385 -11.01 -0.79 9.28
N LYS F 386 -10.76 -1.21 10.52
CA LYS F 386 -9.49 -0.86 11.16
C LYS F 386 -8.31 -1.43 10.39
N ASP F 387 -8.45 -2.66 9.88
CA ASP F 387 -7.38 -3.27 9.11
C ASP F 387 -7.10 -2.49 7.84
N LEU F 388 -8.14 -2.07 7.12
CA LEU F 388 -7.94 -1.32 5.88
C LEU F 388 -7.61 0.15 6.10
N GLN F 389 -7.75 0.64 7.34
CA GLN F 389 -7.47 2.04 7.62
C GLN F 389 -6.04 2.42 7.23
N ASP F 390 -5.10 1.49 7.35
CA ASP F 390 -3.71 1.81 7.00
C ASP F 390 -3.57 2.11 5.52
N ILE F 391 -4.13 1.25 4.66
CA ILE F 391 -3.99 1.43 3.23
C ILE F 391 -4.80 2.63 2.75
N ILE F 392 -6.02 2.80 3.26
CA ILE F 392 -6.84 3.91 2.79
C ILE F 392 -6.23 5.25 3.19
N ALA F 393 -5.34 5.27 4.19
CA ALA F 393 -4.79 6.52 4.68
C ALA F 393 -3.97 7.27 3.65
N ILE F 394 -3.34 6.57 2.72
CA ILE F 394 -2.43 7.18 1.74
C ILE F 394 -3.08 7.31 0.38
N LEU F 395 -3.67 6.23 -0.14
CA LEU F 395 -4.27 6.27 -1.47
C LEU F 395 -5.67 6.88 -1.43
N GLY F 396 -6.57 6.28 -0.64
CA GLY F 396 -7.93 6.75 -0.53
C GLY F 396 -8.92 5.67 -0.94
N ILE F 397 -9.96 6.09 -1.66
CA ILE F 397 -11.03 5.18 -2.06
C ILE F 397 -11.00 4.86 -3.55
N ASP F 398 -10.22 5.59 -4.35
CA ASP F 398 -10.21 5.40 -5.79
C ASP F 398 -9.71 4.01 -6.18
N GLU F 399 -8.60 3.57 -5.58
CA GLU F 399 -8.06 2.26 -5.91
C GLU F 399 -8.88 1.14 -5.29
N LEU F 400 -9.51 1.40 -4.15
CA LEU F 400 -10.27 0.37 -3.46
C LEU F 400 -11.48 -0.05 -4.27
N SER F 401 -11.77 -1.35 -4.26
CA SER F 401 -12.89 -1.88 -5.03
C SER F 401 -14.20 -1.57 -4.32
N GLU F 402 -15.29 -1.65 -5.09
CA GLU F 402 -16.62 -1.38 -4.56
C GLU F 402 -17.03 -2.41 -3.51
N GLU F 403 -16.58 -3.66 -3.66
CA GLU F 403 -16.91 -4.69 -2.70
C GLU F 403 -16.46 -4.34 -1.29
N ASP F 404 -15.44 -3.47 -1.17
CA ASP F 404 -15.03 -2.95 0.12
C ASP F 404 -15.53 -1.54 0.37
N LYS F 405 -15.88 -0.80 -0.69
CA LYS F 405 -16.49 0.52 -0.50
C LYS F 405 -17.83 0.40 0.21
N GLN F 406 -18.60 -0.63 -0.12
CA GLN F 406 -19.88 -0.83 0.56
C GLN F 406 -19.70 -1.03 2.05
N LEU F 407 -18.75 -1.88 2.45
CA LEU F 407 -18.51 -2.10 3.87
C LEU F 407 -17.90 -0.87 4.52
N VAL F 408 -17.11 -0.10 3.77
CA VAL F 408 -16.58 1.15 4.31
C VAL F 408 -17.71 2.10 4.67
N ASN F 409 -18.66 2.27 3.75
CA ASN F 409 -19.80 3.14 4.02
C ASN F 409 -20.62 2.63 5.19
N ARG F 410 -20.86 1.31 5.23
CA ARG F 410 -21.63 0.74 6.33
C ARG F 410 -20.92 0.96 7.66
N ALA F 411 -19.60 0.76 7.69
CA ALA F 411 -18.85 0.94 8.92
C ALA F 411 -18.87 2.39 9.38
N ARG F 412 -18.70 3.33 8.45
CA ARG F 412 -18.75 4.74 8.82
C ARG F 412 -20.12 5.09 9.40
N ARG F 413 -21.18 4.62 8.75
CA ARG F 413 -22.52 4.93 9.24
C ARG F 413 -22.75 4.35 10.63
N ILE F 414 -22.34 3.10 10.86
CA ILE F 414 -22.59 2.49 12.16
C ILE F 414 -21.77 3.18 13.24
N GLU F 415 -20.47 3.42 12.99
CA GLU F 415 -19.64 4.05 14.01
C GLU F 415 -20.10 5.47 14.30
N ARG F 416 -20.74 6.13 13.34
CA ARG F 416 -21.38 7.40 13.65
C ARG F 416 -22.66 7.20 14.43
N PHE F 417 -23.36 6.09 14.21
CA PHE F 417 -24.60 5.82 14.93
C PHE F 417 -24.36 5.45 16.39
N LEU F 418 -23.16 4.98 16.74
CA LEU F 418 -22.88 4.68 18.14
C LEU F 418 -22.90 5.92 19.04
N SER F 419 -22.87 7.12 18.48
CA SER F 419 -22.97 8.31 19.30
C SER F 419 -24.36 8.41 19.93
N GLN F 420 -24.46 9.19 21.00
CA GLN F 420 -25.73 9.38 21.70
C GLN F 420 -25.70 10.71 22.43
N ASN F 421 -26.88 11.20 22.77
CA ASN F 421 -27.04 12.44 23.53
C ASN F 421 -27.64 12.06 24.88
N MET F 422 -26.78 11.91 25.89
CA MET F 422 -27.25 11.64 27.24
C MET F 422 -27.76 12.92 27.89
N MET F 423 -28.48 12.75 29.00
CA MET F 423 -28.96 13.92 29.71
C MET F 423 -27.83 14.74 30.29
N ALA F 424 -26.67 14.11 30.54
CA ALA F 424 -25.59 14.74 31.31
C ALA F 424 -25.10 16.04 30.69
N ALA F 425 -25.34 16.27 29.40
CA ALA F 425 -24.90 17.47 28.71
C ALA F 425 -25.88 18.65 28.87
N GLU F 426 -26.80 18.59 29.84
CA GLU F 426 -27.85 19.62 29.87
C GLU F 426 -27.25 21.01 30.01
N GLN F 427 -26.09 21.12 30.67
CA GLN F 427 -25.44 22.38 30.97
C GLN F 427 -24.37 22.76 29.95
N PHE F 428 -24.20 21.95 28.91
CA PHE F 428 -23.19 22.20 27.89
C PHE F 428 -23.80 22.51 26.53
N THR F 429 -24.70 21.66 26.04
CA THR F 429 -25.37 21.91 24.78
C THR F 429 -26.82 22.37 24.94
N GLY F 430 -27.37 22.27 26.14
CA GLY F 430 -28.73 22.73 26.38
C GLY F 430 -29.80 21.95 25.65
N GLN F 431 -29.67 20.62 25.58
CA GLN F 431 -30.65 19.78 24.92
C GLN F 431 -30.96 18.58 25.80
N PRO F 432 -32.23 18.19 25.88
CA PRO F 432 -32.58 17.02 26.70
C PRO F 432 -32.06 15.73 26.07
N GLY F 433 -31.76 14.77 26.94
CA GLY F 433 -31.27 13.47 26.52
C GLY F 433 -32.40 12.51 26.20
N SER F 434 -32.04 11.23 26.08
CA SER F 434 -33.02 10.22 25.71
C SER F 434 -32.55 8.86 26.22
N THR F 435 -33.51 7.93 26.27
CA THR F 435 -33.25 6.55 26.66
C THR F 435 -33.91 5.62 25.66
N VAL F 436 -33.32 4.44 25.47
CA VAL F 436 -33.79 3.50 24.47
C VAL F 436 -33.89 2.10 25.06
N PRO F 437 -35.00 1.40 24.89
CA PRO F 437 -35.06 -0.01 25.28
C PRO F 437 -34.14 -0.86 24.41
N LEU F 438 -33.71 -2.00 24.98
CA LEU F 438 -32.73 -2.83 24.30
C LEU F 438 -33.29 -3.49 23.05
N LYS F 439 -34.58 -3.85 23.05
CA LYS F 439 -35.18 -4.47 21.87
C LYS F 439 -35.14 -3.52 20.69
N GLU F 440 -35.49 -2.25 20.91
CA GLU F 440 -35.41 -1.26 19.86
C GLU F 440 -33.98 -1.12 19.36
N THR F 441 -33.01 -1.12 20.27
CA THR F 441 -31.61 -1.00 19.88
C THR F 441 -31.18 -2.15 18.99
N ILE F 442 -31.50 -3.38 19.38
CA ILE F 442 -31.04 -4.53 18.61
C ILE F 442 -31.74 -4.58 17.25
N GLU F 443 -33.04 -4.28 17.21
CA GLU F 443 -33.73 -4.30 15.92
C GLU F 443 -33.20 -3.21 15.00
N ALA F 444 -32.94 -2.02 15.54
CA ALA F 444 -32.41 -0.94 14.71
C ALA F 444 -31.01 -1.29 14.20
N PHE F 445 -30.18 -1.90 15.04
CA PHE F 445 -28.84 -2.26 14.58
C PHE F 445 -28.89 -3.35 13.53
N ASP F 446 -29.83 -4.30 13.66
CA ASP F 446 -29.99 -5.30 12.61
C ASP F 446 -30.42 -4.66 11.30
N LYS F 447 -31.36 -3.71 11.37
CA LYS F 447 -31.77 -3.00 10.17
C LYS F 447 -30.60 -2.28 9.53
N LEU F 448 -29.77 -1.62 10.35
CA LEU F 448 -28.65 -0.87 9.83
C LEU F 448 -27.60 -1.79 9.21
N THR F 449 -27.33 -2.93 9.86
CA THR F 449 -26.39 -3.88 9.29
C THR F 449 -26.91 -4.48 7.99
N LYS F 450 -28.23 -4.53 7.83
CA LYS F 450 -28.80 -5.04 6.59
C LYS F 450 -28.46 -4.15 5.40
N GLY F 451 -28.17 -2.87 5.64
CA GLY F 451 -27.85 -1.95 4.56
C GLY F 451 -29.01 -1.17 4.01
N GLU F 452 -30.15 -1.18 4.69
CA GLU F 452 -31.32 -0.45 4.20
C GLU F 452 -31.12 1.06 4.29
N PHE F 453 -30.31 1.52 5.22
CA PHE F 453 -30.18 2.94 5.53
C PHE F 453 -29.04 3.62 4.78
N ASP F 454 -28.34 2.91 3.89
CA ASP F 454 -27.13 3.45 3.29
C ASP F 454 -27.40 4.69 2.45
N HIS F 455 -28.60 4.83 1.89
CA HIS F 455 -28.91 5.99 1.07
C HIS F 455 -28.99 7.28 1.89
N LEU F 456 -29.23 7.18 3.19
CA LEU F 456 -29.39 8.37 4.01
C LEU F 456 -28.05 9.08 4.20
N PRO F 457 -28.06 10.40 4.36
CA PRO F 457 -26.81 11.14 4.53
C PRO F 457 -26.14 10.85 5.87
N GLU F 458 -24.83 11.06 5.89
CA GLU F 458 -24.03 10.72 7.08
C GLU F 458 -24.34 11.65 8.25
N GLN F 459 -24.36 12.96 8.00
CA GLN F 459 -24.43 13.94 9.08
C GLN F 459 -25.77 13.89 9.81
N ALA F 460 -26.68 13.02 9.36
CA ALA F 460 -27.94 12.83 10.04
C ALA F 460 -27.81 11.92 11.26
N PHE F 461 -26.71 11.21 11.39
CA PHE F 461 -26.53 10.26 12.48
C PHE F 461 -25.79 10.84 13.68
N PHE F 462 -25.52 12.14 13.69
CA PHE F 462 -24.83 12.76 14.83
C PHE F 462 -25.81 13.06 15.94
N LEU F 463 -25.54 12.51 17.13
CA LEU F 463 -26.25 12.88 18.36
C LEU F 463 -27.76 12.68 18.22
N ILE F 464 -28.14 11.43 17.98
CA ILE F 464 -29.54 11.07 17.80
C ILE F 464 -29.90 9.95 18.77
N GLY F 465 -31.16 9.93 19.20
CA GLY F 465 -31.61 8.99 20.22
C GLY F 465 -32.13 7.67 19.69
N GLY F 466 -33.13 7.72 18.81
CA GLY F 466 -33.76 6.52 18.30
C GLY F 466 -33.95 6.59 16.80
N LEU F 467 -34.44 5.48 16.24
CA LEU F 467 -34.60 5.38 14.80
C LEU F 467 -35.70 6.32 14.29
N ASP F 468 -36.74 6.57 15.10
CA ASP F 468 -37.76 7.54 14.71
C ASP F 468 -37.16 8.94 14.60
N ASP F 469 -36.35 9.34 15.58
CA ASP F 469 -35.65 10.61 15.48
C ASP F 469 -34.66 10.60 14.33
N LEU F 470 -34.04 9.45 14.06
CA LEU F 470 -33.18 9.32 12.89
C LEU F 470 -33.93 9.68 11.62
N ALA F 471 -35.11 9.06 11.43
CA ALA F 471 -35.89 9.32 10.22
C ALA F 471 -36.36 10.76 10.17
N LYS F 472 -36.80 11.31 11.30
CA LYS F 472 -37.27 12.70 11.31
C LYS F 472 -36.14 13.66 10.95
N LYS F 473 -34.96 13.47 11.52
CA LYS F 473 -33.83 14.33 11.20
C LYS F 473 -33.42 14.17 9.73
N ALA F 474 -33.39 12.93 9.23
CA ALA F 474 -33.00 12.72 7.84
C ALA F 474 -33.99 13.38 6.88
N GLU F 475 -35.29 13.27 7.16
CA GLU F 475 -36.28 13.91 6.31
C GLU F 475 -36.30 15.42 6.48
N SER F 476 -35.82 15.92 7.62
CA SER F 476 -35.75 17.36 7.84
C SER F 476 -34.66 18.03 7.02
N LEU F 477 -33.79 17.26 6.37
CA LEU F 477 -32.75 17.83 5.53
C LEU F 477 -32.82 17.26 4.12
N THR G 4 8.01 -0.66 19.40
CA THR G 4 8.90 -1.68 18.85
C THR G 4 9.82 -1.08 17.79
N LEU G 5 10.75 -1.88 17.29
CA LEU G 5 11.74 -1.41 16.31
C LEU G 5 11.61 -2.09 14.95
N ARG G 6 11.44 -3.42 14.92
CA ARG G 6 11.43 -4.15 13.66
C ARG G 6 10.27 -3.69 12.78
N GLU G 7 9.10 -3.48 13.36
CA GLU G 7 7.95 -3.00 12.60
C GLU G 7 8.23 -1.64 11.98
N LEU G 8 8.85 -0.74 12.75
CA LEU G 8 9.14 0.59 12.23
C LEU G 8 10.12 0.55 11.06
N ARG G 9 11.19 -0.25 11.18
CA ARG G 9 12.13 -0.38 10.08
C ARG G 9 11.47 -0.98 8.85
N GLY G 10 10.67 -2.03 9.03
CA GLY G 10 9.99 -2.64 7.91
C GLY G 10 9.05 -1.66 7.22
N ARG G 11 8.28 -0.90 8.00
CA ARG G 11 7.37 0.08 7.41
C ARG G 11 8.13 1.18 6.69
N ILE G 12 9.27 1.62 7.25
CA ILE G 12 10.05 2.68 6.60
C ILE G 12 10.56 2.19 5.24
N ARG G 13 11.16 1.00 5.22
CA ARG G 13 11.66 0.47 3.94
C ARG G 13 10.52 0.27 2.96
N SER G 14 9.40 -0.25 3.43
CA SER G 14 8.24 -0.47 2.57
C SER G 14 7.80 0.83 1.93
N ALA G 15 7.55 1.85 2.75
CA ALA G 15 7.04 3.11 2.23
C ALA G 15 8.03 3.80 1.30
N GLY G 16 9.33 3.71 1.61
CA GLY G 16 10.32 4.30 0.73
C GLY G 16 10.32 3.66 -0.65
N SER G 17 10.31 2.33 -0.69
CA SER G 17 10.29 1.65 -1.99
C SER G 17 8.98 1.91 -2.71
N ILE G 18 7.87 1.98 -1.98
CA ILE G 18 6.58 2.32 -2.58
C ILE G 18 6.68 3.68 -3.26
N LYS G 19 7.27 4.66 -2.57
CA LYS G 19 7.41 5.99 -3.13
C LYS G 19 8.26 5.98 -4.40
N LYS G 20 9.40 5.29 -4.35
CA LYS G 20 10.29 5.25 -5.51
C LYS G 20 9.60 4.63 -6.72
N ILE G 21 8.88 3.53 -6.52
CA ILE G 21 8.31 2.86 -7.68
C ILE G 21 7.01 3.52 -8.12
N THR G 22 6.34 4.27 -7.24
CA THR G 22 5.26 5.13 -7.71
C THR G 22 5.81 6.19 -8.65
N LYS G 23 6.96 6.78 -8.30
CA LYS G 23 7.59 7.71 -9.24
C LYS G 23 7.96 7.01 -10.54
N ALA G 24 8.46 5.77 -10.45
CA ALA G 24 8.84 5.02 -11.63
C ALA G 24 7.65 4.75 -12.55
N GLN G 25 6.51 4.38 -11.97
CA GLN G 25 5.31 4.14 -12.79
C GLN G 25 4.75 5.44 -13.33
N GLU G 26 4.90 6.54 -12.60
CA GLU G 26 4.58 7.84 -13.15
C GLU G 26 5.43 8.13 -14.39
N LEU G 27 6.71 7.74 -14.35
CA LEU G 27 7.55 7.88 -15.53
C LEU G 27 7.08 6.98 -16.67
N ILE G 28 6.64 5.77 -16.35
CA ILE G 28 6.06 4.89 -17.38
C ILE G 28 4.90 5.60 -18.08
N ALA G 29 3.99 6.17 -17.28
CA ALA G 29 2.84 6.88 -17.84
C ALA G 29 3.29 8.07 -18.69
N THR G 30 4.26 8.84 -18.19
CA THR G 30 4.77 9.98 -18.92
C THR G 30 5.37 9.57 -20.26
N SER G 31 6.11 8.45 -20.26
CA SER G 31 6.71 7.95 -21.50
C SER G 31 5.64 7.52 -22.50
N ARG G 32 4.61 6.80 -22.03
CA ARG G 32 3.57 6.36 -22.96
C ARG G 32 2.70 7.52 -23.44
N ILE G 33 2.67 8.63 -22.70
CA ILE G 33 1.90 9.80 -23.12
C ILE G 33 2.39 10.30 -24.48
N ALA G 34 3.71 10.37 -24.67
CA ALA G 34 4.26 10.87 -25.92
C ALA G 34 3.86 9.97 -27.10
N LYS G 35 3.95 8.65 -26.91
CA LYS G 35 3.59 7.73 -27.98
C LYS G 35 2.11 7.83 -28.32
N ALA G 36 1.25 7.91 -27.30
CA ALA G 36 -0.19 8.05 -27.55
C ALA G 36 -0.49 9.35 -28.28
N GLN G 37 0.13 10.45 -27.86
CA GLN G 37 -0.11 11.74 -28.50
C GLN G 37 0.38 11.72 -29.95
N ALA G 38 1.52 11.08 -30.21
CA ALA G 38 1.99 10.96 -31.58
C ALA G 38 1.05 10.13 -32.43
N ARG G 39 0.50 9.05 -31.86
CA ARG G 39 -0.35 8.16 -32.64
C ARG G 39 -1.73 8.75 -32.91
N VAL G 40 -2.24 9.58 -31.99
CA VAL G 40 -3.65 9.97 -32.06
C VAL G 40 -3.93 10.83 -33.29
N GLU G 41 -2.98 11.68 -33.69
CA GLU G 41 -3.24 12.70 -34.70
C GLU G 41 -2.94 12.24 -36.12
N ALA G 42 -2.84 10.93 -36.35
CA ALA G 42 -2.46 10.43 -37.67
C ALA G 42 -3.63 10.14 -38.59
N ALA G 43 -4.86 10.23 -38.11
CA ALA G 43 -6.04 9.89 -38.89
C ALA G 43 -6.82 11.11 -39.36
N ARG G 44 -6.27 12.32 -39.16
CA ARG G 44 -6.99 13.53 -39.56
C ARG G 44 -7.27 13.62 -41.05
N PRO G 45 -6.29 13.42 -41.96
CA PRO G 45 -6.59 13.63 -43.39
C PRO G 45 -7.69 12.72 -43.92
N TYR G 46 -7.72 11.46 -43.47
CA TYR G 46 -8.75 10.54 -43.95
C TYR G 46 -10.14 11.01 -43.56
N ALA G 47 -10.30 11.44 -42.30
CA ALA G 47 -11.60 11.94 -41.85
C ALA G 47 -11.99 13.21 -42.58
N ALA G 48 -11.03 14.12 -42.79
CA ALA G 48 -11.34 15.35 -43.50
C ALA G 48 -11.80 15.07 -44.93
N GLU G 49 -11.07 14.18 -45.63
CA GLU G 49 -11.44 13.83 -46.99
C GLU G 49 -12.81 13.16 -47.04
N ILE G 50 -13.08 12.26 -46.11
CA ILE G 50 -14.35 11.53 -46.15
C ILE G 50 -15.52 12.47 -45.85
N THR G 51 -15.32 13.41 -44.92
CA THR G 51 -16.37 14.39 -44.64
C THR G 51 -16.60 15.32 -45.84
N ASN G 52 -15.53 15.76 -46.50
CA ASN G 52 -15.69 16.57 -47.70
C ASN G 52 -16.44 15.80 -48.79
N MET G 53 -16.10 14.52 -48.96
CA MET G 53 -16.79 13.68 -49.94
C MET G 53 -18.27 13.58 -49.62
N LEU G 54 -18.60 13.35 -48.34
CA LEU G 54 -20.00 13.21 -47.97
C LEU G 54 -20.76 14.52 -48.16
N THR G 55 -20.13 15.65 -47.84
CA THR G 55 -20.78 16.94 -48.09
C THR G 55 -21.08 17.12 -49.57
N GLU G 56 -20.07 16.85 -50.42
CA GLU G 56 -20.25 17.03 -51.85
C GLU G 56 -21.33 16.11 -52.40
N LEU G 57 -21.37 14.86 -51.91
CA LEU G 57 -22.34 13.90 -52.43
C LEU G 57 -23.75 14.24 -51.95
N ALA G 58 -23.92 14.56 -50.67
CA ALA G 58 -25.23 14.90 -50.14
C ALA G 58 -25.73 16.26 -50.60
N GLY G 59 -24.85 17.09 -51.16
CA GLY G 59 -25.31 18.35 -51.73
C GLY G 59 -26.25 18.16 -52.89
N ALA G 60 -25.97 17.19 -53.76
CA ALA G 60 -26.73 16.97 -54.97
C ALA G 60 -27.49 15.65 -54.98
N SER G 61 -27.84 15.11 -53.80
CA SER G 61 -28.53 13.84 -53.70
C SER G 61 -29.83 14.00 -52.92
N ALA G 62 -30.69 12.99 -53.05
CA ALA G 62 -31.94 12.96 -52.30
C ALA G 62 -31.67 12.71 -50.82
N LEU G 63 -32.45 13.35 -49.96
CA LEU G 63 -32.28 13.25 -48.51
C LEU G 63 -33.33 12.30 -47.95
N ASP G 64 -33.02 11.01 -48.00
CA ASP G 64 -33.94 9.98 -47.52
C ASP G 64 -33.17 8.71 -47.23
N HIS G 65 -33.21 8.24 -45.99
CA HIS G 65 -32.55 7.01 -45.58
C HIS G 65 -33.03 6.58 -44.20
N PRO G 66 -33.08 5.28 -43.91
CA PRO G 66 -33.47 4.85 -42.56
C PRO G 66 -32.61 5.44 -41.47
N LEU G 67 -31.30 5.59 -41.70
CA LEU G 67 -30.45 6.26 -40.74
C LEU G 67 -30.63 7.77 -40.76
N LEU G 68 -31.31 8.30 -41.78
CA LEU G 68 -31.67 9.71 -41.83
C LEU G 68 -33.06 9.97 -41.26
N VAL G 69 -34.01 9.07 -41.50
CA VAL G 69 -35.37 9.25 -41.02
C VAL G 69 -35.45 8.77 -39.57
N GLU G 70 -36.40 9.34 -38.82
CA GLU G 70 -36.58 9.02 -37.42
C GLU G 70 -37.78 8.09 -37.24
N ARG G 71 -37.66 7.19 -36.26
CA ARG G 71 -38.81 6.41 -35.84
C ARG G 71 -39.88 7.34 -35.27
N LYS G 72 -41.12 7.13 -35.70
CA LYS G 72 -42.20 8.02 -35.28
C LYS G 72 -42.59 7.82 -33.83
N GLN G 73 -42.10 6.78 -33.16
CA GLN G 73 -42.49 6.50 -31.80
C GLN G 73 -41.27 6.23 -30.93
N PRO G 74 -41.30 6.67 -29.67
CA PRO G 74 -40.18 6.43 -28.71
C PRO G 74 -40.25 5.09 -27.99
N LYS G 75 -39.74 4.05 -28.63
CA LYS G 75 -39.74 2.72 -28.01
C LYS G 75 -38.57 2.54 -27.06
N ARG G 76 -37.34 2.61 -27.56
CA ARG G 76 -36.16 2.34 -26.75
C ARG G 76 -34.98 3.13 -27.32
N ALA G 77 -33.88 3.10 -26.59
CA ALA G 77 -32.67 3.82 -27.00
C ALA G 77 -31.45 3.07 -26.49
N GLY G 78 -30.54 2.73 -27.42
CA GLY G 78 -29.31 2.07 -27.04
C GLY G 78 -28.22 3.04 -26.58
N VAL G 79 -27.14 2.47 -26.06
CA VAL G 79 -26.02 3.26 -25.56
C VAL G 79 -24.80 2.35 -25.48
N LEU G 80 -23.62 2.93 -25.65
CA LEU G 80 -22.36 2.20 -25.55
C LEU G 80 -21.44 2.94 -24.61
N VAL G 81 -20.79 2.20 -23.71
CA VAL G 81 -19.91 2.76 -22.68
C VAL G 81 -18.52 2.16 -22.87
N VAL G 82 -17.50 3.03 -22.87
CA VAL G 82 -16.13 2.60 -23.01
C VAL G 82 -15.42 2.77 -21.66
N SER G 83 -14.31 2.04 -21.51
CA SER G 83 -13.51 2.10 -20.31
C SER G 83 -12.08 1.69 -20.67
N SER G 84 -11.26 1.44 -19.66
CA SER G 84 -9.87 1.07 -19.85
C SER G 84 -9.67 -0.40 -19.50
N ASP G 85 -8.40 -0.84 -19.54
CA ASP G 85 -8.04 -2.22 -19.26
C ASP G 85 -7.05 -2.36 -18.13
N ARG G 86 -6.80 -1.29 -17.37
CA ARG G 86 -5.88 -1.35 -16.24
C ARG G 86 -6.38 -0.38 -15.17
N GLY G 87 -5.98 -0.64 -13.94
CA GLY G 87 -6.40 0.15 -12.79
C GLY G 87 -5.49 1.33 -12.53
N LEU G 88 -5.57 1.84 -11.30
CA LEU G 88 -4.73 2.95 -10.83
C LEU G 88 -4.93 4.21 -11.66
N CYS G 89 -6.13 4.37 -12.22
CA CYS G 89 -6.43 5.50 -13.10
C CYS G 89 -7.05 6.68 -12.36
N GLY G 90 -7.27 6.57 -11.06
CA GLY G 90 -7.90 7.65 -10.31
C GLY G 90 -9.40 7.59 -10.41
N ALA G 91 -10.02 8.74 -10.70
CA ALA G 91 -11.47 8.85 -10.79
C ALA G 91 -11.98 8.76 -12.22
N TYR G 92 -11.14 8.30 -13.15
CA TYR G 92 -11.54 8.21 -14.56
C TYR G 92 -12.77 7.32 -14.72
N ASN G 93 -12.69 6.09 -14.20
CA ASN G 93 -13.82 5.17 -14.31
C ASN G 93 -15.01 5.66 -13.50
N ALA G 94 -14.74 6.31 -12.36
CA ALA G 94 -15.82 6.91 -11.59
C ALA G 94 -16.52 8.01 -12.39
N ASN G 95 -15.75 8.84 -13.10
CA ASN G 95 -16.34 9.86 -13.95
C ASN G 95 -17.20 9.23 -15.04
N VAL G 96 -16.69 8.16 -15.66
CA VAL G 96 -17.45 7.49 -16.70
C VAL G 96 -18.77 6.96 -16.13
N LEU G 97 -18.73 6.35 -14.96
CA LEU G 97 -19.94 5.81 -14.36
C LEU G 97 -20.94 6.91 -14.00
N ARG G 98 -20.44 8.03 -13.46
CA ARG G 98 -21.35 9.14 -13.14
C ARG G 98 -22.02 9.68 -14.40
N ARG G 99 -21.25 9.87 -15.47
CA ARG G 99 -21.84 10.39 -16.71
C ARG G 99 -22.85 9.40 -17.28
N ALA G 100 -22.53 8.11 -17.27
CA ALA G 100 -23.47 7.11 -17.77
C ALA G 100 -24.75 7.10 -16.95
N GLU G 101 -24.62 7.19 -15.62
CA GLU G 101 -25.80 7.18 -14.77
C GLU G 101 -26.65 8.43 -14.96
N GLU G 102 -26.00 9.58 -15.17
CA GLU G 102 -26.77 10.80 -15.38
C GLU G 102 -27.48 10.78 -16.74
N LEU G 103 -26.83 10.20 -17.76
CA LEU G 103 -27.51 10.05 -19.05
C LEU G 103 -28.70 9.09 -18.93
N PHE G 104 -28.52 8.00 -18.18
CA PHE G 104 -29.63 7.09 -17.93
C PHE G 104 -30.77 7.79 -17.19
N SER G 105 -30.42 8.64 -16.22
CA SER G 105 -31.45 9.39 -15.51
C SER G 105 -32.19 10.34 -16.44
N LEU G 106 -31.46 11.03 -17.32
CA LEU G 106 -32.11 11.93 -18.27
C LEU G 106 -33.04 11.17 -19.19
N LEU G 107 -32.61 9.99 -19.66
CA LEU G 107 -33.45 9.19 -20.55
C LEU G 107 -34.64 8.58 -19.82
N ARG G 108 -34.52 8.34 -18.51
CA ARG G 108 -35.62 7.74 -17.77
C ARG G 108 -36.84 8.65 -17.69
N ASP G 109 -36.68 9.95 -18.01
CA ASP G 109 -37.81 10.85 -17.99
C ASP G 109 -38.87 10.48 -19.02
N GLU G 110 -38.46 9.86 -20.12
CA GLU G 110 -39.40 9.40 -21.14
C GLU G 110 -39.89 7.98 -20.91
N GLY G 111 -39.39 7.31 -19.88
CA GLY G 111 -39.85 5.98 -19.55
C GLY G 111 -39.37 4.88 -20.46
N LYS G 112 -38.46 5.18 -21.39
CA LYS G 112 -37.95 4.18 -22.32
C LYS G 112 -37.03 3.22 -21.58
N ASP G 113 -37.18 1.93 -21.87
CA ASP G 113 -36.25 0.94 -21.33
C ASP G 113 -35.03 0.88 -22.23
N PRO G 114 -33.86 1.29 -21.78
CA PRO G 114 -32.68 1.35 -22.65
C PRO G 114 -31.87 0.05 -22.59
N VAL G 115 -30.95 -0.07 -23.54
CA VAL G 115 -30.04 -1.19 -23.63
C VAL G 115 -28.62 -0.64 -23.76
N LEU G 116 -27.64 -1.43 -23.32
CA LEU G 116 -26.28 -0.94 -23.22
C LEU G 116 -25.28 -1.96 -23.75
N TYR G 117 -24.13 -1.44 -24.19
CA TYR G 117 -22.97 -2.24 -24.57
C TYR G 117 -21.76 -1.65 -23.87
N VAL G 118 -20.78 -2.49 -23.55
CA VAL G 118 -19.64 -2.06 -22.75
C VAL G 118 -18.34 -2.51 -23.39
N VAL G 119 -17.29 -1.74 -23.14
CA VAL G 119 -15.93 -2.07 -23.57
C VAL G 119 -15.00 -1.84 -22.38
N GLY G 120 -14.29 -2.89 -21.98
CA GLY G 120 -13.37 -2.80 -20.86
C GLY G 120 -13.75 -3.71 -19.70
N ARG G 121 -12.76 -4.16 -18.94
CA ARG G 121 -13.03 -5.10 -17.85
C ARG G 121 -13.64 -4.41 -16.63
N LYS G 122 -13.24 -3.17 -16.34
CA LYS G 122 -13.66 -2.52 -15.11
C LYS G 122 -15.16 -2.23 -15.12
N ALA G 123 -15.65 -1.58 -16.19
CA ALA G 123 -17.07 -1.30 -16.29
C ALA G 123 -17.87 -2.59 -16.39
N LEU G 124 -17.33 -3.59 -17.07
CA LEU G 124 -18.01 -4.88 -17.16
C LEU G 124 -18.20 -5.49 -15.77
N GLY G 125 -17.15 -5.48 -14.95
CA GLY G 125 -17.29 -6.01 -13.60
C GLY G 125 -18.24 -5.19 -12.75
N TYR G 126 -18.16 -3.86 -12.84
CA TYR G 126 -19.04 -3.02 -12.04
C TYR G 126 -20.50 -3.25 -12.38
N PHE G 127 -20.81 -3.35 -13.68
CA PHE G 127 -22.18 -3.64 -14.07
C PHE G 127 -22.57 -5.08 -13.78
N SER G 128 -21.60 -5.99 -13.72
CA SER G 128 -21.88 -7.36 -13.30
C SER G 128 -22.32 -7.41 -11.84
N PHE G 129 -21.66 -6.63 -10.98
CA PHE G 129 -22.06 -6.59 -9.58
C PHE G 129 -23.48 -6.03 -9.43
N ARG G 130 -23.80 -4.97 -10.16
CA ARG G 130 -25.13 -4.39 -10.11
C ARG G 130 -26.10 -5.27 -10.90
N GLN G 131 -27.40 -5.02 -10.67
CA GLN G 131 -28.46 -5.74 -11.37
C GLN G 131 -28.79 -5.00 -12.65
N ARG G 132 -28.01 -5.28 -13.70
CA ARG G 132 -28.26 -4.70 -15.02
C ARG G 132 -27.87 -5.70 -16.08
N THR G 133 -28.66 -5.74 -17.14
CA THR G 133 -28.44 -6.66 -18.26
C THR G 133 -27.38 -6.11 -19.20
N VAL G 134 -26.65 -7.01 -19.84
CA VAL G 134 -25.60 -6.67 -20.79
C VAL G 134 -25.78 -7.52 -22.04
N VAL G 135 -25.60 -6.91 -23.21
CA VAL G 135 -25.75 -7.64 -24.46
C VAL G 135 -24.43 -8.28 -24.87
N GLU G 136 -23.37 -7.49 -24.97
CA GLU G 136 -22.09 -8.01 -25.43
C GLU G 136 -20.99 -7.10 -24.91
N SER G 137 -19.83 -7.69 -24.65
CA SER G 137 -18.70 -6.98 -24.08
C SER G 137 -17.47 -7.19 -24.95
N TRP G 138 -16.63 -6.16 -25.02
CA TRP G 138 -15.37 -6.19 -25.77
C TRP G 138 -14.25 -5.78 -24.84
N THR G 139 -13.17 -6.56 -24.79
CA THR G 139 -12.08 -6.29 -23.88
C THR G 139 -10.78 -6.77 -24.51
N GLY G 140 -9.67 -6.17 -24.08
CA GLY G 140 -8.36 -6.61 -24.49
C GLY G 140 -7.67 -5.78 -25.54
N PHE G 141 -8.28 -4.68 -25.97
CA PHE G 141 -7.65 -3.83 -26.98
C PHE G 141 -7.76 -2.35 -26.64
N SER G 142 -8.20 -1.99 -25.44
CA SER G 142 -8.22 -0.58 -25.04
C SER G 142 -6.81 -0.02 -24.96
N GLU G 143 -5.83 -0.86 -24.60
CA GLU G 143 -4.44 -0.42 -24.61
C GLU G 143 -3.96 -0.09 -26.02
N ARG G 144 -4.36 -0.90 -27.00
CA ARG G 144 -3.99 -0.65 -28.39
C ARG G 144 -5.09 -1.12 -29.32
N PRO G 145 -5.86 -0.21 -29.91
CA PRO G 145 -6.93 -0.59 -30.83
C PRO G 145 -6.44 -0.64 -32.27
N THR G 146 -7.33 -1.10 -33.15
CA THR G 146 -7.06 -1.20 -34.57
C THR G 146 -8.31 -0.75 -35.32
N TYR G 147 -8.33 -1.02 -36.63
CA TYR G 147 -9.53 -0.70 -37.42
C TYR G 147 -10.53 -1.84 -37.43
N GLU G 148 -10.08 -3.08 -37.24
CA GLU G 148 -10.97 -4.23 -37.35
C GLU G 148 -12.05 -4.20 -36.27
N ASN G 149 -11.64 -3.94 -35.02
CA ASN G 149 -12.60 -3.92 -33.92
C ASN G 149 -13.61 -2.79 -34.10
N ALA G 150 -13.13 -1.61 -34.49
CA ALA G 150 -14.03 -0.49 -34.72
C ALA G 150 -15.01 -0.79 -35.85
N ARG G 151 -14.51 -1.41 -36.92
CA ARG G 151 -15.38 -1.76 -38.03
C ARG G 151 -16.45 -2.76 -37.62
N GLU G 152 -16.08 -3.79 -36.86
CA GLU G 152 -17.06 -4.79 -36.45
C GLU G 152 -18.06 -4.22 -35.46
N ILE G 153 -17.61 -3.33 -34.57
CA ILE G 153 -18.52 -2.68 -33.64
C ILE G 153 -19.52 -1.81 -34.40
N ALA G 154 -19.03 -1.05 -35.37
CA ALA G 154 -19.91 -0.22 -36.18
C ALA G 154 -20.90 -1.07 -36.95
N ASP G 155 -20.44 -2.19 -37.50
CA ASP G 155 -21.34 -3.09 -38.21
C ASP G 155 -22.44 -3.62 -37.29
N THR G 156 -22.05 -4.03 -36.09
CA THR G 156 -23.05 -4.53 -35.13
C THR G 156 -24.07 -3.45 -34.79
N LEU G 157 -23.60 -2.23 -34.53
CA LEU G 157 -24.52 -1.14 -34.19
C LEU G 157 -25.45 -0.83 -35.36
N VAL G 158 -24.91 -0.81 -36.58
CA VAL G 158 -25.72 -0.50 -37.75
C VAL G 158 -26.80 -1.56 -37.96
N ASN G 159 -26.42 -2.83 -37.85
CA ASN G 159 -27.40 -3.90 -38.02
C ASN G 159 -28.45 -3.85 -36.92
N ALA G 160 -28.05 -3.55 -35.68
CA ALA G 160 -29.02 -3.44 -34.61
C ALA G 160 -30.00 -2.31 -34.86
N PHE G 161 -29.51 -1.16 -35.36
CA PHE G 161 -30.40 -0.06 -35.69
C PHE G 161 -31.35 -0.43 -36.83
N MET G 162 -30.84 -1.14 -37.84
CA MET G 162 -31.69 -1.52 -38.97
C MET G 162 -32.73 -2.55 -38.58
N ALA G 163 -32.44 -3.38 -37.58
CA ALA G 163 -33.35 -4.44 -37.18
C ALA G 163 -34.56 -3.94 -36.40
N GLY G 164 -34.77 -2.62 -36.33
CA GLY G 164 -35.92 -2.07 -35.64
C GLY G 164 -36.84 -1.31 -36.59
N ALA G 165 -37.05 -1.85 -37.78
CA ALA G 165 -37.84 -1.15 -38.79
C ALA G 165 -39.30 -1.11 -38.42
N ASP G 166 -39.87 -2.25 -38.01
CA ASP G 166 -41.30 -2.37 -37.77
C ASP G 166 -41.58 -3.00 -36.40
N ASP G 167 -40.89 -2.52 -35.37
CA ASP G 167 -41.10 -3.03 -34.02
C ASP G 167 -42.23 -2.25 -33.37
N GLU G 168 -43.47 -2.70 -33.58
CA GLU G 168 -44.65 -2.07 -33.01
C GLU G 168 -45.07 -2.81 -31.75
N GLY G 169 -45.19 -2.08 -30.65
CA GLY G 169 -45.43 -2.72 -29.37
C GLY G 169 -44.30 -3.67 -29.04
N ASP G 170 -44.66 -4.87 -28.61
CA ASP G 170 -43.69 -5.93 -28.38
C ASP G 170 -43.43 -6.77 -29.63
N ASP G 171 -44.20 -6.55 -30.69
CA ASP G 171 -44.03 -7.31 -31.92
C ASP G 171 -42.73 -6.91 -32.61
N ALA G 172 -41.95 -7.91 -33.02
CA ALA G 172 -40.73 -7.65 -33.78
C ALA G 172 -41.02 -7.36 -35.25
N GLY G 173 -42.24 -7.64 -35.71
CA GLY G 173 -42.58 -7.39 -37.09
C GLY G 173 -41.82 -8.30 -38.05
N ALA G 174 -41.63 -7.80 -39.28
CA ALA G 174 -40.85 -8.54 -40.26
C ALA G 174 -39.38 -8.61 -39.88
N ASP G 175 -38.93 -7.78 -38.94
CA ASP G 175 -37.55 -7.85 -38.48
C ASP G 175 -37.26 -9.18 -37.82
N GLY G 176 -38.18 -9.68 -37.00
CA GLY G 176 -38.00 -10.92 -36.28
C GLY G 176 -37.29 -10.79 -34.95
N ILE G 177 -36.68 -9.64 -34.68
CA ILE G 177 -36.00 -9.37 -33.42
C ILE G 177 -36.27 -7.93 -33.02
N LEU G 178 -36.39 -7.70 -31.72
CA LEU G 178 -36.59 -6.34 -31.23
C LEU G 178 -35.36 -5.49 -31.56
N GLY G 179 -35.60 -4.36 -32.22
CA GLY G 179 -34.52 -3.48 -32.63
C GLY G 179 -34.52 -2.14 -31.93
N VAL G 180 -33.36 -1.51 -31.85
CA VAL G 180 -33.23 -0.24 -31.17
C VAL G 180 -33.73 0.88 -32.09
N ASP G 181 -33.98 2.04 -31.50
CA ASP G 181 -34.39 3.22 -32.24
C ASP G 181 -33.49 4.43 -31.99
N GLU G 182 -32.57 4.34 -31.04
CA GLU G 182 -31.71 5.47 -30.72
C GLU G 182 -30.42 4.94 -30.09
N LEU G 183 -29.32 5.64 -30.35
CA LEU G 183 -28.02 5.25 -29.86
C LEU G 183 -27.29 6.44 -29.27
N HIS G 184 -26.46 6.17 -28.27
CA HIS G 184 -25.68 7.20 -27.59
C HIS G 184 -24.28 6.68 -27.35
N ILE G 185 -23.32 7.60 -27.27
CA ILE G 185 -21.93 7.24 -27.01
C ILE G 185 -21.39 8.14 -25.90
N VAL G 186 -20.72 7.54 -24.92
CA VAL G 186 -20.14 8.25 -23.79
C VAL G 186 -18.65 7.93 -23.75
N PHE G 187 -17.82 8.96 -23.67
CA PHE G 187 -16.37 8.79 -23.67
C PHE G 187 -15.76 9.99 -22.95
N THR G 188 -14.45 10.16 -23.09
CA THR G 188 -13.74 11.27 -22.47
C THR G 188 -12.88 11.97 -23.49
N GLU G 189 -12.73 13.29 -23.33
CA GLU G 189 -12.03 14.12 -24.29
C GLU G 189 -10.74 14.68 -23.67
N PHE G 190 -9.76 14.91 -24.54
CA PHE G 190 -8.45 15.45 -24.16
C PHE G 190 -8.48 16.94 -24.43
N ARG G 191 -8.98 17.70 -23.46
CA ARG G 191 -8.99 19.16 -23.61
C ARG G 191 -7.59 19.74 -23.47
N SER G 192 -6.84 19.28 -22.47
CA SER G 192 -5.49 19.77 -22.22
C SER G 192 -4.75 18.73 -21.40
N MET G 193 -3.49 19.04 -21.07
CA MET G 193 -2.71 18.12 -20.26
C MET G 193 -3.31 17.91 -18.88
N LEU G 194 -4.07 18.89 -18.39
CA LEU G 194 -4.75 18.77 -17.10
C LEU G 194 -6.26 18.89 -17.22
N SER G 195 -6.79 19.16 -18.41
CA SER G 195 -8.23 19.29 -18.63
C SER G 195 -8.73 18.06 -19.36
N GLN G 196 -9.48 17.20 -18.66
CA GLN G 196 -10.07 16.01 -19.24
C GLN G 196 -11.45 15.80 -18.62
N THR G 197 -12.48 15.82 -19.46
CA THR G 197 -13.86 15.70 -18.99
C THR G 197 -14.61 14.69 -19.85
N ALA G 198 -15.63 14.09 -19.25
CA ALA G 198 -16.46 13.14 -19.97
C ALA G 198 -17.43 13.86 -20.90
N VAL G 199 -17.56 13.36 -22.11
CA VAL G 199 -18.48 13.89 -23.12
C VAL G 199 -19.39 12.76 -23.57
N ALA G 200 -20.70 13.02 -23.52
CA ALA G 200 -21.71 12.09 -24.01
C ALA G 200 -22.49 12.76 -25.12
N ARG G 201 -22.61 12.07 -26.26
CA ARG G 201 -23.26 12.65 -27.42
C ARG G 201 -24.10 11.60 -28.13
N ARG G 202 -25.05 12.09 -28.93
CA ARG G 202 -25.97 11.26 -29.69
C ARG G 202 -25.67 11.40 -31.18
N ALA G 203 -25.45 10.27 -31.85
CA ALA G 203 -25.13 10.30 -33.27
C ALA G 203 -25.83 9.21 -34.07
N ALA G 204 -26.95 8.66 -33.56
CA ALA G 204 -27.64 7.60 -34.31
C ALA G 204 -28.40 8.16 -35.51
N PRO G 205 -29.33 9.12 -35.37
CA PRO G 205 -30.01 9.64 -36.56
C PRO G 205 -29.33 10.88 -37.08
N MET G 206 -28.99 10.88 -38.37
CA MET G 206 -28.36 12.04 -38.97
C MET G 206 -29.35 13.21 -39.03
N GLU G 207 -28.79 14.41 -38.96
CA GLU G 207 -29.55 15.65 -39.11
C GLU G 207 -28.78 16.57 -40.06
N VAL G 208 -29.53 17.36 -40.82
CA VAL G 208 -28.96 18.19 -41.87
C VAL G 208 -29.27 19.64 -41.58
N GLU G 209 -28.26 20.50 -41.72
CA GLU G 209 -28.41 21.93 -41.55
C GLU G 209 -27.90 22.63 -42.80
N TYR G 210 -28.73 23.51 -43.35
CA TYR G 210 -28.38 24.26 -44.55
C TYR G 210 -27.76 25.59 -44.12
N VAL G 211 -26.46 25.77 -44.39
CA VAL G 211 -25.76 26.98 -43.97
C VAL G 211 -26.18 28.21 -44.74
N GLY G 212 -26.86 28.05 -45.86
CA GLY G 212 -27.25 29.17 -46.69
C GLY G 212 -26.19 29.57 -47.69
N GLU G 213 -26.60 30.40 -48.63
CA GLU G 213 -25.70 30.89 -49.68
C GLU G 213 -26.19 32.21 -50.26
N TYR G 222 -20.08 18.37 -59.98
CA TYR G 222 -19.43 17.10 -60.27
C TYR G 222 -20.34 16.18 -61.09
N SER G 223 -19.86 14.98 -61.38
CA SER G 223 -20.62 13.97 -62.07
C SER G 223 -20.52 12.65 -61.31
N PHE G 224 -21.60 11.87 -61.35
CA PHE G 224 -21.71 10.63 -60.59
C PHE G 224 -21.79 9.47 -61.58
N GLU G 225 -20.69 8.74 -61.74
CA GLU G 225 -20.70 7.56 -62.58
C GLU G 225 -21.65 6.48 -62.05
N PRO G 226 -21.63 6.11 -60.76
CA PRO G 226 -22.62 5.13 -60.28
C PRO G 226 -23.90 5.79 -59.82
N ASP G 227 -24.81 5.00 -59.26
CA ASP G 227 -26.06 5.54 -58.71
C ASP G 227 -25.77 6.41 -57.50
N PRO G 228 -26.32 7.62 -57.44
CA PRO G 228 -26.07 8.48 -56.28
C PRO G 228 -26.48 7.86 -54.96
N GLU G 229 -27.62 7.15 -54.92
CA GLU G 229 -28.06 6.52 -53.68
C GLU G 229 -27.16 5.36 -53.30
N THR G 230 -26.66 4.63 -54.29
CA THR G 230 -25.70 3.56 -54.02
C THR G 230 -24.44 4.12 -53.37
N LEU G 231 -23.91 5.21 -53.92
CA LEU G 231 -22.75 5.84 -53.31
C LEU G 231 -23.07 6.33 -51.91
N PHE G 232 -24.26 6.90 -51.72
CA PHE G 232 -24.66 7.46 -50.42
C PHE G 232 -24.70 6.38 -49.35
N ASP G 233 -25.42 5.29 -49.60
CA ASP G 233 -25.58 4.26 -48.59
C ASP G 233 -24.37 3.36 -48.48
N ALA G 234 -23.47 3.37 -49.46
CA ALA G 234 -22.16 2.77 -49.23
C ALA G 234 -21.28 3.69 -48.40
N LEU G 235 -21.53 5.00 -48.46
CA LEU G 235 -20.65 5.98 -47.84
C LEU G 235 -20.90 6.11 -46.33
N LEU G 236 -22.16 6.23 -45.94
CA LEU G 236 -22.46 6.48 -44.52
C LEU G 236 -21.83 5.49 -43.54
N PRO G 237 -21.86 4.17 -43.78
CA PRO G 237 -21.21 3.26 -42.82
C PRO G 237 -19.72 3.54 -42.64
N ARG G 238 -19.03 3.96 -43.70
CA ARG G 238 -17.61 4.32 -43.56
C ARG G 238 -17.44 5.51 -42.63
N TYR G 239 -18.32 6.51 -42.74
CA TYR G 239 -18.25 7.68 -41.87
C TYR G 239 -18.50 7.29 -40.42
N ILE G 240 -19.49 6.42 -40.18
CA ILE G 240 -19.75 5.96 -38.82
C ILE G 240 -18.54 5.22 -38.26
N ALA G 241 -17.95 4.34 -39.08
CA ALA G 241 -16.79 3.57 -38.63
C ALA G 241 -15.62 4.49 -38.31
N THR G 242 -15.41 5.52 -39.13
CA THR G 242 -14.32 6.45 -38.87
C THR G 242 -14.53 7.21 -37.57
N ARG G 243 -15.77 7.64 -37.29
CA ARG G 243 -16.03 8.31 -36.02
C ARG G 243 -15.74 7.36 -34.85
N VAL G 244 -16.20 6.11 -34.95
CA VAL G 244 -15.99 5.15 -33.88
C VAL G 244 -14.51 4.92 -33.65
N TYR G 245 -13.74 4.75 -34.73
CA TYR G 245 -12.30 4.54 -34.60
C TYR G 245 -11.62 5.75 -33.99
N ALA G 246 -12.05 6.95 -34.38
CA ALA G 246 -11.42 8.16 -33.85
C ALA G 246 -11.66 8.31 -32.36
N ALA G 247 -12.78 7.80 -31.86
CA ALA G 247 -13.06 7.94 -30.43
C ALA G 247 -12.04 7.19 -29.57
N LEU G 248 -11.58 6.03 -30.03
CA LEU G 248 -10.81 5.12 -29.19
C LEU G 248 -9.48 5.71 -28.75
N LEU G 249 -8.72 6.26 -29.70
CA LEU G 249 -7.40 6.80 -29.37
C LEU G 249 -7.51 7.98 -28.43
N GLU G 250 -8.53 8.83 -28.62
CA GLU G 250 -8.79 9.91 -27.70
C GLU G 250 -9.05 9.39 -26.30
N ALA G 251 -9.88 8.35 -26.19
CA ALA G 251 -10.17 7.79 -24.87
C ALA G 251 -8.91 7.26 -24.20
N ALA G 252 -8.08 6.54 -24.95
CA ALA G 252 -6.86 5.98 -24.37
C ALA G 252 -5.90 7.08 -23.93
N ALA G 253 -5.76 8.13 -24.74
CA ALA G 253 -4.87 9.23 -24.37
C ALA G 253 -5.34 9.92 -23.10
N SER G 254 -6.65 10.19 -23.00
CA SER G 254 -7.16 10.80 -21.78
C SER G 254 -6.97 9.89 -20.58
N GLU G 255 -7.14 8.58 -20.77
CA GLU G 255 -6.90 7.63 -19.70
C GLU G 255 -5.48 7.73 -19.18
N SER G 256 -4.48 7.72 -20.07
CA SER G 256 -3.10 7.79 -19.63
C SER G 256 -2.79 9.12 -18.95
N ALA G 257 -3.33 10.21 -19.51
CA ALA G 257 -3.10 11.53 -18.92
C ALA G 257 -3.64 11.60 -17.50
N SER G 258 -4.83 11.03 -17.26
CA SER G 258 -5.35 11.00 -15.90
C SER G 258 -4.58 10.00 -15.03
N ARG G 259 -4.00 8.97 -15.64
CA ARG G 259 -3.27 7.96 -14.88
C ARG G 259 -2.02 8.54 -14.25
N ARG G 260 -1.29 9.40 -14.97
CA ARG G 260 0.00 9.88 -14.48
C ARG G 260 -0.13 10.61 -13.13
N ARG G 261 -1.15 11.45 -13.00
CA ARG G 261 -1.30 12.28 -11.80
C ARG G 261 -1.50 11.42 -10.54
N ALA G 262 -2.14 10.26 -10.68
CA ALA G 262 -2.35 9.40 -9.52
C ALA G 262 -1.02 8.96 -8.92
N MET G 263 -0.09 8.51 -9.76
CA MET G 263 1.21 8.08 -9.25
C MET G 263 1.99 9.26 -8.68
N LYS G 264 1.92 10.41 -9.35
CA LYS G 264 2.60 11.59 -8.81
C LYS G 264 2.12 11.92 -7.39
N SER G 265 0.79 12.00 -7.21
CA SER G 265 0.25 12.32 -5.90
C SER G 265 0.54 11.20 -4.90
N ALA G 266 0.61 9.95 -5.37
CA ALA G 266 0.95 8.85 -4.48
C ALA G 266 2.35 9.03 -3.89
N THR G 267 3.32 9.38 -4.72
CA THR G 267 4.67 9.68 -4.21
C THR G 267 4.62 10.84 -3.21
N ASP G 268 3.91 11.91 -3.59
CA ASP G 268 3.84 13.09 -2.72
C ASP G 268 3.29 12.73 -1.35
N ASN G 269 2.25 11.90 -1.30
CA ASN G 269 1.70 11.50 -0.01
C ASN G 269 2.57 10.49 0.71
N ALA G 270 3.33 9.68 -0.03
CA ALA G 270 4.16 8.66 0.60
C ALA G 270 5.32 9.26 1.38
N ASP G 271 5.81 10.44 0.99
CA ASP G 271 6.94 11.03 1.73
C ASP G 271 6.65 11.25 3.23
N ASP G 272 5.47 11.76 3.58
CA ASP G 272 5.20 12.17 4.95
C ASP G 272 5.12 11.00 5.93
N LEU G 273 4.66 9.83 5.48
CA LEU G 273 4.67 8.66 6.35
C LEU G 273 6.09 8.29 6.75
N ILE G 274 7.01 8.34 5.79
CA ILE G 274 8.42 8.12 6.09
C ILE G 274 8.88 9.10 7.16
N LYS G 275 8.59 10.38 6.95
CA LYS G 275 9.04 11.39 7.91
C LYS G 275 8.51 11.09 9.32
N ALA G 276 7.20 10.87 9.43
CA ALA G 276 6.59 10.70 10.75
C ALA G 276 7.10 9.43 11.45
N LEU G 277 7.20 8.33 10.72
CA LEU G 277 7.66 7.09 11.35
C LEU G 277 9.11 7.20 11.79
N THR G 278 9.95 7.90 11.01
CA THR G 278 11.32 8.13 11.45
C THR G 278 11.35 8.92 12.75
N LEU G 279 10.52 9.96 12.85
CA LEU G 279 10.46 10.74 14.09
C LEU G 279 10.06 9.86 15.26
N ALA G 280 9.03 9.03 15.08
CA ALA G 280 8.56 8.19 16.18
C ALA G 280 9.64 7.20 16.61
N ALA G 281 10.34 6.60 15.66
CA ALA G 281 11.41 5.66 16.00
C ALA G 281 12.52 6.36 16.78
N ASN G 282 12.87 7.58 16.37
CA ASN G 282 13.89 8.33 17.11
C ASN G 282 13.47 8.54 18.55
N ARG G 283 12.22 8.97 18.76
CA ARG G 283 11.76 9.20 20.12
C ARG G 283 11.79 7.91 20.94
N GLU G 284 11.35 6.81 20.35
CA GLU G 284 11.31 5.54 21.07
C GLU G 284 12.70 5.09 21.50
N ARG G 285 13.67 5.17 20.58
CA ARG G 285 15.02 4.73 20.94
C ARG G 285 15.63 5.64 22.01
N GLN G 286 15.40 6.95 21.91
CA GLN G 286 15.91 7.85 22.94
C GLN G 286 15.32 7.49 24.30
N ALA G 287 14.02 7.21 24.34
CA ALA G 287 13.38 6.86 25.59
C ALA G 287 13.96 5.57 26.17
N GLN G 288 14.17 4.55 25.33
CA GLN G 288 14.70 3.30 25.86
C GLN G 288 16.11 3.49 26.41
N ILE G 289 16.93 4.29 25.73
CA ILE G 289 18.29 4.51 26.21
C ILE G 289 18.27 5.23 27.56
N THR G 290 17.46 6.29 27.67
CA THR G 290 17.45 7.04 28.92
C THR G 290 16.91 6.19 30.06
N GLN G 291 15.89 5.35 29.80
CA GLN G 291 15.35 4.55 30.89
C GLN G 291 16.34 3.48 31.32
N GLU G 292 17.07 2.86 30.38
CA GLU G 292 18.03 1.83 30.77
C GLU G 292 19.17 2.44 31.59
N ILE G 293 19.67 3.61 31.17
CA ILE G 293 20.75 4.21 31.95
C ILE G 293 20.25 4.63 33.33
N SER G 294 19.02 5.16 33.41
CA SER G 294 18.46 5.51 34.71
C SER G 294 18.37 4.29 35.61
N GLU G 295 17.88 3.17 35.08
CA GLU G 295 17.67 2.01 35.94
C GLU G 295 19.00 1.39 36.37
N ILE G 296 20.00 1.39 35.48
CA ILE G 296 21.28 0.81 35.87
C ILE G 296 21.95 1.68 36.93
N VAL G 297 21.87 3.01 36.80
CA VAL G 297 22.44 3.88 37.82
C VAL G 297 21.69 3.71 39.15
N GLY G 298 20.36 3.62 39.09
CA GLY G 298 19.59 3.40 40.31
C GLY G 298 19.94 2.10 40.99
N GLY G 299 20.18 1.04 40.22
CA GLY G 299 20.65 -0.20 40.81
C GLY G 299 22.04 -0.07 41.39
N ALA G 300 22.91 0.72 40.73
CA ALA G 300 24.28 0.84 41.19
C ALA G 300 24.38 1.58 42.52
N ASN G 301 23.73 2.74 42.62
CA ASN G 301 23.98 3.61 43.77
C ASN G 301 23.37 3.05 45.05
N ALA G 302 22.28 2.30 44.93
CA ALA G 302 21.57 1.81 46.11
C ALA G 302 22.39 0.83 46.93
N LEU G 303 23.47 0.29 46.38
CA LEU G 303 24.33 -0.62 47.12
C LEU G 303 25.75 -0.06 47.22
N ASP H 3 1.54 16.95 -65.40
CA ASP H 3 2.09 15.82 -64.67
C ASP H 3 1.01 15.11 -63.85
N LEU H 4 1.38 13.99 -63.24
CA LEU H 4 0.47 13.22 -62.40
C LEU H 4 1.14 12.91 -61.08
N ASN H 5 0.35 12.87 -60.01
CA ASN H 5 0.84 12.57 -58.67
C ASN H 5 -0.11 11.56 -58.04
N VAL H 6 0.35 10.32 -57.90
CA VAL H 6 -0.45 9.26 -57.28
C VAL H 6 -0.06 9.16 -55.81
N GLU H 7 -1.07 9.23 -54.93
CA GLU H 7 -0.85 9.07 -53.51
C GLU H 7 -1.89 8.10 -52.98
N ILE H 8 -1.48 7.22 -52.07
CA ILE H 8 -2.35 6.20 -51.49
C ILE H 8 -2.46 6.44 -50.00
N VAL H 9 -3.69 6.52 -49.49
CA VAL H 9 -3.98 6.84 -48.11
C VAL H 9 -4.77 5.70 -47.48
N ALA H 10 -4.29 5.19 -46.35
CA ALA H 10 -4.99 4.21 -45.55
C ALA H 10 -5.53 4.88 -44.28
N VAL H 11 -6.30 4.11 -43.52
CA VAL H 11 -6.91 4.64 -42.31
C VAL H 11 -5.86 4.87 -41.22
N GLU H 12 -4.91 3.95 -41.09
CA GLU H 12 -3.91 4.06 -40.03
C GLU H 12 -2.77 5.00 -40.41
N ARG H 13 -2.12 4.74 -41.55
CA ARG H 13 -0.93 5.47 -41.94
C ARG H 13 -0.96 5.70 -43.45
N GLU H 14 -0.19 6.70 -43.88
CA GLU H 14 -0.05 6.99 -45.30
C GLU H 14 0.72 5.89 -46.01
N LEU H 15 0.59 5.86 -47.33
CA LEU H 15 1.26 4.84 -48.12
C LEU H 15 2.10 5.46 -49.23
N TRP H 16 2.60 4.64 -50.14
CA TRP H 16 3.54 5.10 -51.16
C TRP H 16 2.94 6.21 -52.01
N SER H 17 3.78 7.18 -52.36
CA SER H 17 3.34 8.35 -53.11
C SER H 17 4.42 8.71 -54.12
N GLY H 18 4.02 9.45 -55.16
CA GLY H 18 4.97 9.96 -56.11
C GLY H 18 4.38 10.27 -57.48
N PRO H 19 5.20 10.82 -58.37
CA PRO H 19 4.71 11.16 -59.71
C PRO H 19 4.59 9.92 -60.58
N ALA H 20 3.76 10.06 -61.62
CA ALA H 20 3.46 8.94 -62.51
C ALA H 20 2.94 9.49 -63.83
N THR H 21 2.57 8.59 -64.73
CA THR H 21 2.06 8.94 -66.04
C THR H 21 0.66 8.39 -66.30
N PHE H 22 0.39 7.14 -65.92
CA PHE H 22 -0.91 6.54 -66.17
C PHE H 22 -1.19 5.46 -65.12
N VAL H 23 -2.47 5.14 -64.96
CA VAL H 23 -2.93 4.17 -63.98
C VAL H 23 -4.01 3.30 -64.60
N PHE H 24 -3.93 1.99 -64.35
CA PHE H 24 -4.94 1.03 -64.79
C PHE H 24 -5.59 0.40 -63.56
N THR H 25 -6.91 0.47 -63.50
CA THR H 25 -7.63 -0.09 -62.36
C THR H 25 -9.09 -0.34 -62.74
N ARG H 26 -9.63 -1.45 -62.23
CA ARG H 26 -11.02 -1.81 -62.45
C ARG H 26 -11.93 -1.07 -61.49
N THR H 27 -13.10 -0.68 -61.99
CA THR H 27 -14.12 0.01 -61.23
C THR H 27 -15.36 -0.89 -61.17
N THR H 28 -16.30 -0.56 -60.29
CA THR H 28 -17.55 -1.31 -60.20
C THR H 28 -18.31 -1.30 -61.52
N ALA H 29 -18.07 -0.32 -62.38
CA ALA H 29 -18.63 -0.27 -63.73
C ALA H 29 -17.46 -0.19 -64.71
N GLY H 30 -16.90 -1.34 -65.06
CA GLY H 30 -15.83 -1.37 -66.03
C GLY H 30 -14.48 -0.94 -65.45
N GLU H 31 -13.55 -0.66 -66.36
CA GLU H 31 -12.20 -0.23 -66.03
C GLU H 31 -12.07 1.26 -66.30
N ILE H 32 -11.20 1.93 -65.55
CA ILE H 32 -11.03 3.37 -65.67
C ILE H 32 -9.54 3.70 -65.84
N GLY H 33 -9.27 4.65 -66.72
CA GLY H 33 -7.94 5.20 -66.87
C GLY H 33 -7.95 6.70 -66.61
N ILE H 34 -6.85 7.21 -66.07
CA ILE H 34 -6.75 8.61 -65.67
C ILE H 34 -5.64 9.27 -66.47
N LEU H 35 -5.94 10.43 -67.05
CA LEU H 35 -4.99 11.24 -67.78
C LEU H 35 -5.16 12.69 -67.35
N PRO H 36 -4.13 13.52 -67.51
CA PRO H 36 -4.23 14.91 -67.06
C PRO H 36 -5.38 15.66 -67.73
N ARG H 37 -5.90 16.65 -67.00
CA ARG H 37 -7.07 17.42 -67.41
C ARG H 37 -8.30 16.51 -67.52
N HIS H 38 -8.61 15.81 -66.43
CA HIS H 38 -9.73 14.90 -66.36
C HIS H 38 -10.88 15.53 -65.57
N ILE H 39 -12.09 15.07 -65.88
CA ILE H 39 -13.31 15.54 -65.23
C ILE H 39 -13.34 14.99 -63.80
N PRO H 40 -13.77 15.78 -62.82
CA PRO H 40 -13.94 15.23 -61.46
C PRO H 40 -15.00 14.14 -61.43
N LEU H 41 -14.73 13.12 -60.62
CA LEU H 41 -15.63 11.98 -60.49
C LEU H 41 -15.30 11.24 -59.21
N VAL H 42 -16.28 10.48 -58.72
CA VAL H 42 -16.11 9.61 -57.57
C VAL H 42 -16.52 8.20 -57.98
N ALA H 43 -15.78 7.21 -57.50
CA ALA H 43 -16.05 5.84 -57.93
C ALA H 43 -15.64 4.87 -56.83
N GLN H 44 -16.25 3.68 -56.90
CA GLN H 44 -15.98 2.59 -55.97
C GLN H 44 -15.27 1.46 -56.71
N LEU H 45 -14.28 0.86 -56.03
CA LEU H 45 -13.58 -0.27 -56.59
C LEU H 45 -14.30 -1.57 -56.23
N VAL H 46 -13.73 -2.69 -56.63
CA VAL H 46 -14.34 -3.99 -56.41
C VAL H 46 -13.60 -4.71 -55.29
N ASP H 47 -14.15 -5.84 -54.86
CA ASP H 47 -13.53 -6.62 -53.79
C ASP H 47 -12.20 -7.18 -54.25
N ASP H 48 -12.08 -7.55 -55.53
CA ASP H 48 -10.85 -8.07 -56.11
C ASP H 48 -10.09 -6.97 -56.84
N ALA H 49 -10.12 -5.76 -56.28
CA ALA H 49 -9.53 -4.60 -56.94
C ALA H 49 -8.04 -4.78 -57.14
N MET H 50 -7.55 -4.27 -58.27
CA MET H 50 -6.14 -4.32 -58.61
C MET H 50 -5.75 -3.03 -59.31
N VAL H 51 -4.63 -2.44 -58.91
CA VAL H 51 -4.19 -1.18 -59.46
C VAL H 51 -2.74 -1.31 -59.92
N ARG H 52 -2.47 -0.85 -61.14
CA ARG H 52 -1.09 -0.76 -61.62
C ARG H 52 -0.83 0.66 -62.08
N VAL H 53 0.37 1.15 -61.82
CA VAL H 53 0.73 2.53 -62.10
C VAL H 53 2.05 2.55 -62.86
N GLU H 54 2.09 3.36 -63.92
CA GLU H 54 3.30 3.54 -64.71
C GLU H 54 4.05 4.77 -64.22
N ARG H 55 5.31 4.60 -63.89
CA ARG H 55 6.13 5.67 -63.35
C ARG H 55 7.40 5.81 -64.18
N GLU H 56 8.11 6.92 -63.95
CA GLU H 56 9.38 7.16 -64.61
C GLU H 56 10.45 6.16 -64.19
N GLY H 57 10.25 5.46 -63.07
CA GLY H 57 11.21 4.48 -62.62
C GLY H 57 10.78 3.05 -62.90
N GLU H 58 10.13 2.83 -64.04
CA GLU H 58 9.67 1.52 -64.50
C GLU H 58 9.01 0.73 -63.37
N ASP H 59 7.99 1.35 -62.79
CA ASP H 59 7.21 0.73 -61.71
C ASP H 59 6.31 -0.34 -62.31
N ASP H 60 6.85 -1.54 -62.46
CA ASP H 60 6.07 -2.68 -62.93
C ASP H 60 5.21 -3.28 -61.82
N LEU H 61 5.46 -2.88 -60.57
CA LEU H 61 4.74 -3.47 -59.45
C LEU H 61 3.27 -3.06 -59.45
N ARG H 62 2.42 -4.01 -59.07
CA ARG H 62 0.98 -3.79 -58.98
C ARG H 62 0.51 -4.04 -57.55
N ILE H 63 -0.52 -3.31 -57.14
CA ILE H 63 -1.01 -3.33 -55.77
C ILE H 63 -2.41 -3.95 -55.76
N ALA H 64 -2.59 -4.97 -54.93
CA ALA H 64 -3.90 -5.53 -54.65
C ALA H 64 -4.59 -4.71 -53.58
N VAL H 65 -5.90 -4.50 -53.76
CA VAL H 65 -6.67 -3.60 -52.92
C VAL H 65 -7.85 -4.38 -52.34
N ASP H 66 -8.05 -4.27 -51.02
CA ASP H 66 -9.20 -4.89 -50.38
C ASP H 66 -10.48 -4.11 -50.58
N GLY H 67 -10.39 -2.83 -50.89
CA GLY H 67 -11.57 -2.00 -51.08
C GLY H 67 -11.23 -0.55 -50.80
N GLY H 68 -12.21 0.31 -51.05
CA GLY H 68 -12.04 1.73 -50.81
C GLY H 68 -12.69 2.61 -51.85
N PHE H 69 -12.14 3.79 -52.07
CA PHE H 69 -12.69 4.78 -52.98
C PHE H 69 -11.67 5.17 -54.05
N LEU H 70 -12.15 5.93 -55.03
CA LEU H 70 -11.28 6.52 -56.04
C LEU H 70 -11.90 7.84 -56.47
N SER H 71 -11.20 8.94 -56.23
CA SER H 71 -11.72 10.27 -56.53
C SER H 71 -10.77 10.99 -57.47
N VAL H 72 -11.32 11.67 -58.46
CA VAL H 72 -10.55 12.51 -59.38
C VAL H 72 -11.12 13.92 -59.29
N THR H 73 -10.43 14.80 -58.57
CA THR H 73 -10.84 16.18 -58.44
C THR H 73 -9.76 17.17 -58.85
N GLU H 74 -8.56 16.71 -59.16
CA GLU H 74 -7.46 17.57 -59.56
C GLU H 74 -6.46 16.70 -60.32
N GLU H 75 -5.37 17.33 -60.79
CA GLU H 75 -4.32 16.59 -61.49
C GLU H 75 -3.60 15.61 -60.58
N THR H 76 -3.79 15.71 -59.27
CA THR H 76 -3.24 14.76 -58.32
C THR H 76 -4.34 13.81 -57.87
N VAL H 77 -4.07 12.51 -57.92
CA VAL H 77 -5.06 11.49 -57.60
C VAL H 77 -4.64 10.73 -56.34
N ARG H 78 -5.66 10.30 -55.59
CA ARG H 78 -5.45 9.62 -54.33
C ARG H 78 -6.33 8.39 -54.25
N ILE H 79 -5.79 7.35 -53.63
CA ILE H 79 -6.46 6.06 -53.48
C ILE H 79 -6.73 5.84 -52.00
N LEU H 80 -7.99 5.97 -51.59
CA LEU H 80 -8.39 5.71 -50.22
C LEU H 80 -8.63 4.22 -50.07
N VAL H 81 -7.78 3.55 -49.29
CA VAL H 81 -7.81 2.10 -49.14
C VAL H 81 -7.86 1.74 -47.67
N GLU H 82 -8.68 0.73 -47.33
CA GLU H 82 -8.69 0.23 -45.96
C GLU H 82 -7.42 -0.57 -45.66
N ASN H 83 -7.00 -1.41 -46.59
CA ASN H 83 -5.79 -2.23 -46.42
C ASN H 83 -5.21 -2.53 -47.78
N ALA H 84 -3.98 -2.06 -48.03
CA ALA H 84 -3.28 -2.30 -49.28
C ALA H 84 -1.98 -3.04 -48.97
N GLN H 85 -1.74 -4.13 -49.70
CA GLN H 85 -0.57 -4.97 -49.48
C GLN H 85 0.29 -4.97 -50.74
N PHE H 86 1.59 -4.71 -50.57
CA PHE H 86 2.52 -4.81 -51.68
C PHE H 86 2.73 -6.27 -52.07
N GLU H 87 2.83 -6.52 -53.38
CA GLU H 87 2.96 -7.88 -53.89
C GLU H 87 4.28 -8.54 -53.52
N SER H 88 5.26 -7.77 -53.04
CA SER H 88 6.56 -8.35 -52.68
C SER H 88 6.41 -9.35 -51.54
N GLU H 89 5.59 -9.03 -50.55
CA GLU H 89 5.37 -9.93 -49.42
C GLU H 89 4.47 -11.11 -49.77
N ILE H 90 3.73 -11.03 -50.87
CA ILE H 90 2.81 -12.10 -51.25
C ILE H 90 3.62 -13.25 -51.83
N ASP H 91 3.35 -14.46 -51.33
CA ASP H 91 3.99 -15.68 -51.82
C ASP H 91 2.95 -16.53 -52.55
N ALA H 92 3.39 -17.22 -53.60
CA ALA H 92 2.45 -17.98 -54.43
C ALA H 92 1.77 -19.09 -53.63
N ASP H 93 2.55 -19.84 -52.85
CA ASP H 93 1.97 -20.91 -52.05
C ASP H 93 1.02 -20.36 -50.99
N ALA H 94 1.43 -19.29 -50.30
CA ALA H 94 0.55 -18.68 -49.31
C ALA H 94 -0.70 -18.10 -49.96
N ALA H 95 -0.55 -17.50 -51.14
CA ALA H 95 -1.71 -16.97 -51.86
C ALA H 95 -2.68 -18.08 -52.22
N LYS H 96 -2.17 -19.21 -52.71
CA LYS H 96 -3.04 -20.34 -53.05
C LYS H 96 -3.72 -20.90 -51.81
N GLU H 97 -2.98 -21.01 -50.70
CA GLU H 97 -3.58 -21.49 -49.46
C GLU H 97 -4.70 -20.57 -48.99
N ASP H 98 -4.48 -19.25 -49.08
CA ASP H 98 -5.53 -18.30 -48.71
C ASP H 98 -6.72 -18.40 -49.65
N ALA H 99 -6.47 -18.60 -50.95
CA ALA H 99 -7.55 -18.70 -51.92
C ALA H 99 -8.34 -20.00 -51.79
N ALA H 100 -7.73 -21.04 -51.21
CA ALA H 100 -8.47 -22.29 -51.01
C ALA H 100 -9.66 -22.08 -50.09
N SER H 101 -9.48 -21.33 -49.00
CA SER H 101 -10.57 -21.03 -48.11
C SER H 101 -11.61 -20.15 -48.80
N ASP H 102 -12.86 -20.30 -48.39
CA ASP H 102 -13.98 -19.57 -48.98
C ASP H 102 -14.65 -18.70 -47.92
N ASP H 103 -14.86 -17.43 -48.26
CA ASP H 103 -15.56 -16.48 -47.40
C ASP H 103 -15.94 -15.28 -48.25
N GLU H 104 -16.70 -14.36 -47.66
CA GLU H 104 -17.17 -13.19 -48.38
C GLU H 104 -16.00 -12.32 -48.84
N ARG H 105 -14.93 -12.28 -48.06
CA ARG H 105 -13.80 -11.44 -48.42
C ARG H 105 -12.48 -12.21 -48.50
N THR H 106 -12.27 -13.19 -47.62
CA THR H 106 -10.97 -13.87 -47.58
C THR H 106 -10.69 -14.59 -48.88
N ALA H 107 -11.72 -15.21 -49.48
CA ALA H 107 -11.53 -15.84 -50.78
C ALA H 107 -11.21 -14.81 -51.85
N ALA H 108 -11.95 -13.70 -51.87
CA ALA H 108 -11.68 -12.66 -52.85
C ALA H 108 -10.33 -11.99 -52.59
N TRP H 109 -9.97 -11.81 -51.32
CA TRP H 109 -8.67 -11.25 -51.00
C TRP H 109 -7.54 -12.18 -51.44
N GLY H 110 -7.73 -13.49 -51.26
CA GLY H 110 -6.76 -14.44 -51.76
C GLY H 110 -6.65 -14.40 -53.28
N ARG H 111 -7.78 -14.26 -53.96
CA ARG H 111 -7.75 -14.11 -55.42
C ARG H 111 -6.98 -12.86 -55.82
N ALA H 112 -7.20 -11.75 -55.10
CA ALA H 112 -6.49 -10.51 -55.40
C ALA H 112 -4.99 -10.65 -55.18
N ARG H 113 -4.59 -11.28 -54.08
CA ARG H 113 -3.17 -11.42 -53.81
C ARG H 113 -2.51 -12.43 -54.76
N LEU H 114 -3.28 -13.41 -55.24
CA LEU H 114 -2.78 -14.27 -56.31
C LEU H 114 -2.59 -13.49 -57.60
N ARG H 115 -3.54 -12.61 -57.92
CA ARG H 115 -3.42 -11.79 -59.12
C ARG H 115 -2.25 -10.83 -59.05
N ALA H 116 -1.96 -10.30 -57.85
CA ALA H 116 -0.93 -9.28 -57.71
C ALA H 116 0.47 -9.79 -58.04
N LEU H 117 0.67 -11.11 -58.07
CA LEU H 117 1.99 -11.69 -58.32
C LEU H 117 2.29 -11.85 -59.80
N GLY H 118 1.36 -11.49 -60.68
CA GLY H 118 1.55 -11.61 -62.11
C GLY H 118 0.59 -12.54 -62.82
N GLN H 119 -0.14 -13.38 -62.10
CA GLN H 119 -1.09 -14.29 -62.71
C GLN H 119 -2.49 -14.11 -62.12
N THR I 31 -66.53 -28.32 -94.79
CA THR I 31 -65.51 -27.78 -95.67
C THR I 31 -64.13 -27.85 -94.99
N ILE I 32 -64.12 -27.62 -93.68
CA ILE I 32 -62.90 -27.63 -92.88
C ILE I 32 -63.01 -28.75 -91.85
N LEU I 33 -61.99 -29.60 -91.81
CA LEU I 33 -61.96 -30.75 -90.91
C LEU I 33 -60.94 -30.61 -89.80
N ALA I 34 -60.14 -29.54 -89.79
CA ALA I 34 -59.11 -29.40 -88.77
C ALA I 34 -59.70 -29.27 -87.38
N THR I 35 -60.79 -28.51 -87.24
CA THR I 35 -61.40 -28.31 -85.93
C THR I 35 -61.91 -29.62 -85.36
N ALA I 36 -62.52 -30.47 -86.19
CA ALA I 36 -63.06 -31.73 -85.71
C ALA I 36 -61.95 -32.65 -85.20
N VAL I 37 -60.89 -32.83 -85.99
CA VAL I 37 -59.82 -33.74 -85.59
C VAL I 37 -59.08 -33.18 -84.38
N THR I 38 -58.89 -31.86 -84.32
CA THR I 38 -58.20 -31.29 -83.16
C THR I 38 -59.03 -31.47 -81.89
N ALA I 39 -60.35 -31.25 -81.98
CA ALA I 39 -61.21 -31.45 -80.82
C ALA I 39 -61.20 -32.92 -80.40
N VAL I 40 -61.23 -33.84 -81.36
CA VAL I 40 -61.19 -35.26 -81.03
C VAL I 40 -59.91 -35.59 -80.30
N ILE I 41 -58.78 -35.09 -80.79
CA ILE I 41 -57.49 -35.38 -80.18
C ILE I 41 -57.43 -34.82 -78.76
N VAL I 42 -57.90 -33.59 -78.57
CA VAL I 42 -57.77 -32.97 -77.25
C VAL I 42 -58.71 -33.65 -76.25
N ILE I 43 -59.92 -34.03 -76.67
CA ILE I 43 -60.83 -34.71 -75.77
C ILE I 43 -60.32 -36.11 -75.43
N ALA I 44 -59.73 -36.80 -76.42
CA ALA I 44 -59.14 -38.10 -76.13
C ALA I 44 -57.99 -37.98 -75.14
N LEU I 45 -57.14 -36.96 -75.31
CA LEU I 45 -56.06 -36.75 -74.36
C LEU I 45 -56.61 -36.44 -72.97
N ALA I 46 -57.67 -35.64 -72.89
CA ALA I 46 -58.26 -35.31 -71.59
C ALA I 46 -58.82 -36.55 -70.92
N PHE I 47 -59.53 -37.40 -71.67
CA PHE I 47 -60.06 -38.64 -71.10
C PHE I 47 -58.93 -39.56 -70.66
N TYR I 48 -57.86 -39.67 -71.44
CA TYR I 48 -56.73 -40.49 -71.05
C TYR I 48 -56.11 -39.98 -69.75
N LEU I 49 -55.91 -38.66 -69.65
CA LEU I 49 -55.23 -38.10 -68.50
C LEU I 49 -56.13 -38.08 -67.26
N ARG I 50 -57.45 -38.10 -67.44
CA ARG I 50 -58.35 -38.05 -66.30
C ARG I 50 -58.15 -39.25 -65.38
N ALA I 51 -57.81 -40.41 -65.94
CA ALA I 51 -57.52 -41.60 -65.16
C ALA I 51 -56.04 -41.95 -65.11
N LYS I 52 -55.26 -41.56 -66.11
CA LYS I 52 -53.85 -41.91 -66.14
C LYS I 52 -53.06 -41.15 -65.08
N VAL I 53 -53.48 -39.93 -64.74
CA VAL I 53 -52.73 -39.12 -63.79
C VAL I 53 -52.75 -39.78 -62.41
N THR I 54 -51.70 -39.55 -61.64
CA THR I 54 -51.57 -40.05 -60.27
C THR I 54 -51.24 -38.87 -59.36
N SER I 55 -52.13 -38.57 -58.43
CA SER I 55 -51.94 -37.41 -57.56
C SER I 55 -50.74 -37.61 -56.64
N THR I 56 -50.67 -38.74 -55.94
CA THR I 56 -49.53 -39.02 -55.07
C THR I 56 -48.41 -39.73 -55.81
N GLY I 57 -48.75 -40.51 -56.83
CA GLY I 57 -47.78 -41.28 -57.57
C GLY I 57 -46.95 -40.41 -58.51
N VAL I 58 -46.56 -41.02 -59.63
CA VAL I 58 -45.74 -40.32 -60.61
C VAL I 58 -46.56 -39.98 -61.85
N PRO I 59 -46.97 -38.72 -62.02
CA PRO I 59 -47.67 -38.31 -63.26
C PRO I 59 -46.70 -37.84 -64.34
N SER I 60 -46.02 -38.80 -64.97
CA SER I 60 -45.12 -38.48 -66.07
C SER I 60 -45.92 -38.24 -67.35
N GLY I 61 -45.51 -37.25 -68.13
CA GLY I 61 -46.18 -36.95 -69.38
C GLY I 61 -46.57 -35.50 -69.53
N VAL I 62 -47.59 -35.24 -70.36
CA VAL I 62 -48.04 -33.87 -70.61
C VAL I 62 -48.67 -33.23 -69.38
N GLN I 63 -49.09 -34.04 -68.40
CA GLN I 63 -49.78 -33.49 -67.24
C GLN I 63 -48.91 -32.50 -66.48
N LEU I 64 -47.65 -32.87 -66.19
CA LEU I 64 -46.79 -32.00 -65.40
C LEU I 64 -46.53 -30.68 -66.12
N PHE I 65 -46.38 -30.73 -67.44
CA PHE I 65 -46.28 -29.50 -68.21
C PHE I 65 -47.56 -28.69 -68.09
N TRP I 66 -48.71 -29.37 -68.04
CA TRP I 66 -49.97 -28.67 -67.84
C TRP I 66 -50.00 -27.92 -66.51
N GLU I 67 -49.59 -28.59 -65.43
CA GLU I 67 -49.61 -27.86 -64.14
C GLU I 67 -48.56 -26.76 -64.12
N ALA I 68 -47.41 -26.96 -64.79
CA ALA I 68 -46.43 -25.88 -64.86
C ALA I 68 -47.01 -24.66 -65.57
N LEU I 69 -47.69 -24.90 -66.70
CA LEU I 69 -48.31 -23.82 -67.45
C LEU I 69 -49.37 -23.10 -66.62
N THR I 70 -50.26 -23.88 -66.00
CA THR I 70 -51.33 -23.24 -65.24
C THR I 70 -50.78 -22.51 -64.02
N ILE I 71 -49.69 -23.02 -63.42
CA ILE I 71 -49.10 -22.36 -62.26
C ILE I 71 -48.45 -21.04 -62.66
N GLN I 72 -47.70 -21.02 -63.76
CA GLN I 72 -47.10 -19.76 -64.18
C GLN I 72 -48.18 -18.75 -64.58
N MET I 73 -49.26 -19.21 -65.23
CA MET I 73 -50.26 -18.24 -65.65
C MET I 73 -51.09 -17.75 -64.47
N ARG I 74 -51.32 -18.57 -63.44
CA ARG I 74 -51.95 -18.00 -62.24
C ARG I 74 -50.99 -17.05 -61.55
N GLN I 75 -49.69 -17.37 -61.52
CA GLN I 75 -48.73 -16.45 -60.95
C GLN I 75 -48.90 -15.06 -61.57
N GLN I 76 -48.94 -15.00 -62.90
CA GLN I 76 -49.09 -13.70 -63.54
C GLN I 76 -50.47 -13.10 -63.34
N ILE I 77 -51.54 -13.92 -63.32
CA ILE I 77 -52.88 -13.34 -63.28
C ILE I 77 -53.18 -12.78 -61.90
N GLU I 78 -52.82 -13.48 -60.83
CA GLU I 78 -52.88 -12.84 -59.52
C GLU I 78 -51.76 -11.83 -59.29
N GLY I 79 -50.76 -11.78 -60.15
CA GLY I 79 -49.92 -10.60 -60.21
C GLY I 79 -50.58 -9.44 -60.92
N SER I 80 -51.69 -9.69 -61.61
CA SER I 80 -52.42 -8.65 -62.34
C SER I 80 -53.83 -8.45 -61.81
N ILE I 81 -54.62 -9.52 -61.69
CA ILE I 81 -56.05 -9.38 -61.42
C ILE I 81 -56.45 -10.04 -60.11
N GLY I 82 -56.29 -11.36 -60.04
CA GLY I 82 -56.72 -12.09 -58.85
C GLY I 82 -57.70 -13.21 -59.16
N MET I 83 -57.67 -14.29 -58.37
CA MET I 83 -58.51 -15.45 -58.63
C MET I 83 -59.99 -15.12 -58.45
N LYS I 84 -60.35 -14.54 -57.31
CA LYS I 84 -61.75 -14.30 -57.00
C LYS I 84 -62.37 -13.22 -57.87
N ILE I 85 -61.54 -12.40 -58.52
CA ILE I 85 -62.05 -11.42 -59.47
C ILE I 85 -62.58 -12.11 -60.71
N ALA I 86 -61.81 -13.05 -61.27
CA ALA I 86 -62.15 -13.68 -62.53
C ALA I 86 -62.55 -15.13 -62.31
N PRO I 87 -63.82 -15.49 -62.49
CA PRO I 87 -64.22 -16.90 -62.38
C PRO I 87 -63.99 -17.63 -63.70
N PHE I 88 -63.34 -18.80 -63.63
CA PHE I 88 -63.09 -19.72 -64.74
C PHE I 88 -62.64 -19.02 -66.02
N VAL I 89 -61.85 -17.94 -65.89
CA VAL I 89 -61.23 -17.34 -67.07
C VAL I 89 -59.87 -17.96 -67.34
N LEU I 90 -59.17 -18.35 -66.28
CA LEU I 90 -57.91 -19.08 -66.42
C LEU I 90 -58.06 -20.33 -67.28
N PRO I 91 -59.07 -21.18 -67.06
CA PRO I 91 -59.27 -22.29 -68.00
C PRO I 91 -59.50 -21.83 -69.43
N LEU I 92 -60.23 -20.74 -69.63
CA LEU I 92 -60.46 -20.24 -70.98
C LEU I 92 -59.14 -19.94 -71.66
N SER I 93 -58.27 -19.19 -70.98
CA SER I 93 -56.99 -18.82 -71.55
C SER I 93 -56.13 -20.05 -71.85
N VAL I 94 -56.02 -20.96 -70.88
CA VAL I 94 -55.11 -22.09 -71.07
C VAL I 94 -55.62 -23.01 -72.18
N THR I 95 -56.94 -23.22 -72.24
CA THR I 95 -57.50 -24.10 -73.27
C THR I 95 -57.37 -23.49 -74.66
N ILE I 96 -57.65 -22.19 -74.82
CA ILE I 96 -57.51 -21.61 -76.15
C ILE I 96 -56.05 -21.64 -76.58
N PHE I 97 -55.13 -21.38 -75.64
CA PHE I 97 -53.71 -21.42 -75.96
C PHE I 97 -53.28 -22.81 -76.43
N VAL I 98 -53.64 -23.84 -75.66
CA VAL I 98 -53.19 -25.19 -76.02
C VAL I 98 -53.87 -25.66 -77.30
N PHE I 99 -55.14 -25.30 -77.50
CA PHE I 99 -55.83 -25.66 -78.73
C PHE I 99 -55.16 -25.03 -79.94
N ILE I 100 -54.81 -23.75 -79.85
CA ILE I 100 -54.14 -23.09 -80.97
C ILE I 100 -52.77 -23.70 -81.21
N LEU I 101 -52.05 -24.03 -80.14
CA LEU I 101 -50.74 -24.66 -80.30
C LEU I 101 -50.86 -26.00 -81.03
N ILE I 102 -51.82 -26.83 -80.61
CA ILE I 102 -52.01 -28.12 -81.27
C ILE I 102 -52.42 -27.92 -82.72
N SER I 103 -53.30 -26.95 -82.97
CA SER I 103 -53.77 -26.71 -84.34
C SER I 103 -52.61 -26.33 -85.25
N ASN I 104 -51.83 -25.32 -84.85
CA ASN I 104 -50.75 -24.85 -85.70
C ASN I 104 -49.54 -25.77 -85.69
N TRP I 105 -49.48 -26.74 -84.78
CA TRP I 105 -48.44 -27.75 -84.82
C TRP I 105 -48.85 -28.98 -85.62
N LEU I 106 -50.14 -29.18 -85.84
CA LEU I 106 -50.60 -30.30 -86.65
C LEU I 106 -50.20 -30.19 -88.11
N ALA I 107 -49.78 -29.00 -88.57
CA ALA I 107 -49.36 -28.83 -89.95
C ALA I 107 -47.97 -29.38 -90.23
N VAL I 108 -47.20 -29.70 -89.18
CA VAL I 108 -45.85 -30.24 -89.38
C VAL I 108 -45.89 -31.60 -90.04
N LEU I 109 -46.99 -32.35 -89.90
CA LEU I 109 -47.08 -33.67 -90.47
C LEU I 109 -46.97 -33.60 -91.99
N PRO I 110 -46.20 -34.49 -92.62
CA PRO I 110 -46.07 -34.49 -94.09
C PRO I 110 -47.24 -35.18 -94.77
N LEU I 111 -48.40 -34.53 -94.71
CA LEU I 111 -49.62 -35.05 -95.31
C LEU I 111 -49.81 -34.62 -96.76
N GLN I 112 -48.83 -33.94 -97.35
CA GLN I 112 -48.93 -33.52 -98.73
C GLN I 112 -48.94 -34.73 -99.67
N TYR I 113 -49.61 -34.56 -100.80
CA TYR I 113 -49.73 -35.64 -101.78
C TYR I 113 -48.62 -35.57 -102.82
N LEU I 123 -54.82 -35.56 -96.42
CA LEU I 123 -54.01 -34.36 -96.56
C LEU I 123 -54.49 -33.26 -95.63
N TYR I 124 -53.70 -32.99 -94.58
CA TYR I 124 -54.04 -31.95 -93.62
C TYR I 124 -53.71 -30.59 -94.21
N LYS I 125 -54.72 -29.75 -94.36
CA LYS I 125 -54.56 -28.42 -94.92
C LYS I 125 -54.03 -27.47 -93.84
N ALA I 126 -54.04 -26.18 -94.13
CA ALA I 126 -53.61 -25.19 -93.16
C ALA I 126 -54.70 -24.99 -92.11
N PRO I 127 -54.42 -25.22 -90.83
CA PRO I 127 -55.45 -24.99 -89.81
C PRO I 127 -55.83 -23.52 -89.72
N ALA I 128 -57.13 -23.28 -89.52
CA ALA I 128 -57.67 -21.93 -89.36
C ALA I 128 -57.28 -21.03 -90.52
N SER I 129 -57.15 -21.63 -91.71
CA SER I 129 -56.77 -20.87 -92.90
C SER I 129 -57.92 -20.05 -93.45
N ASP I 130 -59.14 -20.25 -92.97
CA ASP I 130 -60.29 -19.48 -93.40
C ASP I 130 -60.57 -18.34 -92.41
N ILE I 131 -61.07 -17.23 -92.95
CA ILE I 131 -61.40 -16.08 -92.12
C ILE I 131 -62.51 -16.40 -91.13
N ASN I 132 -63.32 -17.42 -91.43
CA ASN I 132 -64.48 -17.73 -90.60
C ASN I 132 -64.08 -18.04 -89.16
N PHE I 133 -63.13 -18.96 -88.98
CA PHE I 133 -62.76 -19.38 -87.63
C PHE I 133 -62.13 -18.24 -86.84
N VAL I 134 -61.26 -17.46 -87.46
CA VAL I 134 -60.57 -16.40 -86.73
C VAL I 134 -61.55 -15.29 -86.36
N LEU I 135 -62.44 -14.91 -87.29
CA LEU I 135 -63.43 -13.90 -86.94
C LEU I 135 -64.38 -14.43 -85.87
N ALA I 136 -64.71 -15.73 -85.91
CA ALA I 136 -65.59 -16.31 -84.91
C ALA I 136 -64.97 -16.26 -83.52
N LEU I 137 -63.68 -16.63 -83.41
CA LEU I 137 -63.04 -16.57 -82.11
C LEU I 137 -62.83 -15.13 -81.65
N ALA I 138 -62.59 -14.21 -82.59
CA ALA I 138 -62.48 -12.80 -82.22
C ALA I 138 -63.80 -12.29 -81.65
N LEU I 139 -64.91 -12.63 -82.29
CA LEU I 139 -66.21 -12.25 -81.76
C LEU I 139 -66.48 -12.93 -80.42
N PHE I 140 -66.06 -14.20 -80.29
CA PHE I 140 -66.16 -14.91 -79.03
C PHE I 140 -65.54 -14.10 -77.90
N VAL I 141 -64.25 -13.80 -78.01
CA VAL I 141 -63.56 -13.10 -76.94
C VAL I 141 -64.13 -11.69 -76.76
N PHE I 142 -64.53 -11.05 -77.86
CA PHE I 142 -65.06 -9.70 -77.78
C PHE I 142 -66.32 -9.65 -76.93
N VAL I 143 -67.31 -10.50 -77.25
CA VAL I 143 -68.51 -10.54 -76.44
C VAL I 143 -68.20 -11.01 -75.03
N CYS I 144 -67.21 -11.90 -74.90
CA CYS I 144 -66.86 -12.42 -73.58
C CYS I 144 -66.44 -11.30 -72.64
N TYR I 145 -65.54 -10.42 -73.07
CA TYR I 145 -65.17 -9.34 -72.15
C TYR I 145 -66.17 -8.19 -72.16
N HIS I 146 -66.92 -8.01 -73.26
CA HIS I 146 -67.86 -6.90 -73.30
C HIS I 146 -69.04 -7.15 -72.36
N ALA I 147 -69.44 -8.41 -72.20
CA ALA I 147 -70.52 -8.72 -71.25
C ALA I 147 -70.12 -8.31 -69.84
N ALA I 148 -68.91 -8.68 -69.42
CA ALA I 148 -68.43 -8.26 -68.10
C ALA I 148 -68.29 -6.75 -68.02
N GLY I 149 -67.76 -6.12 -69.08
CA GLY I 149 -67.59 -4.68 -69.06
C GLY I 149 -68.90 -3.92 -68.94
N ILE I 150 -69.98 -4.48 -69.47
CA ILE I 150 -71.26 -3.80 -69.36
C ILE I 150 -71.99 -4.21 -68.06
N TRP I 151 -71.68 -5.38 -67.50
CA TRP I 151 -72.36 -5.81 -66.29
C TRP I 151 -71.72 -5.22 -65.04
N ARG I 152 -70.45 -5.55 -64.79
CA ARG I 152 -69.84 -5.19 -63.51
C ARG I 152 -69.55 -3.70 -63.42
N ARG I 153 -69.15 -3.08 -64.53
CA ARG I 153 -68.89 -1.64 -64.51
C ARG I 153 -70.17 -0.86 -64.27
N GLY I 154 -71.26 -1.29 -64.90
CA GLY I 154 -72.53 -0.59 -64.81
C GLY I 154 -73.06 -0.25 -66.19
N ILE I 155 -74.32 0.22 -66.20
CA ILE I 155 -74.94 0.62 -67.45
C ILE I 155 -74.24 1.83 -68.04
N VAL I 156 -73.88 2.80 -67.20
CA VAL I 156 -73.26 4.04 -67.68
C VAL I 156 -71.75 4.03 -67.56
N GLY I 157 -71.17 3.10 -66.80
CA GLY I 157 -69.73 3.11 -66.60
C GLY I 157 -68.95 2.82 -67.88
N HIS I 158 -69.40 1.84 -68.66
CA HIS I 158 -68.70 1.50 -69.89
C HIS I 158 -68.71 2.63 -70.90
N PRO I 159 -69.83 3.30 -71.20
CA PRO I 159 -69.76 4.43 -72.15
C PRO I 159 -68.87 5.57 -71.68
N ILE I 160 -68.95 5.94 -70.41
CA ILE I 160 -68.12 7.04 -69.92
C ILE I 160 -66.65 6.66 -69.91
N LYS I 161 -66.33 5.39 -69.64
CA LYS I 161 -64.96 4.93 -69.72
C LYS I 161 -64.46 4.92 -71.16
N VAL I 162 -65.34 4.58 -72.11
CA VAL I 162 -64.95 4.56 -73.52
C VAL I 162 -64.84 5.95 -74.11
N VAL I 163 -65.53 6.93 -73.54
CA VAL I 163 -65.55 8.28 -74.10
C VAL I 163 -64.47 9.16 -73.48
N LYS I 164 -64.42 9.22 -72.15
CA LYS I 164 -63.47 10.08 -71.44
C LYS I 164 -62.48 9.32 -70.58
N GLY I 165 -62.63 8.00 -70.41
CA GLY I 165 -61.68 7.25 -69.59
C GLY I 165 -60.28 7.26 -70.18
N HIS I 166 -60.19 7.07 -71.50
CA HIS I 166 -58.91 7.15 -72.19
C HIS I 166 -58.58 8.62 -72.45
N VAL I 167 -57.60 8.87 -73.32
CA VAL I 167 -57.23 10.25 -73.65
C VAL I 167 -58.42 10.99 -74.24
N ALA I 168 -58.49 12.28 -73.95
CA ALA I 168 -59.67 13.07 -74.29
C ALA I 168 -59.70 13.44 -75.78
N PHE I 169 -60.90 13.78 -76.25
CA PHE I 169 -61.13 14.22 -77.62
C PHE I 169 -60.74 13.15 -78.65
N LEU I 170 -60.70 11.89 -78.23
CA LEU I 170 -60.29 10.81 -79.13
C LEU I 170 -61.16 9.57 -78.97
N ALA I 171 -62.43 9.76 -78.63
CA ALA I 171 -63.33 8.62 -78.44
C ALA I 171 -63.51 7.78 -79.70
N PRO I 172 -63.80 8.36 -80.88
CA PRO I 172 -64.02 7.49 -82.05
C PRO I 172 -62.85 6.61 -82.42
N ILE I 173 -61.61 7.12 -82.33
CA ILE I 173 -60.47 6.29 -82.68
C ILE I 173 -60.27 5.19 -81.65
N ASN I 174 -60.52 5.49 -80.38
CA ASN I 174 -60.45 4.45 -79.36
C ASN I 174 -61.49 3.36 -79.62
N ILE I 175 -62.70 3.76 -80.01
CA ILE I 175 -63.76 2.79 -80.31
C ILE I 175 -63.36 1.92 -81.48
N VAL I 176 -62.86 2.53 -82.56
CA VAL I 176 -62.52 1.74 -83.74
C VAL I 176 -61.30 0.85 -83.46
N GLU I 177 -60.37 1.32 -82.62
CA GLU I 177 -59.23 0.49 -82.25
C GLU I 177 -59.67 -0.71 -81.41
N GLU I 178 -60.61 -0.50 -80.49
CA GLU I 178 -61.13 -1.62 -79.70
C GLU I 178 -61.92 -2.57 -80.58
N LEU I 179 -62.54 -2.06 -81.64
CA LEU I 179 -63.26 -2.93 -82.56
C LEU I 179 -62.30 -3.70 -83.47
N ALA I 180 -61.15 -3.12 -83.79
CA ALA I 180 -60.23 -3.71 -84.75
C ALA I 180 -59.14 -4.57 -84.11
N LYS I 181 -58.94 -4.46 -82.80
CA LYS I 181 -57.97 -5.34 -82.15
C LYS I 181 -58.34 -6.83 -82.24
N PRO I 182 -59.59 -7.26 -82.04
CA PRO I 182 -59.89 -8.66 -82.39
C PRO I 182 -59.69 -8.93 -83.87
N ILE I 183 -60.03 -7.94 -84.71
CA ILE I 183 -59.72 -8.02 -86.13
C ILE I 183 -58.22 -8.08 -86.33
N SER I 184 -57.46 -7.37 -85.49
CA SER I 184 -56.00 -7.42 -85.58
C SER I 184 -55.49 -8.83 -85.31
N LEU I 185 -56.01 -9.49 -84.28
CA LEU I 185 -55.60 -10.86 -84.01
C LEU I 185 -55.98 -11.78 -85.15
N ALA I 186 -57.20 -11.62 -85.69
CA ALA I 186 -57.64 -12.46 -86.79
C ALA I 186 -56.72 -12.30 -88.00
N LEU I 187 -56.40 -11.05 -88.35
CA LEU I 187 -55.56 -10.82 -89.53
C LEU I 187 -54.14 -11.29 -89.29
N ARG I 188 -53.60 -11.16 -88.07
CA ARG I 188 -52.25 -11.63 -87.85
C ARG I 188 -52.16 -13.15 -87.96
N LEU I 189 -53.15 -13.86 -87.41
CA LEU I 189 -53.15 -15.31 -87.55
C LEU I 189 -53.32 -15.71 -89.01
N PHE I 190 -54.23 -15.03 -89.72
CA PHE I 190 -54.44 -15.33 -91.13
C PHE I 190 -53.17 -15.09 -91.94
N GLY I 191 -52.48 -13.99 -91.67
CA GLY I 191 -51.25 -13.70 -92.38
C GLY I 191 -50.20 -14.75 -92.13
N ASN I 192 -50.01 -15.15 -90.86
CA ASN I 192 -49.04 -16.18 -90.55
C ASN I 192 -49.36 -17.47 -91.30
N ILE I 193 -50.59 -17.96 -91.16
CA ILE I 193 -50.93 -19.25 -91.74
C ILE I 193 -50.88 -19.20 -93.26
N PHE I 194 -51.34 -18.09 -93.87
CA PHE I 194 -51.42 -18.04 -95.31
C PHE I 194 -50.05 -17.84 -95.94
N ALA I 195 -49.18 -17.06 -95.28
CA ALA I 195 -47.81 -16.95 -95.74
C ALA I 195 -47.10 -18.29 -95.66
N GLY I 196 -47.32 -19.04 -94.56
CA GLY I 196 -46.76 -20.38 -94.49
C GLY I 196 -47.26 -21.26 -95.61
N GLY I 197 -48.56 -21.22 -95.88
CA GLY I 197 -49.12 -22.06 -96.92
C GLY I 197 -48.58 -21.73 -98.30
N ILE I 198 -48.50 -20.44 -98.64
CA ILE I 198 -48.01 -20.05 -99.95
C ILE I 198 -46.52 -20.34 -100.08
N LEU I 199 -45.76 -20.20 -98.99
CA LEU I 199 -44.35 -20.54 -99.05
C LEU I 199 -44.17 -22.03 -99.30
N VAL I 200 -44.96 -22.88 -98.62
CA VAL I 200 -44.89 -24.31 -98.87
C VAL I 200 -45.29 -24.62 -100.31
N ALA I 201 -46.32 -23.94 -100.81
CA ALA I 201 -46.78 -24.19 -102.18
C ALA I 201 -45.70 -23.84 -103.20
N LEU I 202 -45.06 -22.68 -103.05
CA LEU I 202 -44.03 -22.28 -103.99
C LEU I 202 -42.79 -23.17 -103.87
N ILE I 203 -42.49 -23.66 -102.66
CA ILE I 203 -41.39 -24.61 -102.51
C ILE I 203 -41.73 -25.91 -103.22
N ALA I 204 -42.97 -26.38 -103.09
CA ALA I 204 -43.38 -27.66 -103.65
C ALA I 204 -43.71 -27.58 -105.14
N MET I 205 -43.73 -26.38 -105.73
CA MET I 205 -43.99 -26.28 -107.16
C MET I 205 -42.90 -27.00 -107.96
N PHE I 206 -41.65 -26.89 -107.52
CA PHE I 206 -40.56 -27.55 -108.21
C PHE I 206 -40.67 -29.06 -108.06
N PRO I 207 -40.13 -29.82 -109.02
CA PRO I 207 -40.12 -31.29 -108.90
C PRO I 207 -39.07 -31.76 -107.90
N TRP I 208 -38.90 -33.08 -107.79
CA TRP I 208 -37.94 -33.63 -106.86
C TRP I 208 -36.53 -33.21 -107.24
N TYR I 209 -35.61 -33.32 -106.27
CA TYR I 209 -34.20 -32.94 -106.35
C TYR I 209 -34.00 -31.44 -106.43
N ILE I 210 -35.07 -30.65 -106.42
CA ILE I 210 -34.99 -29.19 -106.41
C ILE I 210 -35.80 -28.69 -105.23
N GLN I 211 -35.18 -27.84 -104.41
CA GLN I 211 -35.84 -27.20 -103.27
C GLN I 211 -36.35 -28.24 -102.27
N TRP I 212 -35.42 -29.02 -101.75
CA TRP I 212 -35.69 -29.99 -100.68
C TRP I 212 -35.09 -29.57 -99.35
N PHE I 213 -33.82 -29.16 -99.33
CA PHE I 213 -33.22 -28.60 -98.13
C PHE I 213 -33.93 -27.34 -97.65
N PRO I 214 -34.27 -26.37 -98.51
CA PRO I 214 -35.06 -25.22 -98.02
C PRO I 214 -36.37 -25.62 -97.39
N ASN I 215 -37.00 -26.69 -97.88
CA ASN I 215 -38.20 -27.20 -97.20
C ASN I 215 -37.88 -27.65 -95.79
N ALA I 216 -36.75 -28.34 -95.60
CA ALA I 216 -36.36 -28.78 -94.26
C ALA I 216 -36.13 -27.60 -93.33
N VAL I 217 -35.47 -26.55 -93.83
CA VAL I 217 -35.23 -25.38 -92.99
C VAL I 217 -36.54 -24.66 -92.67
N TRP I 218 -37.41 -24.51 -93.68
CA TRP I 218 -38.67 -23.83 -93.46
C TRP I 218 -39.57 -24.60 -92.50
N LYS I 219 -39.43 -25.93 -92.43
CA LYS I 219 -40.22 -26.69 -91.46
C LYS I 219 -39.94 -26.22 -90.03
N THR I 220 -38.67 -26.17 -89.65
CA THR I 220 -38.35 -25.77 -88.27
C THR I 220 -38.61 -24.28 -88.06
N PHE I 221 -38.37 -23.45 -89.08
CA PHE I 221 -38.68 -22.04 -88.93
C PHE I 221 -40.18 -21.83 -88.73
N ASP I 222 -41.01 -22.58 -89.46
CA ASP I 222 -42.45 -22.46 -89.33
C ASP I 222 -42.93 -22.97 -87.98
N LEU I 223 -42.35 -24.07 -87.49
CA LEU I 223 -42.77 -24.54 -86.17
C LEU I 223 -42.41 -23.53 -85.08
N PHE I 224 -41.22 -22.93 -85.17
CA PHE I 224 -40.85 -21.91 -84.19
C PHE I 224 -41.77 -20.69 -84.28
N VAL I 225 -42.08 -20.25 -85.49
CA VAL I 225 -42.98 -19.11 -85.67
C VAL I 225 -44.35 -19.43 -85.12
N GLY I 226 -44.84 -20.65 -85.36
CA GLY I 226 -46.15 -21.04 -84.84
C GLY I 226 -46.19 -21.07 -83.32
N LEU I 227 -45.15 -21.63 -82.69
CA LEU I 227 -45.16 -21.70 -81.23
C LEU I 227 -45.07 -20.31 -80.62
N ILE I 228 -44.22 -19.44 -81.17
CA ILE I 228 -44.16 -18.09 -80.62
C ILE I 228 -45.47 -17.35 -80.88
N GLN I 229 -46.13 -17.62 -82.02
CA GLN I 229 -47.43 -17.01 -82.28
C GLN I 229 -48.47 -17.44 -81.26
N ALA I 230 -48.50 -18.74 -80.94
CA ALA I 230 -49.45 -19.22 -79.94
C ALA I 230 -49.17 -18.59 -78.58
N PHE I 231 -47.90 -18.54 -78.19
CA PHE I 231 -47.53 -17.95 -76.90
C PHE I 231 -47.95 -16.48 -76.83
N ILE I 232 -47.62 -15.72 -77.87
CA ILE I 232 -47.92 -14.29 -77.86
C ILE I 232 -49.42 -14.07 -77.91
N PHE I 233 -50.16 -14.92 -78.63
CA PHE I 233 -51.61 -14.77 -78.66
C PHE I 233 -52.21 -15.02 -77.28
N SER I 234 -51.69 -16.03 -76.57
CA SER I 234 -52.16 -16.26 -75.21
C SER I 234 -51.89 -15.05 -74.32
N LEU I 235 -50.70 -14.46 -74.45
CA LEU I 235 -50.38 -13.29 -73.64
C LEU I 235 -51.29 -12.11 -73.98
N LEU I 236 -51.59 -11.90 -75.26
CA LEU I 236 -52.53 -10.84 -75.61
C LEU I 236 -53.92 -11.11 -75.06
N THR I 237 -54.39 -12.36 -75.11
CA THR I 237 -55.70 -12.66 -74.55
C THR I 237 -55.73 -12.37 -73.06
N ILE I 238 -54.66 -12.72 -72.35
CA ILE I 238 -54.54 -12.33 -70.94
C ILE I 238 -54.63 -10.82 -70.80
N LEU I 239 -53.96 -10.09 -71.70
CA LEU I 239 -53.98 -8.63 -71.61
C LEU I 239 -55.38 -8.07 -71.83
N TYR I 240 -56.11 -8.61 -72.81
CA TYR I 240 -57.47 -8.14 -73.06
C TYR I 240 -58.35 -8.39 -71.84
N PHE I 241 -58.26 -9.59 -71.27
CA PHE I 241 -59.06 -9.89 -70.09
C PHE I 241 -58.71 -8.96 -68.93
N SER I 242 -57.42 -8.72 -68.71
CA SER I 242 -57.01 -7.84 -67.62
C SER I 242 -57.47 -6.41 -67.84
N GLN I 243 -57.37 -5.92 -69.08
CA GLN I 243 -57.74 -4.53 -69.35
C GLN I 243 -59.25 -4.33 -69.28
N SER I 244 -60.04 -5.26 -69.80
CA SER I 244 -61.48 -5.09 -69.80
C SER I 244 -62.14 -5.55 -68.50
N MET I 245 -61.41 -6.25 -67.64
CA MET I 245 -62.04 -6.76 -66.42
C MET I 245 -62.24 -5.65 -65.40
N GLU I 246 -61.27 -4.74 -65.25
CA GLU I 246 -61.34 -3.68 -64.26
C GLU I 246 -62.57 -2.79 -64.47
N GLY J 20 -58.31 -21.92 -106.76
CA GLY J 20 -59.13 -20.81 -106.34
C GLY J 20 -59.26 -20.69 -104.83
N GLY J 21 -58.20 -20.25 -104.18
CA GLY J 21 -58.18 -20.08 -102.74
C GLY J 21 -58.43 -18.64 -102.33
N SER J 22 -58.22 -18.38 -101.04
CA SER J 22 -58.38 -17.05 -100.44
C SER J 22 -59.78 -16.49 -100.70
N ASN J 23 -60.79 -17.26 -100.31
CA ASN J 23 -62.18 -16.86 -100.47
C ASN J 23 -62.74 -16.43 -99.12
N PHE J 24 -63.50 -15.34 -99.11
CA PHE J 24 -64.07 -14.77 -97.90
C PHE J 24 -65.58 -15.06 -97.92
N LEU J 25 -66.06 -15.78 -96.90
CA LEU J 25 -67.44 -16.20 -96.85
C LEU J 25 -67.95 -16.12 -95.42
N ILE J 26 -69.21 -16.52 -95.24
CA ILE J 26 -69.86 -16.53 -93.93
C ILE J 26 -69.24 -17.63 -93.08
N PRO J 27 -69.30 -17.55 -91.75
CA PRO J 27 -68.75 -18.62 -90.91
C PRO J 27 -69.46 -19.94 -91.15
N ASN J 28 -68.71 -21.03 -90.98
CA ASN J 28 -69.27 -22.36 -91.20
C ASN J 28 -70.41 -22.64 -90.23
N GLY J 29 -70.35 -22.07 -89.04
CA GLY J 29 -71.35 -22.30 -88.01
C GLY J 29 -70.92 -23.24 -86.91
N THR J 30 -69.82 -23.96 -87.10
CA THR J 30 -69.31 -24.90 -86.12
C THR J 30 -68.43 -24.24 -85.06
N PHE J 31 -68.39 -22.91 -85.01
CA PHE J 31 -67.58 -22.23 -84.02
C PHE J 31 -68.03 -22.48 -82.60
N PHE J 32 -69.30 -22.84 -82.39
CA PHE J 32 -69.75 -23.26 -81.07
C PHE J 32 -69.10 -24.56 -80.62
N ALA J 33 -68.68 -25.41 -81.57
CA ALA J 33 -68.17 -26.74 -81.23
C ALA J 33 -67.05 -26.65 -80.20
N VAL J 34 -65.95 -25.99 -80.55
CA VAL J 34 -64.84 -25.86 -79.61
C VAL J 34 -65.34 -25.28 -78.30
N LEU J 35 -66.28 -24.34 -78.36
CA LEU J 35 -66.83 -23.74 -77.15
C LEU J 35 -67.38 -24.82 -76.22
N ILE J 36 -68.28 -25.67 -76.72
CA ILE J 36 -68.85 -26.67 -75.82
C ILE J 36 -67.76 -27.64 -75.39
N ILE J 37 -66.77 -27.87 -76.26
CA ILE J 37 -65.58 -28.62 -75.84
C ILE J 37 -65.05 -28.05 -74.54
N PHE J 38 -64.70 -26.76 -74.56
CA PHE J 38 -64.26 -26.09 -73.33
C PHE J 38 -65.14 -26.42 -72.14
N LEU J 39 -66.46 -26.33 -72.31
CA LEU J 39 -67.35 -26.51 -71.18
C LEU J 39 -67.05 -27.81 -70.46
N ILE J 40 -67.02 -28.93 -71.18
CA ILE J 40 -66.78 -30.19 -70.51
C ILE J 40 -65.37 -30.19 -69.92
N VAL J 41 -64.40 -29.72 -70.70
CA VAL J 41 -63.04 -29.60 -70.19
C VAL J 41 -63.02 -28.76 -68.94
N LEU J 42 -63.76 -27.64 -68.95
CA LEU J 42 -63.80 -26.76 -67.78
C LEU J 42 -64.18 -27.55 -66.55
N GLY J 43 -65.25 -28.35 -66.65
CA GLY J 43 -65.65 -29.16 -65.51
C GLY J 43 -64.53 -30.08 -65.05
N VAL J 44 -63.93 -30.79 -66.00
CA VAL J 44 -62.82 -31.66 -65.67
C VAL J 44 -61.70 -30.86 -65.04
N ILE J 45 -61.44 -29.65 -65.57
CA ILE J 45 -60.38 -28.82 -65.00
C ILE J 45 -60.72 -28.49 -63.56
N SER J 46 -61.97 -28.12 -63.29
CA SER J 46 -62.37 -27.81 -61.92
C SER J 46 -62.29 -29.04 -61.04
N LYS J 47 -62.41 -30.23 -61.64
CA LYS J 47 -62.29 -31.46 -60.87
C LYS J 47 -60.84 -31.83 -60.61
N TRP J 48 -59.90 -31.23 -61.34
CA TRP J 48 -58.49 -31.56 -61.19
C TRP J 48 -57.62 -30.31 -61.13
N VAL J 49 -58.11 -29.26 -60.48
CA VAL J 49 -57.30 -28.07 -60.26
C VAL J 49 -56.72 -28.04 -58.84
N VAL J 50 -57.53 -28.32 -57.83
CA VAL J 50 -57.05 -28.42 -56.46
C VAL J 50 -56.37 -29.76 -56.17
N PRO J 51 -56.79 -30.91 -56.72
CA PRO J 51 -56.13 -32.18 -56.36
C PRO J 51 -54.62 -32.17 -56.63
N PRO J 52 -54.13 -31.56 -57.73
CA PRO J 52 -52.67 -31.59 -57.95
C PRO J 52 -51.88 -30.67 -57.04
N ILE J 53 -52.35 -29.44 -56.83
CA ILE J 53 -51.53 -28.40 -56.23
C ILE J 53 -51.96 -28.06 -54.81
N SER J 54 -53.27 -28.04 -54.54
CA SER J 54 -53.75 -27.57 -53.23
C SER J 54 -53.25 -28.47 -52.10
N LYS J 55 -53.37 -29.79 -52.27
CA LYS J 55 -52.93 -30.69 -51.22
C LYS J 55 -51.41 -30.70 -51.08
N VAL J 56 -50.69 -30.61 -52.21
CA VAL J 56 -49.24 -30.67 -52.13
C VAL J 56 -48.66 -29.38 -51.55
N LEU J 57 -49.39 -28.27 -51.63
CA LEU J 57 -48.95 -27.06 -50.98
C LEU J 57 -49.39 -26.97 -49.52
N ALA J 58 -50.57 -27.50 -49.20
CA ALA J 58 -51.15 -27.34 -47.87
C ALA J 58 -50.73 -28.44 -46.90
N GLU J 59 -49.87 -29.36 -47.31
CA GLU J 59 -49.40 -30.43 -46.43
C GLU J 59 -47.97 -30.21 -45.97
N ARG J 60 -47.42 -29.00 -46.17
CA ARG J 60 -46.03 -28.71 -45.83
C ARG J 60 -45.87 -27.72 -44.70
N GLU J 61 -46.83 -26.82 -44.49
CA GLU J 61 -46.73 -25.89 -43.36
C GLU J 61 -46.87 -26.63 -42.03
N ALA J 62 -47.76 -27.61 -41.96
CA ALA J 62 -47.86 -28.45 -40.78
C ALA J 62 -46.56 -29.20 -40.52
N MET J 63 -45.82 -29.50 -41.58
CA MET J 63 -44.53 -30.18 -41.42
C MET J 63 -43.56 -29.33 -40.61
N LEU J 64 -43.37 -28.08 -41.00
CA LEU J 64 -42.46 -27.21 -40.25
C LEU J 64 -43.02 -26.89 -38.88
N ALA J 65 -44.35 -26.77 -38.76
CA ALA J 65 -44.95 -26.50 -37.47
C ALA J 65 -44.65 -27.62 -36.48
N LYS J 66 -44.89 -28.87 -36.89
CA LYS J 66 -44.64 -30.00 -36.00
C LYS J 66 -43.15 -30.18 -35.75
N THR J 67 -42.31 -29.91 -36.75
CA THR J 67 -40.87 -29.99 -36.53
C THR J 67 -40.42 -28.99 -35.46
N ALA J 68 -40.90 -27.74 -35.56
CA ALA J 68 -40.54 -26.73 -34.56
C ALA J 68 -41.07 -27.11 -33.19
N ALA J 69 -42.30 -27.62 -33.12
CA ALA J 69 -42.86 -28.01 -31.83
C ALA J 69 -42.06 -29.13 -31.20
N ASP J 70 -41.68 -30.14 -31.99
CA ASP J 70 -40.95 -31.28 -31.46
C ASP J 70 -39.53 -30.90 -31.06
N ASN J 71 -38.92 -29.97 -31.78
CA ASN J 71 -37.55 -29.57 -31.45
C ASN J 71 -37.46 -28.96 -30.05
N ARG J 72 -38.50 -28.26 -29.62
CA ARG J 72 -38.50 -27.58 -28.33
C ARG J 72 -39.21 -28.34 -27.22
N LYS J 73 -40.14 -29.24 -27.56
CA LYS J 73 -40.89 -29.93 -26.52
C LYS J 73 -39.97 -30.84 -25.70
N SER J 74 -38.95 -31.41 -26.32
CA SER J 74 -37.99 -32.22 -25.58
C SER J 74 -37.35 -31.42 -24.45
N ALA J 75 -36.80 -30.25 -24.79
CA ALA J 75 -36.14 -29.42 -23.79
C ALA J 75 -37.14 -28.94 -22.75
N GLU J 76 -38.34 -28.53 -23.18
CA GLU J 76 -39.32 -28.03 -22.23
C GLU J 76 -39.70 -29.11 -21.22
N GLN J 77 -39.94 -30.33 -21.70
CA GLN J 77 -40.36 -31.39 -20.80
C GLN J 77 -39.24 -31.83 -19.89
N VAL J 78 -38.01 -31.93 -20.40
CA VAL J 78 -36.91 -32.34 -19.53
C VAL J 78 -36.64 -31.27 -18.47
N ALA J 79 -36.75 -29.99 -18.84
CA ALA J 79 -36.58 -28.92 -17.86
C ALA J 79 -37.67 -28.98 -16.80
N ALA J 80 -38.92 -29.21 -17.22
CA ALA J 80 -40.01 -29.31 -16.25
C ALA J 80 -39.78 -30.48 -15.30
N ALA J 81 -39.38 -31.64 -15.82
CA ALA J 81 -39.16 -32.80 -14.97
C ALA J 81 -38.03 -32.55 -13.98
N GLN J 82 -36.92 -31.97 -14.44
CA GLN J 82 -35.80 -31.70 -13.55
C GLN J 82 -36.19 -30.68 -12.48
N ALA J 83 -36.92 -29.64 -12.87
CA ALA J 83 -37.35 -28.64 -11.89
C ALA J 83 -38.29 -29.25 -10.85
N ASP J 84 -39.22 -30.10 -11.29
CA ASP J 84 -40.12 -30.75 -10.34
C ASP J 84 -39.36 -31.66 -9.39
N TYR J 85 -38.39 -32.42 -9.92
CA TYR J 85 -37.57 -33.26 -9.06
C TYR J 85 -36.82 -32.44 -8.03
N GLU J 86 -36.22 -31.32 -8.47
CA GLU J 86 -35.47 -30.48 -7.55
C GLU J 86 -36.38 -29.92 -6.47
N LYS J 87 -37.57 -29.45 -6.86
CA LYS J 87 -38.51 -28.89 -5.88
C LYS J 87 -38.92 -29.94 -4.86
N GLU J 88 -39.25 -31.15 -5.33
CA GLU J 88 -39.72 -32.17 -4.40
C GLU J 88 -38.62 -32.63 -3.46
N MET J 89 -37.39 -32.79 -3.96
CA MET J 89 -36.31 -33.22 -3.09
C MET J 89 -35.94 -32.14 -2.09
N ALA J 90 -35.95 -30.88 -2.53
CA ALA J 90 -35.68 -29.78 -1.61
C ALA J 90 -36.74 -29.70 -0.53
N GLU J 91 -38.01 -29.86 -0.90
CA GLU J 91 -39.08 -29.83 0.09
C GLU J 91 -38.94 -30.97 1.09
N ALA J 92 -38.64 -32.17 0.60
CA ALA J 92 -38.50 -33.33 1.50
C ALA J 92 -37.33 -33.13 2.47
N ARG J 93 -36.17 -32.69 1.95
CA ARG J 93 -35.02 -32.50 2.82
C ARG J 93 -35.28 -31.38 3.82
N ALA J 94 -35.92 -30.29 3.38
CA ALA J 94 -36.21 -29.19 4.28
C ALA J 94 -37.16 -29.62 5.39
N GLN J 95 -38.21 -30.37 5.04
CA GLN J 95 -39.16 -30.80 6.06
C GLN J 95 -38.52 -31.77 7.04
N ALA J 96 -37.68 -32.69 6.55
CA ALA J 96 -37.03 -33.63 7.45
C ALA J 96 -36.06 -32.92 8.39
N SER J 97 -35.23 -32.03 7.85
CA SER J 97 -34.29 -31.29 8.68
C SER J 97 -35.02 -30.43 9.70
N ALA J 98 -36.08 -29.74 9.27
CA ALA J 98 -36.91 -28.97 10.19
C ALA J 98 -37.41 -29.86 11.32
N LEU J 99 -38.20 -30.89 10.97
CA LEU J 99 -38.67 -31.88 11.94
C LEU J 99 -37.58 -32.25 12.95
N ARG J 100 -36.37 -32.50 12.46
CA ARG J 100 -35.27 -32.82 13.37
C ARG J 100 -34.97 -31.66 14.32
N ASP J 101 -34.89 -30.43 13.79
CA ASP J 101 -34.53 -29.29 14.65
C ASP J 101 -35.61 -29.02 15.70
N GLU J 102 -36.87 -28.99 15.27
CA GLU J 102 -37.95 -28.76 16.22
C GLU J 102 -38.10 -29.89 17.22
N ALA J 103 -37.86 -31.14 16.81
CA ALA J 103 -37.90 -32.24 17.76
C ALA J 103 -36.77 -32.11 18.78
N ARG J 104 -35.58 -31.71 18.33
CA ARG J 104 -34.48 -31.49 19.26
C ARG J 104 -34.80 -30.35 20.23
N ALA J 105 -35.44 -29.29 19.73
CA ALA J 105 -35.82 -28.18 20.61
C ALA J 105 -36.86 -28.63 21.64
N ALA J 106 -37.85 -29.41 21.21
CA ALA J 106 -38.87 -29.90 22.14
C ALA J 106 -38.26 -30.82 23.18
N GLY J 107 -37.35 -31.70 22.76
CA GLY J 107 -36.65 -32.54 23.72
C GLY J 107 -35.83 -31.72 24.69
N ARG J 108 -35.16 -30.68 24.20
CA ARG J 108 -34.38 -29.81 25.06
C ARG J 108 -35.27 -29.16 26.11
N SER J 109 -36.44 -28.68 25.67
CA SER J 109 -37.37 -28.01 26.58
C SER J 109 -37.93 -28.96 27.63
N VAL J 110 -38.36 -30.15 27.21
CA VAL J 110 -38.93 -31.09 28.18
C VAL J 110 -37.86 -31.59 29.13
N VAL J 111 -36.63 -31.75 28.64
CA VAL J 111 -35.53 -32.11 29.53
C VAL J 111 -35.26 -31.00 30.53
N ASP J 112 -35.33 -29.74 30.10
CA ASP J 112 -35.20 -28.62 31.02
C ASP J 112 -36.30 -28.67 32.09
N GLU J 113 -37.53 -28.93 31.67
CA GLU J 113 -38.64 -28.97 32.61
C GLU J 113 -38.44 -30.07 33.65
N LYS J 114 -38.07 -31.27 33.21
CA LYS J 114 -37.91 -32.37 34.15
C LYS J 114 -36.65 -32.22 34.99
N ARG J 115 -35.61 -31.57 34.45
CA ARG J 115 -34.44 -31.26 35.26
C ARG J 115 -34.76 -30.24 36.35
N ALA J 116 -35.59 -29.24 36.02
CA ALA J 116 -36.05 -28.31 37.04
C ALA J 116 -36.90 -29.02 38.09
N GLN J 117 -37.73 -29.97 37.65
CA GLN J 117 -38.51 -30.76 38.59
C GLN J 117 -37.62 -31.58 39.52
N ALA J 118 -36.58 -32.20 38.96
CA ALA J 118 -35.64 -32.96 39.78
C ALA J 118 -34.89 -32.05 40.75
N SER J 119 -34.52 -30.85 40.30
CA SER J 119 -33.88 -29.89 41.19
C SER J 119 -34.83 -29.49 42.32
N GLY J 120 -36.11 -29.30 42.00
CA GLY J 120 -37.08 -28.95 43.02
C GLY J 120 -37.29 -30.05 44.04
N GLU J 121 -37.36 -31.30 43.57
CA GLU J 121 -37.50 -32.41 44.52
C GLU J 121 -36.23 -32.61 45.34
N VAL J 122 -35.06 -32.33 44.76
CA VAL J 122 -33.83 -32.36 45.52
C VAL J 122 -33.85 -31.26 46.59
N ALA J 123 -34.36 -30.08 46.24
CA ALA J 123 -34.50 -29.02 47.22
C ALA J 123 -35.48 -29.40 48.32
N GLN J 124 -36.52 -30.15 47.96
CA GLN J 124 -37.45 -30.66 48.97
C GLN J 124 -36.76 -31.62 49.92
N THR J 125 -35.93 -32.52 49.38
CA THR J 125 -35.16 -33.42 50.24
C THR J 125 -34.21 -32.63 51.13
N LEU J 126 -33.62 -31.56 50.59
CA LEU J 126 -32.75 -30.70 51.39
C LEU J 126 -33.52 -30.01 52.50
N THR J 127 -34.73 -29.53 52.21
CA THR J 127 -35.56 -28.88 53.21
C THR J 127 -36.20 -29.87 54.18
N GLN J 128 -36.08 -31.16 53.90
CA GLN J 128 -36.37 -32.17 54.91
C GLN J 128 -35.15 -32.43 55.79
N ALA J 129 -33.97 -32.58 55.18
CA ALA J 129 -32.75 -32.85 55.95
C ALA J 129 -32.38 -31.67 56.84
N ASP J 130 -32.72 -30.44 56.43
CA ASP J 130 -32.36 -29.25 57.18
C ASP J 130 -33.12 -29.12 58.49
N GLN J 131 -34.16 -29.93 58.69
CA GLN J 131 -34.74 -30.12 60.01
C GLN J 131 -34.43 -31.49 60.60
N GLN J 132 -34.10 -32.47 59.76
CA GLN J 132 -33.67 -33.77 60.27
C GLN J 132 -32.42 -33.64 61.13
N LEU J 133 -31.44 -32.83 60.69
CA LEU J 133 -30.22 -32.73 61.49
C LEU J 133 -30.52 -32.06 62.83
N SER J 134 -31.42 -31.09 62.84
CA SER J 134 -31.78 -30.44 64.09
C SER J 134 -32.51 -31.40 65.02
N ALA J 135 -33.37 -32.25 64.45
CA ALA J 135 -34.04 -33.26 65.26
C ALA J 135 -33.03 -34.20 65.91
N GLN J 136 -32.02 -34.63 65.14
CA GLN J 136 -30.98 -35.48 65.74
C GLN J 136 -30.13 -34.70 66.74
N GLY J 137 -29.81 -33.44 66.43
CA GLY J 137 -28.96 -32.64 67.28
C GLY J 137 -29.58 -32.26 68.60
N ASP J 138 -30.92 -32.24 68.66
CA ASP J 138 -31.57 -32.00 69.95
C ASP J 138 -31.17 -33.05 70.97
N GLN J 139 -31.32 -34.33 70.62
CA GLN J 139 -30.88 -35.39 71.52
C GLN J 139 -29.36 -35.46 71.60
N VAL J 140 -28.66 -35.07 70.54
CA VAL J 140 -27.20 -35.04 70.59
C VAL J 140 -26.73 -34.10 71.71
N ARG J 141 -27.26 -32.88 71.73
CA ARG J 141 -26.88 -31.92 72.76
C ARG J 141 -27.47 -32.29 74.11
N SER J 142 -28.59 -33.01 74.12
CA SER J 142 -29.13 -33.50 75.39
C SER J 142 -28.18 -34.51 76.03
N GLY J 143 -27.63 -35.42 75.25
CA GLY J 143 -26.75 -36.45 75.75
C GLY J 143 -25.27 -36.16 75.69
N LEU J 144 -24.87 -34.98 75.21
CA LEU J 144 -23.45 -34.65 75.15
C LEU J 144 -22.81 -34.63 76.52
N GLU J 145 -23.47 -34.04 77.52
CA GLU J 145 -22.90 -33.86 78.84
C GLU J 145 -23.15 -35.04 79.76
N SER J 146 -23.36 -36.23 79.20
CA SER J 146 -23.59 -37.43 80.01
C SER J 146 -22.37 -37.76 80.87
N SER J 147 -21.18 -37.69 80.28
CA SER J 147 -19.94 -38.03 80.97
C SER J 147 -18.88 -36.96 80.79
N VAL J 148 -19.30 -35.69 80.69
CA VAL J 148 -18.34 -34.61 80.50
C VAL J 148 -17.43 -34.47 81.71
N ASP J 149 -17.96 -34.73 82.90
CA ASP J 149 -17.14 -34.67 84.11
C ASP J 149 -16.06 -35.75 84.08
N GLY J 150 -16.38 -36.93 83.56
CA GLY J 150 -15.37 -37.97 83.44
C GLY J 150 -14.25 -37.58 82.48
N LEU J 151 -14.63 -36.97 81.36
CA LEU J 151 -13.61 -36.48 80.42
C LEU J 151 -12.73 -35.43 81.08
N SER J 152 -13.33 -34.52 81.85
CA SER J 152 -12.53 -33.51 82.54
C SER J 152 -11.60 -34.15 83.57
N ALA J 153 -12.08 -35.19 84.28
CA ALA J 153 -11.25 -35.87 85.25
C ALA J 153 -10.07 -36.57 84.58
N LYS J 154 -10.32 -37.22 83.45
CA LYS J 154 -9.22 -37.86 82.71
C LYS J 154 -8.23 -36.82 82.22
N LEU J 155 -8.74 -35.68 81.74
CA LEU J 155 -7.87 -34.61 81.28
C LEU J 155 -7.00 -34.10 82.41
N ALA J 156 -7.58 -33.92 83.60
CA ALA J 156 -6.81 -33.46 84.75
C ALA J 156 -5.76 -34.48 85.15
N SER J 157 -6.13 -35.76 85.14
CA SER J 157 -5.17 -36.81 85.50
C SER J 157 -3.99 -36.81 84.53
N ARG J 158 -4.26 -36.65 83.24
CA ARG J 158 -3.17 -36.62 82.27
C ARG J 158 -2.35 -35.34 82.36
N ILE J 159 -3.00 -34.20 82.61
CA ILE J 159 -2.28 -32.93 82.63
C ILE J 159 -1.42 -32.81 83.88
N LEU J 160 -1.80 -33.48 84.97
CA LEU J 160 -1.02 -33.41 86.19
C LEU J 160 -0.02 -34.55 86.33
N GLY J 161 -0.20 -35.64 85.58
CA GLY J 161 0.68 -36.78 85.66
C GLY J 161 0.35 -37.76 86.76
N VAL J 162 -0.63 -37.46 87.61
CA VAL J 162 -1.05 -38.34 88.69
C VAL J 162 -2.57 -38.36 88.75
N ASP J 163 -3.10 -39.27 89.55
CA ASP J 163 -4.55 -39.42 89.67
C ASP J 163 -5.16 -38.23 90.41
N VAL J 164 -6.40 -37.92 90.04
CA VAL J 164 -7.13 -36.83 90.67
C VAL J 164 -7.91 -37.34 91.87
N MET K 1 -43.82 -36.55 -104.11
CA MET K 1 -44.09 -37.97 -103.95
C MET K 1 -44.00 -38.39 -102.48
N SER K 2 -43.02 -39.21 -102.15
CA SER K 2 -42.81 -39.74 -100.81
C SER K 2 -41.67 -38.95 -100.15
N ILE K 3 -42.04 -38.11 -99.16
CA ILE K 3 -41.04 -37.34 -98.42
C ILE K 3 -40.48 -38.13 -97.24
N PHE K 4 -41.06 -39.31 -96.95
CA PHE K 4 -40.64 -40.09 -95.79
C PHE K 4 -39.17 -40.50 -95.90
N ILE K 5 -38.71 -40.86 -97.10
CA ILE K 5 -37.33 -41.28 -97.26
C ILE K 5 -36.36 -40.15 -96.93
N GLY K 6 -36.69 -38.92 -97.34
CA GLY K 6 -35.83 -37.80 -97.06
C GLY K 6 -36.01 -37.22 -95.66
N GLN K 7 -37.09 -37.58 -94.99
CA GLN K 7 -37.38 -37.07 -93.65
C GLN K 7 -36.96 -38.04 -92.55
N LEU K 8 -36.69 -39.30 -92.92
CA LEU K 8 -36.23 -40.29 -91.94
C LEU K 8 -34.91 -39.88 -91.32
N ILE K 9 -34.01 -39.31 -92.12
CA ILE K 9 -32.71 -38.89 -91.58
C ILE K 9 -32.89 -37.81 -90.52
N GLY K 10 -33.75 -36.82 -90.80
CA GLY K 10 -34.01 -35.79 -89.82
C GLY K 10 -34.64 -36.33 -88.55
N PHE K 11 -35.63 -37.23 -88.70
CA PHE K 11 -36.24 -37.83 -87.53
C PHE K 11 -35.23 -38.61 -86.70
N ALA K 12 -34.38 -39.42 -87.35
CA ALA K 12 -33.40 -40.21 -86.63
C ALA K 12 -32.39 -39.31 -85.92
N VAL K 13 -31.93 -38.26 -86.60
CA VAL K 13 -30.95 -37.35 -86.00
C VAL K 13 -31.55 -36.67 -84.78
N ILE K 14 -32.78 -36.16 -84.90
CA ILE K 14 -33.37 -35.44 -83.79
C ILE K 14 -33.70 -36.39 -82.64
N ALA K 15 -34.02 -37.65 -82.94
CA ALA K 15 -34.30 -38.61 -81.88
C ALA K 15 -33.03 -39.12 -81.23
N PHE K 16 -31.89 -38.99 -81.91
CA PHE K 16 -30.65 -39.51 -81.36
C PHE K 16 -29.81 -38.43 -80.67
N ILE K 17 -30.02 -37.16 -80.99
CA ILE K 17 -29.16 -36.09 -80.49
C ILE K 17 -29.92 -35.03 -79.69
N ILE K 18 -31.24 -35.08 -79.62
CA ILE K 18 -31.98 -34.01 -78.95
C ILE K 18 -32.78 -34.52 -77.77
N VAL K 19 -33.69 -35.46 -78.01
CA VAL K 19 -34.71 -35.82 -77.03
C VAL K 19 -34.15 -36.50 -75.78
N LYS K 20 -32.88 -36.91 -75.80
CA LYS K 20 -32.32 -37.63 -74.66
C LYS K 20 -32.04 -36.72 -73.47
N TRP K 21 -32.19 -35.40 -73.62
CA TRP K 21 -31.79 -34.45 -72.58
C TRP K 21 -32.94 -33.90 -71.77
N VAL K 22 -34.18 -34.01 -72.25
CA VAL K 22 -35.30 -33.37 -71.55
C VAL K 22 -35.82 -34.27 -70.43
N VAL K 23 -35.87 -35.58 -70.67
CA VAL K 23 -36.45 -36.50 -69.68
C VAL K 23 -35.67 -36.53 -68.37
N PRO K 24 -34.34 -36.66 -68.37
CA PRO K 24 -33.61 -36.84 -67.10
C PRO K 24 -33.85 -35.74 -66.09
N PRO K 25 -33.93 -34.45 -66.50
CA PRO K 25 -34.30 -33.43 -65.51
C PRO K 25 -35.67 -33.67 -64.88
N VAL K 26 -36.63 -34.11 -65.69
CA VAL K 26 -37.96 -34.42 -65.16
C VAL K 26 -37.88 -35.55 -64.15
N ARG K 27 -37.12 -36.60 -64.49
CA ARG K 27 -36.96 -37.73 -63.57
C ARG K 27 -36.29 -37.29 -62.28
N THR K 28 -35.28 -36.42 -62.37
CA THR K 28 -34.61 -35.95 -61.18
C THR K 28 -35.56 -35.16 -60.28
N LEU K 29 -36.31 -34.22 -60.86
CA LEU K 29 -37.28 -33.46 -60.07
C LEU K 29 -38.32 -34.38 -59.44
N MET K 30 -38.75 -35.39 -60.20
CA MET K 30 -39.82 -36.27 -59.75
C MET K 30 -39.36 -37.13 -58.58
N ARG K 31 -38.16 -37.72 -58.69
CA ARG K 31 -37.62 -38.49 -57.59
C ARG K 31 -37.23 -37.60 -56.41
N ASN K 32 -36.95 -36.32 -56.66
CA ASN K 32 -36.74 -35.40 -55.55
C ASN K 32 -38.03 -35.16 -54.78
N GLN K 33 -39.15 -35.04 -55.49
CA GLN K 33 -40.45 -34.95 -54.83
C GLN K 33 -40.71 -36.21 -54.01
N GLN K 34 -40.39 -37.38 -54.58
CA GLN K 34 -40.55 -38.63 -53.85
C GLN K 34 -39.70 -38.68 -52.59
N GLU K 35 -38.44 -38.23 -52.69
CA GLU K 35 -37.57 -38.17 -51.52
C GLU K 35 -38.14 -37.21 -50.48
N ALA K 36 -38.73 -36.11 -50.93
CA ALA K 36 -39.34 -35.16 -50.00
C ALA K 36 -40.50 -35.80 -49.24
N VAL K 37 -41.32 -36.58 -49.94
CA VAL K 37 -42.48 -37.17 -49.26
C VAL K 37 -42.03 -38.25 -48.26
N ARG K 38 -41.02 -39.06 -48.61
CA ARG K 38 -40.50 -39.99 -47.60
C ARG K 38 -39.83 -39.27 -46.44
N ALA K 39 -39.13 -38.17 -46.70
CA ALA K 39 -38.55 -37.41 -45.58
C ALA K 39 -39.64 -36.90 -44.65
N ALA K 40 -40.74 -36.39 -45.23
CA ALA K 40 -41.86 -35.93 -44.43
C ALA K 40 -42.43 -37.06 -43.57
N LEU K 41 -42.66 -38.23 -44.18
CA LEU K 41 -43.23 -39.35 -43.44
C LEU K 41 -42.29 -39.80 -42.32
N ALA K 42 -40.99 -39.86 -42.60
CA ALA K 42 -40.03 -40.29 -41.60
C ALA K 42 -40.00 -39.33 -40.41
N GLU K 43 -40.00 -38.02 -40.69
CA GLU K 43 -39.96 -37.07 -39.58
C GLU K 43 -41.27 -37.10 -38.80
N SER K 44 -42.40 -37.35 -39.48
CA SER K 44 -43.66 -37.52 -38.77
C SER K 44 -43.61 -38.72 -37.84
N ALA K 45 -43.04 -39.83 -38.31
CA ALA K 45 -42.91 -41.01 -37.45
C ALA K 45 -42.02 -40.71 -36.26
N GLU K 46 -40.91 -39.99 -36.47
CA GLU K 46 -40.04 -39.62 -35.36
C GLU K 46 -40.75 -38.74 -34.35
N ALA K 47 -41.53 -37.76 -34.84
CA ALA K 47 -42.26 -36.88 -33.93
C ALA K 47 -43.28 -37.65 -33.12
N ALA K 48 -44.01 -38.57 -33.75
CA ALA K 48 -44.97 -39.38 -33.03
C ALA K 48 -44.28 -40.25 -31.98
N LYS K 49 -43.13 -40.83 -32.33
CA LYS K 49 -42.40 -41.64 -31.37
C LYS K 49 -41.95 -40.81 -30.17
N LYS K 50 -41.46 -39.59 -30.42
CA LYS K 50 -41.07 -38.73 -29.30
C LYS K 50 -42.27 -38.37 -28.44
N LEU K 51 -43.41 -38.08 -29.06
CA LEU K 51 -44.61 -37.74 -28.30
C LEU K 51 -45.02 -38.90 -27.41
N ALA K 52 -44.94 -40.13 -27.93
CA ALA K 52 -45.22 -41.30 -27.10
C ALA K 52 -44.21 -41.41 -25.96
N ASP K 53 -42.93 -41.19 -26.25
CA ASP K 53 -41.88 -41.28 -25.23
C ASP K 53 -42.03 -40.23 -24.15
N ALA K 54 -42.72 -39.12 -24.46
CA ALA K 54 -42.74 -37.96 -23.57
C ALA K 54 -43.17 -38.29 -22.14
N ASP K 55 -44.10 -39.23 -21.96
CA ASP K 55 -44.71 -39.49 -20.66
C ASP K 55 -44.09 -40.70 -19.95
N ALA K 56 -42.78 -40.91 -20.11
CA ALA K 56 -42.14 -42.08 -19.49
C ALA K 56 -41.50 -41.74 -18.15
N MET K 57 -40.72 -40.66 -18.09
CA MET K 57 -39.93 -40.37 -16.90
C MET K 57 -40.75 -39.84 -15.74
N HIS K 58 -42.00 -39.43 -15.97
CA HIS K 58 -42.80 -38.85 -14.89
C HIS K 58 -43.10 -39.89 -13.81
N ALA K 59 -43.33 -41.15 -14.21
CA ALA K 59 -43.51 -42.20 -13.21
C ALA K 59 -42.26 -42.37 -12.37
N LYS K 60 -41.09 -42.32 -13.00
CA LYS K 60 -39.83 -42.39 -12.24
C LYS K 60 -39.71 -41.23 -11.27
N ALA K 61 -40.07 -40.02 -11.71
CA ALA K 61 -39.99 -38.85 -10.83
C ALA K 61 -40.90 -39.01 -9.63
N LEU K 62 -42.14 -39.45 -9.86
CA LEU K 62 -43.07 -39.64 -8.74
C LEU K 62 -42.58 -40.73 -7.80
N ALA K 63 -42.06 -41.83 -8.34
CA ALA K 63 -41.59 -42.93 -7.50
C ALA K 63 -40.42 -42.49 -6.63
N ASP K 64 -39.45 -41.79 -7.23
CA ASP K 64 -38.31 -41.35 -6.43
C ASP K 64 -38.71 -40.28 -5.43
N ALA K 65 -39.69 -39.43 -5.76
CA ALA K 65 -40.18 -38.46 -4.79
C ALA K 65 -40.78 -39.17 -3.58
N LYS K 66 -41.60 -40.20 -3.83
CA LYS K 66 -42.20 -40.95 -2.73
C LYS K 66 -41.13 -41.63 -1.88
N ALA K 67 -40.15 -42.26 -2.54
CA ALA K 67 -39.08 -42.93 -1.80
C ALA K 67 -38.28 -41.94 -0.96
N GLU K 68 -37.97 -40.78 -1.53
CA GLU K 68 -37.25 -39.76 -0.79
C GLU K 68 -38.05 -39.29 0.42
N SER K 69 -39.36 -39.06 0.23
CA SER K 69 -40.18 -38.59 1.33
C SER K 69 -40.21 -39.60 2.47
N GLU K 70 -40.43 -40.88 2.15
CA GLU K 70 -40.50 -41.87 3.21
C GLU K 70 -39.15 -42.05 3.90
N LYS K 71 -38.05 -42.06 3.14
CA LYS K 71 -36.74 -42.21 3.76
C LYS K 71 -36.39 -41.03 4.65
N VAL K 72 -36.69 -39.80 4.22
CA VAL K 72 -36.36 -38.65 5.04
C VAL K 72 -37.22 -38.61 6.30
N THR K 73 -38.49 -39.02 6.19
CA THR K 73 -39.32 -39.12 7.38
C THR K 73 -38.75 -40.15 8.35
N GLU K 74 -38.30 -41.30 7.82
CA GLU K 74 -37.72 -42.33 8.67
C GLU K 74 -36.49 -41.82 9.39
N GLU K 75 -35.59 -41.15 8.65
CA GLU K 75 -34.35 -40.66 9.25
C GLU K 75 -34.64 -39.58 10.30
N ALA K 76 -35.60 -38.69 10.02
CA ALA K 76 -35.97 -37.67 10.99
C ALA K 76 -36.53 -38.31 12.26
N LYS K 77 -37.41 -39.30 12.11
CA LYS K 77 -37.93 -39.99 13.28
C LYS K 77 -36.81 -40.63 14.09
N GLN K 78 -35.90 -41.32 13.40
CA GLN K 78 -34.85 -42.06 14.11
C GLN K 78 -33.91 -41.12 14.85
N ASP K 79 -33.43 -40.07 14.19
CA ASP K 79 -32.48 -39.20 14.89
C ASP K 79 -33.19 -38.38 15.97
N SER K 80 -34.47 -38.03 15.76
CA SER K 80 -35.22 -37.35 16.80
C SER K 80 -35.34 -38.21 18.06
N GLU K 81 -35.77 -39.47 17.90
CA GLU K 81 -35.92 -40.32 19.06
C GLU K 81 -34.58 -40.59 19.72
N ARG K 82 -33.50 -40.74 18.92
CA ARG K 82 -32.20 -41.00 19.50
C ARG K 82 -31.70 -39.81 20.33
N ILE K 83 -31.83 -38.60 19.80
CA ILE K 83 -31.35 -37.43 20.54
C ILE K 83 -32.21 -37.19 21.78
N ALA K 84 -33.51 -37.43 21.66
CA ALA K 84 -34.37 -37.31 22.84
C ALA K 84 -33.99 -38.30 23.92
N ALA K 85 -33.71 -39.55 23.53
CA ALA K 85 -33.31 -40.56 24.50
C ALA K 85 -31.99 -40.22 25.15
N GLN K 86 -31.03 -39.72 24.36
CA GLN K 86 -29.73 -39.36 24.93
C GLN K 86 -29.86 -38.20 25.90
N LEU K 87 -30.65 -37.19 25.56
CA LEU K 87 -30.83 -36.07 26.48
C LEU K 87 -31.59 -36.49 27.73
N SER K 88 -32.55 -37.41 27.59
CA SER K 88 -33.25 -37.95 28.76
C SER K 88 -32.30 -38.72 29.66
N GLU K 89 -31.40 -39.51 29.07
CA GLU K 89 -30.41 -40.22 29.86
C GLU K 89 -29.47 -39.26 30.57
N GLN K 90 -29.09 -38.17 29.90
CA GLN K 90 -28.27 -37.16 30.55
C GLN K 90 -29.02 -36.50 31.70
N ALA K 91 -30.31 -36.26 31.53
CA ALA K 91 -31.12 -35.71 32.62
C ALA K 91 -31.17 -36.68 33.80
N GLY K 92 -31.34 -37.98 33.53
CA GLY K 92 -31.31 -38.95 34.60
C GLY K 92 -29.95 -38.99 35.30
N SER K 93 -28.87 -38.89 34.52
CA SER K 93 -27.53 -38.88 35.10
C SER K 93 -27.34 -37.66 36.00
N GLU K 94 -27.80 -36.49 35.56
CA GLU K 94 -27.62 -35.31 36.39
C GLU K 94 -28.55 -35.35 37.61
N ALA K 95 -29.70 -36.01 37.49
CA ALA K 95 -30.56 -36.22 38.65
C ALA K 95 -29.87 -37.09 39.69
N GLU K 96 -29.23 -38.17 39.24
CA GLU K 96 -28.45 -38.97 40.17
C GLU K 96 -27.29 -38.16 40.74
N ARG K 97 -26.67 -37.32 39.92
CA ARG K 97 -25.55 -36.50 40.38
C ARG K 97 -26.00 -35.52 41.46
N ILE K 98 -27.15 -34.88 41.28
CA ILE K 98 -27.63 -33.93 42.27
C ILE K 98 -28.13 -34.66 43.51
N LYS K 99 -28.61 -35.90 43.39
CA LYS K 99 -28.93 -36.68 44.58
C LYS K 99 -27.66 -37.00 45.37
N ALA K 100 -26.60 -37.40 44.66
CA ALA K 100 -25.32 -37.63 45.33
C ALA K 100 -24.78 -36.35 45.96
N GLN K 101 -24.97 -35.22 45.27
CA GLN K 101 -24.58 -33.93 45.84
C GLN K 101 -25.40 -33.61 47.09
N GLY K 102 -26.69 -33.95 47.08
CA GLY K 102 -27.49 -33.79 48.28
C GLY K 102 -26.96 -34.63 49.43
N ALA K 103 -26.52 -35.85 49.15
CA ALA K 103 -25.83 -36.65 50.16
C ALA K 103 -24.53 -35.97 50.59
N GLN K 104 -23.86 -35.27 49.66
CA GLN K 104 -22.66 -34.52 50.01
C GLN K 104 -22.97 -33.42 51.00
N GLN K 105 -24.05 -32.67 50.76
CA GLN K 105 -24.46 -31.67 51.75
C GLN K 105 -24.93 -32.33 53.04
N ILE K 106 -25.47 -33.55 52.95
CA ILE K 106 -25.84 -34.26 54.17
C ILE K 106 -24.61 -34.52 55.02
N GLN K 107 -23.53 -34.98 54.40
CA GLN K 107 -22.26 -35.10 55.10
C GLN K 107 -21.74 -33.73 55.54
N LEU K 108 -22.05 -32.68 54.77
CA LEU K 108 -21.65 -31.33 55.18
C LEU K 108 -22.33 -30.91 56.47
N MET K 109 -23.63 -31.17 56.60
CA MET K 109 -24.30 -30.88 57.86
C MET K 109 -23.84 -31.81 58.98
N ARG K 110 -23.45 -33.05 58.64
CA ARG K 110 -22.79 -33.88 59.64
C ARG K 110 -21.50 -33.21 60.11
N GLN K 111 -20.75 -32.63 59.19
CA GLN K 111 -19.55 -31.88 59.55
C GLN K 111 -19.89 -30.65 60.38
N GLN K 112 -21.02 -30.01 60.11
CA GLN K 112 -21.45 -28.90 60.95
C GLN K 112 -21.75 -29.36 62.38
N LEU K 113 -22.39 -30.52 62.51
CA LEU K 113 -22.58 -31.11 63.83
C LEU K 113 -21.24 -31.42 64.48
N ILE K 114 -20.28 -31.90 63.70
CA ILE K 114 -18.94 -32.15 64.23
C ILE K 114 -18.31 -30.85 64.70
N ARG K 115 -18.52 -29.76 63.97
CA ARG K 115 -17.99 -28.46 64.37
C ARG K 115 -18.61 -27.99 65.68
N GLN K 116 -19.93 -28.15 65.83
CA GLN K 116 -20.59 -27.83 67.08
C GLN K 116 -20.05 -28.68 68.22
N LEU K 117 -19.82 -29.97 67.94
CA LEU K 117 -19.22 -30.86 68.92
C LEU K 117 -17.84 -30.38 69.34
N ARG K 118 -17.02 -29.98 68.37
CA ARG K 118 -15.68 -29.48 68.68
C ARG K 118 -15.75 -28.22 69.54
N THR K 119 -16.66 -27.30 69.19
CA THR K 119 -16.77 -26.06 69.96
C THR K 119 -17.19 -26.34 71.40
N GLY K 120 -18.21 -27.18 71.58
CA GLY K 120 -18.66 -27.51 72.92
C GLY K 120 -17.59 -28.23 73.73
N LEU K 121 -16.92 -29.20 73.11
CA LEU K 121 -15.86 -29.93 73.79
C LEU K 121 -14.72 -29.00 74.18
N GLY K 122 -14.33 -28.10 73.29
CA GLY K 122 -13.28 -27.15 73.62
C GLY K 122 -13.67 -26.23 74.76
N ALA K 123 -14.91 -25.74 74.74
CA ALA K 123 -15.37 -24.85 75.81
C ALA K 123 -15.35 -25.55 77.15
N GLU K 124 -15.96 -26.74 77.23
CA GLU K 124 -15.99 -27.47 78.49
C GLU K 124 -14.59 -27.84 78.94
N ALA K 125 -13.73 -28.24 78.00
CA ALA K 125 -12.38 -28.66 78.35
C ALA K 125 -11.59 -27.50 78.95
N VAL K 126 -11.60 -26.35 78.26
CA VAL K 126 -10.83 -25.21 78.76
C VAL K 126 -11.37 -24.75 80.10
N ASN K 127 -12.70 -24.67 80.23
CA ASN K 127 -13.29 -24.16 81.47
C ASN K 127 -12.95 -25.09 82.64
N LYS K 128 -13.19 -26.39 82.47
CA LYS K 128 -13.01 -27.32 83.58
C LYS K 128 -11.53 -27.52 83.90
N ALA K 129 -10.67 -27.55 82.88
CA ALA K 129 -9.24 -27.64 83.15
C ALA K 129 -8.74 -26.41 83.91
N ALA K 130 -9.15 -25.21 83.48
CA ALA K 130 -8.70 -24.00 84.15
C ALA K 130 -9.18 -23.97 85.59
N GLU K 131 -10.45 -24.32 85.82
CA GLU K 131 -10.95 -24.29 87.19
C GLU K 131 -10.29 -25.35 88.07
N ILE K 132 -10.03 -26.55 87.51
CA ILE K 132 -9.44 -27.60 88.33
C ILE K 132 -7.98 -27.30 88.63
N VAL K 133 -7.29 -26.59 87.74
CA VAL K 133 -5.89 -26.26 88.01
C VAL K 133 -5.73 -24.98 88.83
N ARG K 134 -6.72 -24.10 88.85
CA ARG K 134 -6.65 -22.91 89.69
C ARG K 134 -7.35 -23.10 91.03
N ALA K 135 -8.07 -24.19 91.22
CA ALA K 135 -8.78 -24.42 92.47
C ALA K 135 -8.29 -25.66 93.21
N HIS K 136 -8.26 -26.82 92.55
CA HIS K 136 -7.93 -28.06 93.24
C HIS K 136 -6.43 -28.13 93.53
N VAL K 137 -5.60 -28.11 92.48
CA VAL K 137 -4.16 -28.31 92.65
C VAL K 137 -3.46 -27.07 93.19
N ALA K 138 -4.20 -26.01 93.51
CA ALA K 138 -3.59 -24.81 94.06
C ALA K 138 -3.16 -24.97 95.52
N ASP K 139 -3.22 -26.18 96.07
CA ASP K 139 -2.81 -26.41 97.44
C ASP K 139 -1.29 -26.20 97.60
N PRO K 140 -0.86 -25.67 98.74
CA PRO K 140 0.58 -25.39 98.93
C PRO K 140 1.47 -26.62 98.78
N GLN K 141 1.02 -27.78 99.25
CA GLN K 141 1.84 -28.99 99.11
C GLN K 141 1.98 -29.43 97.66
N ALA K 142 1.06 -29.01 96.79
CA ALA K 142 1.14 -29.39 95.38
C ALA K 142 2.37 -28.81 94.71
N GLN K 143 2.80 -27.61 95.13
CA GLN K 143 4.03 -27.05 94.58
C GLN K 143 5.23 -27.93 94.90
N SER K 144 5.34 -28.37 96.15
CA SER K 144 6.44 -29.24 96.53
C SER K 144 6.36 -30.58 95.81
N ALA K 145 5.15 -31.13 95.68
CA ALA K 145 5.00 -32.39 94.94
C ALA K 145 5.43 -32.23 93.49
N THR K 146 5.02 -31.14 92.84
CA THR K 146 5.40 -30.91 91.46
C THR K 146 6.92 -30.74 91.33
N VAL K 147 7.53 -30.04 92.29
CA VAL K 147 8.98 -29.89 92.27
C VAL K 147 9.66 -31.24 92.39
N ASP K 148 9.15 -32.10 93.28
CA ASP K 148 9.74 -33.43 93.44
C ASP K 148 9.62 -34.25 92.15
N ARG K 149 8.44 -34.23 91.52
CA ARG K 149 8.27 -34.97 90.27
C ARG K 149 9.17 -34.42 89.18
N PHE K 150 9.30 -33.09 89.10
CA PHE K 150 10.19 -32.49 88.10
C PHE K 150 11.64 -32.87 88.35
N LEU K 151 12.07 -32.89 89.60
CA LEU K 151 13.42 -33.30 89.92
C LEU K 151 13.66 -34.76 89.53
N SER K 152 12.68 -35.63 89.82
CA SER K 152 12.81 -37.03 89.42
C SER K 152 12.91 -37.16 87.90
N GLU K 153 12.09 -36.41 87.17
CA GLU K 153 12.13 -36.46 85.71
C GLU K 153 13.47 -35.99 85.17
N LEU K 154 13.99 -34.89 85.73
CA LEU K 154 15.31 -34.42 85.30
C LEU K 154 16.41 -35.40 85.69
N GLU K 155 16.19 -36.17 86.75
CA GLU K 155 17.16 -37.19 87.14
C GLU K 155 17.17 -38.35 86.15
N GLN K 156 15.99 -38.84 85.77
CA GLN K 156 15.92 -40.07 84.98
C GLN K 156 16.31 -39.89 83.52
N MET K 157 16.46 -38.66 83.05
CA MET K 157 16.76 -38.43 81.64
C MET K 157 18.22 -38.73 81.34
N ALA K 158 18.47 -39.17 80.10
CA ALA K 158 19.80 -39.59 79.70
C ALA K 158 20.74 -38.38 79.62
N PRO K 159 22.02 -38.58 79.90
CA PRO K 159 22.96 -37.44 79.89
C PRO K 159 23.17 -36.90 78.49
N SER K 160 23.56 -35.63 78.42
CA SER K 160 23.78 -34.94 77.16
C SER K 160 25.19 -34.37 77.13
N SER K 161 25.64 -34.03 75.92
CA SER K 161 26.96 -33.47 75.69
C SER K 161 26.86 -31.97 75.47
N VAL K 162 27.72 -31.21 76.14
CA VAL K 162 27.75 -29.76 76.03
C VAL K 162 29.21 -29.31 75.93
N VAL K 163 29.46 -28.32 75.08
CA VAL K 163 30.80 -27.80 74.83
C VAL K 163 30.71 -26.28 74.73
N ILE K 164 31.87 -25.66 74.46
CA ILE K 164 32.04 -24.23 74.20
C ILE K 164 31.22 -23.38 75.17
N ASP K 165 31.30 -23.72 76.46
CA ASP K 165 30.61 -22.99 77.52
C ASP K 165 29.10 -22.94 77.29
N LEU K 172 35.46 -10.15 68.70
CA LEU K 172 34.99 -11.47 68.31
C LEU K 172 35.71 -11.97 67.06
N ARG K 173 36.53 -11.11 66.47
CA ARG K 173 37.29 -11.48 65.29
C ARG K 173 38.44 -12.41 65.67
N ALA K 174 38.98 -13.08 64.65
CA ALA K 174 40.05 -14.04 64.88
C ALA K 174 41.32 -13.36 65.37
N ALA K 175 41.74 -12.30 64.68
CA ALA K 175 42.94 -11.58 65.10
C ALA K 175 42.75 -10.94 66.47
N SER K 176 41.57 -10.37 66.71
CA SER K 176 41.28 -9.80 68.01
C SER K 176 41.28 -10.87 69.10
N ARG K 177 40.72 -12.05 68.80
CA ARG K 177 40.73 -13.13 69.78
C ARG K 177 42.15 -13.58 70.09
N GLN K 178 42.99 -13.73 69.07
CA GLN K 178 44.37 -14.13 69.30
C GLN K 178 45.13 -13.09 70.11
N SER K 179 44.91 -11.81 69.81
CA SER K 179 45.56 -10.74 70.57
C SER K 179 45.09 -10.73 72.02
N LEU K 180 43.80 -10.94 72.25
CA LEU K 180 43.29 -10.99 73.62
C LEU K 180 43.88 -12.17 74.37
N ALA K 181 43.99 -13.33 73.72
CA ALA K 181 44.58 -14.49 74.37
C ALA K 181 46.04 -14.24 74.72
N ALA K 182 46.79 -13.64 73.79
CA ALA K 182 48.20 -13.34 74.07
C ALA K 182 48.34 -12.35 75.20
N LEU K 183 47.48 -11.32 75.24
CA LEU K 183 47.52 -10.35 76.33
C LEU K 183 47.19 -11.01 77.66
N VAL K 184 46.22 -11.93 77.67
CA VAL K 184 45.87 -12.64 78.90
C VAL K 184 47.04 -13.50 79.37
N GLU K 185 47.69 -14.19 78.45
CA GLU K 185 48.85 -15.01 78.81
C GLU K 185 49.98 -14.15 79.38
N LYS K 186 50.24 -13.00 78.74
CA LYS K 186 51.29 -12.10 79.24
C LYS K 186 50.93 -11.57 80.62
N PHE K 187 49.65 -11.23 80.84
CA PHE K 187 49.22 -10.76 82.15
C PHE K 187 49.43 -11.84 83.20
N ASP K 188 49.05 -13.08 82.88
CA ASP K 188 49.22 -14.18 83.84
C ASP K 188 50.69 -14.41 84.15
N SER K 189 51.55 -14.29 83.14
CA SER K 189 52.97 -14.51 83.36
C SER K 189 53.64 -13.30 84.01
N VAL K 190 52.96 -12.15 84.04
CA VAL K 190 53.57 -10.93 84.57
C VAL K 190 53.03 -10.53 85.94
N ALA K 191 51.87 -11.04 86.34
CA ALA K 191 51.25 -10.64 87.60
C ALA K 191 51.67 -11.53 88.77
N GLY K 192 52.83 -12.19 88.67
CA GLY K 192 53.28 -13.06 89.74
C GLY K 192 53.61 -12.30 91.01
N GLY K 193 54.18 -11.11 90.86
CA GLY K 193 54.60 -10.32 92.01
C GLY K 193 53.60 -9.28 92.45
N LEU K 194 52.34 -9.43 92.05
CA LEU K 194 51.31 -8.47 92.40
C LEU K 194 51.12 -8.44 93.92
N ASP K 195 51.07 -7.24 94.48
CA ASP K 195 50.91 -7.04 95.90
C ASP K 195 49.47 -6.65 96.21
N ALA K 196 49.16 -6.57 97.52
CA ALA K 196 47.82 -6.16 97.93
C ALA K 196 47.51 -4.74 97.46
N ASP K 197 48.47 -3.83 97.60
CA ASP K 197 48.33 -2.48 97.09
C ASP K 197 48.96 -2.30 95.71
N GLY K 198 49.91 -3.17 95.35
CA GLY K 198 50.48 -3.09 94.00
C GLY K 198 49.45 -3.33 92.93
N LEU K 199 48.53 -4.26 93.16
CA LEU K 199 47.44 -4.49 92.22
C LEU K 199 46.55 -3.26 92.11
N THR K 200 46.25 -2.62 93.23
CA THR K 200 45.44 -1.40 93.20
C THR K 200 46.15 -0.28 92.43
N ASN K 201 47.46 -0.13 92.65
CA ASN K 201 48.22 0.88 91.91
C ASN K 201 48.22 0.57 90.41
N LEU K 202 48.39 -0.70 90.04
CA LEU K 202 48.35 -1.07 88.63
C LEU K 202 46.99 -0.79 88.02
N ALA K 203 45.92 -1.12 88.75
CA ALA K 203 44.58 -0.86 88.24
C ALA K 203 44.36 0.63 88.04
N ASP K 204 44.79 1.45 89.00
CA ASP K 204 44.66 2.90 88.86
C ASP K 204 45.45 3.41 87.66
N GLU K 205 46.67 2.90 87.48
CA GLU K 205 47.49 3.35 86.36
C GLU K 205 46.86 2.98 85.02
N LEU K 206 46.34 1.75 84.91
CA LEU K 206 45.67 1.35 83.67
C LEU K 206 44.41 2.17 83.44
N ALA K 207 43.66 2.48 84.51
CA ALA K 207 42.49 3.33 84.34
C ALA K 207 42.88 4.71 83.84
N SER K 208 43.96 5.27 84.38
CA SER K 208 44.42 6.58 83.93
C SER K 208 44.85 6.54 82.47
N VAL K 209 45.61 5.52 82.08
CA VAL K 209 46.09 5.47 80.70
C VAL K 209 44.93 5.22 79.74
N ALA K 210 43.94 4.44 80.15
CA ALA K 210 42.76 4.23 79.33
C ALA K 210 41.98 5.53 79.14
N LYS K 211 41.82 6.30 80.23
CA LYS K 211 41.15 7.59 80.12
C LYS K 211 41.91 8.53 79.19
N LEU K 212 43.23 8.58 79.33
CA LEU K 212 44.03 9.46 78.49
C LEU K 212 43.96 9.06 77.02
N LEU K 213 43.99 7.75 76.75
CA LEU K 213 43.85 7.28 75.37
C LEU K 213 42.47 7.60 74.82
N LEU K 214 41.43 7.48 75.66
CA LEU K 214 40.08 7.79 75.22
C LEU K 214 39.91 9.28 74.92
N SER K 215 40.60 10.14 75.68
CA SER K 215 40.41 11.58 75.53
C SER K 215 40.82 12.05 74.13
N GLU K 216 41.95 11.57 73.62
CA GLU K 216 42.48 12.01 72.35
C GLU K 216 42.34 10.92 71.30
N THR K 217 41.84 11.29 70.12
CA THR K 217 41.60 10.32 69.06
C THR K 217 42.76 10.20 68.08
N ALA K 218 43.66 11.18 68.03
CA ALA K 218 44.79 11.12 67.10
C ALA K 218 45.70 9.95 67.44
N LEU K 219 46.01 9.76 68.72
CA LEU K 219 46.86 8.65 69.12
C LEU K 219 46.22 7.31 68.82
N ASN K 220 44.92 7.18 69.05
CA ASN K 220 44.23 5.93 68.75
C ASN K 220 44.23 5.64 67.27
N LYS K 221 43.98 6.66 66.44
CA LYS K 221 43.98 6.46 64.99
C LYS K 221 45.37 6.09 64.49
N HIS K 222 46.40 6.74 65.03
CA HIS K 222 47.75 6.52 64.53
C HIS K 222 48.39 5.25 65.09
N LEU K 223 47.86 4.71 66.18
CA LEU K 223 48.36 3.45 66.72
C LEU K 223 47.61 2.24 66.20
N ALA K 224 46.55 2.43 65.43
CA ALA K 224 45.75 1.34 64.91
C ALA K 224 46.16 0.90 63.51
N GLU K 225 47.17 1.54 62.93
CA GLU K 225 47.59 1.19 61.58
C GLU K 225 48.28 -0.18 61.60
N PRO K 226 47.86 -1.12 60.74
CA PRO K 226 48.43 -2.47 60.76
C PRO K 226 49.81 -2.50 60.13
N THR K 227 50.84 -2.65 60.99
CA THR K 227 52.22 -2.72 60.53
C THR K 227 52.95 -3.79 61.32
N ASP K 228 53.92 -4.43 60.67
CA ASP K 228 54.76 -5.40 61.37
C ASP K 228 55.72 -4.72 62.32
N ASP K 229 56.21 -3.54 61.95
CA ASP K 229 57.15 -2.81 62.79
C ASP K 229 56.50 -2.34 64.08
N SER K 230 57.30 -2.30 65.15
CA SER K 230 56.84 -1.81 66.44
C SER K 230 57.83 -0.85 67.08
N ALA K 231 59.02 -0.67 66.51
CA ALA K 231 60.01 0.24 67.09
C ALA K 231 59.52 1.69 67.13
N PRO K 232 58.94 2.27 66.07
CA PRO K 232 58.44 3.64 66.20
C PRO K 232 57.38 3.78 67.29
N LYS K 233 56.50 2.79 67.43
CA LYS K 233 55.43 2.89 68.43
C LYS K 233 55.99 2.81 69.85
N VAL K 234 56.93 1.89 70.09
CA VAL K 234 57.50 1.79 71.43
C VAL K 234 58.33 3.03 71.74
N ARG K 235 59.01 3.58 70.73
CA ARG K 235 59.72 4.84 70.93
C ARG K 235 58.76 5.96 71.30
N LEU K 236 57.62 6.05 70.61
CA LEU K 236 56.65 7.10 70.90
C LEU K 236 56.08 6.95 72.31
N LEU K 237 55.75 5.72 72.72
CA LEU K 237 55.21 5.54 74.06
C LEU K 237 56.26 5.80 75.13
N GLU K 238 57.53 5.47 74.85
CA GLU K 238 58.60 5.79 75.79
C GLU K 238 58.77 7.30 75.92
N ARG K 239 58.62 8.03 74.83
CA ARG K 239 58.79 9.48 74.87
C ARG K 239 57.60 10.18 75.51
N LEU K 240 56.44 9.54 75.58
CA LEU K 240 55.20 10.18 76.04
C LEU K 240 54.89 9.72 77.46
N LEU K 241 55.47 10.42 78.44
CA LEU K 241 55.15 10.25 79.85
C LEU K 241 55.30 8.79 80.30
N SER K 242 56.47 8.23 80.00
CA SER K 242 56.75 6.86 80.38
C SER K 242 57.10 6.70 81.86
N ASP K 243 57.39 7.79 82.56
CA ASP K 243 57.73 7.75 83.98
C ASP K 243 56.52 7.89 84.89
N LYS K 244 55.32 8.01 84.32
CA LYS K 244 54.09 8.11 85.10
C LYS K 244 53.55 6.74 85.52
N VAL K 245 54.20 5.66 85.09
CA VAL K 245 53.68 4.30 85.30
C VAL K 245 54.82 3.41 85.77
N SER K 246 54.45 2.31 86.42
CA SER K 246 55.41 1.35 86.94
C SER K 246 55.97 0.50 85.80
N ALA K 247 56.90 -0.39 86.14
CA ALA K 247 57.57 -1.20 85.13
C ALA K 247 56.65 -2.28 84.56
N THR K 248 55.92 -2.97 85.43
CA THR K 248 55.09 -4.09 84.98
C THR K 248 53.99 -3.62 84.05
N THR K 249 53.30 -2.54 84.42
CA THR K 249 52.23 -2.02 83.57
C THR K 249 52.80 -1.47 82.27
N LEU K 250 53.99 -0.87 82.31
CA LEU K 250 54.63 -0.39 81.09
C LEU K 250 54.93 -1.54 80.15
N ASP K 251 55.46 -2.64 80.69
CA ASP K 251 55.71 -3.82 79.85
C ASP K 251 54.41 -4.37 79.29
N LEU K 252 53.35 -4.39 80.10
CA LEU K 252 52.06 -4.90 79.63
C LEU K 252 51.52 -4.06 78.47
N LEU K 253 51.58 -2.73 78.61
CA LEU K 253 51.05 -1.87 77.55
C LEU K 253 51.93 -1.93 76.30
N ARG K 254 53.25 -2.05 76.49
CA ARG K 254 54.15 -2.17 75.34
C ARG K 254 53.87 -3.48 74.60
N THR K 255 53.64 -4.57 75.33
CA THR K 255 53.26 -5.82 74.69
C THR K 255 51.93 -5.69 73.97
N ALA K 256 50.97 -5.00 74.57
CA ALA K 256 49.66 -4.83 73.96
C ALA K 256 49.76 -4.06 72.64
N VAL K 257 50.55 -2.98 72.63
CA VAL K 257 50.69 -2.21 71.40
C VAL K 257 51.55 -2.95 70.39
N SER K 258 52.43 -3.84 70.84
CA SER K 258 53.25 -4.60 69.91
C SER K 258 52.41 -5.50 69.01
N ASN K 259 51.40 -6.14 69.57
CA ASN K 259 50.58 -7.08 68.81
C ASN K 259 49.71 -6.35 67.80
N ARG K 260 49.39 -7.05 66.71
CA ARG K 260 48.55 -6.51 65.67
C ARG K 260 47.08 -6.53 66.11
N TRP K 261 46.36 -5.48 65.74
CA TRP K 261 44.95 -5.35 66.08
C TRP K 261 44.14 -4.98 64.84
N SER K 262 42.99 -5.64 64.68
CA SER K 262 42.15 -5.38 63.52
C SER K 262 41.51 -4.00 63.59
N THR K 263 41.05 -3.58 64.77
CA THR K 263 40.31 -2.34 64.91
C THR K 263 40.79 -1.58 66.14
N GLU K 264 40.73 -0.25 66.05
CA GLU K 264 41.11 0.58 67.18
C GLU K 264 40.18 0.39 68.37
N SER K 265 38.90 0.08 68.11
CA SER K 265 37.97 -0.18 69.20
C SER K 265 38.40 -1.39 70.01
N ASN K 266 38.89 -2.44 69.33
CA ASN K 266 39.39 -3.61 70.04
C ASN K 266 40.58 -3.25 70.92
N LEU K 267 41.49 -2.43 70.39
CA LEU K 267 42.65 -2.00 71.19
C LEU K 267 42.21 -1.21 72.41
N ILE K 268 41.22 -0.32 72.24
CA ILE K 268 40.74 0.47 73.37
C ILE K 268 40.10 -0.43 74.42
N ASP K 269 39.30 -1.40 73.97
CA ASP K 269 38.59 -2.25 74.92
C ASP K 269 39.52 -3.25 75.59
N ALA K 270 40.64 -3.60 74.95
CA ALA K 270 41.54 -4.59 75.52
C ALA K 270 42.14 -4.12 76.84
N VAL K 271 42.54 -2.85 76.91
CA VAL K 271 43.12 -2.32 78.13
C VAL K 271 42.10 -2.32 79.27
N GLU K 272 40.86 -1.92 78.97
CA GLU K 272 39.81 -1.94 79.98
C GLU K 272 39.55 -3.35 80.46
N HIS K 273 39.52 -4.32 79.53
CA HIS K 273 39.33 -5.71 79.93
C HIS K 273 40.46 -6.20 80.81
N THR K 274 41.70 -5.83 80.46
CA THR K 274 42.84 -6.23 81.28
C THR K 274 42.76 -5.65 82.68
N ALA K 275 42.39 -4.38 82.79
CA ALA K 275 42.23 -3.76 84.10
C ALA K 275 41.14 -4.44 84.91
N ARG K 276 40.01 -4.76 84.26
CA ARG K 276 38.91 -5.40 84.97
C ARG K 276 39.30 -6.79 85.47
N LEU K 277 39.99 -7.57 84.64
CA LEU K 277 40.39 -8.90 85.09
C LEU K 277 41.47 -8.82 86.15
N ALA K 278 42.35 -7.81 86.09
CA ALA K 278 43.33 -7.62 87.16
C ALA K 278 42.64 -7.30 88.47
N LEU K 279 41.62 -6.43 88.44
CA LEU K 279 40.87 -6.12 89.65
C LEU K 279 40.17 -7.35 90.20
N LEU K 280 39.58 -8.16 89.31
CA LEU K 280 38.91 -9.38 89.75
C LEU K 280 39.90 -10.35 90.39
N LYS K 281 41.07 -10.52 89.78
CA LYS K 281 42.07 -11.41 90.34
C LYS K 281 42.56 -10.92 91.70
N ARG K 282 42.77 -9.61 91.82
CA ARG K 282 43.21 -9.05 93.10
C ARG K 282 42.15 -9.25 94.18
N ALA K 283 40.88 -9.06 93.83
CA ALA K 283 39.81 -9.31 94.78
C ALA K 283 39.74 -10.78 95.16
N GLU K 284 40.01 -11.67 94.21
CA GLU K 284 39.98 -13.10 94.48
C GLU K 284 41.03 -13.50 95.52
N ILE K 285 42.24 -12.96 95.38
CA ILE K 285 43.32 -13.28 96.31
C ILE K 285 43.04 -12.69 97.68
N GLU K 288 35.34 -16.07 99.71
CA GLU K 288 34.70 -14.76 99.61
C GLU K 288 34.26 -14.48 98.17
N VAL K 289 34.77 -15.30 97.24
CA VAL K 289 34.42 -15.12 95.83
C VAL K 289 32.94 -15.34 95.61
N ASP K 290 32.38 -16.39 96.21
CA ASP K 290 30.96 -16.67 96.03
C ASP K 290 30.09 -15.56 96.63
N GLU K 291 30.46 -15.08 97.82
CA GLU K 291 29.70 -14.00 98.44
C GLU K 291 29.79 -12.73 97.62
N VAL K 292 30.97 -12.40 97.11
CA VAL K 292 31.13 -11.22 96.26
C VAL K 292 30.29 -11.34 95.01
N GLU K 293 30.30 -12.52 94.38
CA GLU K 293 29.50 -12.72 93.18
C GLU K 293 28.01 -12.59 93.47
N GLU K 294 27.55 -13.18 94.56
CA GLU K 294 26.13 -13.09 94.90
C GLU K 294 25.73 -11.65 95.18
N GLN K 295 26.57 -10.91 95.91
CA GLN K 295 26.28 -9.51 96.17
C GLN K 295 26.21 -8.71 94.87
N LEU K 296 27.16 -8.96 93.96
CA LEU K 296 27.15 -8.24 92.69
C LEU K 296 25.91 -8.55 91.87
N PHE K 297 25.53 -9.83 91.80
CA PHE K 297 24.34 -10.22 91.06
C PHE K 297 23.09 -9.57 91.63
N ARG K 298 22.94 -9.62 92.95
CA ARG K 298 21.76 -9.03 93.58
C ARG K 298 21.73 -7.52 93.39
N PHE K 299 22.89 -6.87 93.51
CA PHE K 299 22.94 -5.42 93.33
C PHE K 299 22.56 -5.04 91.90
N GLY K 300 23.11 -5.76 90.92
CA GLY K 300 22.78 -5.45 89.54
C GLY K 300 21.31 -5.66 89.23
N ARG K 301 20.75 -6.79 89.71
CA ARG K 301 19.34 -7.05 89.46
C ARG K 301 18.45 -6.01 90.13
N VAL K 302 18.77 -5.63 91.37
CA VAL K 302 17.92 -4.69 92.09
C VAL K 302 18.03 -3.29 91.50
N LEU K 303 19.20 -2.91 90.99
CA LEU K 303 19.30 -1.60 90.36
C LEU K 303 18.61 -1.59 89.00
N ASP K 304 18.72 -2.67 88.24
CA ASP K 304 18.06 -2.74 86.95
C ASP K 304 16.54 -2.87 87.09
N ALA K 305 16.06 -3.38 88.23
CA ALA K 305 14.63 -3.50 88.43
C ALA K 305 13.95 -2.13 88.42
N GLU K 306 14.55 -1.15 89.07
CA GLU K 306 13.99 0.20 89.08
C GLU K 306 14.21 0.85 87.72
N PRO K 307 13.16 1.30 87.04
CA PRO K 307 13.35 1.90 85.72
C PRO K 307 13.73 3.37 85.74
N ARG K 308 13.45 4.09 86.83
CA ARG K 308 13.76 5.51 86.89
C ARG K 308 15.28 5.74 86.81
N LEU K 309 16.04 5.00 87.62
CA LEU K 309 17.49 5.14 87.58
C LEU K 309 18.04 4.71 86.22
N SER K 310 17.44 3.68 85.62
CA SER K 310 17.85 3.25 84.29
C SER K 310 17.64 4.38 83.28
N ALA K 311 16.52 5.09 83.38
CA ALA K 311 16.32 6.28 82.57
C ALA K 311 17.37 7.34 82.87
N LEU K 312 17.84 7.39 84.11
CA LEU K 312 18.92 8.31 84.47
C LEU K 312 20.31 7.76 84.23
N LEU K 313 20.43 6.48 83.87
CA LEU K 313 21.76 5.92 83.59
C LEU K 313 22.38 6.47 82.32
N SER K 314 21.62 7.15 81.48
CA SER K 314 22.17 7.69 80.24
C SER K 314 23.21 8.75 80.56
N ASP K 315 24.43 8.56 80.06
CA ASP K 315 25.56 9.45 80.35
C ASP K 315 26.28 9.76 79.06
N TYR K 316 26.09 10.99 78.56
CA TYR K 316 26.82 11.46 77.39
C TYR K 316 26.90 12.98 77.47
N THR K 317 28.10 13.52 77.26
CA THR K 317 28.43 14.93 77.48
C THR K 317 28.22 15.36 78.93
N THR K 318 27.92 14.41 79.82
CA THR K 318 27.79 14.70 81.23
C THR K 318 29.16 14.96 81.85
N PRO K 319 29.22 15.61 83.01
CA PRO K 319 30.50 15.75 83.70
C PRO K 319 31.12 14.38 83.95
N ALA K 320 32.42 14.29 83.72
CA ALA K 320 33.09 12.99 83.77
C ALA K 320 33.01 12.37 85.15
N GLU K 321 33.24 13.17 86.19
CA GLU K 321 33.28 12.66 87.56
C GLU K 321 32.01 12.94 88.35
N GLY K 322 31.29 14.02 88.01
CA GLY K 322 30.09 14.34 88.77
C GLY K 322 29.07 13.22 88.75
N ARG K 323 28.84 12.64 87.56
CA ARG K 323 27.90 11.52 87.46
C ARG K 323 28.36 10.34 88.30
N VAL K 324 29.67 10.09 88.35
CA VAL K 324 30.19 9.00 89.16
C VAL K 324 29.89 9.24 90.64
N ALA K 325 30.11 10.48 91.10
CA ALA K 325 29.83 10.80 92.49
C ALA K 325 28.34 10.65 92.80
N LEU K 326 27.48 11.12 91.90
CA LEU K 326 26.05 10.98 92.14
C LEU K 326 25.63 9.52 92.18
N LEU K 327 26.20 8.70 91.29
CA LEU K 327 25.82 7.29 91.23
C LEU K 327 26.30 6.55 92.48
N ASP K 328 27.51 6.85 92.94
CA ASP K 328 27.99 6.17 94.14
C ASP K 328 27.30 6.70 95.41
N LYS K 329 26.79 7.93 95.36
CA LYS K 329 26.00 8.43 96.48
C LYS K 329 24.61 7.81 96.51
N ALA K 330 24.01 7.60 95.34
CA ALA K 330 22.67 7.03 95.28
C ALA K 330 22.64 5.59 95.75
N LEU K 331 23.78 4.91 95.75
CA LEU K 331 23.85 3.53 96.23
C LEU K 331 24.31 3.48 97.67
N VAL K 337 28.35 -3.22 101.82
CA VAL K 337 28.68 -3.40 100.42
C VAL K 337 30.17 -3.73 100.28
N ASN K 338 30.48 -4.65 99.36
CA ASN K 338 31.87 -5.03 99.12
C ASN K 338 32.64 -3.86 98.53
N GLN K 339 33.86 -3.65 99.04
CA GLN K 339 34.68 -2.56 98.52
C GLN K 339 35.15 -2.83 97.10
N THR K 340 35.52 -4.08 96.80
CA THR K 340 35.95 -4.42 95.45
C THR K 340 34.82 -4.26 94.44
N ALA K 341 33.61 -4.68 94.80
CA ALA K 341 32.47 -4.50 93.92
C ALA K 341 32.17 -3.02 93.70
N ALA K 342 32.28 -2.21 94.77
CA ALA K 342 32.07 -0.77 94.63
C ALA K 342 33.12 -0.15 93.70
N ALA K 343 34.38 -0.56 93.85
CA ALA K 343 35.42 -0.05 92.97
C ALA K 343 35.17 -0.46 91.53
N LEU K 344 34.74 -1.70 91.31
CA LEU K 344 34.48 -2.17 89.95
C LEU K 344 33.33 -1.39 89.32
N LEU K 345 32.26 -1.17 90.08
CA LEU K 345 31.13 -0.43 89.52
C LEU K 345 31.50 1.02 89.25
N SER K 346 32.31 1.62 90.13
CA SER K 346 32.77 2.98 89.88
C SER K 346 33.63 3.04 88.62
N GLN K 347 34.51 2.07 88.44
CA GLN K 347 35.33 2.02 87.24
C GLN K 347 34.48 1.89 85.99
N THR K 348 33.47 1.00 86.03
CA THR K 348 32.62 0.81 84.87
C THR K 348 31.80 2.06 84.57
N VAL K 349 31.36 2.76 85.62
CA VAL K 349 30.64 4.02 85.42
C VAL K 349 31.56 5.05 84.77
N GLY K 350 32.81 5.11 85.22
CA GLY K 350 33.74 6.08 84.66
C GLY K 350 34.08 5.84 83.21
N LEU K 351 34.19 4.58 82.81
CA LEU K 351 34.70 4.22 81.48
C LEU K 351 33.60 3.95 80.45
N LEU K 352 32.33 4.11 80.82
CA LEU K 352 31.27 3.88 79.85
C LEU K 352 31.23 5.01 78.84
N ARG K 353 30.70 4.71 77.65
CA ARG K 353 30.57 5.71 76.59
C ARG K 353 29.31 5.37 75.78
N GLY K 354 28.18 5.94 76.18
CA GLY K 354 26.94 5.77 75.45
C GLY K 354 26.51 4.33 75.25
N GLU K 355 26.62 3.51 76.29
CA GLU K 355 26.27 2.10 76.20
C GLU K 355 25.33 1.72 77.34
N ARG K 356 24.61 0.62 77.15
CA ARG K 356 23.61 0.19 78.11
C ARG K 356 24.28 -0.27 79.39
N ALA K 357 23.96 0.39 80.51
CA ALA K 357 24.55 0.04 81.78
C ALA K 357 24.03 -1.29 82.31
N ASP K 358 22.76 -1.60 82.04
CA ASP K 358 22.22 -2.90 82.45
C ASP K 358 22.94 -4.03 81.73
N GLU K 359 23.12 -3.90 80.42
CA GLU K 359 23.89 -4.89 79.67
C GLU K 359 25.33 -4.93 80.15
N ALA K 360 25.89 -3.77 80.50
CA ALA K 360 27.26 -3.73 80.99
C ALA K 360 27.41 -4.53 82.29
N VAL K 361 26.52 -4.30 83.25
CA VAL K 361 26.62 -5.01 84.52
C VAL K 361 26.31 -6.49 84.35
N ILE K 362 25.39 -6.84 83.44
CA ILE K 362 25.12 -8.25 83.18
C ILE K 362 26.36 -8.92 82.60
N ASP K 363 27.04 -8.25 81.67
CA ASP K 363 28.27 -8.80 81.11
C ASP K 363 29.35 -8.91 82.16
N LEU K 364 29.42 -7.95 83.08
CA LEU K 364 30.38 -8.03 84.17
C LEU K 364 30.10 -9.25 85.04
N ALA K 365 28.83 -9.49 85.35
CA ALA K 365 28.46 -10.66 86.14
C ALA K 365 28.81 -11.94 85.39
N GLU K 366 28.54 -11.98 84.09
CA GLU K 366 28.85 -13.17 83.29
C GLU K 366 30.35 -13.43 83.27
N LEU K 367 31.16 -12.38 83.11
CA LEU K 367 32.61 -12.54 83.13
C LEU K 367 33.09 -13.02 84.49
N ALA K 368 32.52 -12.46 85.57
CA ALA K 368 32.92 -12.86 86.90
C ALA K 368 32.62 -14.33 87.16
N VAL K 369 31.44 -14.79 86.72
CA VAL K 369 31.12 -16.20 86.93
C VAL K 369 31.90 -17.08 85.97
N SER K 370 32.32 -16.54 84.82
CA SER K 370 33.11 -17.30 83.86
C SER K 370 34.57 -17.43 84.30
N ARG K 371 35.04 -16.54 85.17
CA ARG K 371 36.40 -16.68 85.69
C ARG K 371 36.55 -18.00 86.44
N ARG K 372 35.55 -18.38 87.22
CA ARG K 372 35.52 -19.70 87.83
C ARG K 372 34.99 -20.72 86.82
N GLY K 373 35.05 -21.99 87.20
CA GLY K 373 34.59 -23.07 86.34
C GLY K 373 33.09 -23.27 86.29
N GLU K 374 32.32 -22.51 87.07
CA GLU K 374 30.88 -22.65 87.09
C GLU K 374 30.25 -21.94 85.89
N VAL K 375 29.01 -22.32 85.59
CA VAL K 375 28.25 -21.77 84.49
C VAL K 375 26.91 -21.28 85.02
N VAL K 376 26.53 -20.05 84.66
CA VAL K 376 25.26 -19.50 85.11
C VAL K 376 24.12 -20.16 84.35
N ALA K 377 22.96 -20.23 85.00
CA ALA K 377 21.77 -20.79 84.38
C ALA K 377 20.55 -20.19 85.05
N HIS K 378 19.70 -19.53 84.27
CA HIS K 378 18.53 -18.86 84.82
C HIS K 378 17.46 -19.90 85.16
N VAL K 379 16.99 -19.88 86.41
CA VAL K 379 15.96 -20.81 86.85
C VAL K 379 14.78 -20.00 87.34
N SER K 380 13.61 -20.22 86.73
CA SER K 380 12.39 -19.52 87.08
C SER K 380 11.43 -20.46 87.78
N ALA K 381 10.93 -20.03 88.93
CA ALA K 381 10.02 -20.81 89.75
C ALA K 381 8.94 -19.90 90.32
N ALA K 382 7.83 -20.53 90.72
CA ALA K 382 6.74 -19.77 91.34
C ALA K 382 6.94 -19.59 92.83
N ALA K 383 7.86 -20.33 93.44
CA ALA K 383 8.10 -20.23 94.87
C ALA K 383 9.52 -20.70 95.17
N GLU K 384 9.99 -20.36 96.36
CA GLU K 384 11.33 -20.75 96.79
C GLU K 384 11.39 -22.24 97.08
N LEU K 385 12.40 -22.91 96.52
CA LEU K 385 12.55 -24.34 96.71
C LEU K 385 13.25 -24.63 98.03
N SER K 386 13.19 -25.90 98.44
CA SER K 386 13.85 -26.32 99.67
C SER K 386 15.36 -26.34 99.48
N ASP K 387 16.07 -26.11 100.58
CA ASP K 387 17.53 -26.09 100.54
C ASP K 387 18.08 -27.46 100.13
N ALA K 388 17.55 -28.53 100.73
CA ALA K 388 17.95 -29.87 100.33
C ALA K 388 17.55 -30.14 98.88
N GLN K 389 16.36 -29.70 98.49
CA GLN K 389 15.94 -29.84 97.09
C GLN K 389 16.82 -29.01 96.18
N ARG K 390 17.24 -27.83 96.63
CA ARG K 390 18.14 -27.00 95.83
C ARG K 390 19.48 -27.70 95.62
N THR K 391 20.03 -28.31 96.67
CA THR K 391 21.28 -29.05 96.53
C THR K 391 21.10 -30.25 95.61
N ARG K 392 19.97 -30.94 95.71
CA ARG K 392 19.70 -32.06 94.81
C ARG K 392 19.62 -31.58 93.36
N LEU K 393 19.00 -30.42 93.12
CA LEU K 393 18.95 -29.86 91.78
C LEU K 393 20.35 -29.55 91.26
N THR K 394 21.19 -28.94 92.10
CA THR K 394 22.56 -28.66 91.69
C THR K 394 23.31 -29.95 91.38
N GLU K 395 23.07 -30.99 92.18
CA GLU K 395 23.70 -32.28 91.92
C GLU K 395 23.24 -32.87 90.59
N VAL K 396 21.96 -32.73 90.27
CA VAL K 396 21.45 -33.22 88.99
C VAL K 396 22.08 -32.46 87.83
N LEU K 397 22.19 -31.14 87.97
CA LEU K 397 22.85 -30.35 86.93
C LEU K 397 24.31 -30.76 86.77
N SER K 398 25.01 -31.01 87.87
CA SER K 398 26.38 -31.48 87.78
C SER K 398 26.46 -32.88 87.18
N ARG K 399 25.40 -33.68 87.34
CA ARG K 399 25.37 -35.00 86.72
C ARG K 399 25.22 -34.90 85.21
N ILE K 400 24.27 -34.09 84.74
CA ILE K 400 24.04 -34.00 83.30
C ILE K 400 25.18 -33.27 82.62
N TYR K 401 25.68 -32.20 83.23
CA TYR K 401 26.81 -31.45 82.71
C TYR K 401 27.97 -31.56 83.68
N GLY K 402 29.12 -32.01 83.17
CA GLY K 402 30.28 -32.21 84.03
C GLY K 402 30.73 -30.94 84.73
N ARG K 403 30.64 -29.81 84.04
CA ARG K 403 31.03 -28.55 84.64
C ARG K 403 30.07 -28.16 85.77
N PRO K 404 30.57 -27.46 86.79
CA PRO K 404 29.67 -26.94 87.82
C PRO K 404 28.73 -25.90 87.24
N VAL K 405 27.54 -25.81 87.84
CA VAL K 405 26.48 -24.93 87.37
C VAL K 405 26.09 -23.98 88.49
N SER K 406 26.05 -22.69 88.19
CA SER K 406 25.56 -21.70 89.13
C SER K 406 24.03 -21.63 89.05
N VAL K 407 23.44 -20.96 90.04
CA VAL K 407 21.99 -20.84 90.14
C VAL K 407 21.63 -19.37 90.30
N GLN K 408 20.69 -18.90 89.47
CA GLN K 408 20.11 -17.57 89.61
C GLN K 408 18.60 -17.74 89.49
N LEU K 409 17.89 -17.52 90.59
CA LEU K 409 16.48 -17.86 90.68
C LEU K 409 15.62 -16.61 90.49
N HIS K 410 14.55 -16.75 89.72
CA HIS K 410 13.60 -15.68 89.44
C HIS K 410 12.20 -16.17 89.81
N VAL K 411 11.47 -15.36 90.57
CA VAL K 411 10.14 -15.74 91.03
C VAL K 411 9.14 -15.41 89.94
N ASP K 412 8.37 -16.42 89.53
CA ASP K 412 7.39 -16.28 88.46
C ASP K 412 6.00 -16.61 88.97
N PRO K 413 5.17 -15.62 89.32
CA PRO K 413 3.81 -15.93 89.78
C PRO K 413 2.84 -16.25 88.66
N GLU K 414 3.17 -15.91 87.41
CA GLU K 414 2.26 -16.19 86.30
C GLU K 414 2.04 -17.69 86.13
N LEU K 415 3.12 -18.47 86.21
CA LEU K 415 3.00 -19.92 86.06
C LEU K 415 2.22 -20.50 87.22
N LEU K 416 1.46 -21.56 86.93
CA LEU K 416 0.69 -22.24 87.97
C LEU K 416 1.51 -23.23 88.76
N GLY K 417 2.78 -23.41 88.41
CA GLY K 417 3.64 -24.35 89.11
C GLY K 417 4.80 -24.74 88.23
N GLY K 418 5.39 -25.88 88.57
CA GLY K 418 6.48 -26.39 87.77
C GLY K 418 7.77 -25.61 87.98
N LEU K 419 8.64 -25.70 86.98
CA LEU K 419 9.97 -25.11 87.05
C LEU K 419 10.52 -24.96 85.64
N SER K 420 11.27 -23.89 85.40
CA SER K 420 11.92 -23.72 84.12
C SER K 420 13.41 -23.42 84.32
N ILE K 421 14.24 -24.05 83.51
CA ILE K 421 15.69 -23.87 83.57
C ILE K 421 16.21 -23.52 82.19
N THR K 422 17.21 -22.64 82.15
CA THR K 422 17.85 -22.25 80.91
C THR K 422 19.35 -22.16 81.17
N VAL K 423 20.11 -23.03 80.51
CA VAL K 423 21.57 -23.05 80.63
C VAL K 423 22.22 -22.36 79.44
N GLY K 424 21.46 -21.61 78.65
CA GLY K 424 21.98 -20.99 77.45
C GLY K 424 21.00 -21.11 76.29
N ASP K 425 21.46 -21.66 75.17
CA ASP K 425 20.57 -21.84 74.03
C ASP K 425 19.50 -22.89 74.32
N GLU K 426 19.86 -23.96 75.03
CA GLU K 426 18.89 -24.97 75.41
C GLU K 426 17.99 -24.46 76.53
N VAL K 427 16.86 -25.15 76.70
CA VAL K 427 15.88 -24.78 77.72
C VAL K 427 15.08 -26.02 78.09
N ILE K 428 14.66 -26.09 79.35
CA ILE K 428 13.75 -27.13 79.83
C ILE K 428 12.68 -26.45 80.65
N ASP K 429 11.43 -26.84 80.43
CA ASP K 429 10.32 -26.22 81.14
C ASP K 429 9.25 -27.25 81.46
N GLY K 430 8.80 -27.23 82.72
CA GLY K 430 7.58 -27.91 83.09
C GLY K 430 6.63 -26.90 83.69
N SER K 431 5.57 -26.56 82.96
CA SER K 431 4.65 -25.51 83.37
C SER K 431 3.23 -25.96 83.12
N ILE K 432 2.36 -25.68 84.08
CA ILE K 432 0.94 -26.04 83.93
C ILE K 432 0.33 -25.28 82.77
N ALA K 433 0.62 -23.97 82.67
CA ALA K 433 0.03 -23.16 81.60
C ALA K 433 0.49 -23.66 80.22
N SER K 434 1.79 -23.92 80.07
CA SER K 434 2.30 -24.40 78.79
C SER K 434 1.69 -25.74 78.42
N ARG K 435 1.62 -26.66 79.38
CA ARG K 435 1.09 -27.98 79.09
C ARG K 435 -0.39 -27.92 78.74
N LEU K 436 -1.17 -27.09 79.45
CA LEU K 436 -2.59 -26.98 79.13
C LEU K 436 -2.79 -26.32 77.77
N ALA K 437 -1.96 -25.33 77.44
CA ALA K 437 -2.04 -24.71 76.12
C ALA K 437 -1.74 -25.74 75.03
N ALA K 438 -0.73 -26.58 75.24
CA ALA K 438 -0.44 -27.64 74.28
C ALA K 438 -1.59 -28.62 74.16
N ALA K 439 -2.23 -28.95 75.29
CA ALA K 439 -3.35 -29.88 75.26
C ALA K 439 -4.52 -29.31 74.48
N GLN K 440 -4.88 -28.04 74.74
CA GLN K 440 -6.04 -27.46 74.10
C GLN K 440 -5.79 -27.16 72.62
N THR K 441 -4.56 -26.80 72.26
CA THR K 441 -4.28 -26.44 70.88
C THR K 441 -4.36 -27.65 69.94
N GLY K 442 -4.23 -28.87 70.48
CA GLY K 442 -4.35 -30.08 69.70
C GLY K 442 -5.66 -30.82 69.84
N LEU K 443 -6.69 -30.20 70.40
CA LEU K 443 -7.95 -30.91 70.62
C LEU K 443 -8.60 -31.40 69.33
N PRO K 444 -8.71 -30.60 68.25
CA PRO K 444 -9.36 -31.16 67.05
C PRO K 444 -8.54 -32.28 66.41
N PRO L 5 -48.07 -8.26 -125.65
CA PRO L 5 -48.65 -7.49 -124.55
C PRO L 5 -48.09 -7.88 -123.18
N ASN L 6 -46.84 -8.36 -123.17
CA ASN L 6 -46.20 -8.80 -121.94
C ASN L 6 -44.90 -8.07 -121.62
N ALA L 7 -44.36 -7.27 -122.53
CA ALA L 7 -43.12 -6.57 -122.26
C ALA L 7 -43.26 -5.60 -121.09
N ILE L 8 -44.38 -4.88 -121.04
CA ILE L 8 -44.61 -3.95 -119.94
C ILE L 8 -44.79 -4.72 -118.62
N ILE L 9 -45.45 -5.88 -118.68
CA ILE L 9 -45.61 -6.70 -117.49
C ILE L 9 -44.25 -7.17 -116.98
N THR L 10 -43.39 -7.62 -117.91
CA THR L 10 -42.05 -8.05 -117.51
C THR L 10 -41.24 -6.90 -116.92
N ALA L 11 -41.36 -5.71 -117.52
CA ALA L 11 -40.65 -4.55 -116.98
C ALA L 11 -41.13 -4.21 -115.57
N GLY L 12 -42.45 -4.25 -115.34
CA GLY L 12 -42.97 -3.99 -114.01
C GLY L 12 -42.51 -5.04 -113.00
N ALA L 13 -42.45 -6.30 -113.43
CA ALA L 13 -41.93 -7.35 -112.55
C ALA L 13 -40.47 -7.10 -112.20
N LEU L 14 -39.69 -6.65 -113.19
CA LEU L 14 -38.28 -6.34 -112.93
C LEU L 14 -38.15 -5.19 -111.94
N ILE L 15 -38.98 -4.16 -112.07
CA ILE L 15 -38.93 -3.05 -111.14
C ILE L 15 -39.28 -3.52 -109.73
N GLY L 16 -40.32 -4.35 -109.62
CA GLY L 16 -40.70 -4.88 -108.32
C GLY L 16 -39.58 -5.69 -107.69
N GLY L 17 -38.90 -6.51 -108.51
CA GLY L 17 -37.76 -7.27 -107.98
C GLY L 17 -36.63 -6.38 -107.52
N GLY L 18 -36.32 -5.35 -108.30
CA GLY L 18 -35.30 -4.40 -107.89
C GLY L 18 -35.62 -3.77 -106.55
N LEU L 19 -36.86 -3.34 -106.38
CA LEU L 19 -37.20 -2.64 -105.14
C LEU L 19 -37.31 -3.60 -103.96
N ILE L 20 -37.77 -4.83 -104.18
CA ILE L 20 -37.83 -5.78 -103.07
C ILE L 20 -36.43 -6.12 -102.59
N MET L 21 -35.48 -6.32 -103.51
CA MET L 21 -34.12 -6.59 -103.07
C MET L 21 -33.48 -5.37 -102.43
N GLY L 22 -33.81 -4.17 -102.91
CA GLY L 22 -33.34 -2.97 -102.22
C GLY L 22 -33.81 -2.91 -100.78
N GLY L 23 -35.11 -3.15 -100.55
CA GLY L 23 -35.63 -3.11 -99.20
C GLY L 23 -35.06 -4.19 -98.32
N GLY L 24 -34.92 -5.41 -98.85
CA GLY L 24 -34.30 -6.47 -98.08
C GLY L 24 -32.86 -6.16 -97.71
N ALA L 25 -32.12 -5.56 -98.65
CA ALA L 25 -30.75 -5.15 -98.35
C ALA L 25 -30.71 -4.11 -97.24
N ILE L 26 -31.63 -3.14 -97.27
CA ILE L 26 -31.68 -2.13 -96.22
C ILE L 26 -31.91 -2.82 -94.87
N GLY L 27 -32.93 -3.67 -94.80
CA GLY L 27 -33.27 -4.30 -93.54
C GLY L 27 -32.13 -5.12 -92.99
N ALA L 28 -31.54 -5.97 -93.84
CA ALA L 28 -30.43 -6.80 -93.39
C ALA L 28 -29.24 -5.96 -92.96
N GLY L 29 -28.92 -4.91 -93.72
CA GLY L 29 -27.75 -4.11 -93.39
C GLY L 29 -27.87 -3.43 -92.03
N ILE L 30 -28.96 -2.69 -91.81
CA ILE L 30 -29.06 -2.00 -90.53
C ILE L 30 -29.28 -2.98 -89.38
N GLY L 31 -30.03 -4.07 -89.60
CA GLY L 31 -30.19 -5.06 -88.55
C GLY L 31 -28.87 -5.66 -88.12
N ASP L 32 -28.05 -6.07 -89.09
CA ASP L 32 -26.75 -6.62 -88.77
C ASP L 32 -25.86 -5.60 -88.09
N GLY L 33 -25.90 -4.34 -88.56
CA GLY L 33 -25.07 -3.31 -87.95
C GLY L 33 -25.41 -3.09 -86.50
N ILE L 34 -26.70 -2.96 -86.19
CA ILE L 34 -27.09 -2.69 -84.81
C ILE L 34 -26.84 -3.91 -83.92
N ALA L 35 -27.05 -5.13 -84.44
CA ALA L 35 -26.73 -6.32 -83.67
C ALA L 35 -25.23 -6.39 -83.36
N GLY L 36 -24.39 -6.08 -84.35
CA GLY L 36 -22.96 -6.05 -84.13
C GLY L 36 -22.56 -5.01 -83.10
N ASN L 37 -23.19 -3.83 -83.15
CA ASN L 37 -22.93 -2.82 -82.14
C ASN L 37 -23.26 -3.34 -80.76
N ALA L 38 -24.43 -3.97 -80.62
CA ALA L 38 -24.85 -4.48 -79.32
C ALA L 38 -23.85 -5.51 -78.79
N LEU L 39 -23.46 -6.47 -79.64
CA LEU L 39 -22.57 -7.52 -79.17
C LEU L 39 -21.18 -6.98 -78.83
N ILE L 40 -20.64 -6.09 -79.67
CA ILE L 40 -19.30 -5.57 -79.41
C ILE L 40 -19.28 -4.60 -78.23
N SER L 41 -20.40 -3.93 -77.94
CA SER L 41 -20.46 -3.09 -76.75
C SER L 41 -20.63 -3.93 -75.49
N GLY L 42 -21.36 -5.04 -75.58
CA GLY L 42 -21.54 -5.89 -74.41
C GLY L 42 -20.33 -6.74 -74.06
N ILE L 43 -19.57 -7.19 -75.05
CA ILE L 43 -18.42 -8.05 -74.76
C ILE L 43 -17.34 -7.27 -74.03
N ALA L 44 -17.24 -5.97 -74.30
CA ALA L 44 -16.13 -5.18 -73.75
C ALA L 44 -16.18 -5.12 -72.23
N ARG L 45 -17.38 -4.96 -71.66
CA ARG L 45 -17.47 -4.79 -70.21
C ARG L 45 -17.25 -6.09 -69.45
N GLN L 46 -17.67 -7.22 -70.02
CA GLN L 46 -17.47 -8.53 -69.40
C GLN L 46 -16.80 -9.47 -70.40
N PRO L 47 -15.52 -9.78 -70.23
CA PRO L 47 -14.87 -10.71 -71.17
C PRO L 47 -15.44 -12.11 -71.15
N GLU L 48 -16.12 -12.52 -70.07
CA GLU L 48 -16.61 -13.88 -69.91
C GLU L 48 -18.13 -13.91 -69.85
N ALA L 49 -18.78 -13.12 -70.70
CA ALA L 49 -20.24 -13.06 -70.75
C ALA L 49 -20.84 -13.75 -71.97
N GLN L 50 -20.00 -14.24 -72.90
CA GLN L 50 -20.51 -14.87 -74.10
C GLN L 50 -21.21 -16.19 -73.85
N GLY L 51 -21.07 -16.76 -72.65
CA GLY L 51 -21.69 -18.04 -72.34
C GLY L 51 -23.19 -17.98 -72.13
N ARG L 52 -23.74 -16.78 -71.93
CA ARG L 52 -25.17 -16.62 -71.69
C ARG L 52 -25.88 -15.84 -72.79
N LEU L 53 -25.17 -15.47 -73.86
CA LEU L 53 -25.75 -14.67 -74.93
C LEU L 53 -25.70 -15.34 -76.29
N PHE L 54 -25.29 -16.61 -76.36
CA PHE L 54 -25.17 -17.27 -77.66
C PHE L 54 -26.52 -17.41 -78.35
N THR L 55 -27.51 -17.98 -77.65
CA THR L 55 -28.78 -18.30 -78.29
C THR L 55 -29.66 -17.08 -78.56
N PRO L 56 -29.69 -16.03 -77.72
CA PRO L 56 -30.50 -14.87 -78.10
C PRO L 56 -29.96 -14.17 -79.33
N PHE L 57 -28.65 -13.94 -79.39
CA PHE L 57 -28.06 -13.33 -80.57
C PHE L 57 -28.25 -14.21 -81.81
N PHE L 58 -28.09 -15.53 -81.64
CA PHE L 58 -28.30 -16.44 -82.76
C PHE L 58 -29.73 -16.36 -83.28
N ILE L 59 -30.71 -16.36 -82.38
CA ILE L 59 -32.10 -16.29 -82.81
C ILE L 59 -32.39 -14.95 -83.49
N THR L 60 -31.89 -13.85 -82.90
CA THR L 60 -32.18 -12.53 -83.45
C THR L 60 -31.61 -12.37 -84.85
N VAL L 61 -30.40 -12.88 -85.09
CA VAL L 61 -29.89 -12.81 -86.46
C VAL L 61 -30.63 -13.79 -87.37
N GLY L 62 -30.78 -15.05 -86.95
CA GLY L 62 -31.42 -16.04 -87.80
C GLY L 62 -32.79 -15.60 -88.27
N LEU L 63 -33.52 -14.87 -87.43
CA LEU L 63 -34.83 -14.35 -87.84
C LEU L 63 -34.69 -13.44 -89.05
N VAL L 64 -33.81 -12.45 -88.99
CA VAL L 64 -33.74 -11.46 -90.06
C VAL L 64 -33.15 -12.06 -91.33
N GLU L 65 -32.12 -12.91 -91.20
CA GLU L 65 -31.57 -13.55 -92.41
C GLU L 65 -32.54 -14.57 -93.01
N ALA L 66 -33.32 -15.27 -92.17
CA ALA L 66 -34.33 -16.16 -92.72
C ALA L 66 -35.38 -15.38 -93.49
N ALA L 67 -35.82 -14.25 -92.93
CA ALA L 67 -36.77 -13.40 -93.64
C ALA L 67 -36.17 -12.92 -94.96
N TYR L 68 -34.92 -12.47 -94.94
CA TYR L 68 -34.28 -11.98 -96.16
C TYR L 68 -34.24 -13.08 -97.23
N PHE L 69 -33.85 -14.29 -96.82
CA PHE L 69 -33.73 -15.39 -97.77
C PHE L 69 -35.08 -15.78 -98.34
N ILE L 70 -36.13 -15.81 -97.51
CA ILE L 70 -37.44 -16.19 -98.03
C ILE L 70 -37.99 -15.11 -98.94
N ASN L 71 -37.75 -13.83 -98.62
CA ASN L 71 -38.15 -12.77 -99.55
C ASN L 71 -37.46 -12.95 -100.89
N LEU L 72 -36.15 -13.21 -100.88
CA LEU L 72 -35.43 -13.35 -102.13
C LEU L 72 -35.93 -14.54 -102.94
N ALA L 73 -36.14 -15.68 -102.27
CA ALA L 73 -36.64 -16.86 -102.99
C ALA L 73 -38.02 -16.60 -103.57
N PHE L 74 -38.92 -15.98 -102.80
CA PHE L 74 -40.28 -15.73 -103.27
C PHE L 74 -40.27 -14.82 -104.49
N MET L 75 -39.54 -13.71 -104.42
CA MET L 75 -39.53 -12.78 -105.55
C MET L 75 -38.89 -13.42 -106.77
N ALA L 76 -37.79 -14.16 -106.60
CA ALA L 76 -37.15 -14.79 -107.74
C ALA L 76 -38.08 -15.78 -108.41
N LEU L 77 -38.76 -16.61 -107.62
CA LEU L 77 -39.65 -17.61 -108.20
C LEU L 77 -40.84 -16.95 -108.87
N PHE L 78 -41.40 -15.89 -108.28
CA PHE L 78 -42.57 -15.27 -108.88
C PHE L 78 -42.23 -14.53 -110.16
N VAL L 79 -41.10 -13.81 -110.18
CA VAL L 79 -40.72 -13.06 -111.37
C VAL L 79 -40.29 -14.00 -112.48
N PHE L 80 -39.47 -15.00 -112.16
CA PHE L 80 -38.86 -15.81 -113.20
C PHE L 80 -39.81 -16.89 -113.72
N ALA L 81 -40.20 -17.80 -112.83
CA ALA L 81 -40.99 -18.97 -113.21
C ALA L 81 -42.47 -18.66 -113.09
N THR L 82 -43.18 -18.70 -114.22
CA THR L 82 -44.62 -18.50 -114.32
C THR L 82 -45.05 -17.25 -113.58
N PRO L 83 -44.68 -16.05 -114.06
CA PRO L 83 -45.21 -14.84 -113.45
C PRO L 83 -46.69 -14.66 -113.78
N GLY L 84 -47.37 -13.92 -112.90
CA GLY L 84 -48.78 -13.65 -113.08
C GLY L 84 -49.08 -12.95 -114.39
N LEU L 85 -50.10 -13.43 -115.11
CA LEU L 85 -50.47 -12.83 -116.39
C LEU L 85 -51.93 -13.10 -116.70
N PRO M 5 -40.02 -5.79 -127.93
CA PRO M 5 -39.09 -4.69 -127.62
C PRO M 5 -38.19 -5.01 -126.43
N ASN M 6 -37.05 -5.64 -126.70
CA ASN M 6 -36.12 -6.00 -125.64
C ASN M 6 -35.45 -4.78 -125.03
N ALA M 7 -35.49 -3.62 -125.71
CA ALA M 7 -34.85 -2.43 -125.17
C ALA M 7 -35.50 -2.00 -123.85
N ILE M 8 -36.84 -1.99 -123.82
CA ILE M 8 -37.55 -1.60 -122.61
C ILE M 8 -37.31 -2.62 -121.50
N ILE M 9 -37.24 -3.90 -121.86
CA ILE M 9 -36.97 -4.95 -120.87
C ILE M 9 -35.59 -4.73 -120.26
N THR M 10 -34.60 -4.42 -121.10
CA THR M 10 -33.25 -4.15 -120.59
C THR M 10 -33.25 -2.93 -119.70
N ALA M 11 -33.95 -1.87 -120.10
CA ALA M 11 -34.01 -0.66 -119.29
C ALA M 11 -34.59 -0.96 -117.90
N GLY M 12 -35.71 -1.68 -117.87
CA GLY M 12 -36.30 -2.02 -116.58
C GLY M 12 -35.39 -2.88 -115.72
N ALA M 13 -34.76 -3.88 -116.32
CA ALA M 13 -33.88 -4.76 -115.55
C ALA M 13 -32.71 -3.99 -114.98
N LEU M 14 -32.09 -3.12 -115.78
CA LEU M 14 -30.94 -2.37 -115.29
C LEU M 14 -31.33 -1.36 -114.23
N ILE M 15 -32.49 -0.71 -114.36
CA ILE M 15 -32.87 0.24 -113.31
C ILE M 15 -33.25 -0.48 -112.02
N GLY M 16 -33.87 -1.67 -112.13
CA GLY M 16 -34.07 -2.47 -110.93
C GLY M 16 -32.77 -2.88 -110.28
N GLY M 17 -31.79 -3.27 -111.10
CA GLY M 17 -30.47 -3.57 -110.56
C GLY M 17 -29.82 -2.38 -109.89
N GLY M 18 -30.03 -1.18 -110.45
CA GLY M 18 -29.55 0.02 -109.79
C GLY M 18 -30.21 0.24 -108.44
N LEU M 19 -31.51 0.00 -108.37
CA LEU M 19 -32.20 0.09 -107.09
C LEU M 19 -31.57 -0.85 -106.07
N ILE M 20 -31.31 -2.09 -106.48
CA ILE M 20 -30.74 -3.06 -105.56
C ILE M 20 -29.33 -2.64 -105.13
N MET M 21 -28.53 -2.14 -106.07
CA MET M 21 -27.18 -1.70 -105.74
C MET M 21 -27.20 -0.53 -104.75
N GLY M 22 -28.11 0.43 -104.96
CA GLY M 22 -28.24 1.53 -104.02
C GLY M 22 -28.66 1.06 -102.64
N GLY M 23 -29.59 0.11 -102.58
CA GLY M 23 -30.00 -0.44 -101.30
C GLY M 23 -28.85 -1.13 -100.57
N GLY M 24 -28.07 -1.93 -101.30
CA GLY M 24 -26.90 -2.54 -100.71
C GLY M 24 -25.89 -1.51 -100.22
N ALA M 25 -25.72 -0.43 -100.97
CA ALA M 25 -24.85 0.65 -100.52
C ALA M 25 -25.34 1.24 -99.20
N ILE M 26 -26.65 1.49 -99.09
CA ILE M 26 -27.19 1.97 -97.82
C ILE M 26 -26.86 1.01 -96.70
N GLY M 27 -27.15 -0.28 -96.92
CA GLY M 27 -26.96 -1.24 -95.85
C GLY M 27 -25.52 -1.31 -95.39
N ALA M 28 -24.60 -1.45 -96.34
CA ALA M 28 -23.19 -1.57 -95.98
C ALA M 28 -22.69 -0.30 -95.29
N GLY M 29 -23.03 0.87 -95.84
CA GLY M 29 -22.52 2.10 -95.27
C GLY M 29 -23.02 2.33 -93.85
N ILE M 30 -24.34 2.15 -93.64
CA ILE M 30 -24.90 2.38 -92.32
C ILE M 30 -24.31 1.39 -91.32
N GLY M 31 -24.28 0.11 -91.69
CA GLY M 31 -23.78 -0.89 -90.76
C GLY M 31 -22.33 -0.65 -90.38
N ASP M 32 -21.49 -0.38 -91.39
CA ASP M 32 -20.07 -0.18 -91.12
C ASP M 32 -19.83 1.09 -90.31
N GLY M 33 -20.56 2.17 -90.60
CA GLY M 33 -20.37 3.39 -89.84
C GLY M 33 -20.77 3.24 -88.38
N ILE M 34 -21.92 2.61 -88.13
CA ILE M 34 -22.33 2.44 -86.74
C ILE M 34 -21.44 1.43 -86.02
N ALA M 35 -20.91 0.44 -86.75
CA ALA M 35 -19.94 -0.48 -86.15
C ALA M 35 -18.66 0.25 -85.78
N GLY M 36 -18.23 1.20 -86.62
CA GLY M 36 -17.09 2.02 -86.26
C GLY M 36 -17.35 2.86 -85.03
N ASN M 37 -18.57 3.40 -84.92
CA ASN M 37 -18.96 4.10 -83.69
C ASN M 37 -18.79 3.20 -82.48
N ALA M 38 -19.31 1.98 -82.57
CA ALA M 38 -19.24 1.06 -81.45
C ALA M 38 -17.80 0.71 -81.11
N LEU M 39 -16.96 0.51 -82.13
CA LEU M 39 -15.55 0.21 -81.90
C LEU M 39 -14.84 1.37 -81.22
N ILE M 40 -15.13 2.60 -81.65
CA ILE M 40 -14.53 3.77 -81.02
C ILE M 40 -14.97 3.85 -79.56
N SER M 41 -16.25 3.60 -79.29
CA SER M 41 -16.72 3.62 -77.91
C SER M 41 -16.01 2.57 -77.07
N GLY M 42 -15.87 1.36 -77.62
CA GLY M 42 -15.21 0.30 -76.87
C GLY M 42 -13.75 0.60 -76.58
N ILE M 43 -13.03 1.13 -77.57
CA ILE M 43 -11.62 1.44 -77.35
C ILE M 43 -11.47 2.67 -76.46
N ALA M 44 -12.49 3.53 -76.41
CA ALA M 44 -12.44 4.67 -75.50
C ALA M 44 -12.67 4.24 -74.05
N ARG M 45 -13.58 3.27 -73.85
CA ARG M 45 -13.85 2.81 -72.48
C ARG M 45 -12.63 2.14 -71.87
N GLN M 46 -12.16 1.06 -72.51
CA GLN M 46 -11.00 0.31 -72.02
C GLN M 46 -10.03 0.09 -73.18
N PRO M 47 -8.95 0.88 -73.26
CA PRO M 47 -7.98 0.68 -74.36
C PRO M 47 -7.34 -0.70 -74.36
N GLU M 48 -7.11 -1.29 -73.19
CA GLU M 48 -6.43 -2.56 -73.09
C GLU M 48 -7.41 -3.72 -73.32
N ALA M 49 -6.84 -4.93 -73.41
CA ALA M 49 -7.60 -6.16 -73.59
C ALA M 49 -8.47 -6.11 -74.84
N GLN M 50 -7.86 -5.72 -75.96
CA GLN M 50 -8.56 -5.61 -77.23
C GLN M 50 -8.53 -6.89 -78.05
N GLY M 51 -7.82 -7.92 -77.57
CA GLY M 51 -7.74 -9.16 -78.33
C GLY M 51 -9.09 -9.83 -78.50
N ARG M 52 -9.89 -9.87 -77.44
CA ARG M 52 -11.22 -10.44 -77.52
C ARG M 52 -12.16 -9.60 -78.38
N LEU M 53 -11.82 -8.33 -78.60
CA LEU M 53 -12.71 -7.41 -79.31
C LEU M 53 -12.64 -7.56 -80.82
N PHE M 54 -11.52 -8.08 -81.35
CA PHE M 54 -11.31 -8.09 -82.79
C PHE M 54 -12.23 -9.07 -83.50
N THR M 55 -12.38 -10.28 -82.94
CA THR M 55 -13.10 -11.34 -83.66
C THR M 55 -14.56 -11.00 -83.94
N PRO M 56 -15.36 -10.47 -83.00
CA PRO M 56 -16.76 -10.18 -83.34
C PRO M 56 -16.90 -9.08 -84.38
N PHE M 57 -16.04 -8.07 -84.34
CA PHE M 57 -16.05 -7.04 -85.38
C PHE M 57 -15.77 -7.65 -86.74
N PHE M 58 -14.78 -8.55 -86.80
CA PHE M 58 -14.51 -9.26 -88.05
C PHE M 58 -15.71 -10.07 -88.50
N ILE M 59 -16.39 -10.73 -87.56
CA ILE M 59 -17.54 -11.54 -87.91
C ILE M 59 -18.64 -10.68 -88.52
N THR M 60 -18.95 -9.55 -87.89
CA THR M 60 -20.06 -8.73 -88.38
C THR M 60 -19.71 -8.05 -89.70
N VAL M 61 -18.48 -7.56 -89.85
CA VAL M 61 -18.11 -6.94 -91.13
C VAL M 61 -18.09 -8.00 -92.22
N GLY M 62 -17.65 -9.22 -91.90
CA GLY M 62 -17.69 -10.29 -92.88
C GLY M 62 -19.11 -10.64 -93.30
N LEU M 63 -20.03 -10.67 -92.34
CA LEU M 63 -21.42 -10.99 -92.69
C LEU M 63 -22.02 -9.91 -93.58
N VAL M 64 -21.82 -8.63 -93.23
CA VAL M 64 -22.42 -7.58 -94.04
C VAL M 64 -21.76 -7.53 -95.43
N GLU M 65 -20.45 -7.73 -95.49
CA GLU M 65 -19.77 -7.74 -96.79
C GLU M 65 -20.20 -8.93 -97.62
N ALA M 66 -20.42 -10.09 -96.99
CA ALA M 66 -20.90 -11.25 -97.73
C ALA M 66 -22.30 -11.02 -98.28
N ALA M 67 -23.17 -10.38 -97.50
CA ALA M 67 -24.51 -10.06 -98.01
C ALA M 67 -24.41 -9.12 -99.21
N TYR M 68 -23.63 -8.05 -99.07
CA TYR M 68 -23.48 -7.09 -100.16
C TYR M 68 -22.90 -7.76 -101.40
N PHE M 69 -21.88 -8.61 -101.22
CA PHE M 69 -21.21 -9.22 -102.35
C PHE M 69 -22.08 -10.28 -103.02
N ILE M 70 -22.88 -11.01 -102.24
CA ILE M 70 -23.77 -11.99 -102.87
C ILE M 70 -24.86 -11.28 -103.64
N ASN M 71 -25.35 -10.14 -103.13
CA ASN M 71 -26.31 -9.36 -103.91
C ASN M 71 -25.69 -8.88 -105.21
N LEU M 72 -24.46 -8.36 -105.14
CA LEU M 72 -23.79 -7.88 -106.35
C LEU M 72 -23.52 -9.01 -107.34
N ALA M 73 -23.14 -10.20 -106.83
CA ALA M 73 -22.84 -11.33 -107.69
C ALA M 73 -24.09 -11.85 -108.38
N PHE M 74 -25.19 -11.98 -107.64
CA PHE M 74 -26.46 -12.34 -108.28
C PHE M 74 -26.85 -11.31 -109.31
N MET M 75 -26.60 -10.03 -109.02
CA MET M 75 -26.87 -8.98 -109.98
C MET M 75 -26.09 -9.18 -111.27
N ALA M 76 -24.78 -9.36 -111.17
CA ALA M 76 -23.96 -9.53 -112.35
C ALA M 76 -24.34 -10.79 -113.12
N LEU M 77 -24.75 -11.84 -112.41
CA LEU M 77 -25.14 -13.08 -113.09
C LEU M 77 -26.45 -12.91 -113.84
N PHE M 78 -27.44 -12.25 -113.23
CA PHE M 78 -28.76 -12.19 -113.86
C PHE M 78 -28.87 -11.09 -114.91
N VAL M 79 -28.34 -9.90 -114.60
CA VAL M 79 -28.65 -8.72 -115.41
C VAL M 79 -28.22 -8.87 -116.85
N PHE M 80 -27.25 -9.74 -117.13
CA PHE M 80 -26.78 -9.97 -118.50
C PHE M 80 -27.45 -11.18 -119.14
N ALA M 81 -28.40 -11.82 -118.44
CA ALA M 81 -29.10 -12.98 -118.95
C ALA M 81 -30.60 -12.77 -118.88
N THR M 82 -31.29 -13.08 -119.97
CA THR M 82 -32.74 -12.93 -120.04
C THR M 82 -33.26 -14.02 -120.96
N PRO M 83 -34.22 -14.83 -120.51
CA PRO M 83 -34.76 -15.89 -121.38
C PRO M 83 -35.38 -15.32 -122.63
N GLY M 84 -35.13 -15.97 -123.76
CA GLY M 84 -35.63 -15.52 -125.04
C GLY M 84 -34.92 -14.32 -125.63
N LEU M 85 -33.85 -13.85 -125.00
CA LEU M 85 -33.13 -12.67 -125.48
C LEU M 85 -31.71 -13.02 -125.89
N PRO N 5 -36.39 4.08 -128.17
CA PRO N 5 -35.80 3.02 -127.33
C PRO N 5 -34.49 3.45 -126.67
N ASN N 6 -33.57 4.01 -127.47
CA ASN N 6 -32.28 4.43 -126.93
C ASN N 6 -32.45 5.56 -125.92
N ALA N 7 -33.33 6.53 -126.21
CA ALA N 7 -33.53 7.65 -125.30
C ALA N 7 -34.09 7.18 -123.97
N ILE N 8 -35.08 6.29 -123.99
CA ILE N 8 -35.67 5.79 -122.76
C ILE N 8 -34.66 4.97 -121.97
N ILE N 9 -33.86 4.17 -122.67
CA ILE N 9 -32.82 3.39 -122.00
C ILE N 9 -31.82 4.31 -121.31
N THR N 10 -31.40 5.37 -122.01
CA THR N 10 -30.45 6.31 -121.41
C THR N 10 -31.06 7.02 -120.20
N ALA N 11 -32.31 7.45 -120.31
CA ALA N 11 -32.96 8.11 -119.18
C ALA N 11 -33.05 7.19 -117.98
N GLY N 12 -33.44 5.93 -118.21
CA GLY N 12 -33.51 4.99 -117.10
C GLY N 12 -32.15 4.73 -116.49
N ALA N 13 -31.11 4.58 -117.31
CA ALA N 13 -29.77 4.33 -116.80
C ALA N 13 -29.30 5.50 -115.93
N LEU N 14 -29.55 6.73 -116.38
CA LEU N 14 -29.10 7.88 -115.59
C LEU N 14 -29.94 8.05 -114.32
N ILE N 15 -31.23 7.69 -114.38
CA ILE N 15 -32.04 7.69 -113.15
C ILE N 15 -31.46 6.69 -112.15
N GLY N 16 -31.12 5.49 -112.64
CA GLY N 16 -30.51 4.51 -111.77
C GLY N 16 -29.21 4.99 -111.15
N GLY N 17 -28.34 5.57 -111.98
CA GLY N 17 -27.09 6.09 -111.45
C GLY N 17 -27.30 7.16 -110.39
N GLY N 18 -28.24 8.09 -110.66
CA GLY N 18 -28.50 9.14 -109.68
C GLY N 18 -28.99 8.58 -108.35
N LEU N 19 -29.94 7.63 -108.39
CA LEU N 19 -30.43 7.06 -107.14
C LEU N 19 -29.33 6.29 -106.42
N ILE N 20 -28.49 5.57 -107.17
CA ILE N 20 -27.44 4.78 -106.54
C ILE N 20 -26.47 5.70 -105.81
N MET N 21 -26.03 6.78 -106.47
CA MET N 21 -25.04 7.63 -105.81
C MET N 21 -25.67 8.44 -104.70
N GLY N 22 -26.97 8.76 -104.80
CA GLY N 22 -27.63 9.38 -103.68
C GLY N 22 -27.60 8.47 -102.45
N GLY N 23 -27.92 7.19 -102.65
CA GLY N 23 -27.80 6.25 -101.56
C GLY N 23 -26.40 6.15 -101.01
N GLY N 24 -25.40 6.11 -101.89
CA GLY N 24 -24.03 6.04 -101.44
C GLY N 24 -23.63 7.25 -100.62
N ALA N 25 -24.03 8.44 -101.06
CA ALA N 25 -23.72 9.67 -100.33
C ALA N 25 -24.42 9.68 -98.97
N ILE N 26 -25.66 9.21 -98.92
CA ILE N 26 -26.36 9.12 -97.63
C ILE N 26 -25.60 8.21 -96.68
N GLY N 27 -25.22 7.03 -97.15
CA GLY N 27 -24.50 6.10 -96.28
C GLY N 27 -23.18 6.67 -95.80
N ALA N 28 -22.42 7.29 -96.72
CA ALA N 28 -21.14 7.87 -96.36
C ALA N 28 -21.32 9.00 -95.34
N GLY N 29 -22.32 9.86 -95.55
CA GLY N 29 -22.56 10.94 -94.60
C GLY N 29 -22.93 10.44 -93.22
N ILE N 30 -23.83 9.46 -93.16
CA ILE N 30 -24.20 8.86 -91.88
C ILE N 30 -22.96 8.31 -91.17
N GLY N 31 -22.19 7.50 -91.89
CA GLY N 31 -21.04 6.85 -91.27
C GLY N 31 -20.00 7.86 -90.79
N ASP N 32 -19.68 8.84 -91.65
CA ASP N 32 -18.67 9.83 -91.28
C ASP N 32 -19.12 10.66 -90.10
N GLY N 33 -20.38 11.10 -90.08
CA GLY N 33 -20.86 11.91 -88.97
C GLY N 33 -20.90 11.14 -87.66
N ILE N 34 -21.36 9.89 -87.71
CA ILE N 34 -21.43 9.09 -86.49
C ILE N 34 -20.03 8.79 -85.96
N ALA N 35 -19.10 8.48 -86.87
CA ALA N 35 -17.72 8.26 -86.44
C ALA N 35 -17.11 9.52 -85.85
N GLY N 36 -17.42 10.68 -86.43
CA GLY N 36 -16.95 11.93 -85.86
C GLY N 36 -17.51 12.17 -84.47
N ASN N 37 -18.79 11.86 -84.26
CA ASN N 37 -19.36 11.99 -82.93
C ASN N 37 -18.65 11.08 -81.94
N ALA N 38 -18.39 9.83 -82.35
CA ALA N 38 -17.69 8.90 -81.47
C ALA N 38 -16.29 9.40 -81.12
N LEU N 39 -15.57 9.92 -82.12
CA LEU N 39 -14.22 10.43 -81.85
C LEU N 39 -14.25 11.65 -80.95
N ILE N 40 -15.23 12.54 -81.14
CA ILE N 40 -15.34 13.71 -80.28
C ILE N 40 -15.61 13.29 -78.84
N SER N 41 -16.51 12.32 -78.66
CA SER N 41 -16.78 11.83 -77.31
C SER N 41 -15.54 11.20 -76.69
N GLY N 42 -14.79 10.42 -77.48
CA GLY N 42 -13.57 9.82 -76.97
C GLY N 42 -12.52 10.84 -76.57
N ILE N 43 -12.36 11.89 -77.38
CA ILE N 43 -11.41 12.94 -77.06
C ILE N 43 -11.85 13.70 -75.81
N ALA N 44 -13.15 13.97 -75.68
CA ALA N 44 -13.64 14.65 -74.49
C ALA N 44 -13.43 13.79 -73.25
N ARG N 45 -13.58 12.47 -73.37
CA ARG N 45 -13.37 11.59 -72.22
C ARG N 45 -11.93 11.67 -71.72
N GLN N 46 -10.97 11.67 -72.64
CA GLN N 46 -9.56 11.78 -72.29
C GLN N 46 -8.82 12.57 -73.36
N PRO N 47 -8.49 13.84 -73.11
CA PRO N 47 -7.87 14.65 -74.17
C PRO N 47 -6.55 14.12 -74.68
N GLU N 48 -5.73 13.49 -73.83
CA GLU N 48 -4.39 13.09 -74.20
C GLU N 48 -4.27 11.61 -74.56
N ALA N 49 -5.38 10.89 -74.65
CA ALA N 49 -5.38 9.49 -75.04
C ALA N 49 -5.58 9.29 -76.54
N GLN N 50 -5.20 10.28 -77.35
CA GLN N 50 -5.43 10.20 -78.79
C GLN N 50 -4.38 9.37 -79.52
N GLY N 51 -3.32 8.94 -78.84
CA GLY N 51 -2.30 8.13 -79.50
C GLY N 51 -2.83 6.80 -79.99
N ARG N 52 -3.66 6.14 -79.17
CA ARG N 52 -4.27 4.86 -79.52
C ARG N 52 -5.76 5.00 -79.83
N LEU N 53 -6.16 6.11 -80.46
CA LEU N 53 -7.57 6.38 -80.66
C LEU N 53 -7.87 6.76 -82.11
N PHE N 54 -6.90 7.33 -82.80
CA PHE N 54 -7.15 7.80 -84.16
C PHE N 54 -7.06 6.68 -85.19
N THR N 55 -6.30 5.62 -84.91
CA THR N 55 -6.16 4.53 -85.88
C THR N 55 -7.46 3.80 -86.17
N PRO N 56 -8.28 3.40 -85.19
CA PRO N 56 -9.56 2.75 -85.56
C PRO N 56 -10.50 3.67 -86.32
N PHE N 57 -10.51 4.96 -85.98
CA PHE N 57 -11.31 5.91 -86.73
C PHE N 57 -10.83 5.99 -88.17
N PHE N 58 -9.51 6.02 -88.38
CA PHE N 58 -8.97 6.02 -89.73
C PHE N 58 -9.39 4.76 -90.48
N ILE N 59 -9.32 3.60 -89.82
CA ILE N 59 -9.71 2.35 -90.47
C ILE N 59 -11.17 2.40 -90.91
N THR N 60 -12.05 2.85 -90.01
CA THR N 60 -13.48 2.86 -90.31
C THR N 60 -13.82 3.86 -91.41
N VAL N 61 -13.26 5.07 -91.31
CA VAL N 61 -13.54 6.08 -92.33
C VAL N 61 -12.98 5.64 -93.68
N GLY N 62 -11.83 4.97 -93.67
CA GLY N 62 -11.26 4.48 -94.91
C GLY N 62 -12.11 3.41 -95.56
N LEU N 63 -12.62 2.47 -94.75
CA LEU N 63 -13.48 1.43 -95.34
C LEU N 63 -14.80 2.01 -95.84
N VAL N 64 -15.34 3.01 -95.13
CA VAL N 64 -16.59 3.63 -95.58
C VAL N 64 -16.39 4.32 -96.92
N GLU N 65 -15.35 5.16 -97.02
CA GLU N 65 -15.07 5.78 -98.31
C GLU N 65 -14.67 4.77 -99.37
N ALA N 66 -14.09 3.63 -98.97
CA ALA N 66 -13.79 2.59 -99.94
C ALA N 66 -15.07 2.03 -100.55
N ALA N 67 -16.07 1.75 -99.71
CA ALA N 67 -17.36 1.31 -100.23
C ALA N 67 -17.98 2.37 -101.14
N TYR N 68 -17.92 3.64 -100.72
CA TYR N 68 -18.48 4.71 -101.53
C TYR N 68 -17.80 4.79 -102.89
N PHE N 69 -16.47 4.68 -102.90
CA PHE N 69 -15.71 4.80 -104.14
C PHE N 69 -15.92 3.59 -105.04
N ILE N 70 -16.06 2.39 -104.46
CA ILE N 70 -16.39 1.22 -105.25
C ILE N 70 -17.74 1.42 -105.93
N ASN N 71 -18.72 1.91 -105.19
CA ASN N 71 -20.04 2.17 -105.76
C ASN N 71 -19.93 3.16 -106.92
N LEU N 72 -19.22 4.27 -106.71
CA LEU N 72 -19.11 5.28 -107.75
C LEU N 72 -18.26 4.83 -108.93
N ALA N 73 -17.31 3.92 -108.73
CA ALA N 73 -16.56 3.40 -109.86
C ALA N 73 -17.40 2.47 -110.71
N PHE N 74 -18.16 1.57 -110.07
CA PHE N 74 -19.14 0.78 -110.81
C PHE N 74 -20.11 1.69 -111.56
N MET N 75 -20.51 2.78 -110.92
CA MET N 75 -21.42 3.74 -111.55
C MET N 75 -20.79 4.36 -112.79
N ALA N 76 -19.54 4.83 -112.65
CA ALA N 76 -18.87 5.48 -113.77
C ALA N 76 -18.68 4.52 -114.93
N LEU N 77 -18.35 3.26 -114.65
CA LEU N 77 -18.20 2.30 -115.74
C LEU N 77 -19.54 1.94 -116.36
N PHE N 78 -20.62 1.94 -115.56
CA PHE N 78 -21.92 1.57 -116.11
C PHE N 78 -22.55 2.69 -116.96
N VAL N 79 -22.38 3.94 -116.54
CA VAL N 79 -23.10 5.04 -117.19
C VAL N 79 -22.70 5.17 -118.66
N PHE N 80 -21.41 5.11 -118.94
CA PHE N 80 -20.93 5.29 -120.30
C PHE N 80 -20.98 4.01 -121.12
N ALA N 81 -21.26 2.86 -120.50
CA ALA N 81 -21.29 1.58 -121.18
C ALA N 81 -22.67 0.97 -120.98
N THR N 82 -23.60 1.31 -121.87
CA THR N 82 -24.93 0.72 -121.83
C THR N 82 -24.88 -0.71 -122.33
N PRO N 83 -25.39 -1.68 -121.57
CA PRO N 83 -25.32 -3.08 -122.02
C PRO N 83 -26.27 -3.35 -123.18
N GLY N 84 -25.90 -2.90 -124.37
CA GLY N 84 -26.71 -3.11 -125.56
C GLY N 84 -27.33 -1.84 -126.09
N PRO O 5 -36.58 14.14 -129.74
CA PRO O 5 -35.71 12.96 -129.61
C PRO O 5 -34.79 13.03 -128.40
N ASN O 6 -33.90 14.03 -128.37
CA ASN O 6 -32.98 14.19 -127.26
C ASN O 6 -33.62 14.79 -126.02
N ALA O 7 -34.88 15.24 -126.11
CA ALA O 7 -35.56 15.79 -124.95
C ALA O 7 -35.70 14.76 -123.84
N ILE O 8 -36.00 13.51 -124.21
CA ILE O 8 -36.13 12.45 -123.22
C ILE O 8 -34.80 12.22 -122.50
N ILE O 9 -33.70 12.19 -123.26
CA ILE O 9 -32.38 12.00 -122.66
C ILE O 9 -32.05 13.16 -121.74
N THR O 10 -32.35 14.39 -122.16
CA THR O 10 -32.08 15.55 -121.32
C THR O 10 -32.89 15.50 -120.04
N ALA O 11 -34.17 15.12 -120.13
CA ALA O 11 -35.00 15.02 -118.94
C ALA O 11 -34.47 13.96 -117.99
N GLY O 12 -34.09 12.79 -118.52
CA GLY O 12 -33.53 11.76 -117.66
C GLY O 12 -32.25 12.20 -116.99
N ALA O 13 -31.37 12.87 -117.73
CA ALA O 13 -30.13 13.36 -117.14
C ALA O 13 -30.39 14.36 -116.03
N LEU O 14 -31.33 15.30 -116.25
CA LEU O 14 -31.57 16.31 -115.23
C LEU O 14 -32.27 15.73 -114.01
N ILE O 15 -33.14 14.73 -114.19
CA ILE O 15 -33.76 14.10 -113.02
C ILE O 15 -32.73 13.30 -112.24
N GLY O 16 -31.81 12.63 -112.94
CA GLY O 16 -30.71 11.98 -112.26
C GLY O 16 -29.86 12.96 -111.47
N GLY O 17 -29.58 14.12 -112.06
CA GLY O 17 -28.89 15.17 -111.33
C GLY O 17 -29.68 15.68 -110.14
N GLY O 18 -31.00 15.70 -110.25
CA GLY O 18 -31.83 16.06 -109.10
C GLY O 18 -31.67 15.09 -107.96
N LEU O 19 -31.71 13.79 -108.26
CA LEU O 19 -31.41 12.79 -107.25
C LEU O 19 -30.02 13.00 -106.66
N ILE O 20 -29.06 13.34 -107.53
CA ILE O 20 -27.70 13.61 -107.10
C ILE O 20 -27.69 14.70 -106.03
N MET O 21 -28.33 15.83 -106.34
CA MET O 21 -28.30 16.98 -105.44
C MET O 21 -29.02 16.68 -104.14
N GLY O 22 -30.17 16.00 -104.22
CA GLY O 22 -30.89 15.67 -103.00
C GLY O 22 -30.09 14.78 -102.07
N GLY O 23 -29.49 13.71 -102.62
CA GLY O 23 -28.70 12.82 -101.79
C GLY O 23 -27.52 13.52 -101.17
N GLY O 24 -26.79 14.32 -101.95
CA GLY O 24 -25.66 15.05 -101.41
C GLY O 24 -26.06 16.00 -100.30
N ALA O 25 -27.18 16.72 -100.50
CA ALA O 25 -27.64 17.68 -99.50
C ALA O 25 -27.99 16.97 -98.20
N ILE O 26 -28.72 15.86 -98.27
CA ILE O 26 -29.11 15.16 -97.05
C ILE O 26 -27.89 14.64 -96.32
N GLY O 27 -26.95 14.04 -97.06
CA GLY O 27 -25.75 13.51 -96.42
C GLY O 27 -24.95 14.59 -95.72
N ALA O 28 -24.73 15.72 -96.41
CA ALA O 28 -23.97 16.81 -95.81
C ALA O 28 -24.69 17.37 -94.57
N GLY O 29 -26.02 17.52 -94.66
CA GLY O 29 -26.76 18.04 -93.52
C GLY O 29 -26.63 17.15 -92.30
N ILE O 30 -26.80 15.83 -92.49
CA ILE O 30 -26.65 14.91 -91.36
C ILE O 30 -25.24 14.99 -90.79
N GLY O 31 -24.22 14.91 -91.64
CA GLY O 31 -22.86 14.92 -91.13
C GLY O 31 -22.57 16.17 -90.30
N ASP O 32 -22.92 17.33 -90.86
CA ASP O 32 -22.66 18.59 -90.16
C ASP O 32 -23.43 18.67 -88.86
N GLY O 33 -24.72 18.30 -88.88
CA GLY O 33 -25.52 18.41 -87.68
C GLY O 33 -25.04 17.51 -86.55
N ILE O 34 -24.73 16.25 -86.88
CA ILE O 34 -24.29 15.34 -85.82
C ILE O 34 -22.91 15.73 -85.32
N ALA O 35 -22.02 16.22 -86.19
CA ALA O 35 -20.72 16.69 -85.71
C ALA O 35 -20.89 17.88 -84.77
N GLY O 36 -21.79 18.81 -85.10
CA GLY O 36 -22.05 19.94 -84.21
C GLY O 36 -22.61 19.50 -82.88
N ASN O 37 -23.52 18.52 -82.91
CA ASN O 37 -24.05 17.95 -81.67
C ASN O 37 -22.92 17.39 -80.81
N ALA O 38 -22.04 16.59 -81.42
CA ALA O 38 -20.93 16.01 -80.68
C ALA O 38 -20.07 17.09 -80.04
N LEU O 39 -19.69 18.09 -80.82
CA LEU O 39 -18.80 19.12 -80.28
C LEU O 39 -19.46 19.92 -79.17
N ILE O 40 -20.74 20.30 -79.35
CA ILE O 40 -21.39 21.11 -78.33
C ILE O 40 -21.56 20.33 -77.04
N SER O 41 -21.93 19.05 -77.14
CA SER O 41 -22.06 18.23 -75.93
C SER O 41 -20.70 18.08 -75.23
N GLY O 42 -19.65 17.80 -76.01
CA GLY O 42 -18.33 17.63 -75.41
C GLY O 42 -17.84 18.88 -74.71
N ILE O 43 -17.99 20.04 -75.36
CA ILE O 43 -17.51 21.27 -74.75
C ILE O 43 -18.39 21.67 -73.57
N ALA O 44 -19.69 21.35 -73.61
CA ALA O 44 -20.54 21.65 -72.47
C ALA O 44 -20.16 20.81 -71.26
N ARG O 45 -19.85 19.53 -71.45
CA ARG O 45 -19.48 18.70 -70.30
C ARG O 45 -18.10 19.09 -69.77
N GLN O 46 -17.13 19.32 -70.67
CA GLN O 46 -15.78 19.70 -70.27
C GLN O 46 -15.53 21.15 -70.63
N PRO O 47 -15.56 22.06 -69.67
CA PRO O 47 -15.44 23.49 -69.99
C PRO O 47 -13.99 23.92 -70.16
N GLU O 48 -13.71 24.64 -71.25
CA GLU O 48 -12.44 25.33 -71.46
C GLU O 48 -11.27 24.36 -71.52
N ALA O 49 -11.40 23.32 -72.34
CA ALA O 49 -10.30 22.39 -72.63
C ALA O 49 -10.31 22.01 -74.10
N GLN O 50 -10.53 22.98 -74.98
CA GLN O 50 -10.74 22.72 -76.40
C GLN O 50 -9.45 22.78 -77.21
N GLY O 51 -8.31 22.54 -76.57
CA GLY O 51 -7.07 22.48 -77.33
C GLY O 51 -7.04 21.33 -78.32
N ARG O 52 -7.49 20.15 -77.89
CA ARG O 52 -7.55 18.97 -78.75
C ARG O 52 -8.86 18.86 -79.51
N LEU O 53 -9.84 19.73 -79.22
CA LEU O 53 -11.14 19.66 -79.85
C LEU O 53 -11.22 20.42 -81.17
N PHE O 54 -10.16 21.13 -81.56
CA PHE O 54 -10.20 21.93 -82.77
C PHE O 54 -9.96 21.09 -84.02
N THR O 55 -8.81 20.43 -84.09
CA THR O 55 -8.41 19.75 -85.33
C THR O 55 -9.35 18.63 -85.74
N PRO O 56 -9.75 17.68 -84.88
CA PRO O 56 -10.61 16.59 -85.37
C PRO O 56 -11.93 17.06 -85.95
N PHE O 57 -12.54 18.10 -85.36
CA PHE O 57 -13.78 18.62 -85.91
C PHE O 57 -13.56 19.18 -87.31
N PHE O 58 -12.46 19.91 -87.50
CA PHE O 58 -12.15 20.43 -88.83
C PHE O 58 -11.92 19.29 -89.82
N ILE O 59 -11.22 18.24 -89.38
CA ILE O 59 -10.96 17.09 -90.25
C ILE O 59 -12.27 16.44 -90.68
N THR O 60 -13.17 16.21 -89.72
CA THR O 60 -14.40 15.51 -90.05
C THR O 60 -15.33 16.37 -90.90
N VAL O 61 -15.39 17.68 -90.63
CA VAL O 61 -16.23 18.54 -91.45
C VAL O 61 -15.66 18.66 -92.86
N GLY O 62 -14.34 18.68 -92.99
CA GLY O 62 -13.73 18.73 -94.31
C GLY O 62 -13.98 17.46 -95.10
N LEU O 63 -13.84 16.30 -94.45
CA LEU O 63 -14.10 15.05 -95.17
C LEU O 63 -15.58 14.89 -95.50
N VAL O 64 -16.47 15.46 -94.69
CA VAL O 64 -17.89 15.44 -95.02
C VAL O 64 -18.16 16.33 -96.23
N GLU O 65 -17.62 17.55 -96.23
CA GLU O 65 -17.84 18.46 -97.35
C GLU O 65 -17.13 18.01 -98.62
N ALA O 66 -16.14 17.12 -98.50
CA ALA O 66 -15.56 16.53 -99.70
C ALA O 66 -16.62 15.77 -100.50
N ALA O 67 -17.56 15.12 -99.81
CA ALA O 67 -18.66 14.46 -100.50
C ALA O 67 -19.50 15.48 -101.27
N TYR O 68 -19.82 16.61 -100.66
CA TYR O 68 -20.57 17.65 -101.37
C TYR O 68 -19.81 18.14 -102.58
N PHE O 69 -18.49 18.34 -102.43
CA PHE O 69 -17.67 18.78 -103.56
C PHE O 69 -17.71 17.77 -104.70
N ILE O 70 -17.58 16.48 -104.38
CA ILE O 70 -17.60 15.48 -105.43
C ILE O 70 -18.98 15.39 -106.07
N ASN O 71 -20.05 15.57 -105.30
CA ASN O 71 -21.38 15.57 -105.90
C ASN O 71 -21.55 16.74 -106.87
N LEU O 72 -21.05 17.92 -106.48
CA LEU O 72 -21.11 19.07 -107.37
C LEU O 72 -20.32 18.82 -108.65
N ALA O 73 -19.12 18.26 -108.52
CA ALA O 73 -18.32 17.92 -109.69
C ALA O 73 -19.05 16.91 -110.56
N PHE O 74 -19.82 16.00 -109.94
CA PHE O 74 -20.54 14.99 -110.71
C PHE O 74 -21.69 15.62 -111.50
N MET O 75 -22.52 16.44 -110.86
CA MET O 75 -23.69 16.87 -111.63
C MET O 75 -23.42 18.11 -112.47
N ALA O 76 -22.26 18.77 -112.30
CA ALA O 76 -21.98 19.94 -113.12
C ALA O 76 -21.89 19.58 -114.59
N LEU O 77 -21.26 18.46 -114.93
CA LEU O 77 -21.13 18.07 -116.33
C LEU O 77 -22.45 17.57 -116.89
N PHE O 78 -23.17 16.73 -116.14
CA PHE O 78 -24.32 16.00 -116.66
C PHE O 78 -25.63 16.75 -116.52
N VAL O 79 -25.62 17.97 -115.96
CA VAL O 79 -26.87 18.69 -115.77
C VAL O 79 -27.46 19.13 -117.11
N PHE O 80 -26.61 19.53 -118.06
CA PHE O 80 -27.08 20.00 -119.35
C PHE O 80 -26.29 19.42 -120.53
N ALA O 81 -25.41 18.46 -120.27
CA ALA O 81 -24.65 17.81 -121.33
C ALA O 81 -24.84 16.30 -121.23
N THR O 82 -24.83 15.65 -122.39
CA THR O 82 -25.03 14.21 -122.45
C THR O 82 -23.86 13.55 -123.18
N PRO O 83 -23.47 12.33 -122.77
CA PRO O 83 -22.40 11.64 -123.50
C PRO O 83 -22.84 11.09 -124.83
N GLY O 84 -24.08 10.59 -124.93
CA GLY O 84 -24.55 10.05 -126.19
C GLY O 84 -24.71 11.11 -127.27
N LEU O 85 -25.27 12.26 -126.91
CA LEU O 85 -25.47 13.34 -127.87
C LEU O 85 -24.49 14.48 -127.63
N PRO P 5 -41.84 17.50 -126.97
CA PRO P 5 -40.43 17.84 -126.78
C PRO P 5 -40.22 18.78 -125.60
N ASN P 6 -40.76 20.00 -125.70
CA ASN P 6 -40.63 20.96 -124.61
C ASN P 6 -41.44 20.55 -123.39
N ALA P 7 -42.58 19.88 -123.59
CA ALA P 7 -43.40 19.43 -122.46
C ALA P 7 -42.65 18.43 -121.60
N ILE P 8 -41.95 17.48 -122.23
CA ILE P 8 -41.15 16.51 -121.49
C ILE P 8 -40.07 17.22 -120.69
N ILE P 9 -39.39 18.19 -121.31
CA ILE P 9 -38.32 18.92 -120.64
C ILE P 9 -38.87 19.65 -119.42
N THR P 10 -40.01 20.32 -119.59
CA THR P 10 -40.60 21.09 -118.49
C THR P 10 -41.01 20.18 -117.35
N ALA P 11 -41.68 19.07 -117.65
CA ALA P 11 -42.12 18.16 -116.59
C ALA P 11 -40.93 17.57 -115.85
N GLY P 12 -39.90 17.15 -116.60
CA GLY P 12 -38.71 16.63 -115.95
C GLY P 12 -38.04 17.65 -115.06
N ALA P 13 -37.92 18.89 -115.53
CA ALA P 13 -37.30 19.93 -114.72
C ALA P 13 -38.10 20.19 -113.45
N LEU P 14 -39.43 20.24 -113.57
CA LEU P 14 -40.26 20.45 -112.39
C LEU P 14 -40.08 19.35 -111.37
N ILE P 15 -40.12 18.09 -111.81
CA ILE P 15 -40.01 16.99 -110.86
C ILE P 15 -38.59 16.93 -110.27
N GLY P 16 -37.57 17.27 -111.06
CA GLY P 16 -36.22 17.28 -110.52
C GLY P 16 -36.02 18.35 -109.46
N GLY P 17 -36.54 19.56 -109.71
CA GLY P 17 -36.49 20.60 -108.68
C GLY P 17 -37.26 20.22 -107.44
N GLY P 18 -38.43 19.60 -107.63
CA GLY P 18 -39.16 19.08 -106.48
C GLY P 18 -38.34 18.09 -105.67
N LEU P 19 -37.64 17.18 -106.35
CA LEU P 19 -36.84 16.18 -105.65
C LEU P 19 -35.69 16.82 -104.88
N ILE P 20 -35.00 17.77 -105.52
CA ILE P 20 -33.87 18.39 -104.83
C ILE P 20 -34.34 19.16 -103.61
N MET P 21 -35.46 19.87 -103.72
CA MET P 21 -35.95 20.60 -102.56
C MET P 21 -36.50 19.66 -101.49
N GLY P 22 -37.11 18.54 -101.89
CA GLY P 22 -37.53 17.56 -100.90
C GLY P 22 -36.36 17.03 -100.09
N GLY P 23 -35.29 16.64 -100.78
CA GLY P 23 -34.10 16.18 -100.08
C GLY P 23 -33.50 17.25 -99.20
N GLY P 24 -33.39 18.48 -99.71
CA GLY P 24 -32.84 19.56 -98.92
C GLY P 24 -33.67 19.86 -97.69
N ALA P 25 -34.99 19.85 -97.83
CA ALA P 25 -35.87 20.10 -96.69
C ALA P 25 -35.74 18.99 -95.65
N ILE P 26 -35.70 17.73 -96.08
CA ILE P 26 -35.51 16.63 -95.14
C ILE P 26 -34.21 16.83 -94.36
N GLY P 27 -33.11 17.06 -95.09
CA GLY P 27 -31.82 17.17 -94.44
C GLY P 27 -31.74 18.35 -93.50
N ALA P 28 -32.22 19.51 -93.95
CA ALA P 28 -32.19 20.71 -93.11
C ALA P 28 -33.03 20.51 -91.86
N GLY P 29 -34.23 19.95 -92.00
CA GLY P 29 -35.09 19.74 -90.85
C GLY P 29 -34.46 18.82 -89.83
N ILE P 30 -33.93 17.68 -90.28
CA ILE P 30 -33.39 16.71 -89.33
C ILE P 30 -32.11 17.24 -88.68
N GLY P 31 -31.24 17.89 -89.47
CA GLY P 31 -30.03 18.45 -88.89
C GLY P 31 -30.32 19.57 -87.89
N ASP P 32 -31.24 20.47 -88.24
CA ASP P 32 -31.61 21.55 -87.33
C ASP P 32 -32.24 21.00 -86.06
N GLY P 33 -33.07 19.97 -86.19
CA GLY P 33 -33.69 19.37 -85.02
C GLY P 33 -32.67 18.74 -84.09
N ILE P 34 -31.73 17.96 -84.65
CA ILE P 34 -30.73 17.33 -83.79
C ILE P 34 -29.82 18.38 -83.16
N ALA P 35 -29.53 19.46 -83.89
CA ALA P 35 -28.77 20.56 -83.32
C ALA P 35 -29.51 21.20 -82.14
N GLY P 36 -30.82 21.40 -82.30
CA GLY P 36 -31.61 21.95 -81.20
C GLY P 36 -31.64 21.02 -80.00
N ASN P 37 -31.77 19.73 -80.24
CA ASN P 37 -31.71 18.76 -79.14
C ASN P 37 -30.37 18.85 -78.43
N ALA P 38 -29.29 18.97 -79.20
CA ALA P 38 -27.96 19.08 -78.63
C ALA P 38 -27.85 20.32 -77.74
N LEU P 39 -28.33 21.46 -78.24
CA LEU P 39 -28.25 22.69 -77.46
C LEU P 39 -29.09 22.60 -76.18
N ILE P 40 -30.27 22.01 -76.28
CA ILE P 40 -31.12 21.85 -75.09
C ILE P 40 -30.43 20.95 -74.07
N SER P 41 -29.82 19.85 -74.53
CA SER P 41 -29.20 18.92 -73.60
C SER P 41 -27.90 19.47 -73.02
N GLY P 42 -27.23 20.36 -73.73
CA GLY P 42 -25.95 20.86 -73.26
C GLY P 42 -26.02 21.70 -72.01
N ILE P 43 -27.19 22.29 -71.71
CA ILE P 43 -27.33 23.15 -70.53
C ILE P 43 -27.57 22.35 -69.26
N ALA P 44 -27.72 21.03 -69.36
CA ALA P 44 -27.96 20.21 -68.17
C ALA P 44 -26.76 20.23 -67.23
N ARG P 45 -25.55 20.22 -67.79
CA ARG P 45 -24.35 20.20 -66.95
C ARG P 45 -24.26 21.45 -66.08
N GLN P 46 -24.51 22.62 -66.66
CA GLN P 46 -24.51 23.88 -65.92
C GLN P 46 -25.81 24.62 -66.21
N PRO P 47 -26.74 24.67 -65.25
CA PRO P 47 -28.04 25.32 -65.53
C PRO P 47 -27.93 26.80 -65.85
N GLU P 48 -26.92 27.49 -65.34
CA GLU P 48 -26.83 28.93 -65.49
C GLU P 48 -25.57 29.39 -66.22
N ALA P 49 -24.41 28.78 -65.93
CA ALA P 49 -23.15 29.22 -66.52
C ALA P 49 -23.17 28.98 -68.01
N GLN P 50 -23.27 30.05 -68.80
CA GLN P 50 -23.33 29.91 -70.25
C GLN P 50 -21.94 29.73 -70.86
N GLY P 51 -21.07 30.72 -70.67
CA GLY P 51 -19.70 30.62 -71.11
C GLY P 51 -19.46 30.84 -72.58
N ARG P 52 -20.44 31.40 -73.31
CA ARG P 52 -20.32 31.73 -74.73
C ARG P 52 -19.85 30.53 -75.56
N LEU P 53 -20.25 29.33 -75.14
CA LEU P 53 -19.91 28.10 -75.83
C LEU P 53 -20.67 27.92 -77.15
N PHE P 54 -21.40 28.92 -77.61
CA PHE P 54 -22.30 28.75 -78.74
C PHE P 54 -21.63 29.01 -80.09
N THR P 55 -20.37 29.42 -80.12
CA THR P 55 -19.74 29.77 -81.39
C THR P 55 -19.65 28.59 -82.37
N PRO P 56 -19.13 27.41 -82.01
CA PRO P 56 -19.08 26.32 -83.00
C PRO P 56 -20.46 25.83 -83.39
N PHE P 57 -21.41 25.84 -82.45
CA PHE P 57 -22.79 25.50 -82.77
C PHE P 57 -23.35 26.43 -83.84
N PHE P 58 -23.11 27.73 -83.69
CA PHE P 58 -23.63 28.68 -84.66
C PHE P 58 -22.92 28.56 -86.00
N ILE P 59 -21.62 28.25 -86.00
CA ILE P 59 -20.94 28.02 -87.28
C ILE P 59 -21.54 26.80 -87.98
N THR P 60 -21.80 25.73 -87.23
CA THR P 60 -22.37 24.53 -87.83
C THR P 60 -23.77 24.79 -88.39
N VAL P 61 -24.61 25.49 -87.63
CA VAL P 61 -25.96 25.76 -88.12
C VAL P 61 -25.91 26.72 -89.30
N GLY P 62 -24.97 27.66 -89.32
CA GLY P 62 -24.80 28.49 -90.49
C GLY P 62 -24.39 27.69 -91.71
N LEU P 63 -23.53 26.69 -91.52
CA LEU P 63 -23.11 25.85 -92.63
C LEU P 63 -24.27 25.05 -93.20
N VAL P 64 -25.10 24.45 -92.33
CA VAL P 64 -26.23 23.67 -92.83
C VAL P 64 -27.25 24.58 -93.51
N GLU P 65 -27.48 25.77 -92.96
CA GLU P 65 -28.41 26.70 -93.61
C GLU P 65 -27.85 27.20 -94.94
N ALA P 66 -26.52 27.35 -95.04
CA ALA P 66 -25.92 27.73 -96.32
C ALA P 66 -26.11 26.63 -97.36
N ALA P 67 -25.97 25.37 -96.95
CA ALA P 67 -26.25 24.27 -97.87
C ALA P 67 -27.71 24.29 -98.32
N TYR P 68 -28.61 24.53 -97.38
CA TYR P 68 -30.03 24.65 -97.72
C TYR P 68 -30.26 25.77 -98.74
N PHE P 69 -29.61 26.92 -98.52
CA PHE P 69 -29.78 28.06 -99.41
C PHE P 69 -29.19 27.79 -100.78
N ILE P 70 -28.07 27.06 -100.85
CA ILE P 70 -27.51 26.67 -102.14
C ILE P 70 -28.49 25.79 -102.89
N ASN P 71 -29.11 24.83 -102.19
CA ASN P 71 -30.11 23.98 -102.84
C ASN P 71 -31.28 24.81 -103.34
N LEU P 72 -31.75 25.76 -102.52
CA LEU P 72 -32.88 26.59 -102.92
C LEU P 72 -32.55 27.43 -104.14
N ALA P 73 -31.36 28.04 -104.17
CA ALA P 73 -30.97 28.86 -105.31
C ALA P 73 -30.81 28.00 -106.57
N PHE P 74 -30.25 26.80 -106.43
CA PHE P 74 -30.12 25.88 -107.55
C PHE P 74 -31.49 25.55 -108.13
N MET P 75 -32.45 25.20 -107.26
CA MET P 75 -33.79 24.88 -107.74
C MET P 75 -34.45 26.09 -108.41
N ALA P 76 -34.33 27.27 -107.79
CA ALA P 76 -34.96 28.45 -108.37
C ALA P 76 -34.37 28.77 -109.74
N LEU P 77 -33.05 28.69 -109.87
CA LEU P 77 -32.42 28.99 -111.15
C LEU P 77 -32.84 27.99 -112.22
N PHE P 78 -32.93 26.71 -111.87
CA PHE P 78 -33.24 25.70 -112.88
C PHE P 78 -34.74 25.47 -113.06
N VAL P 79 -35.60 26.14 -112.30
CA VAL P 79 -37.02 26.17 -112.61
C VAL P 79 -37.45 27.47 -113.29
N PHE P 80 -36.71 28.57 -113.07
CA PHE P 80 -37.00 29.78 -113.82
C PHE P 80 -36.63 29.61 -115.30
N ALA P 81 -35.52 28.93 -115.58
CA ALA P 81 -35.09 28.70 -116.94
C ALA P 81 -34.36 27.37 -117.00
N THR P 82 -34.79 26.50 -117.91
CA THR P 82 -34.18 25.18 -118.03
C THR P 82 -33.08 25.22 -119.10
N PRO P 83 -31.87 24.74 -118.78
CA PRO P 83 -30.81 24.72 -119.78
C PRO P 83 -31.18 23.82 -120.96
N GLY P 84 -30.69 24.18 -122.13
CA GLY P 84 -31.01 23.45 -123.35
C GLY P 84 -32.31 23.83 -123.99
N LEU P 85 -33.02 24.83 -123.48
CA LEU P 85 -34.27 25.28 -124.08
C LEU P 85 -34.35 26.80 -124.09
N PRO Q 5 -52.89 18.34 -124.52
CA PRO Q 5 -51.78 19.25 -124.78
C PRO Q 5 -50.98 19.59 -123.53
N ASN Q 6 -51.60 20.34 -122.62
CA ASN Q 6 -50.95 20.81 -121.41
C ASN Q 6 -51.23 19.91 -120.20
N ALA Q 7 -51.82 18.73 -120.42
CA ALA Q 7 -52.14 17.85 -119.30
C ALA Q 7 -50.89 17.39 -118.57
N ILE Q 8 -49.82 17.08 -119.33
CA ILE Q 8 -48.60 16.55 -118.71
C ILE Q 8 -47.94 17.61 -117.82
N ILE Q 9 -48.01 18.88 -118.21
CA ILE Q 9 -47.42 19.94 -117.40
C ILE Q 9 -48.14 20.03 -116.05
N THR Q 10 -49.47 20.01 -116.08
CA THR Q 10 -50.24 20.03 -114.86
C THR Q 10 -49.98 18.80 -114.00
N ALA Q 11 -49.87 17.62 -114.62
CA ALA Q 11 -49.58 16.41 -113.87
C ALA Q 11 -48.22 16.50 -113.18
N GLY Q 12 -47.22 17.00 -113.90
CA GLY Q 12 -45.90 17.17 -113.29
C GLY Q 12 -45.92 18.15 -112.13
N ALA Q 13 -46.66 19.26 -112.29
CA ALA Q 13 -46.79 20.22 -111.20
C ALA Q 13 -47.45 19.58 -110.00
N LEU Q 14 -48.50 18.78 -110.22
CA LEU Q 14 -49.18 18.10 -109.12
C LEU Q 14 -48.25 17.12 -108.41
N ILE Q 15 -47.46 16.36 -109.17
CA ILE Q 15 -46.52 15.42 -108.57
C ILE Q 15 -45.49 16.17 -107.72
N GLY Q 16 -44.94 17.26 -108.27
CA GLY Q 16 -43.99 18.04 -107.51
C GLY Q 16 -44.58 18.59 -106.22
N GLY Q 17 -45.81 19.10 -106.29
CA GLY Q 17 -46.46 19.60 -105.08
C GLY Q 17 -46.69 18.51 -104.06
N GLY Q 18 -47.16 17.34 -104.50
CA GLY Q 18 -47.37 16.25 -103.57
C GLY Q 18 -46.09 15.82 -102.88
N LEU Q 19 -45.01 15.68 -103.64
CA LEU Q 19 -43.76 15.22 -103.05
C LEU Q 19 -43.17 16.27 -102.11
N ILE Q 20 -43.29 17.56 -102.45
CA ILE Q 20 -42.72 18.58 -101.57
C ILE Q 20 -43.53 18.68 -100.28
N MET Q 21 -44.86 18.52 -100.36
CA MET Q 21 -45.67 18.45 -99.15
C MET Q 21 -45.28 17.25 -98.29
N GLY Q 22 -45.05 16.10 -98.92
CA GLY Q 22 -44.63 14.93 -98.15
C GLY Q 22 -43.30 15.13 -97.46
N GLY Q 23 -42.33 15.73 -98.17
CA GLY Q 23 -41.04 16.01 -97.55
C GLY Q 23 -41.15 16.99 -96.39
N GLY Q 24 -41.94 18.05 -96.57
CA GLY Q 24 -42.16 18.97 -95.47
C GLY Q 24 -42.80 18.29 -94.28
N ALA Q 25 -43.75 17.38 -94.54
CA ALA Q 25 -44.38 16.62 -93.47
C ALA Q 25 -43.36 15.78 -92.71
N ILE Q 26 -42.50 15.06 -93.44
CA ILE Q 26 -41.46 14.26 -92.79
C ILE Q 26 -40.58 15.13 -91.91
N GLY Q 27 -40.09 16.24 -92.47
CA GLY Q 27 -39.20 17.10 -91.71
C GLY Q 27 -39.84 17.67 -90.47
N ALA Q 28 -41.05 18.23 -90.60
CA ALA Q 28 -41.72 18.81 -89.45
C ALA Q 28 -42.04 17.75 -88.40
N GLY Q 29 -42.49 16.58 -88.83
CA GLY Q 29 -42.84 15.54 -87.87
C GLY Q 29 -41.63 15.06 -87.08
N ILE Q 30 -40.53 14.77 -87.77
CA ILE Q 30 -39.35 14.28 -87.05
C ILE Q 30 -38.81 15.37 -86.13
N GLY Q 31 -38.80 16.62 -86.60
CA GLY Q 31 -38.33 17.71 -85.75
C GLY Q 31 -39.18 17.88 -84.51
N ASP Q 32 -40.50 17.83 -84.67
CA ASP Q 32 -41.40 17.96 -83.53
C ASP Q 32 -41.19 16.81 -82.54
N GLY Q 33 -41.06 15.58 -83.04
CA GLY Q 33 -40.87 14.46 -82.15
C GLY Q 33 -39.59 14.57 -81.35
N ILE Q 34 -38.48 14.90 -82.02
CA ILE Q 34 -37.22 14.97 -81.30
C ILE Q 34 -37.16 16.18 -80.37
N ALA Q 35 -37.83 17.28 -80.73
CA ALA Q 35 -37.94 18.40 -79.79
C ALA Q 35 -38.72 18.01 -78.55
N GLY Q 36 -39.80 17.25 -78.72
CA GLY Q 36 -40.52 16.73 -77.57
C GLY Q 36 -39.66 15.82 -76.71
N ASN Q 37 -38.82 15.00 -77.36
CA ASN Q 37 -37.90 14.16 -76.61
C ASN Q 37 -36.93 15.00 -75.78
N ALA Q 38 -36.40 16.07 -76.38
CA ALA Q 38 -35.51 16.95 -75.64
C ALA Q 38 -36.22 17.59 -74.45
N LEU Q 39 -37.46 18.03 -74.64
CA LEU Q 39 -38.19 18.65 -73.55
C LEU Q 39 -38.47 17.64 -72.43
N ILE Q 40 -38.86 16.42 -72.77
CA ILE Q 40 -39.12 15.40 -71.76
C ILE Q 40 -37.83 15.05 -71.01
N SER Q 41 -36.71 14.96 -71.73
CA SER Q 41 -35.43 14.72 -71.07
C SER Q 41 -35.08 15.85 -70.12
N GLY Q 42 -35.33 17.09 -70.53
CA GLY Q 42 -35.00 18.23 -69.68
C GLY Q 42 -35.86 18.28 -68.43
N ILE Q 43 -37.17 18.04 -68.55
CA ILE Q 43 -38.06 18.12 -67.41
C ILE Q 43 -37.80 16.98 -66.43
N ALA Q 44 -37.37 15.82 -66.92
CA ALA Q 44 -37.22 14.65 -66.05
C ALA Q 44 -36.06 14.78 -65.08
N ARG Q 45 -35.11 15.69 -65.34
CA ARG Q 45 -33.94 15.84 -64.48
C ARG Q 45 -34.15 16.93 -63.42
N GLN Q 46 -34.44 18.15 -63.86
CA GLN Q 46 -34.60 19.29 -62.95
C GLN Q 46 -36.02 19.79 -63.01
N PRO Q 47 -36.89 19.39 -62.06
CA PRO Q 47 -38.27 19.92 -62.05
C PRO Q 47 -38.35 21.41 -61.76
N GLU Q 48 -37.29 22.02 -61.22
CA GLU Q 48 -37.31 23.44 -60.88
C GLU Q 48 -36.84 24.34 -62.01
N ALA Q 49 -36.13 23.81 -63.01
CA ALA Q 49 -35.59 24.59 -64.11
C ALA Q 49 -36.49 24.58 -65.34
N GLN Q 50 -37.81 24.49 -65.14
CA GLN Q 50 -38.73 24.42 -66.28
C GLN Q 50 -38.77 25.70 -67.09
N GLY Q 51 -38.35 26.83 -66.51
CA GLY Q 51 -38.40 28.10 -67.23
C GLY Q 51 -37.26 28.35 -68.19
N ARG Q 52 -36.28 27.44 -68.25
CA ARG Q 52 -35.13 27.59 -69.12
C ARG Q 52 -35.29 26.83 -70.44
N LEU Q 53 -36.51 26.41 -70.77
CA LEU Q 53 -36.76 25.60 -71.95
C LEU Q 53 -37.61 26.30 -72.99
N PHE Q 54 -37.78 27.62 -72.91
CA PHE Q 54 -38.72 28.32 -73.78
C PHE Q 54 -38.06 28.76 -75.09
N THR Q 55 -37.00 29.56 -74.99
CA THR Q 55 -36.37 30.11 -76.20
C THR Q 55 -35.82 29.05 -77.14
N PRO Q 56 -35.09 28.02 -76.69
CA PRO Q 56 -34.62 27.01 -77.66
C PRO Q 56 -35.76 26.27 -78.34
N PHE Q 57 -36.80 25.92 -77.59
CA PHE Q 57 -37.95 25.26 -78.20
C PHE Q 57 -38.62 26.16 -79.23
N PHE Q 58 -38.77 27.45 -78.91
CA PHE Q 58 -39.41 28.37 -79.84
C PHE Q 58 -38.58 28.54 -81.10
N ILE Q 59 -37.27 28.72 -80.97
CA ILE Q 59 -36.44 28.91 -82.15
C ILE Q 59 -36.30 27.62 -82.96
N THR Q 60 -36.44 26.46 -82.33
CA THR Q 60 -36.44 25.21 -83.08
C THR Q 60 -37.75 25.03 -83.84
N VAL Q 61 -38.89 25.31 -83.20
CA VAL Q 61 -40.17 25.19 -83.87
C VAL Q 61 -40.28 26.20 -85.00
N GLY Q 62 -39.65 27.37 -84.85
CA GLY Q 62 -39.71 28.37 -85.90
C GLY Q 62 -39.11 27.89 -87.21
N LEU Q 63 -38.11 27.01 -87.15
CA LEU Q 63 -37.48 26.54 -88.38
C LEU Q 63 -38.41 25.62 -89.17
N VAL Q 64 -39.05 24.67 -88.50
CA VAL Q 64 -40.05 23.84 -89.18
C VAL Q 64 -41.25 24.69 -89.60
N GLU Q 65 -41.51 25.78 -88.86
CA GLU Q 65 -42.59 26.67 -89.27
C GLU Q 65 -42.25 27.38 -90.58
N ALA Q 66 -41.02 27.89 -90.69
CA ALA Q 66 -40.58 28.48 -91.95
C ALA Q 66 -40.54 27.46 -93.07
N ALA Q 67 -40.29 26.19 -92.73
CA ALA Q 67 -40.47 25.13 -93.70
C ALA Q 67 -41.92 25.07 -94.18
N TYR Q 68 -42.87 25.21 -93.26
CA TYR Q 68 -44.28 25.31 -93.67
C TYR Q 68 -44.50 26.48 -94.64
N PHE Q 69 -43.99 27.67 -94.28
CA PHE Q 69 -44.14 28.81 -95.19
C PHE Q 69 -43.60 28.51 -96.58
N ILE Q 70 -42.36 28.01 -96.67
CA ILE Q 70 -41.76 27.83 -97.99
C ILE Q 70 -42.49 26.74 -98.77
N ASN Q 71 -42.90 25.66 -98.09
CA ASN Q 71 -43.60 24.58 -98.78
C ASN Q 71 -44.94 25.05 -99.31
N LEU Q 72 -45.72 25.74 -98.49
CA LEU Q 72 -47.00 26.25 -98.96
C LEU Q 72 -46.82 27.30 -100.06
N ALA Q 73 -45.80 28.15 -99.95
CA ALA Q 73 -45.57 29.16 -100.97
C ALA Q 73 -45.26 28.53 -102.32
N PHE Q 74 -44.43 27.48 -102.33
CA PHE Q 74 -44.11 26.87 -103.62
C PHE Q 74 -45.23 25.94 -104.11
N MET Q 75 -46.05 25.43 -103.19
CA MET Q 75 -47.30 24.78 -103.63
C MET Q 75 -48.18 25.78 -104.37
N ALA Q 76 -48.30 27.00 -103.82
CA ALA Q 76 -49.03 28.06 -104.52
C ALA Q 76 -48.39 28.37 -105.86
N LEU Q 77 -47.07 28.48 -105.88
CA LEU Q 77 -46.34 28.72 -107.12
C LEU Q 77 -46.66 27.67 -108.18
N PHE Q 78 -46.72 26.40 -107.77
CA PHE Q 78 -47.00 25.33 -108.72
C PHE Q 78 -48.48 25.17 -109.05
N VAL Q 79 -49.38 25.73 -108.25
CA VAL Q 79 -50.81 25.56 -108.50
C VAL Q 79 -51.39 26.71 -109.31
N PHE Q 80 -50.97 27.95 -109.06
CA PHE Q 80 -51.67 29.06 -109.70
C PHE Q 80 -51.25 29.22 -111.16
N ALA Q 81 -50.02 28.86 -111.49
CA ALA Q 81 -49.48 29.00 -112.84
C ALA Q 81 -48.75 27.73 -113.25
N THR Q 82 -48.90 27.35 -114.51
CA THR Q 82 -48.22 26.20 -115.07
C THR Q 82 -47.63 26.56 -116.42
N PRO Q 83 -46.50 25.96 -116.79
CA PRO Q 83 -45.93 26.20 -118.12
C PRO Q 83 -46.83 25.64 -119.22
N GLY Q 84 -46.47 26.00 -120.45
CA GLY Q 84 -47.24 25.58 -121.61
C GLY Q 84 -48.48 26.39 -121.87
N LEU Q 85 -48.72 27.47 -121.12
CA LEU Q 85 -49.89 28.30 -121.32
C LEU Q 85 -49.49 29.76 -121.51
N PRO R 5 -59.58 11.98 -122.39
CA PRO R 5 -58.44 11.58 -121.56
C PRO R 5 -58.22 12.53 -120.39
N ASN R 6 -58.81 12.22 -119.24
CA ASN R 6 -58.70 13.07 -118.05
C ASN R 6 -58.25 12.29 -116.83
N ALA R 7 -57.70 11.09 -117.01
CA ALA R 7 -57.27 10.28 -115.88
C ALA R 7 -55.86 10.60 -115.40
N ILE R 8 -55.08 11.33 -116.19
CA ILE R 8 -53.72 11.65 -115.79
C ILE R 8 -53.72 12.57 -114.57
N ILE R 9 -54.59 13.58 -114.57
CA ILE R 9 -54.65 14.51 -113.44
C ILE R 9 -55.12 13.78 -112.18
N THR R 10 -56.12 12.90 -112.32
CA THR R 10 -56.58 12.13 -111.17
C THR R 10 -55.49 11.22 -110.63
N ALA R 11 -54.75 10.56 -111.53
CA ALA R 11 -53.66 9.69 -111.10
C ALA R 11 -52.58 10.49 -110.36
N GLY R 12 -52.22 11.65 -110.90
CA GLY R 12 -51.23 12.49 -110.22
C GLY R 12 -51.71 12.96 -108.86
N ALA R 13 -52.97 13.36 -108.77
CA ALA R 13 -53.52 13.82 -107.50
C ALA R 13 -53.51 12.69 -106.47
N LEU R 14 -53.94 11.49 -106.85
CA LEU R 14 -53.97 10.39 -105.89
C LEU R 14 -52.56 9.99 -105.49
N ILE R 15 -51.61 10.02 -106.43
CA ILE R 15 -50.24 9.66 -106.11
C ILE R 15 -49.65 10.64 -105.11
N GLY R 16 -49.82 11.93 -105.36
CA GLY R 16 -49.31 12.93 -104.44
C GLY R 16 -49.95 12.84 -103.08
N GLY R 17 -51.28 12.68 -103.04
CA GLY R 17 -51.95 12.52 -101.76
C GLY R 17 -51.46 11.30 -101.00
N GLY R 18 -51.28 10.18 -101.69
CA GLY R 18 -50.82 8.97 -101.03
C GLY R 18 -49.42 9.13 -100.46
N LEU R 19 -48.52 9.77 -101.23
CA LEU R 19 -47.19 10.06 -100.70
C LEU R 19 -47.27 10.90 -99.45
N ILE R 20 -48.10 11.95 -99.48
CA ILE R 20 -48.22 12.84 -98.33
C ILE R 20 -48.73 12.09 -97.11
N MET R 21 -49.75 11.24 -97.30
CA MET R 21 -50.34 10.58 -96.15
C MET R 21 -49.42 9.50 -95.59
N GLY R 22 -48.70 8.79 -96.46
CA GLY R 22 -47.68 7.89 -95.96
C GLY R 22 -46.64 8.61 -95.13
N GLY R 23 -46.18 9.77 -95.62
CA GLY R 23 -45.21 10.54 -94.86
C GLY R 23 -45.73 10.98 -93.51
N GLY R 24 -46.96 11.51 -93.50
CA GLY R 24 -47.55 11.94 -92.24
C GLY R 24 -47.71 10.80 -91.26
N ALA R 25 -48.17 9.65 -91.75
CA ALA R 25 -48.36 8.50 -90.88
C ALA R 25 -47.05 8.03 -90.28
N ILE R 26 -45.99 7.94 -91.08
CA ILE R 26 -44.72 7.45 -90.55
C ILE R 26 -44.14 8.46 -89.57
N GLY R 27 -44.28 9.76 -89.86
CA GLY R 27 -43.80 10.75 -88.91
C GLY R 27 -44.52 10.67 -87.59
N ALA R 28 -45.86 10.55 -87.63
CA ALA R 28 -46.63 10.45 -86.41
C ALA R 28 -46.26 9.19 -85.63
N GLY R 29 -46.09 8.07 -86.32
CA GLY R 29 -45.75 6.83 -85.63
C GLY R 29 -44.41 6.90 -84.94
N ILE R 30 -43.38 7.39 -85.65
CA ILE R 30 -42.06 7.46 -85.04
C ILE R 30 -42.05 8.45 -83.88
N GLY R 31 -42.75 9.59 -84.04
CA GLY R 31 -42.82 10.53 -82.94
C GLY R 31 -43.52 9.96 -81.72
N ASP R 32 -44.62 9.25 -81.93
CA ASP R 32 -45.33 8.64 -80.80
C ASP R 32 -44.45 7.62 -80.10
N GLY R 33 -43.77 6.77 -80.88
CA GLY R 33 -42.92 5.76 -80.26
C GLY R 33 -41.78 6.35 -79.46
N ILE R 34 -41.10 7.35 -80.03
CA ILE R 34 -39.97 7.94 -79.32
C ILE R 34 -40.44 8.74 -78.10
N ALA R 35 -41.60 9.38 -78.19
CA ALA R 35 -42.15 10.07 -77.03
C ALA R 35 -42.51 9.09 -75.92
N GLY R 36 -43.07 7.94 -76.28
CA GLY R 36 -43.34 6.92 -75.28
C GLY R 36 -42.07 6.40 -74.64
N ASN R 37 -41.02 6.22 -75.44
CA ASN R 37 -39.72 5.84 -74.89
C ASN R 37 -39.25 6.86 -73.86
N ALA R 38 -39.32 8.15 -74.21
CA ALA R 38 -38.89 9.19 -73.28
C ALA R 38 -39.70 9.17 -72.00
N LEU R 39 -41.03 9.01 -72.13
CA LEU R 39 -41.90 9.03 -70.96
C LEU R 39 -41.61 7.86 -70.04
N ILE R 40 -41.49 6.65 -70.60
CA ILE R 40 -41.25 5.49 -69.75
C ILE R 40 -39.87 5.57 -69.11
N SER R 41 -38.88 6.12 -69.82
CA SER R 41 -37.57 6.33 -69.21
C SER R 41 -37.67 7.30 -68.05
N GLY R 42 -38.39 8.40 -68.24
CA GLY R 42 -38.52 9.38 -67.16
C GLY R 42 -39.22 8.82 -65.94
N ILE R 43 -40.27 8.03 -66.15
CA ILE R 43 -40.96 7.46 -64.99
C ILE R 43 -40.20 6.29 -64.40
N ALA R 44 -39.28 5.68 -65.14
CA ALA R 44 -38.44 4.63 -64.57
C ALA R 44 -37.33 5.22 -63.70
N ARG R 45 -36.76 6.36 -64.11
CA ARG R 45 -35.72 6.98 -63.30
C ARG R 45 -36.29 7.53 -61.99
N GLN R 46 -37.44 8.19 -62.05
CA GLN R 46 -38.07 8.75 -60.86
C GLN R 46 -39.40 8.06 -60.61
N PRO R 47 -39.47 7.13 -59.65
CA PRO R 47 -40.74 6.41 -59.45
C PRO R 47 -41.78 7.22 -58.71
N GLU R 48 -41.38 8.03 -57.73
CA GLU R 48 -42.31 8.75 -56.88
C GLU R 48 -42.69 10.13 -57.40
N ALA R 49 -42.05 10.59 -58.48
CA ALA R 49 -42.32 11.91 -59.05
C ALA R 49 -43.16 11.75 -60.31
N GLN R 50 -44.46 12.01 -60.18
CA GLN R 50 -45.37 11.90 -61.32
C GLN R 50 -46.37 13.05 -61.26
N GLY R 51 -46.80 13.49 -62.44
CA GLY R 51 -47.74 14.59 -62.57
C GLY R 51 -47.18 15.81 -63.25
N ARG R 52 -45.88 15.87 -63.48
CA ARG R 52 -45.24 17.01 -64.13
C ARG R 52 -44.80 16.71 -65.56
N LEU R 53 -44.37 15.47 -65.83
CA LEU R 53 -44.00 15.02 -67.16
C LEU R 53 -45.21 14.53 -67.96
N PHE R 54 -46.40 14.96 -67.55
CA PHE R 54 -47.67 14.43 -68.00
C PHE R 54 -48.32 15.32 -69.05
N THR R 55 -48.50 16.60 -68.73
CA THR R 55 -48.95 17.59 -69.69
C THR R 55 -47.95 17.87 -70.81
N PRO R 56 -46.62 17.73 -70.63
CA PRO R 56 -45.76 17.78 -71.82
C PRO R 56 -46.03 16.65 -72.79
N PHE R 57 -46.34 15.47 -72.26
CA PHE R 57 -46.77 14.37 -73.11
C PHE R 57 -48.04 14.73 -73.87
N PHE R 58 -49.01 15.33 -73.18
CA PHE R 58 -50.22 15.76 -73.88
C PHE R 58 -49.92 16.80 -74.95
N ILE R 59 -49.07 17.78 -74.65
CA ILE R 59 -48.84 18.82 -75.66
C ILE R 59 -48.14 18.23 -76.88
N THR R 60 -47.18 17.33 -76.66
CA THR R 60 -46.48 16.72 -77.80
C THR R 60 -47.44 15.90 -78.65
N VAL R 61 -48.23 15.04 -78.01
CA VAL R 61 -49.13 14.19 -78.77
C VAL R 61 -50.21 15.03 -79.45
N GLY R 62 -50.66 16.11 -78.79
CA GLY R 62 -51.63 16.99 -79.40
C GLY R 62 -51.08 17.68 -80.64
N LEU R 63 -49.84 18.15 -80.57
CA LEU R 63 -49.24 18.83 -81.72
C LEU R 63 -49.10 17.87 -82.90
N VAL R 64 -48.57 16.66 -82.64
CA VAL R 64 -48.38 15.72 -83.74
C VAL R 64 -49.73 15.26 -84.31
N GLU R 65 -50.73 15.07 -83.43
CA GLU R 65 -52.04 14.64 -83.90
C GLU R 65 -52.74 15.74 -84.69
N ALA R 66 -52.58 16.99 -84.26
CA ALA R 66 -53.17 18.10 -85.01
C ALA R 66 -52.52 18.24 -86.38
N ALA R 67 -51.20 18.08 -86.46
CA ALA R 67 -50.54 18.09 -87.76
C ALA R 67 -51.06 16.96 -88.64
N TYR R 68 -51.22 15.77 -88.06
CA TYR R 68 -51.76 14.63 -88.80
C TYR R 68 -53.17 14.93 -89.31
N PHE R 69 -54.01 15.50 -88.45
CA PHE R 69 -55.40 15.77 -88.82
C PHE R 69 -55.51 16.82 -89.90
N ILE R 70 -54.73 17.91 -89.80
CA ILE R 70 -54.80 18.95 -90.80
C ILE R 70 -54.25 18.44 -92.14
N ASN R 71 -53.22 17.60 -92.10
CA ASN R 71 -52.71 17.02 -93.34
C ASN R 71 -53.74 16.07 -93.96
N LEU R 72 -54.43 15.30 -93.13
CA LEU R 72 -55.50 14.44 -93.63
C LEU R 72 -56.60 15.26 -94.28
N ALA R 73 -56.98 16.38 -93.66
CA ALA R 73 -58.01 17.24 -94.25
C ALA R 73 -57.53 17.85 -95.57
N PHE R 74 -56.25 18.24 -95.63
CA PHE R 74 -55.70 18.77 -96.88
C PHE R 74 -55.78 17.73 -97.98
N MET R 75 -55.41 16.49 -97.67
CA MET R 75 -55.51 15.43 -98.68
C MET R 75 -56.95 15.19 -99.10
N ALA R 76 -57.87 15.20 -98.13
CA ALA R 76 -59.27 14.96 -98.45
C ALA R 76 -59.81 16.04 -99.39
N LEU R 77 -59.51 17.31 -99.11
CA LEU R 77 -59.99 18.38 -99.97
C LEU R 77 -59.29 18.35 -101.33
N PHE R 78 -58.02 17.94 -101.37
CA PHE R 78 -57.30 17.91 -102.64
C PHE R 78 -57.73 16.75 -103.52
N VAL R 79 -58.17 15.64 -102.92
CA VAL R 79 -58.51 14.45 -103.67
C VAL R 79 -59.99 14.39 -104.02
N PHE R 80 -60.86 14.54 -103.02
CA PHE R 80 -62.29 14.44 -103.27
C PHE R 80 -62.77 15.57 -104.19
N ALA R 81 -62.39 16.80 -103.88
CA ALA R 81 -62.73 17.93 -104.73
C ALA R 81 -61.74 18.03 -105.88
N THR R 82 -62.18 18.68 -106.96
CA THR R 82 -61.39 18.81 -108.18
C THR R 82 -61.32 20.27 -108.58
N PRO R 83 -60.43 21.05 -107.96
CA PRO R 83 -60.28 22.46 -108.37
C PRO R 83 -59.58 22.59 -109.71
N GLY R 84 -60.27 22.21 -110.79
CA GLY R 84 -59.69 22.24 -112.11
C GLY R 84 -58.54 21.27 -112.31
N LEU R 85 -58.60 20.10 -111.68
CA LEU R 85 -57.54 19.11 -111.79
C LEU R 85 -58.04 17.73 -111.37
N LEU S 3 -58.11 5.11 -125.11
CA LEU S 3 -58.14 3.93 -124.25
C LEU S 3 -59.02 4.15 -123.02
N ASP S 4 -59.20 3.10 -122.23
CA ASP S 4 -60.04 3.20 -121.05
C ASP S 4 -59.27 3.87 -119.91
N PRO S 5 -59.75 5.00 -119.39
CA PRO S 5 -59.07 5.61 -118.22
C PRO S 5 -59.12 4.76 -116.98
N ASN S 6 -60.04 3.79 -116.92
CA ASN S 6 -60.16 2.94 -115.73
C ASN S 6 -58.87 2.16 -115.50
N ALA S 7 -58.23 1.69 -116.57
CA ALA S 7 -57.02 0.89 -116.41
C ALA S 7 -55.91 1.69 -115.73
N ILE S 8 -55.62 2.89 -116.23
CA ILE S 8 -54.56 3.70 -115.65
C ILE S 8 -54.95 4.18 -114.27
N ILE S 9 -56.23 4.49 -114.05
CA ILE S 9 -56.68 4.90 -112.73
C ILE S 9 -56.43 3.78 -111.71
N THR S 10 -56.80 2.55 -112.07
CA THR S 10 -56.59 1.43 -111.16
C THR S 10 -55.11 1.14 -110.96
N ALA S 11 -54.29 1.28 -112.01
CA ALA S 11 -52.86 1.09 -111.84
C ALA S 11 -52.27 2.10 -110.86
N GLY S 12 -52.67 3.36 -110.99
CA GLY S 12 -52.23 4.37 -110.04
C GLY S 12 -52.70 4.09 -108.63
N ALA S 13 -53.95 3.63 -108.50
CA ALA S 13 -54.46 3.26 -107.19
C ALA S 13 -53.63 2.14 -106.57
N LEU S 14 -53.29 1.15 -107.38
CA LEU S 14 -52.51 0.02 -106.88
C LEU S 14 -51.12 0.46 -106.43
N ILE S 15 -50.43 1.26 -107.24
CA ILE S 15 -49.07 1.67 -106.87
C ILE S 15 -49.10 2.58 -105.65
N GLY S 16 -50.10 3.47 -105.57
CA GLY S 16 -50.22 4.33 -104.40
C GLY S 16 -50.49 3.54 -103.14
N GLY S 17 -51.41 2.58 -103.21
CA GLY S 17 -51.66 1.73 -102.06
C GLY S 17 -50.44 0.96 -101.63
N GLY S 18 -49.67 0.44 -102.59
CA GLY S 18 -48.46 -0.28 -102.25
C GLY S 18 -47.44 0.59 -101.54
N LEU S 19 -47.20 1.79 -102.06
CA LEU S 19 -46.23 2.68 -101.42
C LEU S 19 -46.71 3.12 -100.04
N ILE S 20 -48.00 3.42 -99.90
CA ILE S 20 -48.53 3.79 -98.59
C ILE S 20 -48.37 2.64 -97.60
N MET S 21 -48.64 1.41 -98.06
CA MET S 21 -48.57 0.27 -97.16
C MET S 21 -47.14 0.00 -96.73
N GLY S 22 -46.19 0.12 -97.65
CA GLY S 22 -44.78 -0.01 -97.28
C GLY S 22 -44.37 1.04 -96.25
N GLY S 23 -44.79 2.29 -96.48
CA GLY S 23 -44.48 3.34 -95.51
C GLY S 23 -45.07 3.04 -94.15
N GLY S 24 -46.35 2.64 -94.11
CA GLY S 24 -46.98 2.34 -92.84
C GLY S 24 -46.30 1.19 -92.12
N ALA S 25 -45.88 0.17 -92.87
CA ALA S 25 -45.14 -0.93 -92.26
C ALA S 25 -43.83 -0.43 -91.65
N ILE S 26 -43.12 0.44 -92.37
CA ILE S 26 -41.87 0.99 -91.83
C ILE S 26 -42.15 1.74 -90.53
N GLY S 27 -43.18 2.59 -90.53
CA GLY S 27 -43.48 3.38 -89.35
C GLY S 27 -43.86 2.51 -88.15
N ALA S 28 -44.69 1.50 -88.38
CA ALA S 28 -45.08 0.60 -87.31
C ALA S 28 -43.87 -0.16 -86.77
N GLY S 29 -42.99 -0.61 -87.66
CA GLY S 29 -41.78 -1.30 -87.22
C GLY S 29 -40.91 -0.42 -86.35
N ILE S 30 -40.69 0.82 -86.77
CA ILE S 30 -39.87 1.73 -85.98
C ILE S 30 -40.50 1.97 -84.61
N GLY S 31 -41.80 2.23 -84.59
CA GLY S 31 -42.47 2.49 -83.32
C GLY S 31 -42.41 1.31 -82.37
N ASP S 32 -42.70 0.11 -82.88
CA ASP S 32 -42.64 -1.08 -82.04
C ASP S 32 -41.23 -1.33 -81.53
N GLY S 33 -40.23 -1.16 -82.39
CA GLY S 33 -38.86 -1.40 -81.97
C GLY S 33 -38.42 -0.45 -80.88
N ILE S 34 -38.72 0.84 -81.03
CA ILE S 34 -38.30 1.80 -80.02
C ILE S 34 -39.08 1.58 -78.72
N ALA S 35 -40.36 1.22 -78.82
CA ALA S 35 -41.13 0.93 -77.61
C ALA S 35 -40.56 -0.27 -76.87
N GLY S 36 -40.20 -1.32 -77.59
CA GLY S 36 -39.61 -2.49 -76.95
C GLY S 36 -38.27 -2.19 -76.32
N ASN S 37 -37.42 -1.45 -77.04
CA ASN S 37 -36.17 -0.97 -76.47
C ASN S 37 -36.43 -0.27 -75.14
N ALA S 38 -37.37 0.67 -75.13
CA ALA S 38 -37.66 1.42 -73.92
C ALA S 38 -38.09 0.49 -72.78
N LEU S 39 -39.05 -0.39 -73.07
CA LEU S 39 -39.62 -1.23 -72.01
C LEU S 39 -38.56 -2.16 -71.42
N ILE S 40 -37.86 -2.91 -72.26
CA ILE S 40 -36.93 -3.89 -71.73
C ILE S 40 -35.66 -3.24 -71.20
N SER S 41 -35.32 -2.01 -71.63
CA SER S 41 -34.24 -1.30 -70.98
C SER S 41 -34.67 -0.83 -69.58
N GLY S 42 -35.92 -0.38 -69.44
CA GLY S 42 -36.40 0.02 -68.14
C GLY S 42 -36.48 -1.14 -67.16
N ILE S 43 -36.90 -2.31 -67.64
CA ILE S 43 -37.02 -3.48 -66.76
C ILE S 43 -35.67 -4.02 -66.30
N ALA S 44 -34.58 -3.59 -66.94
CA ALA S 44 -33.26 -4.13 -66.61
C ALA S 44 -32.73 -3.65 -65.27
N ARG S 45 -33.34 -2.63 -64.67
CA ARG S 45 -32.81 -2.08 -63.43
C ARG S 45 -33.18 -2.94 -62.22
N GLN S 46 -34.48 -3.06 -61.95
CA GLN S 46 -34.97 -3.82 -60.81
C GLN S 46 -36.26 -4.52 -61.18
N PRO S 47 -36.60 -5.61 -60.51
CA PRO S 47 -37.92 -6.23 -60.68
C PRO S 47 -38.99 -5.69 -59.75
N GLU S 48 -38.66 -4.74 -58.88
CA GLU S 48 -39.63 -4.23 -57.92
C GLU S 48 -40.76 -3.47 -58.63
N ALA S 49 -40.42 -2.68 -59.64
CA ALA S 49 -41.41 -1.90 -60.38
C ALA S 49 -41.97 -2.64 -61.59
N GLN S 50 -41.79 -3.96 -61.64
CA GLN S 50 -42.25 -4.72 -62.81
C GLN S 50 -43.76 -4.65 -62.96
N GLY S 51 -44.49 -4.68 -61.85
CA GLY S 51 -45.95 -4.69 -61.90
C GLY S 51 -46.61 -3.35 -62.08
N ARG S 52 -45.84 -2.27 -62.20
CA ARG S 52 -46.40 -0.93 -62.33
C ARG S 52 -45.85 -0.20 -63.55
N LEU S 53 -45.57 -0.94 -64.63
CA LEU S 53 -45.04 -0.31 -65.84
C LEU S 53 -45.68 -0.80 -67.12
N PHE S 54 -46.63 -1.73 -67.07
CA PHE S 54 -47.23 -2.25 -68.29
C PHE S 54 -48.25 -1.28 -68.89
N THR S 55 -48.98 -0.56 -68.03
CA THR S 55 -50.03 0.32 -68.53
C THR S 55 -49.51 1.45 -69.42
N PRO S 56 -48.43 2.17 -69.08
CA PRO S 56 -47.92 3.17 -70.04
C PRO S 56 -47.46 2.56 -71.35
N PHE S 57 -46.90 1.36 -71.30
CA PHE S 57 -46.48 0.67 -72.53
C PHE S 57 -47.68 0.37 -73.42
N PHE S 58 -48.75 -0.17 -72.84
CA PHE S 58 -49.95 -0.45 -73.62
C PHE S 58 -50.55 0.84 -74.15
N ILE S 59 -50.56 1.90 -73.33
CA ILE S 59 -51.12 3.17 -73.77
C ILE S 59 -50.34 3.72 -74.97
N THR S 60 -49.00 3.68 -74.89
CA THR S 60 -48.21 4.27 -75.96
C THR S 60 -48.22 3.41 -77.22
N VAL S 61 -48.41 2.09 -77.09
CA VAL S 61 -48.53 1.27 -78.29
C VAL S 61 -49.93 1.38 -78.89
N GLY S 62 -50.93 1.78 -78.09
CA GLY S 62 -52.26 1.97 -78.63
C GLY S 62 -52.32 3.01 -79.72
N LEU S 63 -51.59 4.11 -79.56
CA LEU S 63 -51.62 5.16 -80.56
C LEU S 63 -51.08 4.68 -81.91
N VAL S 64 -49.95 3.98 -81.90
CA VAL S 64 -49.36 3.54 -83.16
C VAL S 64 -50.20 2.44 -83.80
N GLU S 65 -50.73 1.52 -82.99
CA GLU S 65 -51.58 0.48 -83.57
C GLU S 65 -52.86 1.08 -84.13
N ALA S 66 -53.41 2.11 -83.49
CA ALA S 66 -54.60 2.77 -84.03
C ALA S 66 -54.28 3.51 -85.32
N ALA S 67 -53.08 4.11 -85.41
CA ALA S 67 -52.68 4.75 -86.66
C ALA S 67 -52.57 3.74 -87.78
N TYR S 68 -51.98 2.57 -87.50
CA TYR S 68 -51.90 1.52 -88.50
C TYR S 68 -53.30 1.04 -88.90
N PHE S 69 -54.20 0.94 -87.93
CA PHE S 69 -55.58 0.55 -88.22
C PHE S 69 -56.26 1.59 -89.11
N ILE S 70 -56.01 2.87 -88.85
CA ILE S 70 -56.58 3.93 -89.69
C ILE S 70 -56.06 3.79 -91.11
N ASN S 71 -54.75 3.55 -91.26
CA ASN S 71 -54.17 3.42 -92.59
C ASN S 71 -54.78 2.23 -93.34
N LEU S 72 -54.92 1.09 -92.66
CA LEU S 72 -55.46 -0.09 -93.33
C LEU S 72 -56.93 0.08 -93.65
N ALA S 73 -57.68 0.76 -92.78
CA ALA S 73 -59.08 1.04 -93.08
C ALA S 73 -59.21 1.96 -94.29
N PHE S 74 -58.35 2.97 -94.39
CA PHE S 74 -58.37 3.84 -95.56
C PHE S 74 -58.01 3.06 -96.82
N MET S 75 -57.02 2.17 -96.72
CA MET S 75 -56.70 1.29 -97.85
C MET S 75 -57.92 0.48 -98.27
N ALA S 76 -58.63 -0.11 -97.30
CA ALA S 76 -59.79 -0.93 -97.61
C ALA S 76 -60.87 -0.11 -98.31
N LEU S 77 -61.20 1.07 -97.76
CA LEU S 77 -62.22 1.91 -98.38
C LEU S 77 -61.80 2.33 -99.78
N PHE S 78 -60.53 2.70 -99.96
CA PHE S 78 -60.07 3.17 -101.26
C PHE S 78 -60.10 2.06 -102.31
N VAL S 79 -59.68 0.85 -101.93
CA VAL S 79 -59.66 -0.25 -102.89
C VAL S 79 -61.04 -0.84 -103.13
N PHE S 80 -62.00 -0.59 -102.23
CA PHE S 80 -63.34 -1.13 -102.44
C PHE S 80 -64.25 -0.13 -103.16
N ALA S 81 -64.48 1.03 -102.54
CA ALA S 81 -65.43 1.99 -103.11
C ALA S 81 -64.85 2.74 -104.30
N THR S 82 -63.55 3.04 -104.28
CA THR S 82 -62.89 3.87 -105.29
C THR S 82 -63.62 5.20 -105.43
N PRO S 83 -63.50 6.09 -104.44
CA PRO S 83 -64.27 7.35 -104.50
C PRO S 83 -63.93 8.23 -105.68
N GLY S 84 -62.70 8.19 -106.17
CA GLY S 84 -62.29 9.04 -107.27
C GLY S 84 -62.69 8.57 -108.65
N LEU S 85 -63.31 7.40 -108.76
CA LEU S 85 -63.71 6.86 -110.06
C LEU S 85 -64.82 7.70 -110.69
N PRO T 5 -56.28 -4.59 -123.00
CA PRO T 5 -56.43 -3.41 -122.15
C PRO T 5 -56.72 -3.76 -120.69
N ASN T 6 -56.33 -4.97 -120.29
CA ASN T 6 -56.53 -5.41 -118.92
C ASN T 6 -55.23 -5.96 -118.33
N ALA T 7 -54.32 -6.41 -119.19
CA ALA T 7 -53.07 -6.98 -118.72
C ALA T 7 -52.18 -5.94 -118.04
N ILE T 8 -52.24 -4.69 -118.51
CA ILE T 8 -51.38 -3.63 -117.97
C ILE T 8 -51.61 -3.42 -116.49
N ILE T 9 -52.75 -3.87 -115.95
CA ILE T 9 -53.00 -3.75 -114.52
C ILE T 9 -51.98 -4.56 -113.73
N THR T 10 -51.68 -5.78 -114.20
CA THR T 10 -50.88 -6.71 -113.43
C THR T 10 -49.55 -6.09 -113.00
N ALA T 11 -48.82 -5.53 -113.96
CA ALA T 11 -47.52 -4.92 -113.65
C ALA T 11 -47.66 -3.93 -112.50
N GLY T 12 -48.68 -3.07 -112.55
CA GLY T 12 -48.86 -2.09 -111.49
C GLY T 12 -48.97 -2.75 -110.13
N ALA T 13 -49.78 -3.80 -110.02
CA ALA T 13 -49.86 -4.55 -108.77
C ALA T 13 -48.48 -5.01 -108.34
N LEU T 14 -47.74 -5.62 -109.28
CA LEU T 14 -46.38 -6.03 -108.99
C LEU T 14 -45.59 -4.86 -108.42
N ILE T 15 -45.65 -3.71 -109.10
CA ILE T 15 -45.00 -2.50 -108.60
C ILE T 15 -45.38 -2.27 -107.15
N GLY T 16 -46.69 -2.15 -106.89
CA GLY T 16 -47.13 -1.91 -105.54
C GLY T 16 -46.63 -2.97 -104.58
N GLY T 17 -46.69 -4.23 -105.00
CA GLY T 17 -46.20 -5.30 -104.14
C GLY T 17 -44.76 -5.07 -103.73
N GLY T 18 -43.91 -4.74 -104.71
CA GLY T 18 -42.55 -4.36 -104.38
C GLY T 18 -42.50 -3.34 -103.28
N LEU T 19 -43.17 -2.20 -103.51
CA LEU T 19 -43.27 -1.18 -102.48
C LEU T 19 -43.66 -1.82 -101.16
N ILE T 20 -44.84 -2.45 -101.16
CA ILE T 20 -45.35 -3.11 -99.97
C ILE T 20 -44.25 -3.89 -99.30
N MET T 21 -43.65 -4.82 -100.04
CA MET T 21 -42.82 -5.83 -99.41
C MET T 21 -41.64 -5.15 -98.75
N GLY T 22 -41.02 -4.21 -99.48
CA GLY T 22 -39.85 -3.55 -98.95
C GLY T 22 -40.15 -2.93 -97.61
N GLY T 23 -41.26 -2.20 -97.53
CA GLY T 23 -41.61 -1.54 -96.28
C GLY T 23 -41.61 -2.52 -95.13
N GLY T 24 -42.32 -3.64 -95.29
CA GLY T 24 -42.37 -4.61 -94.23
C GLY T 24 -40.99 -5.01 -93.78
N ALA T 25 -40.13 -5.38 -94.75
CA ALA T 25 -38.78 -5.79 -94.43
C ALA T 25 -38.11 -4.74 -93.54
N ILE T 26 -38.17 -3.48 -93.98
CA ILE T 26 -37.53 -2.40 -93.23
C ILE T 26 -37.93 -2.50 -91.77
N GLY T 27 -39.24 -2.40 -91.52
CA GLY T 27 -39.74 -2.35 -90.16
C GLY T 27 -39.18 -3.53 -89.41
N ALA T 28 -39.40 -4.73 -89.98
CA ALA T 28 -39.02 -5.94 -89.29
C ALA T 28 -37.57 -5.86 -88.87
N GLY T 29 -36.69 -5.57 -89.83
CA GLY T 29 -35.27 -5.52 -89.56
C GLY T 29 -35.04 -4.63 -88.37
N ILE T 30 -35.45 -3.37 -88.51
CA ILE T 30 -35.13 -2.38 -87.48
C ILE T 30 -35.62 -2.89 -86.14
N GLY T 31 -36.88 -3.34 -86.10
CA GLY T 31 -37.49 -3.79 -84.88
C GLY T 31 -36.57 -4.80 -84.23
N ASP T 32 -36.36 -5.92 -84.93
CA ASP T 32 -35.56 -6.99 -84.36
C ASP T 32 -34.24 -6.43 -83.86
N GLY T 33 -33.55 -5.68 -84.73
CA GLY T 33 -32.24 -5.19 -84.37
C GLY T 33 -32.26 -4.42 -83.07
N ILE T 34 -33.12 -3.40 -82.99
CA ILE T 34 -33.06 -2.54 -81.82
C ILE T 34 -33.42 -3.35 -80.58
N ALA T 35 -34.39 -4.26 -80.71
CA ALA T 35 -34.76 -5.10 -79.58
C ALA T 35 -33.52 -5.81 -79.05
N GLY T 36 -32.79 -6.49 -79.94
CA GLY T 36 -31.61 -7.21 -79.51
C GLY T 36 -30.65 -6.32 -78.75
N ASN T 37 -30.45 -5.10 -79.27
CA ASN T 37 -29.58 -4.15 -78.59
C ASN T 37 -29.95 -4.06 -77.11
N ALA T 38 -31.19 -3.64 -76.85
CA ALA T 38 -31.62 -3.48 -75.46
C ALA T 38 -31.44 -4.78 -74.70
N LEU T 39 -31.81 -5.90 -75.33
CA LEU T 39 -31.70 -7.19 -74.66
C LEU T 39 -30.29 -7.40 -74.12
N ILE T 40 -29.28 -7.17 -74.97
CA ILE T 40 -27.93 -7.49 -74.54
C ILE T 40 -27.54 -6.63 -73.35
N SER T 41 -28.00 -5.37 -73.34
CA SER T 41 -27.69 -4.49 -72.22
C SER T 41 -28.14 -5.13 -70.91
N GLY T 42 -29.37 -5.65 -70.90
CA GLY T 42 -29.83 -6.34 -69.70
C GLY T 42 -28.95 -7.51 -69.35
N ILE T 43 -28.66 -8.36 -70.32
CA ILE T 43 -27.82 -9.52 -70.03
C ILE T 43 -26.38 -9.11 -69.82
N ALA T 44 -26.05 -7.86 -70.15
CA ALA T 44 -24.74 -7.34 -69.78
C ALA T 44 -24.63 -7.07 -68.29
N ARG T 45 -25.73 -6.65 -67.66
CA ARG T 45 -25.65 -6.18 -66.27
C ARG T 45 -25.31 -7.31 -65.32
N GLN T 46 -26.04 -8.42 -65.39
CA GLN T 46 -25.82 -9.53 -64.48
C GLN T 46 -26.14 -10.83 -65.20
N PRO T 47 -25.45 -11.92 -64.86
CA PRO T 47 -25.81 -13.22 -65.44
C PRO T 47 -27.10 -13.78 -64.87
N GLU T 48 -27.49 -13.39 -63.66
CA GLU T 48 -28.67 -13.96 -63.00
C GLU T 48 -29.95 -13.28 -63.48
N ALA T 49 -30.12 -13.28 -64.81
CA ALA T 49 -31.30 -12.69 -65.45
C ALA T 49 -31.93 -13.80 -66.31
N GLN T 50 -32.78 -14.62 -65.68
CA GLN T 50 -33.47 -15.69 -66.36
C GLN T 50 -34.90 -15.75 -65.87
N GLY T 51 -35.84 -15.92 -66.79
CA GLY T 51 -37.25 -15.82 -66.48
C GLY T 51 -37.76 -14.40 -66.38
N ARG T 52 -36.91 -13.41 -66.65
CA ARG T 52 -37.28 -12.00 -66.58
C ARG T 52 -37.06 -11.26 -67.89
N LEU T 53 -36.68 -11.97 -68.96
CA LEU T 53 -36.46 -11.36 -70.26
C LEU T 53 -37.33 -11.96 -71.36
N PHE T 54 -37.98 -13.09 -71.12
CA PHE T 54 -38.74 -13.75 -72.18
C PHE T 54 -39.97 -12.93 -72.55
N THR T 55 -40.74 -12.49 -71.56
CA THR T 55 -42.01 -11.83 -71.84
C THR T 55 -41.87 -10.55 -72.66
N PRO T 56 -41.01 -9.59 -72.33
CA PRO T 56 -40.98 -8.36 -73.12
C PRO T 56 -40.44 -8.56 -74.52
N PHE T 57 -39.37 -9.36 -74.65
CA PHE T 57 -38.81 -9.65 -75.96
C PHE T 57 -39.85 -10.35 -76.85
N PHE T 58 -40.59 -11.30 -76.28
CA PHE T 58 -41.61 -11.99 -77.05
C PHE T 58 -42.74 -11.04 -77.44
N ILE T 59 -43.10 -10.10 -76.56
CA ILE T 59 -44.12 -9.12 -76.90
C ILE T 59 -43.67 -8.27 -78.08
N THR T 60 -42.42 -7.81 -78.05
CA THR T 60 -41.91 -6.99 -79.14
C THR T 60 -41.91 -7.76 -80.45
N VAL T 61 -41.42 -9.00 -80.42
CA VAL T 61 -41.38 -9.82 -81.64
C VAL T 61 -42.79 -10.06 -82.16
N GLY T 62 -43.73 -10.35 -81.25
CA GLY T 62 -45.10 -10.58 -81.67
C GLY T 62 -45.69 -9.38 -82.39
N LEU T 63 -45.51 -8.19 -81.81
CA LEU T 63 -46.07 -6.99 -82.44
C LEU T 63 -45.42 -6.74 -83.80
N VAL T 64 -44.08 -6.80 -83.87
CA VAL T 64 -43.42 -6.41 -85.11
C VAL T 64 -43.70 -7.43 -86.22
N GLU T 65 -43.69 -8.73 -85.90
CA GLU T 65 -44.03 -9.70 -86.94
C GLU T 65 -45.52 -9.78 -87.20
N ALA T 66 -46.38 -9.29 -86.30
CA ALA T 66 -47.78 -9.11 -86.66
C ALA T 66 -47.92 -8.04 -87.73
N ALA T 67 -47.17 -6.94 -87.58
CA ALA T 67 -47.13 -5.95 -88.65
C ALA T 67 -46.59 -6.54 -89.95
N TYR T 68 -45.52 -7.33 -89.83
CA TYR T 68 -44.94 -7.98 -91.01
C TYR T 68 -45.96 -8.88 -91.69
N PHE T 69 -46.71 -9.66 -90.91
CA PHE T 69 -47.64 -10.63 -91.48
C PHE T 69 -48.88 -9.97 -92.04
N ILE T 70 -49.38 -8.89 -91.43
CA ILE T 70 -50.49 -8.17 -92.06
C ILE T 70 -50.03 -7.57 -93.39
N ASN T 71 -48.80 -7.06 -93.43
CA ASN T 71 -48.29 -6.52 -94.69
C ASN T 71 -48.20 -7.60 -95.76
N LEU T 72 -47.66 -8.76 -95.39
CA LEU T 72 -47.58 -9.88 -96.33
C LEU T 72 -48.95 -10.35 -96.77
N ALA T 73 -49.92 -10.39 -95.86
CA ALA T 73 -51.27 -10.82 -96.21
C ALA T 73 -51.89 -9.87 -97.24
N PHE T 74 -51.71 -8.56 -97.05
CA PHE T 74 -52.24 -7.61 -98.04
C PHE T 74 -51.53 -7.76 -99.38
N MET T 75 -50.21 -7.96 -99.35
CA MET T 75 -49.46 -8.18 -100.59
C MET T 75 -49.98 -9.40 -101.33
N ALA T 76 -50.22 -10.49 -100.60
CA ALA T 76 -50.71 -11.70 -101.21
C ALA T 76 -52.14 -11.53 -101.73
N LEU T 77 -52.96 -10.77 -101.01
CA LEU T 77 -54.31 -10.49 -101.50
C LEU T 77 -54.26 -9.74 -102.82
N PHE T 78 -53.31 -8.81 -102.97
CA PHE T 78 -53.13 -8.15 -104.26
C PHE T 78 -52.66 -9.14 -105.33
N VAL T 79 -51.65 -9.95 -105.03
CA VAL T 79 -51.01 -10.75 -106.09
C VAL T 79 -51.76 -12.01 -106.45
N PHE T 80 -52.70 -12.47 -105.62
CA PHE T 80 -53.45 -13.69 -105.92
C PHE T 80 -54.72 -13.38 -106.71
N ALA T 81 -55.59 -12.54 -106.15
CA ALA T 81 -56.80 -12.09 -106.83
C ALA T 81 -56.69 -10.60 -107.07
N THR T 82 -56.60 -10.20 -108.32
CA THR T 82 -56.43 -8.79 -108.67
C THR T 82 -57.78 -8.07 -108.59
N PRO T 83 -57.93 -7.09 -107.70
CA PRO T 83 -59.21 -6.37 -107.63
C PRO T 83 -59.57 -5.62 -108.90
N GLY T 84 -58.60 -5.19 -109.68
CA GLY T 84 -58.83 -4.40 -110.86
C GLY T 84 -59.20 -5.23 -112.07
N LEU T 85 -59.04 -4.62 -113.25
CA LEU T 85 -59.36 -5.20 -114.55
C LEU T 85 -60.68 -5.98 -114.54
MG MG U . -9.31 -16.48 30.27
PG ATP V . -7.91 -14.97 31.24
O1G ATP V . -7.83 -16.41 31.63
O2G ATP V . -6.66 -14.17 31.59
O3G ATP V . -9.15 -14.25 31.78
PB ATP V . -8.46 -15.69 28.39
O1B ATP V . -7.96 -17.07 28.47
O2B ATP V . -8.06 -14.90 27.16
O3B ATP V . -8.04 -14.83 29.66
PA ATP V . -11.21 -16.61 28.96
O1A ATP V . -11.48 -16.48 30.40
O2A ATP V . -10.82 -18.01 28.51
O3A ATP V . -10.05 -15.64 28.49
O5' ATP V . -12.44 -16.13 28.09
C5' ATP V . -12.40 -16.17 26.64
C4' ATP V . -13.70 -15.63 26.09
O4' ATP V . -13.88 -16.12 24.74
C3' ATP V . -14.95 -16.06 26.85
O3' ATP V . -15.96 -15.07 26.75
C2' ATP V . -15.35 -17.34 26.12
O2' ATP V . -16.75 -17.60 26.24
C1' ATP V . -14.99 -16.99 24.68
N9 ATP V . -14.64 -18.14 23.86
C8 ATP V . -13.65 -19.07 24.11
N7 ATP V . -13.55 -19.99 23.19
C5 ATP V . -14.53 -19.66 22.27
C6 ATP V . -14.95 -20.25 21.06
N6 ATP V . -14.39 -21.35 20.54
N1 ATP V . -15.95 -19.66 20.38
C2 ATP V . -16.52 -18.56 20.89
N3 ATP V . -16.21 -17.91 22.02
C4 ATP V . -15.20 -18.51 22.67
MG MG W . 38.78 -8.60 7.30
PG ATP X . 37.51 -8.54 9.18
O1G ATP X . 38.75 -7.88 9.63
O2G ATP X . 36.43 -8.63 10.26
O3G ATP X . 37.73 -9.93 8.57
PB ATP X . 37.14 -7.16 6.55
O1B ATP X . 38.34 -6.30 6.53
O2B ATP X . 35.86 -6.52 6.01
O3B ATP X . 36.82 -7.70 8.01
PA ATP X . 38.61 -9.29 5.14
O1A ATP X . 39.23 -10.18 6.15
O2A ATP X . 39.54 -8.25 4.54
O3A ATP X . 37.37 -8.50 5.75
O5' ATP X . 37.95 -10.12 3.97
C5' ATP X . 37.45 -9.47 2.78
C4' ATP X . 36.71 -10.48 1.94
O4' ATP X . 36.30 -9.87 0.70
C3' ATP X . 37.53 -11.71 1.55
O3' ATP X . 36.69 -12.85 1.36
C2' ATP X . 38.17 -11.26 0.23
O2' ATP X . 38.46 -12.36 -0.62
C1' ATP X . 37.05 -10.40 -0.38
N9 ATP X . 37.54 -9.29 -1.19
C8 ATP X . 38.26 -8.20 -0.76
N7 ATP X . 38.56 -7.35 -1.70
C5 ATP X . 38.01 -7.91 -2.84
C6 ATP X . 37.99 -7.49 -4.18
N6 ATP X . 38.55 -6.37 -4.63
N1 ATP X . 37.35 -8.29 -5.07
C2 ATP X . 36.78 -9.42 -4.64
N3 ATP X . 36.75 -9.91 -3.40
C4 ATP X . 37.38 -9.11 -2.54
MG MG Y . 7.84 35.28 25.17
PG ATP Z . 9.36 33.12 25.23
O1G ATP Z . 9.00 33.07 26.68
O2G ATP Z . 10.31 32.01 24.78
O3G ATP Z . 9.93 34.48 24.79
PB ATP Z . 6.81 33.75 23.81
O1B ATP Z . 5.97 34.24 24.92
O2B ATP Z . 6.11 32.90 22.76
O3B ATP Z . 8.06 32.93 24.32
PA ATP Z . 7.34 36.52 22.95
O1A ATP Z . 7.14 37.11 24.30
O2A ATP Z . 8.54 37.06 22.17
O3A ATP Z . 7.53 34.95 23.04
O5' ATP Z . 6.04 36.66 22.06
C5' ATP Z . 5.92 37.73 21.09
C4' ATP Z . 6.44 37.26 19.76
O4' ATP Z . 5.33 36.89 18.91
C3' ATP Z . 7.20 38.30 18.96
O3' ATP Z . 8.09 37.69 18.04
C2' ATP Z . 6.07 39.05 18.26
O2' ATP Z . 6.51 39.65 17.04
C1' ATP Z . 5.07 37.92 17.97
N9 ATP Z . 3.67 38.31 18.09
C8 ATP Z . 2.75 37.79 18.95
N7 ATP Z . 1.55 38.34 18.85
C5 ATP Z . 1.72 39.29 17.86
C6 ATP Z . 0.83 40.22 17.27
N6 ATP Z . -0.46 40.34 17.63
N1 ATP Z . 1.31 41.02 16.31
C2 ATP Z . 2.59 40.91 15.96
N3 ATP Z . 3.52 40.08 16.43
C4 ATP Z . 3.01 39.29 17.38
MG MG AA . 17.64 -27.52 16.31
PG ATP BA . 15.91 -24.88 20.05
O1G ATP BA . 17.31 -24.85 20.57
O2G ATP BA . 15.07 -23.67 20.48
O3G ATP BA . 15.16 -26.16 20.41
PB ATP BA . 16.64 -25.50 17.23
O1B ATP BA . 17.89 -26.15 17.64
O2B ATP BA . 16.75 -24.44 16.13
O3B ATP BA . 15.91 -24.83 18.45
PA ATP BA . 15.44 -28.14 16.65
O1A ATP BA . 15.77 -28.77 17.94
O2A ATP BA . 16.29 -28.60 15.47
O3A ATP BA . 15.55 -26.56 16.74
O5' ATP BA . 13.92 -28.35 16.28
C5' ATP BA . 13.55 -29.08 15.08
C4' ATP BA . 12.17 -28.65 14.67
O4' ATP BA . 12.18 -28.24 13.27
C3' ATP BA . 11.11 -29.75 14.74
O3' ATP BA . 9.81 -29.19 14.97
C2' ATP BA . 11.20 -30.40 13.37
O2' ATP BA . 9.99 -31.03 12.98
C1' ATP BA . 11.47 -29.18 12.48
N9 ATP BA . 12.27 -29.47 11.29
C8 ATP BA . 13.59 -29.16 11.09
N7 ATP BA . 14.05 -29.56 9.92
C5 ATP BA . 12.95 -30.16 9.32
C6 ATP BA . 12.77 -30.79 8.07
N6 ATP BA . 13.74 -30.90 7.16
N1 ATP BA . 11.55 -31.29 7.79
C2 ATP BA . 10.58 -31.17 8.70
N3 ATP BA . 10.63 -30.60 9.91
C4 ATP BA . 11.85 -30.12 10.16
PB ADP CA . 36.83 25.49 4.63
O1B ADP CA . 36.59 24.67 3.38
O2B ADP CA . 38.13 25.15 5.34
O3B ADP CA . 35.65 25.61 5.54
PA ADP CA . 35.95 27.76 3.24
O1A ADP CA . 34.71 26.90 3.18
O2A ADP CA . 35.84 29.16 3.81
O3A ADP CA . 37.08 26.99 4.10
O5' ADP CA . 36.58 27.88 1.76
C5' ADP CA . 37.02 26.75 1.02
C4' ADP CA . 37.42 27.18 -0.38
O4' ADP CA . 36.27 27.43 -1.18
C3' ADP CA . 38.25 28.46 -0.37
O3' ADP CA . 39.60 28.18 -0.71
C2' ADP CA . 37.62 29.36 -1.42
O2' ADP CA . 38.58 29.69 -2.42
C1' ADP CA . 36.48 28.56 -2.04
N9 ADP CA . 35.26 29.38 -2.10
C8 ADP CA . 34.37 29.54 -1.11
N7 ADP CA . 33.35 30.36 -1.48
C5 ADP CA . 33.58 30.73 -2.75
C6 ADP CA . 32.90 31.58 -3.74
N6 ADP CA . 31.73 32.21 -3.44
N1 ADP CA . 33.46 31.71 -4.96
C2 ADP CA . 34.62 31.10 -5.27
N3 ADP CA . 35.29 30.31 -4.41
C4 ADP CA . 34.83 30.09 -3.16
MG MG DA . -13.22 13.92 35.50
PG ATP EA . -10.45 14.18 34.69
O1G ATP EA . -9.49 15.22 34.23
O2G ATP EA . -10.61 14.11 36.21
O3G ATP EA . -10.14 12.78 34.17
PB ATP EA . -12.95 13.92 33.12
O1B ATP EA . -14.05 13.20 33.79
O2B ATP EA . -12.17 13.14 32.07
O3B ATP EA . -11.91 14.50 34.15
PA ATP EA . -14.63 16.31 32.68
O1A ATP EA . -14.28 17.21 33.79
O2A ATP EA . -15.91 15.52 32.87
O3A ATP EA . -13.48 15.25 32.42
O5' ATP EA . -14.71 17.09 31.31
C5' ATP EA . -14.89 16.38 30.06
C4' ATP EA . -14.83 17.38 28.93
O4' ATP EA . -15.45 16.82 27.76
C3' ATP EA . -15.59 18.68 29.18
O3' ATP EA . -15.01 19.75 28.44
C2' ATP EA . -17.00 18.34 28.69
O2' ATP EA . -17.72 19.49 28.29
C1' ATP EA . -16.67 17.48 27.47
N9 ATP EA . -17.67 16.47 27.17
C8 ATP EA . -17.51 15.11 27.18
N7 ATP EA . -18.59 14.43 26.87
C5 ATP EA . -19.54 15.42 26.66
C6 ATP EA . -20.90 15.37 26.30
N6 ATP EA . -21.58 14.23 26.08
N1 ATP EA . -21.56 16.54 26.16
C2 ATP EA . -20.89 17.68 26.37
N3 ATP EA . -19.62 17.85 26.72
C4 ATP EA . -18.99 16.68 26.84
#